data_5VJ6
#
_entry.id   5VJ6
#
_symmetry.space_group_name_H-M   'P 1'
#
loop_
_entity.id
_entity.type
_entity.pdbx_description
1 polymer 'Envelope glycoprotein gp160'
2 polymer 'Envelope glycoprotein gp160'
3 polymer 'PG9 Fab heavy chain'
4 polymer '8ANC195 Fab heavy chain'
5 polymer '8ANC195 Fab light chain'
6 polymer 'PG9 Fab light chain'
#
loop_
_entity_poly.entity_id
_entity_poly.type
_entity_poly.pdbx_seq_one_letter_code
_entity_poly.pdbx_strand_id
1 'polypeptide(L)'
;AVGIGAVFLGFLGAAGSTMGAASMTLTVQARNLLSGIVQQQSNLLRAPEAQQHLLKLTVWGIKQLQARVLAVERYLRDQQ
LLGIWGCSGKLICCTNVPWNSSWSNRNLSEIWDNMTWLQWDKEISNYTQIIYGLLEESQNQQEKNEQDLLALD
;
A,B,C
2 'polypeptide(L)'
;AENLWVTVYYGVPVWKDAETTLFCASDAKAYETEKHNVWATHACVPTDPNPQEIHLENVTEEFNMWKNNMVEQMHTDIIS
LWDQSLKPCVKLTPLCVTLQCTNVTNNITDDMRGELKNCSFNMTTELRDKKQKVYSLFYRLDVVQINENQGNRSNNSNKE
YRLINCNTSAITQACPKVSFEPIPIHYCAPAGFAILKCKDKKFNGTGPCPSVSTVQCTHGIKPVVSTQLLLNGSLAEEEV
MIRSENITNNAKNILVQFNTPVQINCTRPNNNTRKSIRIGPGQAFYATGDIIGDIRQAHCNVSKATWNETLGKVVKQLRK
HFGNNTIIRFANSSGGDLEVTTHSFNCGGEFFYCNTSGLFNSTWISNTSVQGSNSTGSNDSITLPCRIKQIINMWQRIGQ
AMYAPPIQGVIRCVSNITGLILTRDGGSTNSTTETFRPGGGDMRDNWRSELYKYKVVKIEPLGVAPTRCKRRVVGRRRRR
R
;
D,E,F
3 'polypeptide(L)'
;ERLVESGGGVVQPGSSLRLSCAASGFDFSRQGMHWVRQAPGQGLEWVAFIKYDGSEKYHADSVWGRLSISRDNSKDTLYL
QMNSLRVEDTATYFCVREAGGPDYRNGYN(TYS)(TYS)DFYDGYYNYHYMDVWGKGTTVTVSSASTKGPSVFPLAPSSK
STSGGTAALGCLVKDYFPEPVTVSWNSGALTSGVHTFPAVLQSSGLYSLSSVVTVPSSSLGTQTYICNVNHKPSNTKVDK
KVEPKSCDKGLEVLFQ
;
H
4 'polypeptide(L)'
;QIHLVQSGTEVKKPGSSVTVSCKAYGVNTFGLYAVNWVRQAPGQSLEYIGQIWRWKSSASHHFRGRVLISAVDLTGSSPP
ISSLEIKNLTSDDTAVYFCTTTSTYDRWSGLHHDGVMAFSSWGQGTLISVSAASTKGPSVFPLAPSSKSTSGGTAALGCL
VKDYFPEPVTVSWNSGALTSGVHTFPAVLQSSGLYSLSSVVTVPSSSLGTQTYICNVNHKPSNTKVDKRVEPK
;
M,O,Q
5 'polypeptide(L)'
;DIQMTQSPSTLSASTGDTVRISCRASQSITGNWVAWYQQRPGKAPRLLIYRGAALLGGVPSRFRGSAAGTDFTLTIGNLQ
AEDFGTFYCQQYDTYPGTFGQGTKVEVKRTVAAPSVFIFPPSDEQLKSGTASVVCLLNNFYPREAKVQWKVDNALQSGNS
QESVTEQDSKDSTYSLSSTLTLSKADYEKHKVYACEVTHQGLSSPVTKSFNRGEC
;
N,P,R
6 'polypeptide(L)'
;QSALTQPASVSGSPGQSITISCQGTSNDVGGYESVSWYQQHPGKAPKVVIYDVSKRPSGVSNRFSGSKSGNTASLTISGL
QAEDEGDYYCKSLTSTRRRVFGTGTKLTVLGQPKAAPSVTLFPPSSEELQANKATLVCLISDFYPGAVTVAWKADSSPVK
AGVETTTPSKQSNNKYAASSYLSLTPEQWKSHKSYSCQVTHEGSTVEKTVAPTECS
;
L
#
# COMPACT_ATOMS: atom_id res chain seq x y z
N VAL A 7 10.89 -15.64 -43.91
CA VAL A 7 10.57 -16.83 -43.14
C VAL A 7 10.59 -16.51 -41.66
N PHE A 8 9.93 -17.35 -40.85
CA PHE A 8 9.79 -17.12 -39.42
C PHE A 8 9.88 -18.44 -38.69
N LEU A 9 11.01 -18.67 -38.02
CA LEU A 9 11.20 -19.87 -37.20
C LEU A 9 10.73 -19.68 -35.76
N GLY A 10 10.08 -18.56 -35.46
CA GLY A 10 9.64 -18.27 -34.12
C GLY A 10 10.53 -17.28 -33.42
N PHE A 11 10.29 -17.14 -32.12
CA PHE A 11 11.13 -16.29 -31.28
C PHE A 11 12.47 -16.96 -31.08
N LEU A 12 13.56 -16.20 -31.35
CA LEU A 12 14.95 -16.68 -31.31
C LEU A 12 15.18 -17.87 -32.24
N GLY A 13 14.50 -17.87 -33.39
CA GLY A 13 14.45 -19.08 -34.21
C GLY A 13 15.75 -19.37 -34.95
N ALA A 14 16.43 -18.33 -35.44
CA ALA A 14 17.69 -18.47 -36.16
C ALA A 14 18.89 -18.24 -35.27
N ALA A 15 18.81 -18.62 -33.99
CA ALA A 15 19.80 -18.31 -32.98
C ALA A 15 21.16 -18.96 -33.25
N GLY A 16 21.19 -20.29 -33.33
CA GLY A 16 22.44 -21.00 -33.55
C GLY A 16 22.92 -20.96 -34.98
N SER A 17 22.15 -20.35 -35.88
CA SER A 17 22.66 -20.02 -37.20
C SER A 17 23.53 -18.77 -37.12
N THR A 18 24.32 -18.55 -38.17
CA THR A 18 25.24 -17.42 -38.19
C THR A 18 24.47 -16.11 -38.37
N MET A 19 25.19 -14.99 -38.23
CA MET A 19 24.52 -13.69 -38.14
C MET A 19 24.04 -13.21 -39.51
N GLY A 20 24.77 -13.56 -40.56
CA GLY A 20 24.37 -13.13 -41.90
C GLY A 20 23.10 -13.82 -42.37
N ALA A 21 22.89 -15.06 -41.92
CA ALA A 21 21.61 -15.72 -42.11
C ALA A 21 20.66 -15.50 -40.95
N ALA A 22 21.09 -14.78 -39.92
CA ALA A 22 20.32 -14.61 -38.69
C ALA A 22 19.96 -13.17 -38.40
N SER A 23 20.14 -12.27 -39.37
CA SER A 23 19.70 -10.89 -39.22
C SER A 23 18.27 -10.67 -39.71
N MET A 24 17.42 -11.70 -39.64
CA MET A 24 16.06 -11.59 -40.16
C MET A 24 15.00 -11.77 -39.07
N THR A 25 15.38 -12.24 -37.88
CA THR A 25 14.47 -12.33 -36.74
C THR A 25 14.40 -11.05 -35.93
N LEU A 26 14.83 -9.93 -36.53
CA LEU A 26 14.95 -8.67 -35.80
C LEU A 26 13.58 -8.09 -35.47
N THR A 27 12.68 -8.07 -36.44
CA THR A 27 11.31 -7.65 -36.19
C THR A 27 10.49 -8.70 -35.46
N VAL A 28 11.03 -9.92 -35.31
CA VAL A 28 10.38 -10.93 -34.48
C VAL A 28 10.66 -10.57 -33.03
N GLN A 29 11.94 -10.46 -32.69
CA GLN A 29 12.32 -10.30 -31.29
C GLN A 29 12.06 -8.88 -30.81
N ALA A 30 12.03 -7.91 -31.72
CA ALA A 30 11.65 -6.56 -31.35
C ALA A 30 10.15 -6.44 -31.07
N ARG A 31 9.32 -7.16 -31.82
CA ARG A 31 7.88 -7.14 -31.56
C ARG A 31 7.52 -8.00 -30.35
N ASN A 32 8.23 -9.10 -30.14
CA ASN A 32 7.98 -9.97 -29.00
C ASN A 32 8.79 -9.55 -27.76
N LEU A 33 9.17 -8.28 -27.65
CA LEU A 33 9.91 -7.83 -26.48
C LEU A 33 8.98 -7.24 -25.41
N LEU A 34 7.88 -6.62 -25.83
CA LEU A 34 7.01 -5.89 -24.90
C LEU A 34 5.76 -6.67 -24.51
N SER A 35 5.20 -7.46 -25.44
CA SER A 35 4.03 -8.33 -25.22
C SER A 35 2.82 -7.57 -24.67
N GLY A 36 2.37 -6.58 -25.43
CA GLY A 36 1.25 -5.75 -25.01
C GLY A 36 1.68 -4.40 -24.46
N THR A 58 -3.43 -6.53 0.02
CA THR A 58 -3.63 -7.65 -0.88
C THR A 58 -2.30 -8.29 -1.24
N VAL A 59 -2.23 -9.61 -1.07
CA VAL A 59 -1.00 -10.37 -1.25
C VAL A 59 -1.27 -11.40 -2.36
N TRP A 60 -0.20 -11.73 -3.11
CA TRP A 60 -0.08 -12.70 -4.22
C TRP A 60 -0.70 -12.15 -5.51
N GLY A 61 -1.34 -10.99 -5.43
CA GLY A 61 -1.51 -10.19 -6.64
C GLY A 61 -0.26 -9.44 -7.03
N ILE A 62 0.69 -9.33 -6.10
CA ILE A 62 1.98 -8.71 -6.36
C ILE A 62 2.86 -9.63 -7.19
N LYS A 63 2.61 -10.95 -7.11
CA LYS A 63 3.39 -11.94 -7.84
C LYS A 63 3.23 -11.76 -9.35
N GLN A 64 2.00 -11.51 -9.80
CA GLN A 64 1.78 -11.23 -11.21
C GLN A 64 1.98 -9.75 -11.55
N LEU A 65 2.32 -8.92 -10.57
CA LEU A 65 2.46 -7.49 -10.80
C LEU A 65 3.89 -7.12 -11.18
N GLN A 66 4.88 -7.65 -10.45
CA GLN A 66 6.27 -7.27 -10.65
C GLN A 66 6.85 -7.84 -11.95
N ALA A 67 6.16 -8.80 -12.56
CA ALA A 67 6.67 -9.49 -13.75
C ALA A 67 6.82 -8.55 -14.94
N ARG A 68 5.76 -7.81 -15.28
CA ARG A 68 5.77 -6.96 -16.46
C ARG A 68 6.39 -5.59 -16.22
N VAL A 69 7.00 -5.35 -15.06
CA VAL A 69 7.56 -4.03 -14.75
C VAL A 69 8.88 -3.83 -15.48
N LEU A 70 9.75 -4.85 -15.47
CA LEU A 70 11.09 -4.74 -16.05
C LEU A 70 11.07 -4.65 -17.57
N ALA A 71 9.97 -5.07 -18.22
CA ALA A 71 9.94 -5.09 -19.68
C ALA A 71 9.88 -3.69 -20.28
N VAL A 72 9.13 -2.79 -19.65
CA VAL A 72 9.05 -1.43 -20.18
C VAL A 72 10.30 -0.64 -19.86
N GLU A 73 11.01 -1.00 -18.79
CA GLU A 73 12.25 -0.32 -18.46
C GLU A 73 13.38 -0.78 -19.36
N ARG A 74 13.42 -2.09 -19.63
CA ARG A 74 14.33 -2.66 -20.62
C ARG A 74 14.06 -2.10 -22.01
N TYR A 75 12.78 -1.93 -22.36
CA TYR A 75 12.43 -1.46 -23.70
C TYR A 75 12.75 0.03 -23.86
N LEU A 76 12.43 0.84 -22.85
CA LEU A 76 12.75 2.26 -22.91
C LEU A 76 14.23 2.53 -22.73
N ARG A 77 14.97 1.58 -22.15
CA ARG A 77 16.42 1.66 -22.17
C ARG A 77 16.94 1.45 -23.59
N ASP A 78 16.30 0.54 -24.33
CA ASP A 78 16.73 0.25 -25.69
C ASP A 78 16.37 1.38 -26.64
N GLN A 79 15.21 2.01 -26.42
CA GLN A 79 14.85 3.18 -27.22
C GLN A 79 15.64 4.40 -26.78
N GLN A 80 16.06 4.42 -25.51
CA GLN A 80 16.92 5.50 -25.02
C GLN A 80 18.29 5.46 -25.69
N LEU A 81 18.99 4.34 -25.55
CA LEU A 81 20.33 4.23 -26.12
C LEU A 81 20.28 4.15 -27.64
N LEU A 82 19.21 3.57 -28.19
CA LEU A 82 19.00 3.58 -29.62
C LEU A 82 18.78 4.99 -30.14
N GLY A 83 18.09 5.83 -29.36
CA GLY A 83 17.90 7.21 -29.76
C GLY A 83 19.18 8.03 -29.66
N ILE A 84 19.95 7.83 -28.59
CA ILE A 84 21.15 8.64 -28.42
C ILE A 84 22.36 8.03 -29.11
N TRP A 85 22.20 6.89 -29.78
CA TRP A 85 23.15 6.47 -30.81
C TRP A 85 22.80 7.22 -32.08
N GLY A 86 23.69 7.21 -33.07
CA GLY A 86 23.47 8.00 -34.27
C GLY A 86 22.54 7.37 -35.28
N CYS A 87 21.55 6.62 -34.83
CA CYS A 87 20.78 5.76 -35.73
C CYS A 87 19.36 6.25 -35.87
N SER A 88 18.65 6.34 -34.73
CA SER A 88 17.27 6.80 -34.59
C SER A 88 16.23 5.96 -35.37
N GLY A 89 16.65 4.86 -35.97
CA GLY A 89 15.76 3.96 -36.66
C GLY A 89 15.90 2.56 -36.11
N LYS A 90 14.94 1.70 -36.45
CA LYS A 90 14.90 0.38 -35.86
C LYS A 90 15.62 -0.66 -36.72
N LEU A 91 16.17 -1.66 -36.03
CA LEU A 91 16.62 -2.97 -36.50
C LEU A 91 17.91 -2.94 -37.31
N ILE A 92 18.36 -1.76 -37.73
CA ILE A 92 19.53 -1.62 -38.60
C ILE A 92 20.15 -0.26 -38.33
N CYS A 93 21.47 -0.18 -38.46
CA CYS A 93 22.22 1.07 -38.31
C CYS A 93 23.60 0.87 -38.91
N CYS A 94 24.24 1.99 -39.26
CA CYS A 94 25.60 2.01 -39.75
C CYS A 94 26.32 3.15 -39.06
N THR A 95 27.65 3.12 -39.02
CA THR A 95 28.35 4.10 -38.19
C THR A 95 29.56 4.67 -38.93
N ASN A 96 29.90 5.89 -38.53
CA ASN A 96 31.16 6.52 -38.87
C ASN A 96 32.28 6.11 -37.93
N VAL A 97 32.00 5.24 -36.97
CA VAL A 97 32.99 4.76 -36.02
C VAL A 97 33.79 3.63 -36.68
N PRO A 98 35.11 3.76 -36.78
CA PRO A 98 35.92 2.66 -37.34
C PRO A 98 35.96 1.47 -36.41
N TRP A 99 36.00 0.29 -37.02
CA TRP A 99 36.24 -0.94 -36.27
C TRP A 99 37.74 -1.06 -36.07
N ASN A 100 38.17 -0.91 -34.82
CA ASN A 100 39.59 -0.99 -34.50
C ASN A 100 40.09 -2.41 -34.73
N SER A 101 41.35 -2.52 -35.13
CA SER A 101 41.94 -3.83 -35.40
C SER A 101 42.24 -4.61 -34.13
N SER A 102 42.17 -3.95 -32.97
CA SER A 102 42.27 -4.66 -31.70
C SER A 102 40.93 -5.22 -31.23
N TRP A 103 39.86 -5.03 -32.01
CA TRP A 103 38.52 -5.48 -31.62
C TRP A 103 38.20 -6.80 -32.32
N SER A 104 38.80 -7.91 -31.84
CA SER A 104 38.57 -9.28 -32.31
C SER A 104 38.60 -9.43 -33.83
N ASN A 105 39.75 -9.21 -34.45
CA ASN A 105 39.84 -8.95 -35.89
C ASN A 105 39.50 -10.19 -36.72
N ARG A 106 38.35 -10.14 -37.38
CA ARG A 106 37.88 -11.24 -38.22
C ARG A 106 37.45 -10.67 -39.58
N ASN A 107 37.56 -11.52 -40.61
CA ASN A 107 37.12 -11.12 -41.94
C ASN A 107 35.60 -11.17 -42.04
N LEU A 108 35.08 -10.67 -43.16
CA LEU A 108 33.65 -10.38 -43.27
C LEU A 108 32.81 -11.65 -43.26
N SER A 109 33.34 -12.75 -43.80
CA SER A 109 32.68 -14.04 -43.65
C SER A 109 32.82 -14.56 -42.24
N GLU A 110 33.97 -14.34 -41.60
CA GLU A 110 34.23 -14.77 -40.23
C GLU A 110 33.46 -13.98 -39.19
N ILE A 111 32.78 -12.91 -39.59
CA ILE A 111 31.93 -12.17 -38.67
C ILE A 111 30.52 -12.70 -38.84
N TRP A 112 29.94 -12.47 -40.01
CA TRP A 112 28.50 -12.62 -40.19
C TRP A 112 28.13 -14.05 -40.56
N ASP A 113 28.98 -14.72 -41.32
CA ASP A 113 28.56 -15.98 -41.93
C ASP A 113 29.28 -17.20 -41.35
N ASN A 114 30.25 -16.99 -40.46
CA ASN A 114 30.89 -18.10 -39.78
C ASN A 114 30.61 -18.13 -38.28
N MET A 115 30.27 -17.00 -37.67
CA MET A 115 30.07 -16.95 -36.24
C MET A 115 28.68 -16.42 -35.94
N THR A 116 28.03 -17.02 -34.94
CA THR A 116 26.66 -16.69 -34.60
C THR A 116 26.61 -15.42 -33.75
N TRP A 117 25.42 -15.13 -33.24
CA TRP A 117 25.24 -13.94 -32.42
C TRP A 117 25.79 -14.14 -31.01
N LEU A 118 25.62 -15.34 -30.44
CA LEU A 118 26.19 -15.63 -29.13
C LEU A 118 27.70 -15.85 -29.23
N GLN A 119 28.13 -16.55 -30.28
CA GLN A 119 29.56 -16.77 -30.52
C GLN A 119 30.28 -15.46 -30.81
N TRP A 120 29.64 -14.57 -31.56
CA TRP A 120 30.27 -13.29 -31.90
C TRP A 120 30.24 -12.34 -30.72
N ASP A 121 29.09 -12.25 -30.04
CA ASP A 121 28.95 -11.39 -28.87
C ASP A 121 29.85 -11.85 -27.71
N LYS A 122 30.18 -13.15 -27.67
CA LYS A 122 31.28 -13.62 -26.82
C LYS A 122 32.59 -12.91 -27.15
N GLU A 123 32.90 -12.76 -28.43
CA GLU A 123 34.19 -12.19 -28.80
C GLU A 123 34.20 -10.67 -28.66
N ILE A 124 33.04 -10.03 -28.83
CA ILE A 124 32.99 -8.57 -28.83
C ILE A 124 32.65 -7.99 -27.46
N SER A 125 32.11 -8.82 -26.55
CA SER A 125 31.55 -8.39 -25.27
C SER A 125 32.52 -7.63 -24.36
N ASN A 126 33.83 -7.76 -24.60
CA ASN A 126 34.82 -7.02 -23.84
C ASN A 126 34.91 -5.56 -24.29
N TYR A 127 34.62 -5.31 -25.56
CA TYR A 127 34.92 -4.04 -26.21
C TYR A 127 33.68 -3.24 -26.58
N THR A 128 32.51 -3.67 -26.09
CA THR A 128 31.24 -3.07 -26.50
C THR A 128 31.10 -1.64 -26.02
N GLN A 129 31.53 -1.35 -24.79
CA GLN A 129 31.43 0.01 -24.29
C GLN A 129 32.43 0.94 -24.98
N ILE A 130 33.58 0.39 -25.38
CA ILE A 130 34.55 1.13 -26.19
C ILE A 130 33.94 1.49 -27.53
N ILE A 131 33.05 0.62 -28.06
CA ILE A 131 32.25 1.00 -29.22
C ILE A 131 31.23 2.07 -28.83
N TYR A 132 30.55 1.88 -27.69
CA TYR A 132 29.29 2.58 -27.42
C TYR A 132 29.51 4.05 -27.08
N GLY A 133 30.63 4.36 -26.41
CA GLY A 133 30.96 5.76 -26.16
C GLY A 133 31.22 6.51 -27.45
N LEU A 134 31.84 5.84 -28.42
CA LEU A 134 31.99 6.39 -29.76
C LEU A 134 30.65 6.47 -30.49
N LEU A 135 29.68 5.61 -30.14
CA LEU A 135 28.38 5.68 -30.81
C LEU A 135 27.57 6.85 -30.31
N GLU A 136 27.48 7.03 -28.99
CA GLU A 136 26.75 8.16 -28.43
C GLU A 136 27.44 9.48 -28.70
N GLU A 137 28.76 9.52 -28.53
CA GLU A 137 29.48 10.78 -28.33
C GLU A 137 30.19 11.26 -29.59
N SER A 138 30.83 10.35 -30.33
CA SER A 138 31.44 10.78 -31.57
C SER A 138 30.42 10.89 -32.71
N GLN A 139 29.19 10.42 -32.50
CA GLN A 139 28.19 10.69 -33.53
C GLN A 139 27.23 11.79 -33.11
N ASN A 140 26.41 11.57 -32.09
CA ASN A 140 25.34 12.53 -31.85
C ASN A 140 25.77 13.76 -31.09
N GLN A 141 26.91 13.71 -30.40
CA GLN A 141 27.43 14.96 -29.88
C GLN A 141 28.29 15.65 -30.93
N GLN A 142 28.63 14.94 -32.01
CA GLN A 142 29.33 15.55 -33.15
C GLN A 142 28.40 15.85 -34.32
N GLU A 143 27.77 14.83 -34.91
CA GLU A 143 27.12 15.03 -36.21
C GLU A 143 25.73 15.64 -36.05
N LYS A 144 25.07 15.43 -34.91
CA LYS A 144 23.85 16.19 -34.63
C LYS A 144 24.16 17.62 -34.23
N ASN A 145 25.34 17.86 -33.65
CA ASN A 145 25.77 19.22 -33.36
C ASN A 145 26.12 19.96 -34.64
N GLU A 146 26.62 19.24 -35.65
CA GLU A 146 26.96 19.85 -36.93
C GLU A 146 25.71 20.23 -37.72
N GLN A 147 24.56 19.65 -37.40
CA GLN A 147 23.33 19.92 -38.14
C GLN A 147 22.85 21.35 -37.93
N ASP A 148 22.99 21.84 -36.69
CA ASP A 148 22.60 23.23 -36.40
C ASP A 148 23.58 24.20 -37.04
N LEU A 149 24.84 23.78 -37.21
CA LEU A 149 25.79 24.58 -37.96
C LEU A 149 25.43 24.63 -39.44
N LEU A 150 25.07 23.49 -40.02
CA LEU A 150 24.72 23.42 -41.43
C LEU A 150 23.36 24.04 -41.73
N ALA A 151 22.53 24.24 -40.71
CA ALA A 151 21.17 24.73 -40.92
C ALA A 151 20.87 26.03 -40.19
N LEU A 152 21.89 26.69 -39.62
CA LEU A 152 21.65 27.94 -38.90
C LEU A 152 21.27 29.09 -39.82
N ASP A 153 21.52 28.94 -41.12
CA ASP A 153 21.05 29.89 -42.11
C ASP A 153 19.53 29.89 -42.24
N VAL B 7 -8.97 24.66 -36.05
CA VAL B 7 -9.98 24.65 -35.00
C VAL B 7 -9.53 23.76 -33.84
N PHE B 8 -10.15 23.98 -32.67
CA PHE B 8 -9.89 23.16 -31.49
C PHE B 8 -11.22 22.55 -31.04
N LEU B 9 -11.53 21.37 -31.55
CA LEU B 9 -12.74 20.65 -31.18
C LEU B 9 -12.57 19.83 -29.91
N GLY B 10 -11.44 19.97 -29.22
CA GLY B 10 -11.23 19.23 -27.99
C GLY B 10 -10.92 17.77 -28.24
N PHE B 11 -11.13 16.98 -27.20
CA PHE B 11 -10.89 15.56 -27.29
C PHE B 11 -12.04 14.90 -28.05
N LEU B 12 -11.68 14.15 -29.10
CA LEU B 12 -12.60 13.35 -29.94
C LEU B 12 -13.59 14.20 -30.72
N GLY B 13 -13.35 15.51 -30.85
CA GLY B 13 -14.38 16.41 -31.34
C GLY B 13 -14.69 16.28 -32.81
N ALA B 14 -13.74 15.76 -33.59
CA ALA B 14 -13.92 15.56 -35.03
C ALA B 14 -14.42 14.17 -35.37
N ALA B 15 -15.15 13.52 -34.46
CA ALA B 15 -15.56 12.13 -34.59
C ALA B 15 -16.49 11.85 -35.77
N GLY B 16 -17.70 12.40 -35.73
CA GLY B 16 -18.71 12.07 -36.71
C GLY B 16 -18.54 12.77 -38.04
N SER B 17 -17.56 13.65 -38.15
CA SER B 17 -17.16 14.15 -39.46
C SER B 17 -16.40 13.06 -40.20
N THR B 18 -16.32 13.22 -41.52
CA THR B 18 -15.62 12.25 -42.36
C THR B 18 -14.12 12.37 -42.15
N MET B 19 -13.37 11.43 -42.74
CA MET B 19 -11.96 11.28 -42.37
C MET B 19 -11.09 12.36 -43.00
N GLY B 20 -11.43 12.79 -44.22
CA GLY B 20 -10.61 13.75 -44.93
C GLY B 20 -10.60 15.12 -44.28
N ALA B 21 -11.68 15.46 -43.58
CA ALA B 21 -11.70 16.64 -42.73
C ALA B 21 -11.35 16.32 -41.28
N ALA B 22 -11.50 15.07 -40.87
CA ALA B 22 -11.26 14.62 -39.50
C ALA B 22 -9.81 14.24 -39.25
N SER B 23 -8.93 14.42 -40.23
CA SER B 23 -7.50 14.21 -40.05
C SER B 23 -6.80 15.43 -39.46
N MET B 24 -7.51 16.32 -38.78
CA MET B 24 -6.91 17.53 -38.23
C MET B 24 -6.73 17.49 -36.72
N THR B 25 -7.50 16.66 -36.01
CA THR B 25 -7.33 16.48 -34.58
C THR B 25 -6.36 15.35 -34.24
N LEU B 26 -5.43 15.04 -35.16
CA LEU B 26 -4.49 13.95 -34.95
C LEU B 26 -3.50 14.27 -33.84
N THR B 27 -2.94 15.48 -33.87
CA THR B 27 -2.05 15.93 -32.80
C THR B 27 -2.81 16.37 -31.56
N VAL B 28 -4.14 16.47 -31.63
CA VAL B 28 -4.96 16.76 -30.46
C VAL B 28 -5.15 15.47 -29.68
N GLN B 29 -5.58 14.42 -30.38
CA GLN B 29 -5.84 13.15 -29.71
C GLN B 29 -4.55 12.40 -29.41
N ALA B 30 -3.49 12.67 -30.17
CA ALA B 30 -2.18 12.11 -29.89
C ALA B 30 -1.54 12.75 -28.66
N ARG B 31 -1.91 13.98 -28.34
CA ARG B 31 -1.40 14.66 -27.16
C ARG B 31 -2.15 14.24 -25.89
N ASN B 32 -3.46 14.06 -26.00
CA ASN B 32 -4.29 13.65 -24.88
C ASN B 32 -4.32 12.15 -24.66
N LEU B 33 -3.48 11.38 -25.36
CA LEU B 33 -3.41 9.95 -25.12
C LEU B 33 -2.61 9.63 -23.85
N LEU B 34 -1.50 10.31 -23.64
CA LEU B 34 -0.62 10.00 -22.51
C LEU B 34 -0.91 10.83 -21.28
N SER B 35 -1.23 12.12 -21.45
CA SER B 35 -1.53 13.07 -20.36
C SER B 35 -0.40 13.13 -19.33
N GLY B 36 0.84 13.17 -19.81
CA GLY B 36 1.99 13.19 -18.95
C GLY B 36 2.98 12.07 -19.24
N THR B 58 -1.90 -0.01 3.00
CA THR B 58 -2.83 1.10 2.79
C THR B 58 -3.63 0.89 1.50
N VAL B 59 -4.96 1.00 1.62
CA VAL B 59 -5.90 0.68 0.55
C VAL B 59 -6.60 1.98 0.19
N TRP B 60 -7.12 2.04 -1.06
CA TRP B 60 -7.94 3.07 -1.71
C TRP B 60 -7.07 4.25 -2.16
N GLY B 61 -5.78 4.21 -1.83
CA GLY B 61 -4.80 4.88 -2.66
C GLY B 61 -4.35 4.04 -3.82
N ILE B 62 -4.69 2.75 -3.79
CA ILE B 62 -4.39 1.82 -4.89
C ILE B 62 -5.31 2.09 -6.07
N LYS B 63 -6.48 2.68 -5.81
CA LYS B 63 -7.49 2.91 -6.85
C LYS B 63 -6.99 3.91 -7.89
N GLN B 64 -6.13 4.84 -7.47
CA GLN B 64 -5.63 5.87 -8.38
C GLN B 64 -4.24 5.56 -8.91
N LEU B 65 -3.68 4.40 -8.59
CA LEU B 65 -2.32 4.09 -9.03
C LEU B 65 -2.32 3.12 -10.20
N GLN B 66 -3.21 2.14 -10.19
CA GLN B 66 -3.25 1.12 -11.24
C GLN B 66 -3.78 1.67 -12.55
N ALA B 67 -4.56 2.77 -12.51
CA ALA B 67 -5.29 3.23 -13.68
C ALA B 67 -4.36 3.81 -14.75
N ARG B 68 -3.36 4.60 -14.34
CA ARG B 68 -2.48 5.23 -15.32
C ARG B 68 -1.35 4.32 -15.80
N VAL B 69 -1.33 3.06 -15.35
CA VAL B 69 -0.32 2.11 -15.82
C VAL B 69 -0.57 1.74 -17.27
N LEU B 70 -1.84 1.61 -17.66
CA LEU B 70 -2.21 1.27 -19.02
C LEU B 70 -2.03 2.44 -19.98
N ALA B 71 -1.82 3.66 -19.48
CA ALA B 71 -1.61 4.82 -20.34
C ALA B 71 -0.26 4.73 -21.04
N VAL B 72 0.80 4.42 -20.29
CA VAL B 72 2.13 4.34 -20.90
C VAL B 72 2.27 3.05 -21.72
N GLU B 73 1.50 2.01 -21.37
CA GLU B 73 1.52 0.78 -22.15
C GLU B 73 0.81 0.98 -23.48
N ARG B 74 -0.35 1.64 -23.44
CA ARG B 74 -1.09 1.97 -24.66
C ARG B 74 -0.32 2.96 -25.52
N TYR B 75 0.46 3.84 -24.90
CA TYR B 75 1.29 4.77 -25.65
C TYR B 75 2.45 4.05 -26.34
N LEU B 76 3.18 3.24 -25.57
CA LEU B 76 4.37 2.59 -26.13
C LEU B 76 4.01 1.44 -27.07
N ARG B 77 2.79 0.94 -27.01
CA ARG B 77 2.35 0.00 -28.03
C ARG B 77 2.17 0.70 -29.37
N ASP B 78 1.58 1.92 -29.33
CA ASP B 78 1.41 2.71 -30.53
C ASP B 78 2.75 3.18 -31.08
N GLN B 79 3.69 3.53 -30.19
CA GLN B 79 5.01 3.94 -30.63
C GLN B 79 5.81 2.76 -31.15
N GLN B 80 5.58 1.58 -30.59
CA GLN B 80 6.27 0.39 -31.07
C GLN B 80 5.76 -0.02 -32.45
N LEU B 81 4.45 -0.01 -32.65
CA LEU B 81 3.89 -0.35 -33.96
C LEU B 81 4.25 0.71 -35.00
N LEU B 82 4.24 1.98 -34.59
CA LEU B 82 4.65 3.06 -35.49
C LEU B 82 6.12 2.96 -35.84
N GLY B 83 6.94 2.43 -34.93
CA GLY B 83 8.35 2.24 -35.25
C GLY B 83 8.59 1.04 -36.16
N ILE B 84 7.95 -0.09 -35.87
CA ILE B 84 8.23 -1.30 -36.64
C ILE B 84 7.49 -1.32 -37.97
N TRP B 85 6.50 -0.45 -38.16
CA TRP B 85 5.97 -0.20 -39.49
C TRP B 85 6.94 0.72 -40.22
N GLY B 86 6.77 0.88 -41.52
CA GLY B 86 7.76 1.62 -42.31
C GLY B 86 7.67 3.13 -42.20
N CYS B 87 7.25 3.64 -41.05
CA CYS B 87 6.89 5.05 -40.92
C CYS B 87 7.88 5.78 -40.04
N SER B 88 7.98 5.33 -38.78
CA SER B 88 8.85 5.85 -37.72
C SER B 88 8.58 7.31 -37.34
N GLY B 89 7.54 7.91 -37.91
CA GLY B 89 7.18 9.28 -37.61
C GLY B 89 5.69 9.38 -37.34
N LYS B 90 5.29 10.45 -36.65
CA LYS B 90 3.95 10.51 -36.12
C LYS B 90 2.95 11.07 -37.13
N LEU B 91 1.68 10.70 -36.92
CA LEU B 91 0.44 11.32 -37.40
C LEU B 91 0.15 11.09 -38.89
N ILE B 92 1.12 10.62 -39.66
CA ILE B 92 0.95 10.38 -41.10
C ILE B 92 1.92 9.29 -41.49
N CYS B 93 1.58 8.55 -42.55
CA CYS B 93 2.47 7.55 -43.13
C CYS B 93 1.95 7.22 -44.52
N CYS B 94 2.82 6.61 -45.32
CA CYS B 94 2.47 6.07 -46.63
C CYS B 94 3.12 4.70 -46.72
N THR B 95 2.68 3.87 -47.66
CA THR B 95 3.20 2.51 -47.71
C THR B 95 3.47 2.09 -49.14
N ASN B 96 4.40 1.16 -49.28
CA ASN B 96 4.57 0.37 -50.48
C ASN B 96 3.65 -0.85 -50.49
N VAL B 97 2.75 -0.93 -49.52
CA VAL B 97 1.80 -2.04 -49.42
C VAL B 97 0.57 -1.70 -50.26
N PRO B 98 0.18 -2.55 -51.21
CA PRO B 98 -0.99 -2.25 -52.04
C PRO B 98 -2.29 -2.40 -51.27
N TRP B 99 -3.25 -1.55 -51.65
CA TRP B 99 -4.62 -1.67 -51.17
C TRP B 99 -5.30 -2.73 -52.02
N ASN B 100 -5.42 -3.93 -51.47
CA ASN B 100 -5.96 -5.06 -52.21
C ASN B 100 -7.44 -4.86 -52.49
N SER B 101 -7.92 -5.42 -53.60
CA SER B 101 -9.33 -5.36 -53.93
C SER B 101 -10.16 -6.37 -53.13
N SER B 102 -9.50 -7.18 -52.30
CA SER B 102 -10.18 -7.94 -51.26
C SER B 102 -10.39 -7.11 -50.00
N TRP B 103 -10.02 -5.83 -50.01
CA TRP B 103 -10.10 -4.96 -48.85
C TRP B 103 -10.97 -3.77 -49.23
N SER B 104 -12.23 -3.76 -48.73
CA SER B 104 -13.19 -2.64 -48.68
C SER B 104 -13.19 -1.69 -49.87
N ASN B 105 -13.52 -2.19 -51.06
CA ASN B 105 -13.20 -1.49 -52.31
C ASN B 105 -14.05 -0.24 -52.50
N ARG B 106 -13.46 0.91 -52.17
CA ARG B 106 -14.17 2.18 -52.25
C ARG B 106 -13.28 3.19 -52.98
N ASN B 107 -13.93 4.19 -53.57
CA ASN B 107 -13.20 5.27 -54.23
C ASN B 107 -12.71 6.27 -53.20
N LEU B 108 -11.91 7.26 -53.67
CA LEU B 108 -11.21 8.16 -52.77
C LEU B 108 -12.19 9.07 -52.03
N SER B 109 -13.28 9.45 -52.70
CA SER B 109 -14.38 10.10 -51.98
C SER B 109 -15.11 9.13 -51.08
N GLU B 110 -15.28 7.88 -51.53
CA GLU B 110 -16.00 6.90 -50.74
C GLU B 110 -15.20 6.35 -49.56
N ILE B 111 -13.91 6.68 -49.47
CA ILE B 111 -13.12 6.32 -48.30
C ILE B 111 -13.10 7.51 -47.36
N TRP B 112 -12.48 8.60 -47.80
CA TRP B 112 -12.18 9.71 -46.90
C TRP B 112 -13.37 10.65 -46.76
N ASP B 113 -14.07 10.91 -47.86
CA ASP B 113 -15.03 12.01 -47.89
C ASP B 113 -16.45 11.55 -47.60
N ASN B 114 -16.75 10.26 -47.76
CA ASN B 114 -18.09 9.74 -47.49
C ASN B 114 -18.18 8.98 -46.18
N MET B 115 -17.08 8.45 -45.67
CA MET B 115 -17.14 7.60 -44.49
C MET B 115 -16.25 8.16 -43.39
N THR B 116 -16.75 8.09 -42.16
CA THR B 116 -16.03 8.58 -41.00
C THR B 116 -14.99 7.55 -40.56
N TRP B 117 -14.35 7.84 -39.42
CA TRP B 117 -13.32 6.94 -38.91
C TRP B 117 -13.92 5.68 -38.29
N LEU B 118 -15.05 5.81 -37.59
CA LEU B 118 -15.72 4.64 -37.03
C LEU B 118 -16.40 3.84 -38.13
N GLN B 119 -17.02 4.54 -39.08
CA GLN B 119 -17.66 3.90 -40.22
C GLN B 119 -16.66 3.17 -41.10
N TRP B 120 -15.49 3.77 -41.30
CA TRP B 120 -14.49 3.15 -42.17
C TRP B 120 -13.76 2.02 -41.47
N ASP B 121 -13.24 2.28 -40.26
CA ASP B 121 -12.52 1.27 -39.49
C ASP B 121 -13.42 0.09 -39.10
N LYS B 122 -14.72 0.34 -38.97
CA LYS B 122 -15.71 -0.74 -38.95
C LYS B 122 -15.56 -1.66 -40.17
N GLU B 123 -15.42 -1.09 -41.36
CA GLU B 123 -15.31 -1.91 -42.56
C GLU B 123 -13.93 -2.55 -42.67
N ILE B 124 -12.91 -1.92 -42.07
CA ILE B 124 -11.55 -2.45 -42.14
C ILE B 124 -11.32 -3.53 -41.10
N SER B 125 -12.20 -3.66 -40.09
CA SER B 125 -12.02 -4.51 -38.91
C SER B 125 -11.72 -5.99 -39.19
N ASN B 126 -11.93 -6.47 -40.42
CA ASN B 126 -11.57 -7.83 -40.78
C ASN B 126 -10.09 -7.97 -41.12
N TYR B 127 -9.60 -7.08 -41.99
CA TYR B 127 -8.39 -7.31 -42.77
C TYR B 127 -7.21 -6.46 -42.29
N THR B 128 -7.30 -5.95 -41.06
CA THR B 128 -6.24 -5.11 -40.49
C THR B 128 -4.95 -5.88 -40.33
N GLN B 129 -5.03 -7.14 -39.88
CA GLN B 129 -3.81 -7.93 -39.69
C GLN B 129 -3.17 -8.30 -41.02
N ILE B 130 -3.99 -8.55 -42.05
CA ILE B 130 -3.47 -8.82 -43.39
C ILE B 130 -2.81 -7.58 -43.95
N ILE B 131 -3.24 -6.39 -43.52
CA ILE B 131 -2.47 -5.18 -43.81
C ILE B 131 -1.17 -5.18 -43.00
N TYR B 132 -1.26 -5.51 -41.71
CA TYR B 132 -0.19 -5.19 -40.76
C TYR B 132 1.04 -6.08 -40.96
N GLY B 133 0.82 -7.34 -41.35
CA GLY B 133 1.95 -8.20 -41.67
C GLY B 133 2.74 -7.69 -42.85
N LEU B 134 2.04 -7.14 -43.85
CA LEU B 134 2.70 -6.45 -44.94
C LEU B 134 3.33 -5.15 -44.48
N LEU B 135 2.81 -4.53 -43.42
CA LEU B 135 3.43 -3.29 -42.94
C LEU B 135 4.75 -3.56 -42.26
N GLU B 136 4.78 -4.52 -41.33
CA GLU B 136 6.02 -4.86 -40.63
C GLU B 136 7.02 -5.54 -41.54
N GLU B 137 6.57 -6.50 -42.35
CA GLU B 137 7.44 -7.52 -42.92
C GLU B 137 7.86 -7.18 -44.35
N SER B 138 6.94 -6.68 -45.17
CA SER B 138 7.31 -6.29 -46.51
C SER B 138 7.98 -4.92 -46.54
N GLN B 139 7.95 -4.16 -45.45
CA GLN B 139 8.65 -2.89 -45.48
C GLN B 139 9.97 -2.93 -44.71
N ASN B 140 9.93 -3.09 -43.38
CA ASN B 140 11.17 -2.87 -42.64
C ASN B 140 12.04 -4.12 -42.58
N GLN B 141 11.48 -5.29 -42.81
CA GLN B 141 12.35 -6.43 -43.03
C GLN B 141 12.90 -6.42 -44.45
N GLN B 142 12.30 -5.63 -45.34
CA GLN B 142 12.78 -5.49 -46.71
C GLN B 142 13.55 -4.19 -46.94
N GLU B 143 12.91 -3.02 -46.75
CA GLU B 143 13.53 -1.79 -47.21
C GLU B 143 14.55 -1.25 -46.21
N LYS B 144 14.43 -1.62 -44.93
CA LYS B 144 15.47 -1.28 -43.98
C LYS B 144 16.60 -2.30 -44.03
N ASN B 145 16.33 -3.51 -44.52
CA ASN B 145 17.42 -4.40 -44.92
C ASN B 145 18.15 -3.83 -46.13
N GLU B 146 17.43 -3.14 -47.02
CA GLU B 146 18.07 -2.52 -48.18
C GLU B 146 18.92 -1.32 -47.81
N GLN B 147 18.73 -0.76 -46.61
CA GLN B 147 19.50 0.43 -46.22
C GLN B 147 20.95 0.06 -45.90
N ASP B 148 21.15 -1.06 -45.22
CA ASP B 148 22.52 -1.53 -44.96
C ASP B 148 23.17 -2.04 -46.24
N LEU B 149 22.39 -2.64 -47.13
CA LEU B 149 22.93 -3.14 -48.39
C LEU B 149 23.30 -2.02 -49.34
N LEU B 150 22.53 -0.93 -49.34
CA LEU B 150 22.87 0.22 -50.18
C LEU B 150 23.83 1.17 -49.50
N ALA B 151 24.06 1.03 -48.21
CA ALA B 151 24.97 1.90 -47.48
C ALA B 151 26.26 1.22 -47.07
N LEU B 152 26.45 -0.07 -47.40
CA LEU B 152 27.63 -0.79 -46.91
C LEU B 152 28.89 -0.42 -47.67
N ASP B 153 28.76 0.32 -48.78
CA ASP B 153 29.92 0.83 -49.48
C ASP B 153 30.57 2.00 -48.73
N VAL C 7 35.24 16.81 -23.85
CA VAL C 7 35.06 16.72 -22.40
C VAL C 7 33.60 16.42 -22.05
N PHE C 8 33.39 15.83 -20.89
CA PHE C 8 32.06 15.51 -20.38
C PHE C 8 32.06 15.78 -18.88
N LEU C 9 31.42 16.88 -18.49
CA LEU C 9 31.52 17.42 -17.15
C LEU C 9 30.60 16.74 -16.13
N GLY C 10 30.03 15.60 -16.48
CA GLY C 10 29.11 14.93 -15.58
C GLY C 10 27.70 15.43 -15.74
N PHE C 11 26.84 14.96 -14.84
CA PHE C 11 25.44 15.37 -14.88
C PHE C 11 25.31 16.81 -14.40
N LEU C 12 24.64 17.63 -15.21
CA LEU C 12 24.47 19.08 -15.00
C LEU C 12 25.80 19.83 -14.96
N GLY C 13 26.84 19.27 -15.60
CA GLY C 13 28.19 19.76 -15.37
C GLY C 13 28.48 21.11 -15.99
N ALA C 14 27.78 21.44 -17.08
CA ALA C 14 27.93 22.74 -17.73
C ALA C 14 26.83 23.71 -17.35
N ALA C 15 26.36 23.68 -16.11
CA ALA C 15 25.21 24.45 -15.65
C ALA C 15 25.41 25.96 -15.70
N GLY C 16 26.37 26.47 -14.94
CA GLY C 16 26.56 27.91 -14.86
C GLY C 16 27.29 28.50 -16.05
N SER C 17 27.72 27.68 -16.99
CA SER C 17 28.27 28.19 -18.23
C SER C 17 27.14 28.69 -19.14
N THR C 18 27.52 29.50 -20.12
CA THR C 18 26.55 29.99 -21.09
C THR C 18 26.14 28.86 -22.03
N MET C 19 25.07 29.09 -22.79
CA MET C 19 24.39 27.97 -23.44
C MET C 19 25.10 27.53 -24.73
N GLY C 20 25.89 28.43 -25.32
CA GLY C 20 26.57 28.10 -26.56
C GLY C 20 27.64 27.04 -26.40
N ALA C 21 28.36 27.07 -25.27
CA ALA C 21 29.26 26.00 -24.92
C ALA C 21 28.63 25.00 -23.96
N ALA C 22 27.49 25.36 -23.37
CA ALA C 22 26.76 24.49 -22.45
C ALA C 22 25.73 23.63 -23.15
N SER C 23 25.69 23.65 -24.49
CA SER C 23 24.90 22.72 -25.26
C SER C 23 25.64 21.42 -25.54
N MET C 24 26.58 21.02 -24.69
CA MET C 24 27.38 19.83 -24.92
C MET C 24 27.05 18.69 -23.95
N THR C 25 26.37 18.97 -22.85
CA THR C 25 25.95 17.94 -21.91
C THR C 25 24.60 17.32 -22.26
N LEU C 26 24.19 17.42 -23.54
CA LEU C 26 22.86 17.00 -23.94
C LEU C 26 22.73 15.48 -23.90
N THR C 27 23.66 14.76 -24.53
CA THR C 27 23.65 13.31 -24.48
C THR C 27 24.08 12.77 -23.11
N VAL C 28 24.63 13.62 -22.24
CA VAL C 28 24.98 13.23 -20.88
C VAL C 28 23.71 13.22 -20.05
N GLN C 29 22.96 14.31 -20.08
CA GLN C 29 21.78 14.42 -19.22
C GLN C 29 20.61 13.62 -19.77
N ALA C 30 20.53 13.46 -21.09
CA ALA C 30 19.51 12.60 -21.68
C ALA C 30 19.75 11.13 -21.41
N ARG C 31 21.01 10.76 -21.12
CA ARG C 31 21.32 9.38 -20.74
C ARG C 31 21.05 9.15 -19.25
N ASN C 32 21.33 10.15 -18.41
CA ASN C 32 21.06 10.05 -16.98
C ASN C 32 19.65 10.52 -16.61
N LEU C 33 18.74 10.61 -17.58
CA LEU C 33 17.35 10.95 -17.26
C LEU C 33 16.54 9.71 -16.93
N LEU C 34 16.73 8.63 -17.67
CA LEU C 34 16.02 7.39 -17.40
C LEU C 34 16.80 6.44 -16.50
N SER C 35 18.13 6.38 -16.67
CA SER C 35 19.04 5.54 -15.89
C SER C 35 18.64 4.07 -15.94
N GLY C 36 18.23 3.62 -17.12
CA GLY C 36 17.77 2.25 -17.30
C GLY C 36 16.44 2.18 -18.04
N THR C 58 3.15 -5.80 3.18
CA THR C 58 4.35 -5.23 3.78
C THR C 58 4.58 -3.79 3.31
N VAL C 59 5.08 -2.96 4.22
CA VAL C 59 5.33 -1.54 3.96
C VAL C 59 6.85 -1.39 3.96
N TRP C 60 7.33 -0.20 3.50
CA TRP C 60 8.71 0.28 3.40
C TRP C 60 9.43 -0.35 2.19
N GLY C 61 8.76 -1.30 1.52
CA GLY C 61 9.21 -1.72 0.20
C GLY C 61 8.69 -0.87 -0.93
N ILE C 62 7.63 -0.09 -0.67
CA ILE C 62 7.09 0.81 -1.68
C ILE C 62 7.88 2.12 -1.66
N LYS C 63 8.78 2.27 -0.68
CA LYS C 63 9.67 3.41 -0.60
C LYS C 63 10.56 3.50 -1.85
N GLN C 64 11.04 2.37 -2.34
CA GLN C 64 11.92 2.38 -3.50
C GLN C 64 11.19 2.08 -4.80
N LEU C 65 9.99 1.52 -4.75
CA LEU C 65 9.25 1.22 -5.97
C LEU C 65 8.57 2.47 -6.53
N GLN C 66 7.93 3.26 -5.66
CA GLN C 66 7.11 4.38 -6.08
C GLN C 66 7.92 5.53 -6.65
N ALA C 67 9.22 5.59 -6.34
CA ALA C 67 10.05 6.71 -6.76
C ALA C 67 10.32 6.69 -8.26
N ARG C 68 10.74 5.53 -8.79
CA ARG C 68 11.14 5.43 -10.18
C ARG C 68 9.97 5.39 -11.16
N VAL C 69 8.73 5.37 -10.67
CA VAL C 69 7.56 5.40 -11.56
C VAL C 69 7.44 6.76 -12.24
N LEU C 70 7.81 7.83 -11.54
CA LEU C 70 7.78 9.17 -12.11
C LEU C 70 8.88 9.39 -13.14
N ALA C 71 9.95 8.59 -13.11
CA ALA C 71 11.05 8.76 -14.05
C ALA C 71 10.63 8.36 -15.47
N VAL C 72 9.87 7.27 -15.61
CA VAL C 72 9.47 6.85 -16.94
C VAL C 72 8.33 7.72 -17.46
N GLU C 73 7.54 8.31 -16.58
CA GLU C 73 6.46 9.19 -17.02
C GLU C 73 7.02 10.55 -17.43
N ARG C 74 7.96 11.06 -16.64
CA ARG C 74 8.70 12.27 -17.01
C ARG C 74 9.51 12.06 -18.28
N TYR C 75 10.02 10.85 -18.50
CA TYR C 75 10.76 10.56 -19.72
C TYR C 75 9.83 10.48 -20.93
N LEU C 76 8.69 9.80 -20.78
CA LEU C 76 7.79 9.62 -21.91
C LEU C 76 6.97 10.86 -22.22
N ARG C 77 6.86 11.78 -21.26
CA ARG C 77 6.28 13.08 -21.57
C ARG C 77 7.24 13.89 -22.45
N ASP C 78 8.53 13.77 -22.18
CA ASP C 78 9.54 14.46 -22.98
C ASP C 78 9.66 13.84 -24.37
N GLN C 79 9.58 12.51 -24.44
CA GLN C 79 9.53 11.83 -25.73
C GLN C 79 8.23 12.14 -26.46
N GLN C 80 7.15 12.39 -25.70
CA GLN C 80 5.88 12.79 -26.29
C GLN C 80 6.00 14.16 -26.94
N LEU C 81 6.54 15.14 -26.21
CA LEU C 81 6.64 16.50 -26.73
C LEU C 81 7.65 16.60 -27.86
N LEU C 82 8.80 15.93 -27.70
CA LEU C 82 9.80 15.92 -28.76
C LEU C 82 9.30 15.14 -29.99
N GLY C 83 8.39 14.19 -29.77
CA GLY C 83 7.78 13.51 -30.91
C GLY C 83 6.78 14.39 -31.64
N ILE C 84 5.87 15.03 -30.90
CA ILE C 84 4.80 15.80 -31.54
C ILE C 84 5.27 17.17 -32.00
N TRP C 85 6.47 17.59 -31.61
CA TRP C 85 7.11 18.74 -32.26
C TRP C 85 7.65 18.28 -33.61
N GLY C 86 8.06 19.23 -34.45
CA GLY C 86 8.52 18.88 -35.78
C GLY C 86 9.96 18.40 -35.84
N CYS C 87 10.39 17.67 -34.82
CA CYS C 87 11.81 17.40 -34.61
C CYS C 87 12.11 15.95 -34.92
N SER C 88 11.43 15.04 -34.21
CA SER C 88 11.50 13.58 -34.35
C SER C 88 12.87 12.99 -34.05
N GLY C 89 13.81 13.81 -33.59
CA GLY C 89 15.13 13.36 -33.23
C GLY C 89 15.56 13.97 -31.91
N LYS C 90 16.56 13.35 -31.29
CA LYS C 90 16.95 13.78 -29.96
C LYS C 90 18.00 14.90 -30.02
N LEU C 91 18.08 15.63 -28.91
CA LEU C 91 19.15 16.55 -28.49
C LEU C 91 19.22 17.86 -29.27
N ILE C 92 18.50 17.96 -30.39
CA ILE C 92 18.61 19.10 -31.28
C ILE C 92 17.32 19.20 -32.08
N CYS C 93 16.95 20.42 -32.44
CA CYS C 93 15.79 20.68 -33.29
C CYS C 93 15.88 22.11 -33.79
N CYS C 94 15.26 22.35 -34.95
CA CYS C 94 15.11 23.68 -35.52
C CYS C 94 13.66 23.82 -35.94
N THR C 95 13.20 25.06 -36.18
CA THR C 95 11.78 25.27 -36.40
C THR C 95 11.54 26.22 -37.55
N ASN C 96 10.33 26.14 -38.08
CA ASN C 96 9.76 27.15 -38.97
C ASN C 96 9.02 28.23 -38.20
N VAL C 97 9.13 28.24 -36.87
CA VAL C 97 8.40 29.17 -36.02
C VAL C 97 9.28 30.39 -35.79
N PRO C 98 8.82 31.60 -36.10
CA PRO C 98 9.67 32.78 -35.92
C PRO C 98 9.82 33.16 -34.45
N TRP C 99 10.80 34.03 -34.20
CA TRP C 99 11.05 34.57 -32.88
C TRP C 99 10.46 35.98 -32.82
N ASN C 100 9.37 36.13 -32.08
CA ASN C 100 8.69 37.41 -31.97
C ASN C 100 9.54 38.37 -31.15
N SER C 101 9.36 39.68 -31.39
CA SER C 101 10.06 40.68 -30.60
C SER C 101 9.42 40.87 -29.22
N SER C 102 8.21 40.34 -29.01
CA SER C 102 7.65 40.25 -27.67
C SER C 102 8.21 39.08 -26.88
N TRP C 103 8.88 38.14 -27.55
CA TRP C 103 9.61 37.05 -26.90
C TRP C 103 11.05 37.48 -26.76
N SER C 104 11.48 37.77 -25.52
CA SER C 104 12.85 37.86 -24.99
C SER C 104 13.91 38.38 -25.97
N ASN C 105 13.72 39.59 -26.49
CA ASN C 105 14.44 40.04 -27.68
C ASN C 105 15.92 40.30 -27.40
N ARG C 106 16.76 39.35 -27.82
CA ARG C 106 18.19 39.38 -27.56
C ARG C 106 18.94 39.05 -28.84
N ASN C 107 20.19 39.50 -28.90
CA ASN C 107 21.07 39.11 -29.99
C ASN C 107 21.65 37.73 -29.74
N LEU C 108 22.38 37.22 -30.74
CA LEU C 108 22.77 35.80 -30.73
C LEU C 108 23.81 35.52 -29.64
N SER C 109 24.71 36.47 -29.39
CA SER C 109 25.60 36.35 -28.24
C SER C 109 24.85 36.54 -26.93
N GLU C 110 23.82 37.38 -26.93
CA GLU C 110 23.00 37.61 -25.74
C GLU C 110 22.06 36.45 -25.43
N ILE C 111 22.03 35.41 -26.27
CA ILE C 111 21.27 34.21 -25.98
C ILE C 111 22.25 33.13 -25.54
N TRP C 112 23.11 32.69 -26.45
CA TRP C 112 23.88 31.48 -26.22
C TRP C 112 25.16 31.76 -25.45
N ASP C 113 25.63 33.00 -25.48
CA ASP C 113 26.99 33.28 -25.04
C ASP C 113 27.04 34.25 -23.86
N ASN C 114 25.92 34.87 -23.51
CA ASN C 114 25.88 35.76 -22.35
C ASN C 114 24.97 35.25 -21.24
N MET C 115 23.94 34.47 -21.55
CA MET C 115 22.97 34.06 -20.54
C MET C 115 22.91 32.54 -20.48
N THR C 116 22.84 32.03 -19.25
CA THR C 116 22.89 30.60 -19.01
C THR C 116 21.53 29.95 -19.31
N TRP C 117 21.44 28.66 -19.00
CA TRP C 117 20.19 27.93 -19.22
C TRP C 117 19.14 28.29 -18.17
N LEU C 118 19.55 28.46 -16.91
CA LEU C 118 18.60 28.83 -15.86
C LEU C 118 18.19 30.28 -15.99
N GLN C 119 19.17 31.18 -16.16
CA GLN C 119 18.89 32.60 -16.31
C GLN C 119 18.15 32.89 -17.60
N TRP C 120 18.51 32.19 -18.68
CA TRP C 120 17.82 32.36 -19.95
C TRP C 120 16.40 31.82 -19.88
N ASP C 121 16.24 30.61 -19.33
CA ASP C 121 14.93 29.99 -19.19
C ASP C 121 14.03 30.77 -18.24
N LYS C 122 14.63 31.52 -17.31
CA LYS C 122 13.87 32.48 -16.50
C LYS C 122 13.26 33.57 -17.38
N GLU C 123 13.94 33.94 -18.46
CA GLU C 123 13.40 34.94 -19.37
C GLU C 123 12.40 34.35 -20.35
N ILE C 124 12.60 33.08 -20.74
CA ILE C 124 11.69 32.42 -21.68
C ILE C 124 10.41 31.94 -21.01
N SER C 125 10.44 31.68 -19.70
CA SER C 125 9.53 30.75 -19.03
C SER C 125 8.05 31.10 -19.09
N ASN C 126 7.68 32.32 -19.49
CA ASN C 126 6.28 32.72 -19.46
C ASN C 126 5.60 32.64 -20.82
N TYR C 127 6.38 32.62 -21.90
CA TYR C 127 5.82 32.58 -23.24
C TYR C 127 6.01 31.23 -23.91
N THR C 128 6.26 30.20 -23.10
CA THR C 128 6.67 28.89 -23.61
C THR C 128 5.55 28.20 -24.36
N GLN C 129 4.32 28.23 -23.82
CA GLN C 129 3.22 27.58 -24.50
C GLN C 129 2.78 28.36 -25.73
N ILE C 130 3.00 29.68 -25.72
CA ILE C 130 2.79 30.49 -26.91
C ILE C 130 3.78 30.10 -28.01
N ILE C 131 4.96 29.62 -27.61
CA ILE C 131 5.84 28.98 -28.59
C ILE C 131 5.31 27.58 -28.96
N TYR C 132 4.82 26.84 -27.95
CA TYR C 132 4.66 25.39 -28.08
C TYR C 132 3.46 25.03 -28.92
N GLY C 133 2.43 25.88 -28.95
CA GLY C 133 1.32 25.64 -29.86
C GLY C 133 1.76 25.76 -31.31
N LEU C 134 2.65 26.70 -31.59
CA LEU C 134 3.25 26.80 -32.90
C LEU C 134 4.22 25.66 -33.17
N LEU C 135 4.81 25.07 -32.13
CA LEU C 135 5.72 23.95 -32.37
C LEU C 135 4.94 22.67 -32.69
N GLU C 136 3.89 22.39 -31.92
CA GLU C 136 3.09 21.19 -32.11
C GLU C 136 2.23 21.26 -33.36
N GLU C 137 1.57 22.41 -33.58
CA GLU C 137 0.41 22.48 -34.46
C GLU C 137 0.74 23.11 -35.81
N SER C 138 1.60 24.13 -35.82
CA SER C 138 1.98 24.70 -37.11
C SER C 138 3.02 23.86 -37.83
N GLN C 139 3.61 22.87 -37.16
CA GLN C 139 4.55 22.03 -37.88
C GLN C 139 3.95 20.67 -38.27
N ASN C 140 3.62 19.84 -37.29
CA ASN C 140 3.28 18.46 -37.65
C ASN C 140 1.84 18.29 -38.11
N GLN C 141 0.98 19.26 -37.82
CA GLN C 141 -0.34 19.23 -38.46
C GLN C 141 -0.27 19.91 -39.83
N GLN C 142 0.84 20.57 -40.13
CA GLN C 142 1.01 21.25 -41.42
C GLN C 142 2.10 20.63 -42.29
N GLU C 143 3.34 20.57 -41.80
CA GLU C 143 4.44 20.12 -42.68
C GLU C 143 4.43 18.61 -42.84
N LYS C 144 3.85 17.88 -41.87
CA LYS C 144 3.65 16.46 -42.06
C LYS C 144 2.36 16.19 -42.83
N ASN C 145 1.42 17.15 -42.83
CA ASN C 145 0.28 17.05 -43.73
C ASN C 145 0.71 17.24 -45.17
N GLU C 146 1.74 18.07 -45.41
CA GLU C 146 2.22 18.29 -46.76
C GLU C 146 2.97 17.07 -47.31
N GLN C 147 3.41 16.16 -46.45
CA GLN C 147 4.15 14.98 -46.91
C GLN C 147 3.24 14.01 -47.66
N ASP C 148 2.06 13.72 -47.10
CA ASP C 148 1.13 12.82 -47.77
C ASP C 148 0.52 13.46 -49.01
N LEU C 149 0.30 14.77 -48.98
CA LEU C 149 -0.30 15.45 -50.13
C LEU C 149 0.72 15.61 -51.26
N LEU C 150 1.98 15.80 -50.92
CA LEU C 150 3.02 15.85 -51.95
C LEU C 150 3.53 14.47 -52.34
N ALA C 151 3.14 13.43 -51.63
CA ALA C 151 3.61 12.08 -51.91
C ALA C 151 2.50 11.14 -52.35
N LEU C 152 1.26 11.63 -52.49
CA LEU C 152 0.16 10.73 -52.84
C LEU C 152 0.21 10.32 -54.31
N ASP C 153 0.92 11.06 -55.14
CA ASP C 153 1.08 10.69 -56.53
C ASP C 153 2.02 9.50 -56.71
N ASN D 3 38.01 -1.95 -44.06
CA ASN D 3 38.11 -1.57 -42.66
C ASN D 3 36.76 -1.65 -41.97
N LEU D 4 36.71 -2.42 -40.89
CA LEU D 4 35.46 -2.66 -40.19
C LEU D 4 35.09 -1.49 -39.29
N TRP D 5 33.78 -1.37 -39.03
CA TRP D 5 33.25 -0.36 -38.13
C TRP D 5 32.40 -1.08 -37.08
N VAL D 6 31.68 -0.34 -36.25
CA VAL D 6 30.70 -0.94 -35.35
C VAL D 6 29.31 -0.65 -35.89
N THR D 7 28.42 -1.63 -35.76
CA THR D 7 27.06 -1.52 -36.27
C THR D 7 26.09 -2.11 -35.25
N VAL D 8 25.08 -1.34 -34.88
CA VAL D 8 24.13 -1.74 -33.86
C VAL D 8 22.95 -2.44 -34.53
N TYR D 9 22.49 -3.53 -33.92
CA TYR D 9 21.34 -4.28 -34.40
C TYR D 9 20.40 -4.53 -33.23
N TYR D 10 19.17 -4.07 -33.36
CA TYR D 10 18.17 -4.21 -32.30
C TYR D 10 17.32 -5.45 -32.54
N GLY D 11 17.05 -6.19 -31.48
CA GLY D 11 16.32 -7.43 -31.59
C GLY D 11 17.15 -8.55 -32.19
N VAL D 12 18.38 -8.70 -31.70
CA VAL D 12 19.25 -9.80 -32.11
C VAL D 12 18.96 -10.99 -31.21
N PRO D 13 19.17 -12.23 -31.71
CA PRO D 13 18.98 -13.45 -30.91
C PRO D 13 20.10 -13.68 -29.90
N VAL D 14 20.42 -12.64 -29.13
CA VAL D 14 21.38 -12.71 -28.04
C VAL D 14 20.61 -12.68 -26.72
N TRP D 15 20.79 -13.72 -25.92
CA TRP D 15 20.22 -13.75 -24.57
C TRP D 15 21.32 -14.02 -23.56
N LYS D 16 21.06 -13.61 -22.32
CA LYS D 16 21.93 -13.92 -21.21
C LYS D 16 21.08 -14.51 -20.09
N ASP D 17 21.73 -15.22 -19.17
CA ASP D 17 21.04 -15.93 -18.11
C ASP D 17 20.81 -15.02 -16.92
N ALA D 18 19.56 -14.88 -16.51
CA ALA D 18 19.20 -14.11 -15.34
C ALA D 18 17.92 -14.70 -14.76
N GLU D 19 17.44 -14.10 -13.66
CA GLU D 19 16.27 -14.61 -12.97
C GLU D 19 15.44 -13.44 -12.44
N THR D 20 14.13 -13.67 -12.37
CA THR D 20 13.19 -12.67 -11.89
C THR D 20 11.97 -13.40 -11.33
N THR D 21 10.91 -12.64 -11.04
CA THR D 21 9.69 -13.22 -10.47
C THR D 21 8.81 -13.77 -11.58
N LEU D 22 8.33 -15.01 -11.39
CA LEU D 22 7.44 -15.66 -12.32
C LEU D 22 6.00 -15.54 -11.84
N PHE D 23 5.07 -16.13 -12.59
CA PHE D 23 3.66 -16.07 -12.21
C PHE D 23 2.95 -17.35 -12.64
N CYS D 24 1.90 -17.69 -11.90
CA CYS D 24 1.19 -18.95 -11.99
C CYS D 24 0.23 -18.99 -13.17
N ALA D 25 -0.08 -20.20 -13.62
CA ALA D 25 -1.26 -20.45 -14.46
C ALA D 25 -1.94 -21.74 -14.01
N SER D 26 -3.18 -21.64 -13.54
CA SER D 26 -3.97 -22.75 -13.00
C SER D 26 -4.96 -23.34 -14.01
N ASP D 27 -4.89 -22.89 -15.26
CA ASP D 27 -5.88 -22.95 -16.34
C ASP D 27 -7.17 -22.26 -15.88
N ALA D 28 -8.31 -22.66 -16.44
CA ALA D 28 -9.63 -22.20 -15.98
C ALA D 28 -10.48 -23.29 -15.32
N LYS D 29 -10.09 -24.56 -15.42
CA LYS D 29 -11.01 -25.60 -15.00
C LYS D 29 -10.96 -25.83 -13.49
N ALA D 30 -9.75 -25.88 -12.93
CA ALA D 30 -9.61 -25.96 -11.49
C ALA D 30 -9.83 -24.61 -10.81
N TYR D 31 -9.92 -23.53 -11.59
CA TYR D 31 -10.36 -22.25 -11.05
C TYR D 31 -11.82 -22.32 -10.64
N GLU D 32 -12.64 -23.03 -11.42
CA GLU D 32 -14.05 -23.22 -11.11
C GLU D 32 -14.27 -24.06 -9.86
N THR D 33 -13.23 -24.69 -9.32
CA THR D 33 -13.38 -25.43 -8.08
C THR D 33 -13.83 -24.52 -6.94
N GLU D 34 -13.39 -23.25 -6.97
CA GLU D 34 -13.87 -22.18 -6.11
C GLU D 34 -13.93 -22.62 -4.64
N LYS D 35 -15.13 -22.71 -4.08
CA LYS D 35 -15.34 -23.12 -2.70
C LYS D 35 -14.63 -22.17 -1.74
N HIS D 36 -14.60 -20.89 -2.08
CA HIS D 36 -13.90 -19.86 -1.31
C HIS D 36 -12.41 -20.21 -1.19
N ASN D 37 -11.72 -20.06 -2.32
CA ASN D 37 -10.29 -20.30 -2.43
C ASN D 37 -9.94 -21.77 -2.15
N VAL D 38 -10.26 -22.62 -3.12
CA VAL D 38 -9.78 -24.00 -3.05
C VAL D 38 -8.28 -23.98 -3.25
N TRP D 39 -7.55 -24.46 -2.24
CA TRP D 39 -6.09 -24.51 -2.24
C TRP D 39 -5.49 -23.23 -2.79
N ALA D 40 -4.73 -23.35 -3.87
CA ALA D 40 -4.05 -22.22 -4.46
C ALA D 40 -5.02 -21.32 -5.18
N THR D 41 -5.62 -21.82 -6.26
CA THR D 41 -6.18 -20.93 -7.28
C THR D 41 -7.18 -19.96 -6.68
N HIS D 42 -6.84 -18.67 -6.77
CA HIS D 42 -7.72 -17.58 -6.41
C HIS D 42 -7.58 -16.49 -7.47
N ALA D 43 -6.42 -15.85 -7.48
CA ALA D 43 -6.06 -14.81 -8.43
C ALA D 43 -5.26 -15.33 -9.61
N CYS D 44 -5.07 -16.64 -9.70
CA CYS D 44 -4.13 -17.21 -10.66
C CYS D 44 -4.54 -16.89 -12.09
N VAL D 45 -3.56 -16.56 -12.92
CA VAL D 45 -3.73 -16.22 -14.33
C VAL D 45 -4.09 -17.48 -15.11
N PRO D 46 -4.94 -17.39 -16.14
CA PRO D 46 -5.25 -18.59 -16.93
C PRO D 46 -4.07 -19.05 -17.76
N THR D 47 -4.09 -20.35 -18.08
CA THR D 47 -3.08 -20.97 -18.93
C THR D 47 -3.38 -20.70 -20.40
N ASP D 48 -2.33 -20.69 -21.22
CA ASP D 48 -2.48 -20.53 -22.66
C ASP D 48 -3.31 -21.70 -23.22
N PRO D 49 -4.36 -21.41 -23.99
CA PRO D 49 -5.12 -22.51 -24.63
C PRO D 49 -4.29 -23.34 -25.57
N ASN D 50 -3.31 -22.73 -26.25
CA ASN D 50 -2.36 -23.43 -27.12
C ASN D 50 -0.98 -23.16 -26.56
N PRO D 51 -0.49 -24.02 -25.66
CA PRO D 51 0.80 -23.77 -25.01
C PRO D 51 1.95 -23.82 -26.00
N GLN D 52 2.11 -22.74 -26.78
CA GLN D 52 3.06 -22.71 -27.87
C GLN D 52 4.46 -23.08 -27.39
N GLU D 53 5.05 -24.07 -28.05
CA GLU D 53 6.40 -24.55 -27.75
C GLU D 53 7.23 -24.37 -29.02
N ILE D 54 8.19 -23.46 -28.96
CA ILE D 54 9.02 -23.11 -30.12
C ILE D 54 10.40 -23.71 -29.89
N HIS D 55 10.90 -24.43 -30.90
CA HIS D 55 12.21 -25.07 -30.82
C HIS D 55 13.28 -24.14 -31.41
N LEU D 56 14.44 -24.11 -30.78
CA LEU D 56 15.57 -23.32 -31.23
C LEU D 56 16.68 -24.26 -31.70
N GLU D 57 17.32 -23.90 -32.81
CA GLU D 57 18.27 -24.76 -33.46
C GLU D 57 19.69 -24.23 -33.30
N ASN D 58 20.66 -25.14 -33.31
CA ASN D 58 22.07 -24.84 -33.15
C ASN D 58 22.38 -24.17 -31.81
N VAL D 59 21.53 -24.38 -30.81
CA VAL D 59 21.68 -23.76 -29.50
C VAL D 59 22.07 -24.85 -28.51
N THR D 60 23.28 -24.75 -27.96
CA THR D 60 23.74 -25.64 -26.90
C THR D 60 23.65 -24.89 -25.58
N GLU D 61 22.71 -25.30 -24.73
CA GLU D 61 22.44 -24.62 -23.47
C GLU D 61 22.69 -25.58 -22.32
N GLU D 62 23.40 -25.11 -21.30
CA GLU D 62 23.72 -25.92 -20.13
C GLU D 62 22.64 -25.75 -19.08
N PHE D 63 22.03 -26.86 -18.66
CA PHE D 63 20.91 -26.86 -17.75
C PHE D 63 21.32 -27.38 -16.38
N ASN D 64 20.81 -26.73 -15.34
CA ASN D 64 20.97 -27.20 -13.97
C ASN D 64 19.64 -27.09 -13.26
N MET D 65 19.09 -28.24 -12.83
CA MET D 65 17.85 -28.26 -12.07
C MET D 65 18.06 -28.01 -10.59
N TRP D 66 19.27 -28.24 -10.08
CA TRP D 66 19.54 -28.15 -8.65
C TRP D 66 19.79 -26.71 -8.21
N LYS D 67 20.40 -25.90 -9.06
CA LYS D 67 20.54 -24.47 -8.81
C LYS D 67 19.42 -23.65 -9.41
N ASN D 68 18.42 -24.30 -10.00
CA ASN D 68 17.30 -23.60 -10.64
C ASN D 68 16.52 -22.80 -9.61
N ASN D 69 16.35 -21.50 -9.89
CA ASN D 69 15.74 -20.59 -8.92
C ASN D 69 14.23 -20.72 -8.86
N MET D 70 13.59 -21.22 -9.93
CA MET D 70 12.13 -21.31 -9.95
C MET D 70 11.60 -22.15 -8.80
N VAL D 71 12.43 -23.00 -8.20
CA VAL D 71 11.98 -23.85 -7.10
C VAL D 71 11.75 -23.04 -5.83
N GLU D 72 12.74 -22.20 -5.47
CA GLU D 72 12.64 -21.44 -4.23
C GLU D 72 11.42 -20.53 -4.23
N GLN D 73 11.09 -19.93 -5.38
CA GLN D 73 9.84 -19.19 -5.51
C GLN D 73 8.66 -20.09 -5.18
N MET D 74 8.46 -21.16 -5.96
CA MET D 74 7.40 -22.12 -5.69
C MET D 74 7.42 -22.59 -4.24
N HIS D 75 8.60 -22.69 -3.63
CA HIS D 75 8.69 -23.10 -2.24
C HIS D 75 8.05 -22.07 -1.32
N THR D 76 8.29 -20.78 -1.58
CA THR D 76 7.79 -19.74 -0.68
C THR D 76 6.32 -19.43 -0.92
N ASP D 77 5.89 -19.41 -2.18
CA ASP D 77 4.51 -19.04 -2.49
C ASP D 77 3.53 -19.98 -1.82
N ILE D 78 3.81 -21.28 -1.86
CA ILE D 78 2.91 -22.27 -1.27
C ILE D 78 2.77 -22.01 0.23
N ILE D 79 3.84 -21.55 0.87
CA ILE D 79 3.79 -21.27 2.30
C ILE D 79 3.02 -19.97 2.57
N SER D 80 3.29 -18.92 1.79
CA SER D 80 2.56 -17.68 1.96
C SER D 80 1.08 -17.88 1.64
N LEU D 81 0.79 -18.48 0.49
CA LEU D 81 -0.60 -18.78 0.12
C LEU D 81 -1.27 -19.64 1.19
N TRP D 82 -0.50 -20.50 1.85
CA TRP D 82 -1.03 -21.29 2.96
C TRP D 82 -1.59 -20.39 4.05
N ASP D 83 -0.76 -19.47 4.56
CA ASP D 83 -1.23 -18.56 5.59
C ASP D 83 -2.32 -17.63 5.08
N GLN D 84 -2.27 -17.27 3.79
CA GLN D 84 -3.31 -16.41 3.24
C GLN D 84 -4.68 -17.05 3.35
N SER D 85 -4.74 -18.38 3.42
CA SER D 85 -5.99 -19.05 3.75
C SER D 85 -6.27 -18.97 5.25
N LEU D 86 -5.25 -19.26 6.07
CA LEU D 86 -5.46 -19.42 7.51
C LEU D 86 -5.82 -18.09 8.18
N LYS D 87 -5.36 -16.96 7.63
CA LYS D 87 -5.58 -15.67 8.29
C LYS D 87 -7.05 -15.31 8.37
N PRO D 88 -7.84 -15.34 7.28
CA PRO D 88 -9.29 -15.18 7.44
C PRO D 88 -9.95 -16.36 8.13
N CYS D 89 -9.29 -17.51 8.18
CA CYS D 89 -9.87 -18.70 8.78
C CYS D 89 -9.93 -18.58 10.30
N VAL D 90 -10.35 -19.67 10.94
CA VAL D 90 -10.62 -19.69 12.38
C VAL D 90 -9.34 -19.99 13.14
N LYS D 91 -8.99 -19.10 14.07
CA LYS D 91 -7.84 -19.30 14.94
C LYS D 91 -8.24 -20.19 16.10
N LEU D 92 -7.51 -21.29 16.27
CA LEU D 92 -7.77 -22.27 17.32
C LEU D 92 -6.96 -22.03 18.59
N THR D 93 -6.26 -20.91 18.68
CA THR D 93 -5.49 -20.60 19.89
C THR D 93 -6.27 -20.79 21.20
N PRO D 94 -7.58 -20.52 21.29
CA PRO D 94 -8.29 -20.87 22.53
C PRO D 94 -8.43 -22.37 22.77
N LEU D 95 -8.20 -23.20 21.76
CA LEU D 95 -8.39 -24.65 21.91
C LEU D 95 -7.35 -25.28 22.83
N CYS D 96 -6.33 -24.55 23.26
CA CYS D 96 -5.36 -25.14 24.18
C CYS D 96 -5.98 -25.20 25.55
N VAL D 97 -6.25 -26.42 26.02
CA VAL D 97 -7.13 -26.64 27.16
C VAL D 97 -6.80 -28.00 27.74
N THR D 98 -7.04 -28.18 29.03
CA THR D 98 -6.93 -29.50 29.63
C THR D 98 -8.04 -30.41 29.11
N LEU D 99 -7.66 -31.58 28.61
CA LEU D 99 -8.58 -32.50 27.95
C LEU D 99 -8.67 -33.77 28.78
N GLN D 100 -9.90 -34.13 29.17
CA GLN D 100 -10.15 -35.42 29.81
C GLN D 100 -10.57 -36.39 28.72
N CYS D 101 -9.71 -37.37 28.42
CA CYS D 101 -9.91 -38.26 27.30
C CYS D 101 -9.87 -39.70 27.77
N THR D 102 -10.41 -40.59 26.93
CA THR D 102 -10.47 -42.01 27.22
C THR D 102 -9.98 -42.80 26.01
N ASN D 103 -9.38 -43.96 26.27
CA ASN D 103 -9.16 -44.91 25.20
C ASN D 103 -10.48 -45.19 24.49
N VAL D 104 -10.47 -45.16 23.16
CA VAL D 104 -11.72 -45.22 22.41
C VAL D 104 -12.40 -46.56 22.62
N THR D 105 -13.70 -46.59 22.35
CA THR D 105 -14.51 -47.77 22.67
C THR D 105 -14.30 -48.84 21.61
N ASN D 106 -13.75 -49.97 22.05
CA ASN D 106 -13.54 -51.17 21.25
C ASN D 106 -13.44 -52.33 22.23
N ASN D 107 -13.53 -53.55 21.71
CA ASN D 107 -13.42 -54.72 22.57
C ASN D 107 -11.98 -55.22 22.48
N ILE D 108 -11.18 -54.81 23.46
CA ILE D 108 -9.81 -55.28 23.74
C ILE D 108 -9.02 -55.48 22.46
N THR D 109 -8.27 -56.59 22.38
CA THR D 109 -7.49 -57.00 21.21
C THR D 109 -6.68 -55.84 20.64
N ASP D 110 -5.90 -55.19 21.51
CA ASP D 110 -5.12 -54.02 21.11
C ASP D 110 -3.64 -54.35 20.99
N ASP D 111 -2.93 -54.54 22.09
CA ASP D 111 -1.50 -54.84 22.04
C ASP D 111 -1.24 -56.25 21.54
N GLY D 114 -6.20 -48.29 20.56
CA GLY D 114 -6.69 -46.97 20.93
C GLY D 114 -6.36 -45.89 19.90
N GLU D 115 -5.50 -44.96 20.29
CA GLU D 115 -5.01 -43.87 19.44
C GLU D 115 -6.11 -42.86 19.13
N LEU D 116 -7.36 -43.23 19.39
CA LEU D 116 -8.49 -42.31 19.31
C LEU D 116 -9.04 -42.10 20.71
N LYS D 117 -9.43 -40.87 21.01
CA LYS D 117 -9.79 -40.48 22.36
C LYS D 117 -11.17 -39.83 22.37
N ASN D 118 -11.98 -40.19 23.36
CA ASN D 118 -13.22 -39.48 23.63
C ASN D 118 -12.86 -38.39 24.64
N CYS D 119 -12.82 -37.14 24.19
CA CYS D 119 -12.18 -36.06 24.94
C CYS D 119 -13.24 -35.06 25.38
N SER D 120 -13.52 -35.05 26.68
CA SER D 120 -14.45 -34.09 27.26
C SER D 120 -13.65 -32.94 27.88
N PHE D 121 -13.99 -31.71 27.50
CA PHE D 121 -13.27 -30.56 27.99
C PHE D 121 -14.22 -29.37 28.06
N ASN D 122 -13.90 -28.44 28.97
CA ASN D 122 -14.69 -27.24 29.19
C ASN D 122 -14.26 -26.16 28.19
N MET D 123 -15.19 -25.71 27.35
CA MET D 123 -14.93 -24.78 26.25
C MET D 123 -15.82 -23.54 26.41
N THR D 124 -15.72 -22.62 25.45
CA THR D 124 -16.44 -21.36 25.48
C THR D 124 -17.35 -21.24 24.26
N THR D 125 -18.33 -20.34 24.37
CA THR D 125 -19.35 -20.13 23.37
C THR D 125 -19.20 -18.75 22.73
N GLU D 126 -20.15 -18.42 21.85
CA GLU D 126 -20.18 -17.10 21.26
C GLU D 126 -20.51 -16.02 22.28
N LEU D 127 -21.35 -16.35 23.27
CA LEU D 127 -21.62 -15.46 24.38
C LEU D 127 -20.45 -15.54 25.35
N ARG D 128 -19.80 -14.40 25.59
CA ARG D 128 -18.50 -14.43 26.25
C ARG D 128 -18.60 -14.92 27.69
N ASP D 129 -19.76 -14.76 28.32
CA ASP D 129 -19.90 -15.18 29.71
C ASP D 129 -20.11 -16.69 29.81
N LYS D 130 -21.21 -17.20 29.27
CA LYS D 130 -21.51 -18.61 29.34
C LYS D 130 -20.45 -19.43 28.60
N LYS D 131 -20.29 -20.68 29.01
CA LYS D 131 -19.24 -21.54 28.47
C LYS D 131 -19.81 -22.84 27.94
N GLN D 132 -18.94 -23.77 27.53
CA GLN D 132 -19.34 -24.95 26.79
C GLN D 132 -18.67 -26.19 27.35
N LYS D 133 -19.43 -27.29 27.43
CA LYS D 133 -18.91 -28.61 27.79
C LYS D 133 -19.17 -29.53 26.60
N VAL D 134 -18.10 -29.99 25.96
CA VAL D 134 -18.22 -30.72 24.70
C VAL D 134 -17.26 -31.91 24.70
N TYR D 135 -17.52 -32.84 23.78
CA TYR D 135 -16.65 -33.99 23.58
C TYR D 135 -16.30 -34.10 22.10
N SER D 136 -15.07 -34.56 21.84
CA SER D 136 -14.61 -34.76 20.47
C SER D 136 -13.58 -35.88 20.45
N LEU D 137 -13.35 -36.42 19.26
CA LEU D 137 -12.48 -37.58 19.07
C LEU D 137 -11.21 -37.13 18.33
N PHE D 138 -10.06 -37.36 18.95
CA PHE D 138 -8.80 -36.87 18.39
C PHE D 138 -7.80 -38.00 18.22
N TYR D 139 -7.00 -37.88 17.17
CA TYR D 139 -5.89 -38.80 16.95
C TYR D 139 -4.78 -38.51 17.95
N ARG D 140 -4.03 -39.55 18.32
CA ARG D 140 -3.06 -39.43 19.39
C ARG D 140 -1.93 -38.46 19.06
N LEU D 141 -1.72 -38.16 17.79
CA LEU D 141 -0.57 -37.36 17.37
C LEU D 141 -0.79 -35.86 17.58
N ASP D 142 -2.03 -35.42 17.76
CA ASP D 142 -2.33 -34.00 17.94
C ASP D 142 -2.31 -33.57 19.40
N VAL D 143 -2.23 -34.51 20.36
CA VAL D 143 -2.29 -34.19 21.77
C VAL D 143 -1.11 -34.83 22.49
N VAL D 144 -0.98 -34.51 23.79
CA VAL D 144 -0.02 -35.17 24.68
C VAL D 144 -0.57 -35.03 26.09
N GLN D 145 -0.27 -36.01 26.94
CA GLN D 145 -0.81 -36.00 28.29
C GLN D 145 0.00 -35.07 29.18
N ILE D 146 -0.45 -34.94 30.43
CA ILE D 146 0.22 -34.09 31.41
C ILE D 146 0.07 -34.76 32.77
N ASN D 147 1.17 -34.78 33.54
CA ASN D 147 1.14 -35.39 34.86
C ASN D 147 1.54 -34.38 35.93
N SER D 157 -8.12 -41.38 39.83
CA SER D 157 -8.32 -40.31 38.86
C SER D 157 -7.89 -40.76 37.47
N ASN D 158 -8.40 -40.07 36.45
CA ASN D 158 -8.16 -40.42 35.06
C ASN D 158 -7.17 -39.44 34.43
N LYS D 159 -6.39 -39.95 33.47
CA LYS D 159 -5.33 -39.16 32.87
C LYS D 159 -5.90 -37.96 32.10
N GLU D 160 -5.16 -36.86 32.15
CA GLU D 160 -5.53 -35.62 31.48
C GLU D 160 -4.57 -35.37 30.32
N TYR D 161 -5.08 -34.72 29.26
CA TYR D 161 -4.33 -34.52 28.04
C TYR D 161 -4.43 -33.08 27.59
N ARG D 162 -3.50 -32.68 26.71
CA ARG D 162 -3.46 -31.33 26.17
C ARG D 162 -2.87 -31.40 24.77
N LEU D 163 -3.13 -30.36 23.97
CA LEU D 163 -2.67 -30.35 22.59
C LEU D 163 -1.15 -30.26 22.51
N ILE D 164 -0.62 -30.69 21.38
CA ILE D 164 0.83 -30.78 21.21
C ILE D 164 1.44 -29.41 20.88
N ASN D 165 0.70 -28.53 20.21
CA ASN D 165 1.23 -27.25 19.77
C ASN D 165 1.17 -26.18 20.85
N CYS D 166 0.55 -26.47 22.00
CA CYS D 166 0.26 -25.42 22.97
C CYS D 166 1.52 -24.74 23.47
N ASN D 167 2.59 -25.50 23.60
CA ASN D 167 3.84 -24.92 24.08
C ASN D 167 4.75 -24.47 22.96
N THR D 168 4.28 -24.52 21.72
CA THR D 168 5.13 -24.10 20.61
C THR D 168 4.58 -22.89 19.87
N SER D 169 3.52 -23.11 19.08
CA SER D 169 3.09 -22.14 18.09
C SER D 169 1.59 -21.89 18.16
N ALA D 170 1.21 -20.63 17.92
CA ALA D 170 -0.20 -20.28 17.85
C ALA D 170 -0.88 -21.07 16.75
N ILE D 171 -1.97 -21.74 17.11
CA ILE D 171 -2.65 -22.68 16.22
C ILE D 171 -3.84 -21.97 15.58
N THR D 172 -3.98 -22.14 14.27
CA THR D 172 -5.17 -21.74 13.55
C THR D 172 -5.79 -22.98 12.92
N GLN D 173 -6.89 -22.78 12.21
CA GLN D 173 -7.57 -23.86 11.52
C GLN D 173 -7.95 -23.36 10.13
N ALA D 174 -7.53 -24.08 9.10
CA ALA D 174 -7.92 -23.70 7.74
C ALA D 174 -9.41 -23.93 7.58
N CYS D 175 -10.15 -22.86 7.27
CA CYS D 175 -11.60 -22.96 7.26
C CYS D 175 -12.05 -23.96 6.20
N PRO D 176 -13.16 -24.67 6.44
CA PRO D 176 -13.50 -25.82 5.60
C PRO D 176 -13.82 -25.43 4.17
N LYS D 177 -14.14 -24.16 3.91
CA LYS D 177 -14.32 -23.69 2.55
C LYS D 177 -13.05 -23.91 1.74
N VAL D 178 -11.93 -23.34 2.20
CA VAL D 178 -10.66 -23.55 1.51
C VAL D 178 -10.29 -25.03 1.58
N SER D 179 -9.89 -25.58 0.45
CA SER D 179 -9.43 -26.96 0.41
C SER D 179 -7.91 -27.00 0.30
N PHE D 180 -7.37 -28.21 0.40
CA PHE D 180 -5.95 -28.45 0.22
C PHE D 180 -5.60 -29.09 -1.13
N GLU D 181 -6.59 -29.30 -1.99
CA GLU D 181 -6.43 -30.12 -3.19
C GLU D 181 -5.41 -29.51 -4.14
N PRO D 182 -4.33 -30.21 -4.48
CA PRO D 182 -3.34 -29.67 -5.42
C PRO D 182 -3.95 -29.42 -6.79
N ILE D 183 -3.77 -28.21 -7.28
CA ILE D 183 -4.33 -27.74 -8.54
C ILE D 183 -3.17 -27.48 -9.52
N PRO D 184 -3.18 -28.09 -10.71
CA PRO D 184 -2.06 -27.88 -11.64
C PRO D 184 -1.77 -26.40 -11.86
N ILE D 185 -0.48 -26.05 -11.77
CA ILE D 185 -0.03 -24.67 -11.88
C ILE D 185 1.03 -24.58 -12.96
N HIS D 186 0.87 -23.63 -13.88
CA HIS D 186 1.84 -23.38 -14.94
C HIS D 186 2.57 -22.09 -14.63
N TYR D 187 3.85 -22.18 -14.31
CA TYR D 187 4.65 -20.99 -14.05
C TYR D 187 5.07 -20.34 -15.36
N CYS D 188 4.93 -19.03 -15.43
CA CYS D 188 5.13 -18.28 -16.65
C CYS D 188 6.11 -17.15 -16.43
N ALA D 189 6.69 -16.65 -17.52
CA ALA D 189 7.69 -15.60 -17.50
C ALA D 189 7.22 -14.38 -18.29
N PRO D 190 7.70 -13.18 -17.93
CA PRO D 190 7.26 -11.97 -18.66
C PRO D 190 8.07 -11.71 -19.92
N ALA D 191 7.80 -10.58 -20.56
CA ALA D 191 8.52 -10.19 -21.77
C ALA D 191 9.96 -9.82 -21.44
N GLY D 192 10.82 -9.91 -22.46
CA GLY D 192 12.25 -9.80 -22.26
C GLY D 192 12.89 -11.01 -21.63
N PHE D 193 12.09 -11.96 -21.16
CA PHE D 193 12.54 -13.23 -20.61
C PHE D 193 11.75 -14.35 -21.29
N ALA D 194 12.05 -15.58 -20.92
CA ALA D 194 11.32 -16.75 -21.42
C ALA D 194 11.67 -17.94 -20.55
N ILE D 195 11.06 -19.08 -20.85
CA ILE D 195 11.33 -20.33 -20.15
C ILE D 195 11.79 -21.34 -21.19
N LEU D 196 12.77 -22.17 -20.81
CA LEU D 196 13.35 -23.16 -21.70
C LEU D 196 13.03 -24.56 -21.20
N LYS D 197 12.56 -25.42 -22.09
CA LYS D 197 12.19 -26.79 -21.75
C LYS D 197 13.20 -27.74 -22.37
N CYS D 198 13.83 -28.56 -21.54
CA CYS D 198 14.82 -29.53 -21.99
C CYS D 198 14.11 -30.85 -22.24
N LYS D 199 13.95 -31.22 -23.51
CA LYS D 199 13.09 -32.33 -23.91
C LYS D 199 13.83 -33.63 -24.18
N ASP D 200 15.16 -33.65 -24.12
CA ASP D 200 15.89 -34.85 -24.54
C ASP D 200 15.59 -36.00 -23.58
N LYS D 201 15.38 -37.18 -24.16
CA LYS D 201 14.79 -38.30 -23.42
C LYS D 201 15.65 -38.72 -22.24
N LYS D 202 16.90 -39.08 -22.49
CA LYS D 202 17.81 -39.45 -21.41
C LYS D 202 18.60 -38.22 -21.02
N PHE D 203 18.25 -37.63 -19.88
CA PHE D 203 18.79 -36.37 -19.41
C PHE D 203 18.97 -36.47 -17.91
N ASN D 204 20.20 -36.24 -17.43
CA ASN D 204 20.47 -36.36 -16.01
C ASN D 204 20.28 -35.05 -15.25
N GLY D 205 19.84 -33.99 -15.92
CA GLY D 205 19.55 -32.73 -15.29
C GLY D 205 20.71 -31.77 -15.19
N THR D 206 21.94 -32.27 -15.23
CA THR D 206 23.12 -31.43 -15.19
C THR D 206 23.78 -31.38 -16.57
N GLY D 207 24.87 -30.63 -16.66
CA GLY D 207 25.60 -30.49 -17.90
C GLY D 207 24.78 -29.80 -18.97
N PRO D 208 25.20 -29.92 -20.23
CA PRO D 208 24.46 -29.32 -21.33
C PRO D 208 23.22 -30.13 -21.68
N CYS D 209 22.24 -29.43 -22.25
CA CYS D 209 21.01 -30.07 -22.69
C CYS D 209 20.96 -30.11 -24.21
N PRO D 210 20.88 -31.29 -24.82
CA PRO D 210 20.85 -31.34 -26.30
C PRO D 210 19.59 -30.74 -26.89
N SER D 211 18.42 -31.02 -26.32
CA SER D 211 17.14 -30.60 -26.89
C SER D 211 16.64 -29.38 -26.12
N VAL D 212 16.69 -28.22 -26.75
CA VAL D 212 16.35 -26.95 -26.09
C VAL D 212 15.19 -26.33 -26.84
N SER D 213 14.06 -26.17 -26.15
CA SER D 213 12.88 -25.51 -26.69
C SER D 213 12.36 -24.50 -25.69
N THR D 214 11.88 -23.36 -26.19
CA THR D 214 11.44 -22.26 -25.34
C THR D 214 9.92 -22.20 -25.28
N VAL D 215 9.41 -21.96 -24.06
CA VAL D 215 7.98 -21.75 -23.82
C VAL D 215 7.83 -20.56 -22.88
N GLN D 216 6.65 -19.97 -22.88
CA GLN D 216 6.34 -18.91 -21.94
C GLN D 216 5.66 -19.41 -20.67
N CYS D 217 5.30 -20.69 -20.60
CA CYS D 217 4.66 -21.26 -19.41
C CYS D 217 5.02 -22.73 -19.31
N THR D 218 5.06 -23.24 -18.08
CA THR D 218 5.32 -24.66 -17.87
C THR D 218 4.06 -25.47 -18.18
N HIS D 219 4.18 -26.79 -18.05
CA HIS D 219 3.01 -27.66 -18.15
C HIS D 219 2.23 -27.60 -16.84
N GLY D 220 1.14 -28.36 -16.76
CA GLY D 220 0.35 -28.40 -15.55
C GLY D 220 1.16 -29.02 -14.42
N ILE D 221 1.38 -28.27 -13.35
CA ILE D 221 2.14 -28.73 -12.20
C ILE D 221 1.25 -28.60 -10.98
N LYS D 222 0.82 -29.73 -10.44
CA LYS D 222 0.12 -29.72 -9.17
C LYS D 222 1.12 -29.48 -8.06
N PRO D 223 1.04 -28.38 -7.32
CA PRO D 223 1.95 -28.20 -6.18
C PRO D 223 1.60 -29.21 -5.09
N VAL D 224 1.92 -30.47 -5.35
CA VAL D 224 1.56 -31.53 -4.41
C VAL D 224 2.39 -31.35 -3.16
N VAL D 225 1.72 -31.21 -2.02
CA VAL D 225 2.40 -31.11 -0.74
C VAL D 225 2.49 -32.55 -0.23
N SER D 226 3.67 -33.13 -0.30
CA SER D 226 3.83 -34.55 -0.04
C SER D 226 5.29 -34.84 0.26
N THR D 227 5.52 -35.99 0.91
CA THR D 227 6.85 -36.43 1.26
C THR D 227 7.01 -37.91 0.93
N GLN D 228 8.24 -38.28 0.57
CA GLN D 228 8.68 -39.66 0.32
C GLN D 228 8.17 -40.22 -1.01
N LEU D 229 7.15 -39.59 -1.58
CA LEU D 229 6.57 -40.05 -2.83
C LEU D 229 6.00 -38.86 -3.58
N LEU D 230 6.05 -38.92 -4.90
CA LEU D 230 5.51 -37.88 -5.76
C LEU D 230 4.30 -38.44 -6.52
N LEU D 231 3.23 -37.66 -6.57
CA LEU D 231 1.98 -38.08 -7.17
C LEU D 231 1.57 -37.12 -8.26
N ASN D 232 0.93 -37.67 -9.31
CA ASN D 232 0.20 -36.93 -10.33
C ASN D 232 1.10 -36.13 -11.28
N GLY D 233 2.43 -36.15 -11.10
CA GLY D 233 3.32 -35.31 -11.88
C GLY D 233 3.65 -35.87 -13.25
N SER D 234 4.80 -35.42 -13.77
CA SER D 234 5.26 -35.79 -15.10
C SER D 234 5.99 -37.14 -15.10
N LEU D 235 5.91 -37.83 -16.23
CA LEU D 235 6.58 -39.11 -16.45
C LEU D 235 7.79 -38.94 -17.34
N ALA D 236 8.79 -39.79 -17.12
CA ALA D 236 10.01 -39.80 -17.93
C ALA D 236 9.75 -40.56 -19.23
N GLU D 237 10.81 -40.75 -20.02
CA GLU D 237 10.71 -41.42 -21.31
C GLU D 237 11.81 -42.47 -21.44
N GLU D 238 11.50 -43.54 -22.17
CA GLU D 238 12.45 -44.64 -22.45
C GLU D 238 12.89 -45.23 -21.11
N GLU D 239 14.19 -45.32 -20.83
CA GLU D 239 14.65 -45.81 -19.54
C GLU D 239 14.18 -44.88 -18.43
N VAL D 240 14.04 -45.44 -17.23
CA VAL D 240 13.73 -44.58 -16.07
C VAL D 240 14.99 -43.78 -15.74
N MET D 241 14.85 -42.46 -15.70
CA MET D 241 16.01 -41.59 -15.66
C MET D 241 16.49 -41.39 -14.23
N ILE D 242 17.82 -41.35 -14.07
CA ILE D 242 18.46 -41.17 -12.77
C ILE D 242 19.10 -39.79 -12.76
N ARG D 243 18.61 -38.90 -11.91
CA ARG D 243 19.09 -37.54 -11.82
C ARG D 243 19.57 -37.23 -10.41
N SER D 244 20.81 -36.77 -10.29
CA SER D 244 21.35 -36.31 -9.03
C SER D 244 22.33 -35.18 -9.31
N GLU D 245 22.34 -34.17 -8.42
CA GLU D 245 23.32 -33.10 -8.55
C GLU D 245 24.73 -33.67 -8.49
N ASN D 246 25.04 -34.36 -7.41
CA ASN D 246 26.31 -35.06 -7.27
C ASN D 246 26.04 -36.41 -6.60
N ILE D 247 26.38 -37.50 -7.28
CA ILE D 247 26.11 -38.82 -6.73
C ILE D 247 27.21 -39.32 -5.80
N THR D 248 28.40 -38.73 -5.86
CA THR D 248 29.45 -39.14 -4.93
C THR D 248 29.15 -38.73 -3.50
N ASN D 249 28.31 -37.71 -3.32
CA ASN D 249 27.86 -37.32 -2.00
C ASN D 249 26.58 -38.07 -1.67
N ASN D 250 26.64 -38.87 -0.60
CA ASN D 250 25.43 -39.55 -0.13
C ASN D 250 24.41 -38.56 0.39
N ALA D 251 24.85 -37.42 0.93
CA ALA D 251 23.95 -36.49 1.59
C ALA D 251 23.01 -35.83 0.59
N LYS D 252 23.49 -35.50 -0.60
CA LYS D 252 22.65 -34.88 -1.61
C LYS D 252 21.57 -35.85 -2.07
N ASN D 253 20.32 -35.37 -2.09
CA ASN D 253 19.20 -36.21 -2.48
C ASN D 253 19.28 -36.55 -3.97
N ILE D 254 18.73 -37.71 -4.32
CA ILE D 254 18.72 -38.21 -5.69
C ILE D 254 17.26 -38.39 -6.11
N LEU D 255 16.92 -37.88 -7.29
CA LEU D 255 15.55 -37.90 -7.78
C LEU D 255 15.44 -38.82 -9.01
N VAL D 256 14.30 -39.50 -9.12
CA VAL D 256 14.03 -40.42 -10.21
C VAL D 256 12.72 -40.01 -10.88
N GLN D 257 12.54 -40.46 -12.12
CA GLN D 257 11.34 -40.16 -12.89
C GLN D 257 10.91 -41.42 -13.63
N PHE D 258 9.64 -41.78 -13.49
CA PHE D 258 9.12 -43.01 -14.08
C PHE D 258 8.74 -42.79 -15.54
N ASN D 259 8.96 -43.83 -16.35
CA ASN D 259 8.26 -43.91 -17.63
C ASN D 259 6.89 -44.57 -17.51
N THR D 260 6.65 -45.31 -16.42
CA THR D 260 5.39 -45.99 -16.18
C THR D 260 4.73 -45.46 -14.91
N PRO D 261 3.54 -44.87 -14.98
CA PRO D 261 2.88 -44.43 -13.76
C PRO D 261 2.39 -45.61 -12.93
N VAL D 262 2.35 -45.42 -11.62
CA VAL D 262 2.00 -46.47 -10.67
C VAL D 262 0.72 -46.06 -9.96
N GLN D 263 -0.19 -47.03 -9.81
CA GLN D 263 -1.50 -46.80 -9.21
C GLN D 263 -1.44 -46.99 -7.70
N ILE D 264 -2.19 -46.15 -6.99
CA ILE D 264 -2.37 -46.32 -5.55
C ILE D 264 -3.76 -45.83 -5.18
N ASN D 265 -4.43 -46.57 -4.28
CA ASN D 265 -5.75 -46.24 -3.78
C ASN D 265 -5.63 -45.94 -2.29
N CYS D 266 -5.76 -44.68 -1.91
CA CYS D 266 -5.67 -44.28 -0.51
C CYS D 266 -7.07 -44.04 0.04
N THR D 267 -7.34 -44.58 1.22
CA THR D 267 -8.66 -44.51 1.82
C THR D 267 -8.54 -44.20 3.31
N ARG D 268 -9.48 -43.40 3.82
CA ARG D 268 -9.77 -43.39 5.24
C ARG D 268 -11.09 -44.13 5.41
N PRO D 269 -11.07 -45.40 5.85
CA PRO D 269 -12.31 -46.19 5.85
C PRO D 269 -13.30 -45.78 6.92
N ASN D 270 -12.87 -45.06 7.95
CA ASN D 270 -13.78 -44.63 8.98
C ASN D 270 -14.78 -43.61 8.43
N ASN D 271 -16.01 -43.68 8.93
CA ASN D 271 -17.07 -42.77 8.49
C ASN D 271 -17.18 -41.70 9.58
N ASN D 272 -16.62 -40.53 9.30
CA ASN D 272 -16.46 -39.47 10.28
C ASN D 272 -17.71 -38.61 10.39
N THR D 273 -17.86 -37.99 11.56
CA THR D 273 -18.84 -36.93 11.79
C THR D 273 -18.08 -35.64 12.08
N ARG D 274 -18.55 -34.52 11.53
CA ARG D 274 -17.96 -33.21 11.79
C ARG D 274 -18.88 -32.43 12.70
N LYS D 275 -18.43 -32.19 13.94
CA LYS D 275 -19.18 -31.38 14.90
C LYS D 275 -18.68 -29.95 14.80
N SER D 276 -19.57 -29.06 14.35
CA SER D 276 -19.27 -27.63 14.24
C SER D 276 -19.77 -26.98 15.52
N ILE D 277 -18.84 -26.47 16.31
CA ILE D 277 -19.15 -25.87 17.60
C ILE D 277 -18.85 -24.39 17.54
N ARG D 278 -19.69 -23.58 18.18
CA ARG D 278 -19.65 -22.13 18.01
C ARG D 278 -18.73 -21.49 19.05
N ILE D 279 -17.56 -21.03 18.59
CA ILE D 279 -16.64 -20.22 19.39
C ILE D 279 -16.76 -18.73 19.05
N GLY D 280 -17.75 -18.35 18.27
CA GLY D 280 -17.82 -17.02 17.65
C GLY D 280 -18.10 -15.87 18.59
N PRO D 281 -18.67 -14.76 18.07
CA PRO D 281 -19.30 -14.58 16.76
C PRO D 281 -18.34 -14.56 15.57
N GLY D 282 -18.74 -15.28 14.52
CA GLY D 282 -17.99 -15.40 13.29
C GLY D 282 -16.93 -16.47 13.31
N GLN D 283 -16.41 -16.79 14.51
CA GLN D 283 -15.57 -17.94 14.74
C GLN D 283 -16.42 -19.20 14.99
N ALA D 284 -15.81 -20.35 14.75
CA ALA D 284 -16.40 -21.65 15.03
C ALA D 284 -15.35 -22.71 14.75
N PHE D 285 -15.54 -23.89 15.34
CA PHE D 285 -14.56 -24.96 15.28
C PHE D 285 -15.25 -26.24 14.83
N TYR D 286 -14.64 -26.92 13.87
CA TYR D 286 -15.21 -28.13 13.29
C TYR D 286 -14.47 -29.32 13.91
N ALA D 287 -15.16 -30.05 14.78
CA ALA D 287 -14.57 -31.13 15.53
C ALA D 287 -14.86 -32.45 14.82
N THR D 288 -14.37 -33.54 15.41
CA THR D 288 -14.59 -34.88 14.88
C THR D 288 -15.64 -35.58 15.72
N GLY D 289 -16.67 -36.11 15.07
CA GLY D 289 -17.68 -36.89 15.75
C GLY D 289 -17.33 -38.35 15.82
N ASP D 290 -18.25 -39.13 16.39
CA ASP D 290 -18.01 -40.55 16.58
C ASP D 290 -18.15 -41.29 15.26
N ILE D 291 -17.26 -42.27 15.04
CA ILE D 291 -17.31 -43.08 13.84
C ILE D 291 -18.62 -43.85 13.81
N ILE D 292 -19.20 -43.98 12.63
CA ILE D 292 -20.48 -44.65 12.44
C ILE D 292 -20.18 -46.06 11.93
N GLY D 293 -20.42 -47.06 12.77
CA GLY D 293 -20.17 -48.43 12.39
C GLY D 293 -18.77 -48.95 12.59
N ASP D 294 -18.32 -49.81 11.67
CA ASP D 294 -17.06 -50.51 11.80
C ASP D 294 -15.91 -49.54 12.05
N ILE D 295 -15.05 -49.92 12.99
CA ILE D 295 -13.81 -49.18 13.26
C ILE D 295 -12.72 -49.81 12.42
N ARG D 296 -12.25 -49.08 11.42
CA ARG D 296 -11.14 -49.46 10.57
C ARG D 296 -10.07 -48.39 10.66
N GLN D 297 -9.00 -48.54 9.89
CA GLN D 297 -7.92 -47.57 9.89
C GLN D 297 -7.44 -47.33 8.46
N ALA D 298 -6.86 -46.16 8.25
CA ALA D 298 -6.46 -45.73 6.91
C ALA D 298 -5.39 -46.66 6.35
N HIS D 299 -5.31 -46.69 5.02
CA HIS D 299 -4.44 -47.61 4.31
C HIS D 299 -4.50 -47.28 2.83
N CYS D 300 -3.50 -47.77 2.10
CA CYS D 300 -3.41 -47.58 0.66
C CYS D 300 -2.85 -48.85 0.03
N ASN D 301 -3.38 -49.21 -1.13
CA ASN D 301 -3.02 -50.45 -1.81
C ASN D 301 -2.17 -50.16 -3.05
N VAL D 302 -1.22 -51.06 -3.31
CA VAL D 302 -0.31 -50.94 -4.44
C VAL D 302 -0.05 -52.33 -5.01
N SER D 303 -0.08 -52.44 -6.34
CA SER D 303 0.11 -53.74 -6.98
C SER D 303 1.52 -54.25 -6.77
N LYS D 304 1.63 -55.51 -6.32
CA LYS D 304 2.94 -56.10 -6.06
C LYS D 304 3.63 -56.56 -7.35
N ALA D 305 2.85 -56.84 -8.40
CA ALA D 305 3.44 -57.38 -9.63
C ALA D 305 4.21 -56.29 -10.38
N THR D 306 3.51 -55.24 -10.81
CA THR D 306 4.18 -54.10 -11.43
C THR D 306 5.23 -53.51 -10.50
N TRP D 307 5.08 -53.68 -9.20
CA TRP D 307 6.09 -53.21 -8.25
C TRP D 307 7.37 -54.00 -8.40
N ASN D 308 7.29 -55.34 -8.34
CA ASN D 308 8.47 -56.17 -8.50
C ASN D 308 9.15 -55.91 -9.84
N GLU D 309 8.36 -55.76 -10.92
CA GLU D 309 8.94 -55.46 -12.22
C GLU D 309 9.55 -54.05 -12.25
N THR D 310 8.95 -53.10 -11.53
CA THR D 310 9.52 -51.77 -11.46
C THR D 310 10.92 -51.81 -10.85
N LEU D 311 11.11 -52.61 -9.80
CA LEU D 311 12.42 -52.68 -9.16
C LEU D 311 13.42 -53.42 -10.05
N GLY D 312 12.92 -54.33 -10.90
CA GLY D 312 13.80 -54.98 -11.86
C GLY D 312 14.23 -54.05 -12.98
N LYS D 313 13.29 -53.29 -13.53
CA LYS D 313 13.64 -52.30 -14.55
C LYS D 313 14.50 -51.19 -13.97
N VAL D 314 14.34 -50.88 -12.68
CA VAL D 314 15.18 -49.87 -12.05
C VAL D 314 16.59 -50.40 -11.83
N VAL D 315 16.70 -51.62 -11.28
CA VAL D 315 18.01 -52.16 -10.94
C VAL D 315 18.86 -52.39 -12.19
N LYS D 316 18.24 -52.55 -13.35
CA LYS D 316 19.00 -52.62 -14.59
C LYS D 316 19.54 -51.24 -14.97
N GLN D 317 18.85 -50.17 -14.58
CA GLN D 317 19.31 -48.83 -14.87
C GLN D 317 20.41 -48.36 -13.91
N LEU D 318 20.40 -48.88 -12.68
CA LEU D 318 21.47 -48.53 -11.74
C LEU D 318 22.78 -49.17 -12.14
N ARG D 319 22.74 -50.35 -12.75
CA ARG D 319 23.94 -51.06 -13.20
C ARG D 319 24.58 -50.42 -14.42
N LYS D 320 24.01 -49.36 -14.99
CA LYS D 320 24.80 -48.55 -15.90
C LYS D 320 25.70 -47.59 -15.16
N HIS D 321 25.17 -46.94 -14.12
CA HIS D 321 25.97 -46.00 -13.33
C HIS D 321 26.79 -46.69 -12.24
N PHE D 322 26.32 -47.80 -11.69
CA PHE D 322 27.02 -48.47 -10.60
C PHE D 322 27.23 -49.94 -10.94
N GLY D 323 28.46 -50.31 -11.27
CA GLY D 323 28.85 -51.70 -11.49
C GLY D 323 28.22 -52.24 -12.74
N ASN D 324 28.77 -53.29 -13.35
CA ASN D 324 27.94 -54.03 -14.29
C ASN D 324 27.08 -55.07 -13.55
N ASN D 325 27.67 -55.76 -12.58
CA ASN D 325 26.97 -56.73 -11.74
C ASN D 325 27.34 -56.42 -10.29
N THR D 326 26.34 -56.13 -9.46
CA THR D 326 26.58 -55.81 -8.05
C THR D 326 25.35 -56.24 -7.25
N ILE D 327 25.29 -55.81 -5.99
CA ILE D 327 24.19 -56.12 -5.09
C ILE D 327 23.48 -54.82 -4.72
N ILE D 328 22.15 -54.87 -4.65
CA ILE D 328 21.33 -53.71 -4.30
C ILE D 328 20.31 -54.15 -3.26
N ARG D 329 20.27 -53.43 -2.13
CA ARG D 329 19.40 -53.76 -1.01
C ARG D 329 18.51 -52.56 -0.70
N PHE D 330 17.27 -52.86 -0.32
CA PHE D 330 16.32 -51.85 0.09
C PHE D 330 16.01 -52.09 1.56
N ALA D 331 15.94 -51.01 2.35
CA ALA D 331 15.61 -51.10 3.76
C ALA D 331 14.77 -49.89 4.15
N ASN D 332 14.08 -49.98 5.28
CA ASN D 332 13.20 -48.88 5.67
C ASN D 332 14.02 -47.72 6.20
N SER D 333 13.36 -46.63 6.57
CA SER D 333 14.02 -45.35 6.78
C SER D 333 14.85 -45.37 8.06
N SER D 334 15.47 -44.23 8.38
CA SER D 334 16.35 -44.13 9.53
C SER D 334 15.66 -43.44 10.70
N GLY D 335 15.48 -42.13 10.61
CA GLY D 335 14.84 -41.40 11.70
C GLY D 335 14.69 -39.93 11.36
N GLY D 336 13.82 -39.28 12.10
CA GLY D 336 13.55 -37.87 11.91
C GLY D 336 12.12 -37.54 12.34
N ASP D 337 11.62 -36.41 11.85
CA ASP D 337 10.24 -36.06 12.14
C ASP D 337 9.30 -37.04 11.44
N LEU D 338 8.07 -37.10 11.94
CA LEU D 338 7.07 -37.97 11.32
C LEU D 338 6.78 -37.54 9.89
N GLU D 339 6.96 -36.26 9.57
CA GLU D 339 6.76 -35.79 8.20
C GLU D 339 7.81 -36.32 7.23
N VAL D 340 8.92 -36.85 7.76
CA VAL D 340 9.97 -37.46 6.94
C VAL D 340 9.86 -38.97 7.02
N THR D 341 9.98 -39.51 8.24
CA THR D 341 9.96 -40.95 8.45
C THR D 341 8.74 -41.63 7.85
N THR D 342 7.64 -40.89 7.66
CA THR D 342 6.44 -41.42 7.04
C THR D 342 6.09 -40.58 5.81
N HIS D 343 5.03 -40.99 5.12
CA HIS D 343 4.60 -40.36 3.87
C HIS D 343 3.47 -39.39 4.17
N SER D 344 3.71 -38.10 3.96
CA SER D 344 2.73 -37.06 4.19
C SER D 344 2.11 -36.62 2.87
N PHE D 345 0.83 -36.25 2.93
CA PHE D 345 0.09 -35.71 1.81
C PHE D 345 -1.34 -35.45 2.28
N ASN D 346 -2.04 -34.60 1.53
CA ASN D 346 -3.45 -34.32 1.80
C ASN D 346 -4.30 -35.22 0.91
N CYS D 347 -5.13 -36.05 1.53
CA CYS D 347 -6.11 -36.83 0.77
C CYS D 347 -7.47 -36.19 1.05
N GLY D 348 -7.82 -35.24 0.20
CA GLY D 348 -9.10 -34.58 -0.06
C GLY D 348 -9.57 -33.51 0.90
N GLY D 349 -9.51 -33.79 2.21
CA GLY D 349 -9.36 -32.77 3.22
C GLY D 349 -8.24 -33.02 4.21
N GLU D 350 -7.75 -34.25 4.24
CA GLU D 350 -7.04 -34.78 5.41
C GLU D 350 -5.62 -35.16 5.04
N PHE D 351 -4.74 -35.07 6.02
CA PHE D 351 -3.32 -35.31 5.81
C PHE D 351 -2.95 -36.66 6.38
N PHE D 352 -2.57 -37.58 5.49
CA PHE D 352 -2.28 -38.96 5.86
C PHE D 352 -0.78 -39.14 6.09
N TYR D 353 -0.45 -39.99 7.06
CA TYR D 353 0.94 -40.35 7.35
C TYR D 353 1.03 -41.87 7.42
N CYS D 354 1.77 -42.47 6.49
CA CYS D 354 1.72 -43.90 6.24
C CYS D 354 3.05 -44.58 6.56
N ASN D 355 2.95 -45.82 7.04
CA ASN D 355 4.13 -46.65 7.30
C ASN D 355 4.59 -47.28 6.00
N THR D 356 5.81 -46.96 5.58
CA THR D 356 6.41 -47.58 4.39
C THR D 356 7.56 -48.47 4.86
N SER D 357 7.34 -49.77 4.83
CA SER D 357 8.36 -50.73 5.27
C SER D 357 8.49 -51.85 4.25
N GLY D 358 7.42 -52.63 4.09
CA GLY D 358 7.42 -53.81 3.23
C GLY D 358 7.69 -53.52 1.76
N LEU D 359 7.44 -52.29 1.31
CA LEU D 359 7.87 -51.92 -0.05
C LEU D 359 9.37 -52.15 -0.22
N PHE D 360 10.15 -51.74 0.77
CA PHE D 360 11.60 -51.72 0.72
C PHE D 360 12.24 -52.93 1.40
N ASN D 361 11.50 -54.03 1.59
CA ASN D 361 12.10 -55.23 2.15
C ASN D 361 12.55 -56.08 0.96
N SER D 362 13.83 -55.96 0.62
CA SER D 362 14.38 -56.63 -0.57
C SER D 362 15.90 -56.66 -0.52
N THR D 363 16.48 -57.64 -1.24
CA THR D 363 17.89 -57.66 -1.57
C THR D 363 18.02 -58.20 -2.99
N TRP D 364 18.63 -57.42 -3.88
CA TRP D 364 18.76 -57.74 -5.29
C TRP D 364 20.23 -57.92 -5.65
N ILE D 365 20.51 -58.86 -6.55
CA ILE D 365 21.90 -59.02 -6.98
C ILE D 365 22.08 -58.71 -8.46
N SER D 366 21.93 -59.71 -9.32
CA SER D 366 22.16 -59.40 -10.74
C SER D 366 21.11 -59.99 -11.66
N ASN D 367 21.15 -61.32 -11.82
CA ASN D 367 20.24 -62.00 -12.72
C ASN D 367 19.26 -62.85 -11.94
N ASN D 379 -0.47 -64.15 -7.67
CA ASN D 379 -0.82 -62.81 -8.14
C ASN D 379 -1.63 -62.06 -7.10
N ASP D 380 -1.02 -61.06 -6.48
CA ASP D 380 -1.69 -60.23 -5.48
C ASP D 380 -0.99 -58.89 -5.41
N SER D 381 -1.37 -58.07 -4.42
CA SER D 381 -0.85 -56.71 -4.28
C SER D 381 -0.38 -56.46 -2.85
N ILE D 382 -0.01 -55.20 -2.55
CA ILE D 382 0.51 -54.86 -1.24
C ILE D 382 -0.48 -53.94 -0.52
N THR D 383 -0.19 -53.60 0.73
CA THR D 383 -1.01 -52.71 1.52
C THR D 383 -0.12 -52.03 2.56
N LEU D 384 -0.45 -50.78 2.89
CA LEU D 384 0.35 -50.03 3.84
C LEU D 384 -0.53 -49.44 4.93
N PRO D 385 -0.08 -49.42 6.18
CA PRO D 385 -0.82 -48.72 7.24
C PRO D 385 -0.62 -47.22 7.13
N CYS D 386 -1.61 -46.48 7.64
CA CYS D 386 -1.58 -45.03 7.54
C CYS D 386 -2.20 -44.42 8.79
N ARG D 387 -1.82 -43.16 9.05
CA ARG D 387 -2.34 -42.37 10.16
C ARG D 387 -2.72 -40.99 9.65
N ILE D 388 -3.68 -40.37 10.34
CA ILE D 388 -4.14 -39.02 10.00
C ILE D 388 -3.78 -38.09 11.15
N LYS D 389 -3.29 -36.89 10.80
CA LYS D 389 -2.95 -35.86 11.77
C LYS D 389 -3.53 -34.54 11.29
N GLN D 390 -4.24 -33.85 12.17
CA GLN D 390 -4.95 -32.61 11.84
C GLN D 390 -4.07 -31.38 12.06
N ILE D 391 -3.65 -31.15 13.32
CA ILE D 391 -2.67 -30.11 13.60
C ILE D 391 -1.42 -30.39 12.79
N ILE D 392 -1.01 -29.41 11.98
CA ILE D 392 0.17 -29.55 11.13
C ILE D 392 0.94 -28.24 11.10
N ASN D 393 2.23 -28.33 11.39
CA ASN D 393 3.16 -27.20 11.35
C ASN D 393 3.91 -27.10 10.02
N MET D 394 3.47 -27.82 8.99
CA MET D 394 4.33 -28.18 7.85
C MET D 394 5.11 -26.98 7.32
N TRP D 395 6.32 -27.27 6.86
CA TRP D 395 7.43 -26.33 6.69
C TRP D 395 7.90 -25.78 8.02
N GLN D 396 7.57 -26.45 9.11
CA GLN D 396 8.28 -26.37 10.39
C GLN D 396 8.26 -24.98 11.03
N ARG D 397 7.76 -23.97 10.33
CA ARG D 397 7.84 -22.61 10.85
C ARG D 397 7.09 -22.50 12.16
N ILE D 398 7.79 -22.08 13.21
CA ILE D 398 7.21 -22.07 14.54
C ILE D 398 6.50 -20.73 14.73
N GLY D 399 5.79 -20.58 15.84
CA GLY D 399 4.96 -19.41 16.08
C GLY D 399 3.62 -19.45 15.39
N GLN D 400 3.46 -20.26 14.35
CA GLN D 400 2.18 -20.42 13.66
C GLN D 400 2.01 -21.89 13.30
N ALA D 401 0.97 -22.52 13.81
CA ALA D 401 0.56 -23.87 13.41
C ALA D 401 -0.70 -23.79 12.55
N MET D 402 -1.18 -24.96 12.14
CA MET D 402 -2.47 -25.03 11.45
C MET D 402 -3.18 -26.32 11.82
N TYR D 403 -4.50 -26.26 11.83
CA TYR D 403 -5.36 -27.41 12.09
C TYR D 403 -6.19 -27.71 10.85
N ALA D 404 -6.21 -28.97 10.45
CA ALA D 404 -6.98 -29.40 9.29
C ALA D 404 -8.32 -29.95 9.76
N PRO D 405 -9.44 -29.30 9.46
CA PRO D 405 -10.73 -29.81 9.92
C PRO D 405 -10.97 -31.20 9.38
N PRO D 406 -11.70 -32.04 10.13
CA PRO D 406 -11.98 -33.39 9.65
C PRO D 406 -13.02 -33.37 8.55
N ILE D 407 -12.92 -34.36 7.67
CA ILE D 407 -13.84 -34.49 6.54
C ILE D 407 -14.84 -35.58 6.87
N GLN D 408 -16.11 -35.33 6.55
CA GLN D 408 -17.17 -36.25 6.91
C GLN D 408 -17.06 -37.53 6.10
N GLY D 409 -16.98 -38.65 6.81
CA GLY D 409 -17.13 -39.95 6.18
C GLY D 409 -15.85 -40.56 5.66
N VAL D 410 -16.06 -41.60 4.84
CA VAL D 410 -14.96 -42.34 4.24
C VAL D 410 -14.29 -41.46 3.20
N ILE D 411 -12.99 -41.26 3.34
CA ILE D 411 -12.20 -40.49 2.39
C ILE D 411 -11.54 -41.47 1.43
N ARG D 412 -11.56 -41.15 0.14
CA ARG D 412 -10.85 -41.93 -0.86
C ARG D 412 -10.22 -41.01 -1.88
N CYS D 413 -8.95 -41.24 -2.18
CA CYS D 413 -8.23 -40.53 -3.22
C CYS D 413 -7.33 -41.51 -3.95
N VAL D 414 -7.33 -41.42 -5.28
CA VAL D 414 -6.50 -42.26 -6.14
C VAL D 414 -5.38 -41.40 -6.68
N SER D 415 -4.14 -41.89 -6.57
CA SER D 415 -2.98 -41.12 -6.97
C SER D 415 -2.13 -41.94 -7.93
N ASN D 416 -1.37 -41.23 -8.77
CA ASN D 416 -0.49 -41.84 -9.76
C ASN D 416 0.93 -41.38 -9.48
N ILE D 417 1.83 -42.34 -9.26
CA ILE D 417 3.15 -42.07 -8.70
C ILE D 417 4.13 -41.82 -9.84
N THR D 418 4.57 -40.58 -9.99
CA THR D 418 5.48 -40.19 -11.06
C THR D 418 6.92 -39.96 -10.63
N GLY D 419 7.26 -40.06 -9.35
CA GLY D 419 8.62 -39.68 -8.96
C GLY D 419 9.01 -40.18 -7.59
N LEU D 420 10.31 -40.01 -7.30
CA LEU D 420 10.90 -40.53 -6.07
C LEU D 420 12.07 -39.66 -5.63
N ILE D 421 12.40 -39.78 -4.34
CA ILE D 421 13.53 -39.12 -3.71
C ILE D 421 14.21 -40.12 -2.77
N LEU D 422 15.54 -40.23 -2.86
CA LEU D 422 16.28 -41.24 -2.10
C LEU D 422 17.62 -40.67 -1.64
N THR D 423 18.21 -41.35 -0.66
CA THR D 423 19.53 -41.07 -0.12
C THR D 423 20.31 -42.38 -0.07
N ARG D 424 21.61 -42.25 0.11
CA ARG D 424 22.51 -43.39 0.16
C ARG D 424 23.08 -43.52 1.57
N ASP D 425 23.72 -44.68 1.78
CA ASP D 425 24.31 -45.09 3.05
C ASP D 425 25.71 -44.54 3.29
N GLY D 426 26.68 -45.41 3.58
CA GLY D 426 27.98 -44.83 3.81
C GLY D 426 29.18 -45.70 3.47
N GLY D 427 30.42 -45.62 3.96
CA GLY D 427 31.48 -46.45 3.46
C GLY D 427 31.22 -47.93 3.68
N SER D 428 30.87 -48.29 4.91
CA SER D 428 30.57 -49.67 5.25
C SER D 428 31.75 -50.57 4.87
N THR D 429 31.54 -51.44 3.90
CA THR D 429 32.55 -52.37 3.41
C THR D 429 32.82 -52.11 1.94
N ASN D 430 34.10 -52.20 1.57
CA ASN D 430 34.58 -51.76 0.27
C ASN D 430 33.93 -52.55 -0.85
N SER D 431 33.30 -51.84 -1.79
CA SER D 431 32.67 -52.44 -2.97
C SER D 431 31.84 -53.67 -2.62
N THR D 432 31.00 -53.54 -1.59
CA THR D 432 30.19 -54.67 -1.18
C THR D 432 28.72 -54.50 -1.53
N THR D 433 27.99 -53.68 -0.77
CA THR D 433 26.58 -53.50 -1.06
C THR D 433 26.13 -52.09 -0.67
N GLU D 434 25.27 -51.51 -1.50
CA GLU D 434 24.70 -50.21 -1.26
C GLU D 434 23.24 -50.34 -0.87
N THR D 435 22.85 -49.57 0.15
CA THR D 435 21.51 -49.60 0.70
C THR D 435 20.83 -48.27 0.44
N PHE D 436 19.51 -48.32 0.27
CA PHE D 436 18.72 -47.16 -0.06
C PHE D 436 17.45 -47.15 0.78
N ARG D 437 17.03 -45.93 1.14
CA ARG D 437 15.86 -45.73 2.01
C ARG D 437 15.15 -44.48 1.53
N PRO D 438 13.98 -44.14 2.11
CA PRO D 438 13.32 -42.88 1.77
C PRO D 438 14.15 -41.67 2.17
N GLY D 439 13.67 -40.47 1.86
CA GLY D 439 14.45 -39.30 2.19
C GLY D 439 13.70 -38.05 1.79
N GLY D 440 14.42 -36.93 1.85
CA GLY D 440 13.82 -35.64 1.55
C GLY D 440 13.13 -35.01 2.74
N GLY D 441 12.01 -34.34 2.48
CA GLY D 441 11.30 -33.55 3.47
C GLY D 441 11.43 -32.06 3.25
N ASP D 442 12.43 -31.64 2.49
CA ASP D 442 12.50 -30.27 2.00
C ASP D 442 11.69 -30.20 0.71
N MET D 443 10.61 -29.42 0.73
CA MET D 443 9.68 -29.41 -0.40
C MET D 443 10.29 -28.81 -1.66
N ARG D 444 11.48 -28.22 -1.57
CA ARG D 444 12.17 -27.79 -2.77
C ARG D 444 12.43 -28.96 -3.72
N ASP D 445 12.64 -30.16 -3.16
CA ASP D 445 12.78 -31.34 -4.00
C ASP D 445 11.48 -31.71 -4.69
N ASN D 446 10.34 -31.42 -4.06
CA ASN D 446 9.06 -31.69 -4.69
C ASN D 446 8.89 -30.89 -5.97
N TRP D 447 9.34 -29.63 -5.98
CA TRP D 447 9.19 -28.79 -7.16
C TRP D 447 10.24 -29.08 -8.22
N ARG D 448 11.39 -29.66 -7.83
CA ARG D 448 12.38 -30.07 -8.82
C ARG D 448 11.86 -31.17 -9.72
N SER D 449 10.80 -31.87 -9.30
CA SER D 449 10.29 -32.98 -10.09
C SER D 449 9.77 -32.52 -11.44
N GLU D 450 9.02 -31.42 -11.47
CA GLU D 450 8.51 -30.88 -12.71
C GLU D 450 9.39 -29.78 -13.30
N LEU D 451 10.35 -29.24 -12.54
CA LEU D 451 11.18 -28.13 -12.99
C LEU D 451 12.55 -28.56 -13.51
N TYR D 452 12.82 -29.87 -13.56
CA TYR D 452 14.14 -30.32 -13.99
C TYR D 452 14.48 -29.83 -15.39
N LYS D 453 13.49 -29.71 -16.26
CA LYS D 453 13.69 -29.33 -17.65
C LYS D 453 13.60 -27.82 -17.87
N TYR D 454 13.46 -27.02 -16.82
CA TYR D 454 13.19 -25.60 -16.94
C TYR D 454 14.35 -24.77 -16.38
N LYS D 455 14.41 -23.53 -16.85
CA LYS D 455 15.36 -22.50 -16.42
C LYS D 455 15.02 -21.20 -17.15
N VAL D 456 15.56 -20.09 -16.66
CA VAL D 456 15.19 -18.77 -17.14
C VAL D 456 16.44 -18.05 -17.68
N VAL D 457 16.22 -17.21 -18.69
CA VAL D 457 17.24 -16.35 -19.29
C VAL D 457 16.65 -14.98 -19.54
N LYS D 458 17.49 -14.06 -20.03
CA LYS D 458 17.06 -12.71 -20.37
C LYS D 458 17.66 -12.32 -21.71
N ILE D 459 16.94 -11.45 -22.43
CA ILE D 459 17.29 -11.10 -23.80
C ILE D 459 18.21 -9.90 -23.81
N GLU D 460 19.22 -9.92 -24.70
CA GLU D 460 20.07 -8.77 -25.00
C GLU D 460 19.85 -8.43 -26.47
N PRO D 461 18.74 -7.76 -26.79
CA PRO D 461 18.42 -7.51 -28.21
C PRO D 461 19.38 -6.56 -28.89
N LEU D 462 20.17 -5.80 -28.13
CA LEU D 462 21.20 -4.95 -28.69
C LEU D 462 22.47 -5.74 -28.91
N GLY D 463 23.13 -5.50 -30.03
CA GLY D 463 24.41 -6.13 -30.31
C GLY D 463 25.22 -5.26 -31.24
N VAL D 464 26.53 -5.43 -31.18
CA VAL D 464 27.46 -4.64 -31.98
C VAL D 464 28.43 -5.60 -32.65
N ALA D 465 28.43 -5.63 -33.98
CA ALA D 465 29.29 -6.48 -34.78
C ALA D 465 29.83 -5.69 -35.96
N PRO D 466 31.06 -5.94 -36.36
CA PRO D 466 31.66 -5.14 -37.44
C PRO D 466 31.18 -5.53 -38.81
N THR D 467 31.22 -4.55 -39.71
CA THR D 467 31.03 -4.75 -41.13
C THR D 467 31.56 -3.51 -41.83
N ARG D 468 31.47 -3.51 -43.16
CA ARG D 468 31.92 -2.37 -43.94
C ARG D 468 30.98 -1.18 -43.83
N CYS D 469 29.85 -1.31 -43.16
CA CYS D 469 28.88 -0.22 -43.08
C CYS D 469 29.37 0.90 -42.18
N LYS D 470 28.93 2.12 -42.50
CA LYS D 470 29.18 3.30 -41.69
C LYS D 470 28.03 4.27 -41.90
N ARG D 471 27.69 5.02 -40.87
CA ARG D 471 26.61 6.00 -40.96
C ARG D 471 27.11 7.24 -41.71
N ARG D 472 26.26 8.27 -41.74
CA ARG D 472 26.49 9.45 -42.57
C ARG D 472 27.31 10.48 -41.77
N VAL D 473 27.48 11.66 -42.36
CA VAL D 473 28.25 12.73 -41.72
C VAL D 473 27.30 13.81 -41.21
N ASN E 3 -5.00 2.93 -57.84
CA ASN E 3 -4.91 1.75 -57.00
C ASN E 3 -4.60 2.14 -55.55
N LEU E 4 -5.46 1.67 -54.65
CA LEU E 4 -5.36 2.04 -53.26
C LEU E 4 -4.29 1.22 -52.54
N TRP E 5 -3.74 1.80 -51.46
CA TRP E 5 -2.77 1.15 -50.61
C TRP E 5 -3.29 1.20 -49.18
N VAL E 6 -2.49 0.80 -48.21
CA VAL E 6 -2.84 0.98 -46.80
C VAL E 6 -2.00 2.11 -46.24
N THR E 7 -2.62 2.92 -45.38
CA THR E 7 -1.95 4.08 -44.79
C THR E 7 -2.33 4.17 -43.32
N VAL E 8 -1.31 4.27 -42.47
CA VAL E 8 -1.50 4.29 -41.02
C VAL E 8 -1.63 5.74 -40.56
N TYR E 9 -2.58 5.97 -39.65
CA TYR E 9 -2.78 7.29 -39.06
C TYR E 9 -2.87 7.13 -37.55
N TYR E 10 -1.99 7.82 -36.84
CA TYR E 10 -1.94 7.74 -35.38
C TYR E 10 -2.74 8.89 -34.76
N GLY E 11 -3.50 8.56 -33.73
CA GLY E 11 -4.37 9.53 -33.10
C GLY E 11 -5.61 9.83 -33.93
N VAL E 12 -6.25 8.78 -34.43
CA VAL E 12 -7.50 8.92 -35.16
C VAL E 12 -8.65 8.87 -34.16
N PRO E 13 -9.79 9.54 -34.46
CA PRO E 13 -10.96 9.52 -33.59
C PRO E 13 -11.73 8.20 -33.64
N VAL E 14 -11.00 7.10 -33.48
CA VAL E 14 -11.57 5.76 -33.39
C VAL E 14 -11.47 5.31 -31.94
N TRP E 15 -12.62 4.99 -31.34
CA TRP E 15 -12.65 4.42 -30.02
C TRP E 15 -13.45 3.13 -30.04
N LYS E 16 -13.17 2.26 -29.06
CA LYS E 16 -13.93 1.05 -28.84
C LYS E 16 -14.35 1.00 -27.38
N ASP E 17 -15.38 0.20 -27.10
CA ASP E 17 -15.96 0.14 -25.77
C ASP E 17 -15.22 -0.88 -24.92
N ALA E 18 -14.71 -0.43 -23.77
CA ALA E 18 -14.05 -1.31 -22.81
C ALA E 18 -14.23 -0.72 -21.42
N GLU E 19 -13.69 -1.39 -20.42
CA GLU E 19 -13.85 -0.99 -19.03
C GLU E 19 -12.57 -1.25 -18.26
N THR E 20 -12.33 -0.41 -17.26
CA THR E 20 -11.15 -0.51 -16.41
C THR E 20 -11.48 0.11 -15.06
N THR E 21 -10.45 0.29 -14.23
CA THR E 21 -10.65 0.84 -12.89
C THR E 21 -10.68 2.37 -12.96
N LEU E 22 -11.67 2.95 -12.29
CA LEU E 22 -11.82 4.41 -12.23
C LEU E 22 -11.28 4.90 -10.89
N PHE E 23 -11.39 6.22 -10.67
CA PHE E 23 -10.90 6.81 -9.43
C PHE E 23 -11.76 7.99 -9.04
N CYS E 24 -11.82 8.25 -7.73
CA CYS E 24 -12.73 9.19 -7.10
C CYS E 24 -12.23 10.63 -7.23
N ALA E 25 -13.18 11.57 -7.15
CA ALA E 25 -12.87 12.97 -6.87
C ALA E 25 -13.89 13.53 -5.90
N SER E 26 -13.44 13.93 -4.71
CA SER E 26 -14.27 14.43 -3.61
C SER E 26 -14.30 15.96 -3.53
N ASP E 27 -13.72 16.63 -4.51
CA ASP E 27 -13.26 18.03 -4.55
C ASP E 27 -12.24 18.26 -3.43
N ALA E 28 -12.12 19.51 -2.96
CA ALA E 28 -11.31 19.84 -1.78
C ALA E 28 -12.12 20.28 -0.57
N LYS E 29 -13.42 20.55 -0.71
CA LYS E 29 -14.13 21.20 0.39
C LYS E 29 -14.59 20.19 1.43
N ALA E 30 -15.14 19.07 0.98
CA ALA E 30 -15.48 17.99 1.89
C ALA E 30 -14.27 17.18 2.31
N TYR E 31 -13.11 17.40 1.67
CA TYR E 31 -11.87 16.84 2.17
C TYR E 31 -11.48 17.49 3.49
N GLU E 32 -11.73 18.79 3.63
CA GLU E 32 -11.45 19.51 4.86
C GLU E 32 -12.34 19.06 6.02
N THR E 33 -13.37 18.26 5.75
CA THR E 33 -14.19 17.74 6.83
C THR E 33 -13.37 16.91 7.79
N GLU E 34 -12.35 16.21 7.28
CA GLU E 34 -11.32 15.52 8.06
C GLU E 34 -11.94 14.69 9.18
N LYS E 35 -11.68 15.07 10.43
CA LYS E 35 -12.20 14.36 11.61
C LYS E 35 -11.73 12.91 11.63
N HIS E 36 -10.50 12.69 11.18
CA HIS E 36 -9.92 11.35 11.06
C HIS E 36 -10.78 10.47 10.16
N ASN E 37 -10.70 10.79 8.86
CA ASN E 37 -11.42 10.06 7.80
C ASN E 37 -12.94 10.16 7.98
N VAL E 38 -13.45 11.35 7.66
CA VAL E 38 -14.91 11.48 7.58
C VAL E 38 -15.39 10.68 6.38
N TRP E 39 -16.24 9.69 6.64
CA TRP E 39 -16.81 8.81 5.63
C TRP E 39 -15.74 8.37 4.64
N ALA E 40 -15.95 8.71 3.36
CA ALA E 40 -15.06 8.30 2.30
C ALA E 40 -13.77 9.09 2.36
N THR E 41 -13.86 10.40 2.10
CA THR E 41 -12.70 11.14 1.66
C THR E 41 -11.54 11.00 2.62
N HIS E 42 -10.46 10.40 2.13
CA HIS E 42 -9.19 10.30 2.82
C HIS E 42 -8.07 10.57 1.84
N ALA E 43 -7.88 9.64 0.91
CA ALA E 43 -6.90 9.72 -0.16
C ALA E 43 -7.48 10.23 -1.46
N CYS E 44 -8.75 10.64 -1.46
CA CYS E 44 -9.44 10.94 -2.71
C CYS E 44 -8.78 12.09 -3.45
N VAL E 45 -8.71 11.94 -4.78
CA VAL E 45 -8.11 12.92 -5.68
C VAL E 45 -9.03 14.13 -5.78
N PRO E 46 -8.49 15.34 -5.91
CA PRO E 46 -9.36 16.52 -6.07
C PRO E 46 -10.09 16.54 -7.41
N THR E 47 -11.23 17.22 -7.42
CA THR E 47 -12.01 17.42 -8.63
C THR E 47 -11.43 18.55 -9.48
N ASP E 48 -11.67 18.46 -10.79
CA ASP E 48 -11.26 19.51 -11.69
C ASP E 48 -11.94 20.83 -11.33
N PRO E 49 -11.19 21.92 -11.18
CA PRO E 49 -11.85 23.22 -10.92
C PRO E 49 -12.77 23.66 -12.04
N ASN E 50 -12.44 23.32 -13.28
CA ASN E 50 -13.27 23.59 -14.45
C ASN E 50 -13.61 22.24 -15.07
N PRO E 51 -14.71 21.61 -14.66
CA PRO E 51 -15.02 20.26 -15.15
C PRO E 51 -15.32 20.27 -16.65
N GLN E 52 -14.27 20.34 -17.46
CA GLN E 52 -14.40 20.51 -18.90
C GLN E 52 -15.31 19.43 -19.49
N GLU E 53 -16.34 19.88 -20.21
CA GLU E 53 -17.29 19.00 -20.88
C GLU E 53 -17.23 19.32 -22.37
N ILE E 54 -16.72 18.36 -23.15
CA ILE E 54 -16.52 18.53 -24.58
C ILE E 54 -17.59 17.73 -25.32
N HIS E 55 -18.27 18.38 -26.24
CA HIS E 55 -19.33 17.73 -27.02
C HIS E 55 -18.77 17.18 -28.32
N LEU E 56 -19.24 16.00 -28.69
CA LEU E 56 -18.84 15.34 -29.93
C LEU E 56 -20.02 15.31 -30.89
N GLU E 57 -19.74 15.57 -32.16
CA GLU E 57 -20.78 15.75 -33.17
C GLU E 57 -20.80 14.56 -34.12
N ASN E 58 -21.98 14.29 -34.68
CA ASN E 58 -22.23 13.19 -35.60
C ASN E 58 -21.91 11.83 -34.98
N VAL E 59 -21.98 11.72 -33.66
CA VAL E 59 -21.66 10.49 -32.95
C VAL E 59 -22.95 9.94 -32.37
N THR E 60 -23.36 8.78 -32.85
CA THR E 60 -24.51 8.06 -32.30
C THR E 60 -23.99 6.92 -31.44
N GLU E 61 -24.17 7.05 -30.13
CA GLU E 61 -23.65 6.09 -29.16
C GLU E 61 -24.80 5.47 -28.39
N GLU E 62 -24.76 4.15 -28.25
CA GLU E 62 -25.81 3.42 -27.55
C GLU E 62 -25.43 3.29 -26.08
N PHE E 63 -26.32 3.76 -25.20
CA PHE E 63 -26.05 3.81 -23.77
C PHE E 63 -26.89 2.78 -23.03
N ASN E 64 -26.27 2.13 -22.04
CA ASN E 64 -26.98 1.23 -21.13
C ASN E 64 -26.52 1.53 -19.72
N MET E 65 -27.45 1.97 -18.87
CA MET E 65 -27.15 2.22 -17.47
C MET E 65 -27.22 0.95 -16.62
N TRP E 66 -27.95 -0.07 -17.08
CA TRP E 66 -28.16 -1.27 -16.28
C TRP E 66 -27.00 -2.24 -16.37
N LYS E 67 -26.32 -2.30 -17.51
CA LYS E 67 -25.10 -3.07 -17.66
C LYS E 67 -23.86 -2.24 -17.41
N ASN E 68 -24.02 -0.98 -17.02
CA ASN E 68 -22.88 -0.10 -16.79
C ASN E 68 -22.02 -0.62 -15.64
N ASN E 69 -20.72 -0.77 -15.91
CA ASN E 69 -19.81 -1.39 -14.95
C ASN E 69 -19.40 -0.45 -13.82
N MET E 70 -19.47 0.86 -14.04
CA MET E 70 -19.06 1.82 -13.01
C MET E 70 -19.82 1.64 -11.71
N VAL E 71 -20.99 1.00 -11.76
CA VAL E 71 -21.79 0.81 -10.55
C VAL E 71 -21.15 -0.23 -9.64
N GLU E 72 -20.79 -1.39 -10.19
CA GLU E 72 -20.23 -2.46 -9.38
C GLU E 72 -18.96 -2.03 -8.66
N GLN E 73 -18.12 -1.24 -9.31
CA GLN E 73 -16.98 -0.63 -8.64
C GLN E 73 -17.44 0.19 -7.44
N MET E 74 -18.24 1.23 -7.69
CA MET E 74 -18.79 2.03 -6.60
C MET E 74 -19.46 1.17 -5.54
N HIS E 75 -20.06 0.05 -5.94
CA HIS E 75 -20.68 -0.84 -4.97
C HIS E 75 -19.65 -1.44 -4.04
N THR E 76 -18.51 -1.87 -4.57
CA THR E 76 -17.51 -2.56 -3.76
C THR E 76 -16.67 -1.59 -2.94
N ASP E 77 -16.31 -0.44 -3.53
CA ASP E 77 -15.43 0.50 -2.83
C ASP E 77 -16.06 0.96 -1.52
N ILE E 78 -17.35 1.28 -1.55
CA ILE E 78 -18.04 1.76 -0.35
C ILE E 78 -17.98 0.71 0.75
N ILE E 79 -18.03 -0.56 0.37
CA ILE E 79 -17.97 -1.64 1.36
C ILE E 79 -16.55 -1.81 1.88
N SER E 80 -15.55 -1.80 0.99
CA SER E 80 -14.17 -1.90 1.44
C SER E 80 -13.80 -0.69 2.29
N LEU E 81 -14.06 0.51 1.78
CA LEU E 81 -13.80 1.73 2.55
C LEU E 81 -14.53 1.70 3.89
N TRP E 82 -15.69 1.06 3.94
CA TRP E 82 -16.41 0.90 5.20
C TRP E 82 -15.55 0.16 6.22
N ASP E 83 -15.07 -1.03 5.85
CA ASP E 83 -14.21 -1.79 6.76
C ASP E 83 -12.90 -1.08 7.03
N GLN E 84 -12.38 -0.34 6.05
CA GLN E 84 -11.14 0.40 6.26
C GLN E 84 -11.27 1.38 7.41
N SER E 85 -12.48 1.84 7.69
CA SER E 85 -12.72 2.62 8.90
C SER E 85 -12.79 1.71 10.12
N LEU E 86 -13.53 0.60 10.02
CA LEU E 86 -13.81 -0.22 11.19
C LEU E 86 -12.57 -0.93 11.71
N LYS E 87 -11.60 -1.23 10.84
CA LYS E 87 -10.45 -2.01 11.26
C LYS E 87 -9.60 -1.28 12.29
N PRO E 88 -9.18 -0.02 12.09
CA PRO E 88 -8.55 0.70 13.20
C PRO E 88 -9.51 1.06 14.32
N CYS E 89 -10.82 1.01 14.07
CA CYS E 89 -11.81 1.38 15.06
C CYS E 89 -11.91 0.30 16.15
N VAL E 90 -12.87 0.49 17.06
CA VAL E 90 -13.01 -0.34 18.25
C VAL E 90 -13.86 -1.57 17.93
N LYS E 91 -13.30 -2.75 18.19
CA LYS E 91 -14.01 -4.01 18.01
C LYS E 91 -14.88 -4.26 19.23
N LEU E 92 -16.19 -4.44 19.01
CA LEU E 92 -17.15 -4.66 20.08
C LEU E 92 -17.41 -6.14 20.35
N THR E 93 -16.64 -7.05 19.75
CA THR E 93 -16.81 -8.47 20.01
C THR E 93 -16.93 -8.84 21.49
N PRO E 94 -16.22 -8.19 22.44
CA PRO E 94 -16.48 -8.50 23.85
C PRO E 94 -17.85 -8.05 24.35
N LEU E 95 -18.55 -7.18 23.60
CA LEU E 95 -19.84 -6.67 24.06
C LEU E 95 -20.94 -7.74 24.06
N CYS E 96 -20.68 -8.94 23.55
CA CYS E 96 -21.72 -9.97 23.58
C CYS E 96 -21.76 -10.53 24.98
N VAL E 97 -22.86 -10.26 25.68
CA VAL E 97 -22.93 -10.43 27.12
C VAL E 97 -24.40 -10.57 27.50
N THR E 98 -24.68 -11.26 28.60
CA THR E 98 -26.03 -11.29 29.14
C THR E 98 -26.40 -9.92 29.69
N LEU E 99 -27.53 -9.39 29.24
CA LEU E 99 -27.96 -8.04 29.58
C LEU E 99 -29.23 -8.11 30.41
N GLN E 100 -29.19 -7.50 31.60
CA GLN E 100 -30.39 -7.34 32.41
C GLN E 100 -30.98 -5.97 32.09
N CYS E 101 -32.13 -5.95 31.44
CA CYS E 101 -32.71 -4.72 30.92
C CYS E 101 -34.13 -4.57 31.45
N THR E 102 -34.63 -3.34 31.38
CA THR E 102 -35.97 -3.00 31.84
C THR E 102 -36.67 -2.17 30.77
N ASN E 103 -38.00 -2.32 30.70
CA ASN E 103 -38.80 -1.37 29.93
C ASN E 103 -38.48 0.04 30.42
N VAL E 104 -38.25 0.96 29.48
CA VAL E 104 -37.75 2.28 29.85
C VAL E 104 -38.79 3.03 30.68
N THR E 105 -38.32 4.04 31.41
CA THR E 105 -39.16 4.73 32.37
C THR E 105 -40.08 5.71 31.66
N ASN E 106 -41.37 5.47 31.75
CA ASN E 106 -42.43 6.31 31.22
C ASN E 106 -43.68 5.99 32.01
N ASN E 107 -44.71 6.83 31.89
CA ASN E 107 -45.96 6.57 32.59
C ASN E 107 -46.91 5.92 31.59
N ILE E 108 -46.97 4.59 31.65
CA ILE E 108 -47.91 3.71 30.96
C ILE E 108 -48.20 4.19 29.53
N THR E 109 -49.47 4.17 29.13
CA THR E 109 -49.94 4.66 27.83
C THR E 109 -49.06 4.14 26.68
N ASP E 110 -48.86 2.83 26.64
CA ASP E 110 -48.00 2.21 25.65
C ASP E 110 -48.81 1.50 24.57
N ASP E 111 -49.39 0.35 24.87
CA ASP E 111 -50.16 -0.39 23.87
C ASP E 111 -51.49 0.29 23.55
N GLY E 114 -42.24 1.25 25.15
CA GLY E 114 -40.90 0.82 25.55
C GLY E 114 -39.87 0.97 24.45
N GLU E 115 -39.37 -0.18 23.96
CA GLU E 115 -38.41 -0.26 22.87
C GLU E 115 -37.04 0.28 23.28
N LEU E 116 -36.97 1.00 24.39
CA LEU E 116 -35.73 1.44 25.00
C LEU E 116 -35.55 0.71 26.31
N LYS E 117 -34.32 0.31 26.61
CA LYS E 117 -34.04 -0.54 27.75
C LYS E 117 -32.97 0.07 28.62
N ASN E 118 -33.16 0.00 29.94
CA ASN E 118 -32.11 0.32 30.89
C ASN E 118 -31.39 -0.99 31.17
N CYS E 119 -30.18 -1.14 30.64
CA CYS E 119 -29.52 -2.43 30.55
C CYS E 119 -28.30 -2.44 31.45
N SER E 120 -28.38 -3.18 32.55
CA SER E 120 -27.27 -3.35 33.46
C SER E 120 -26.58 -4.68 33.15
N PHE E 121 -25.27 -4.64 32.95
CA PHE E 121 -24.52 -5.84 32.61
C PHE E 121 -23.10 -5.73 33.15
N ASN E 122 -22.50 -6.88 33.40
CA ASN E 122 -21.15 -6.97 33.94
C ASN E 122 -20.15 -6.92 32.78
N MET E 123 -19.28 -5.91 32.78
CA MET E 123 -18.33 -5.63 31.69
C MET E 123 -16.91 -5.63 32.24
N THR E 124 -15.94 -5.34 31.36
CA THR E 124 -14.53 -5.36 31.70
C THR E 124 -13.91 -3.97 31.48
N THR E 125 -12.75 -3.77 32.11
CA THR E 125 -12.05 -2.50 32.09
C THR E 125 -10.73 -2.64 31.33
N GLU E 126 -9.96 -1.55 31.34
CA GLU E 126 -8.63 -1.57 30.75
C GLU E 126 -7.68 -2.47 31.53
N LEU E 127 -7.85 -2.53 32.85
CA LEU E 127 -7.09 -3.45 33.68
C LEU E 127 -7.73 -4.83 33.56
N ARG E 128 -6.95 -5.80 33.08
CA ARG E 128 -7.53 -7.06 32.64
C ARG E 128 -8.17 -7.83 33.79
N ASP E 129 -7.71 -7.62 35.01
CA ASP E 129 -8.26 -8.36 36.14
C ASP E 129 -9.60 -7.76 36.59
N LYS E 130 -9.60 -6.53 37.06
CA LYS E 130 -10.82 -5.90 37.53
C LYS E 130 -11.82 -5.73 36.40
N LYS E 131 -13.10 -5.69 36.75
CA LYS E 131 -14.17 -5.65 35.77
C LYS E 131 -15.10 -4.47 36.00
N GLN E 132 -16.19 -4.40 35.25
CA GLN E 132 -17.03 -3.22 35.20
C GLN E 132 -18.50 -3.58 35.30
N LYS E 133 -19.26 -2.78 36.05
CA LYS E 133 -20.71 -2.89 36.14
C LYS E 133 -21.29 -1.58 35.64
N VAL E 134 -21.99 -1.62 34.50
CA VAL E 134 -22.44 -0.41 33.82
C VAL E 134 -23.87 -0.58 33.34
N TYR E 135 -24.50 0.55 33.01
CA TYR E 135 -25.83 0.56 32.43
C TYR E 135 -25.84 1.41 31.18
N SER E 136 -26.64 1.01 30.20
CA SER E 136 -26.78 1.75 28.96
C SER E 136 -28.18 1.52 28.39
N LEU E 137 -28.58 2.40 27.48
CA LEU E 137 -29.91 2.40 26.91
C LEU E 137 -29.84 1.99 25.44
N PHE E 138 -30.54 0.91 25.09
CA PHE E 138 -30.44 0.35 23.75
C PHE E 138 -31.82 0.25 23.10
N TYR E 139 -31.82 0.46 21.78
CA TYR E 139 -33.03 0.25 20.99
C TYR E 139 -33.30 -1.25 20.86
N ARG E 140 -34.58 -1.60 20.75
CA ARG E 140 -34.98 -3.00 20.80
C ARG E 140 -34.43 -3.81 19.63
N LEU E 141 -34.03 -3.15 18.54
CA LEU E 141 -33.62 -3.86 17.33
C LEU E 141 -32.19 -4.39 17.40
N ASP E 142 -31.38 -3.90 18.34
CA ASP E 142 -30.00 -4.35 18.45
C ASP E 142 -29.83 -5.54 19.39
N VAL E 143 -30.87 -5.92 20.14
CA VAL E 143 -30.77 -6.99 21.12
C VAL E 143 -31.89 -8.00 20.88
N VAL E 144 -31.85 -9.10 21.65
CA VAL E 144 -32.92 -10.08 21.69
C VAL E 144 -32.82 -10.80 23.03
N GLN E 145 -33.96 -11.22 23.56
CA GLN E 145 -33.97 -11.84 24.88
C GLN E 145 -33.53 -13.31 24.79
N ILE E 146 -33.44 -13.95 25.95
CA ILE E 146 -33.05 -15.35 26.04
C ILE E 146 -33.83 -15.98 27.19
N ASN E 147 -34.34 -17.18 26.96
CA ASN E 147 -35.11 -17.89 27.99
C ASN E 147 -34.46 -19.24 28.30
N SER E 157 -38.15 -13.54 38.87
CA SER E 157 -36.95 -13.10 38.16
C SER E 157 -37.30 -12.24 36.96
N ASN E 158 -36.33 -11.44 36.50
CA ASN E 158 -36.52 -10.49 35.41
C ASN E 158 -35.87 -11.00 34.14
N LYS E 159 -36.46 -10.64 33.01
CA LYS E 159 -36.01 -11.15 31.71
C LYS E 159 -34.58 -10.68 31.40
N GLU E 160 -33.83 -11.57 30.76
CA GLU E 160 -32.46 -11.30 30.35
C GLU E 160 -32.38 -11.16 28.83
N TYR E 161 -31.44 -10.34 28.36
CA TYR E 161 -31.34 -10.02 26.95
C TYR E 161 -29.89 -10.15 26.49
N ARG E 162 -29.72 -10.25 25.17
CA ARG E 162 -28.40 -10.36 24.57
C ARG E 162 -28.45 -9.73 23.19
N LEU E 163 -27.28 -9.36 22.66
CA LEU E 163 -27.23 -8.68 21.38
C LEU E 163 -27.66 -9.61 20.24
N ILE E 164 -28.07 -8.97 19.14
CA ILE E 164 -28.63 -9.73 18.02
C ILE E 164 -27.54 -10.35 17.16
N ASN E 165 -26.36 -9.74 17.07
CA ASN E 165 -25.29 -10.21 16.20
C ASN E 165 -24.44 -11.30 16.83
N CYS E 166 -24.68 -11.63 18.11
CA CYS E 166 -23.75 -12.50 18.83
C CYS E 166 -23.65 -13.86 18.19
N ASN E 167 -24.74 -14.37 17.64
CA ASN E 167 -24.72 -15.67 17.02
C ASN E 167 -24.45 -15.60 15.52
N THR E 168 -24.14 -14.43 15.00
CA THR E 168 -23.88 -14.33 13.57
C THR E 168 -22.46 -13.88 13.26
N SER E 169 -22.16 -12.61 13.49
CA SER E 169 -20.96 -11.98 12.95
C SER E 169 -20.22 -11.19 14.02
N ALA E 170 -18.89 -11.23 13.94
CA ALA E 170 -18.05 -10.44 14.82
C ALA E 170 -18.38 -8.95 14.66
N ILE E 171 -18.67 -8.30 15.77
CA ILE E 171 -19.16 -6.92 15.78
C ILE E 171 -17.99 -5.99 16.05
N THR E 172 -17.90 -4.93 15.27
CA THR E 172 -17.00 -3.82 15.54
C THR E 172 -17.83 -2.56 15.73
N GLN E 173 -17.15 -1.46 15.98
CA GLN E 173 -17.80 -0.16 16.14
C GLN E 173 -17.00 0.87 15.37
N ALA E 174 -17.64 1.59 14.46
CA ALA E 174 -16.95 2.65 13.73
C ALA E 174 -16.61 3.77 14.71
N CYS E 175 -15.32 4.07 14.84
CA CYS E 175 -14.90 5.00 15.87
C CYS E 175 -15.50 6.38 15.61
N PRO E 176 -15.81 7.14 16.67
CA PRO E 176 -16.62 8.35 16.48
C PRO E 176 -15.93 9.42 15.66
N LYS E 177 -14.61 9.34 15.51
CA LYS E 177 -13.90 10.25 14.62
C LYS E 177 -14.42 10.12 13.19
N VAL E 178 -14.36 8.90 12.65
CA VAL E 178 -14.89 8.66 11.31
C VAL E 178 -16.39 8.91 11.33
N SER E 179 -16.88 9.65 10.34
CA SER E 179 -18.30 9.88 10.19
C SER E 179 -18.86 9.03 9.06
N PHE E 180 -20.18 9.05 8.92
CA PHE E 180 -20.87 8.38 7.84
C PHE E 180 -21.37 9.33 6.76
N GLU E 181 -21.09 10.63 6.89
CA GLU E 181 -21.72 11.66 6.05
C GLU E 181 -21.37 11.49 4.58
N PRO E 182 -22.35 11.29 3.70
CA PRO E 182 -22.04 11.15 2.27
C PRO E 182 -21.39 12.41 1.71
N ILE E 183 -20.25 12.21 1.06
CA ILE E 183 -19.43 13.28 0.50
C ILE E 183 -19.45 13.16 -1.02
N PRO E 184 -19.82 14.21 -1.76
CA PRO E 184 -19.88 14.11 -3.23
C PRO E 184 -18.59 13.56 -3.82
N ILE E 185 -18.72 12.57 -4.70
CA ILE E 185 -17.59 11.88 -5.30
C ILE E 185 -17.71 11.96 -6.82
N HIS E 186 -16.64 12.36 -7.49
CA HIS E 186 -16.59 12.42 -8.95
C HIS E 186 -15.70 11.29 -9.43
N TYR E 187 -16.29 10.30 -10.09
CA TYR E 187 -15.51 9.21 -10.66
C TYR E 187 -14.85 9.64 -11.96
N CYS E 188 -13.57 9.32 -12.10
CA CYS E 188 -12.76 9.79 -13.21
C CYS E 188 -12.09 8.62 -13.92
N ALA E 189 -11.67 8.86 -15.17
CA ALA E 189 -11.06 7.86 -16.01
C ALA E 189 -9.64 8.27 -16.40
N PRO E 190 -8.76 7.31 -16.68
CA PRO E 190 -7.38 7.66 -17.06
C PRO E 190 -7.23 7.95 -18.54
N ALA E 191 -5.99 8.16 -18.97
CA ALA E 191 -5.70 8.44 -20.38
C ALA E 191 -5.91 7.18 -21.22
N GLY E 192 -6.13 7.39 -22.52
CA GLY E 192 -6.57 6.33 -23.40
C GLY E 192 -8.01 5.93 -23.22
N PHE E 193 -8.68 6.43 -22.19
CA PHE E 193 -10.09 6.21 -21.93
C PHE E 193 -10.74 7.57 -21.68
N ALA E 194 -12.04 7.55 -21.44
CA ALA E 194 -12.78 8.77 -21.11
C ALA E 194 -14.14 8.35 -20.57
N ILE E 195 -14.93 9.35 -20.17
CA ILE E 195 -16.29 9.13 -19.69
C ILE E 195 -17.23 9.93 -20.60
N LEU E 196 -18.39 9.35 -20.88
CA LEU E 196 -19.38 9.96 -21.77
C LEU E 196 -20.63 10.30 -20.98
N LYS E 197 -21.13 11.52 -21.14
CA LYS E 197 -22.32 11.99 -20.44
C LYS E 197 -23.45 12.14 -21.44
N CYS E 198 -24.56 11.45 -21.18
CA CYS E 198 -25.73 11.51 -22.05
C CYS E 198 -26.66 12.58 -21.50
N LYS E 199 -26.76 13.70 -22.23
CA LYS E 199 -27.42 14.90 -21.73
C LYS E 199 -28.84 15.10 -22.25
N ASP E 200 -29.34 14.23 -23.14
CA ASP E 200 -30.63 14.50 -23.75
C ASP E 200 -31.74 14.42 -22.70
N LYS E 201 -32.68 15.37 -22.78
CA LYS E 201 -33.60 15.61 -21.69
C LYS E 201 -34.47 14.39 -21.41
N LYS E 202 -35.21 13.93 -22.41
CA LYS E 202 -36.04 12.74 -22.23
C LYS E 202 -35.23 11.53 -22.71
N PHE E 203 -34.76 10.75 -21.74
CA PHE E 203 -33.85 9.64 -22.00
C PHE E 203 -34.22 8.51 -21.07
N ASN E 204 -34.52 7.34 -21.63
CA ASN E 204 -34.95 6.20 -20.82
C ASN E 204 -33.79 5.33 -20.36
N GLY E 205 -32.55 5.71 -20.68
CA GLY E 205 -31.39 5.00 -20.21
C GLY E 205 -30.91 3.87 -21.10
N THR E 206 -31.79 3.31 -21.93
CA THR E 206 -31.45 2.25 -22.86
C THR E 206 -31.42 2.81 -24.28
N GLY E 207 -31.11 1.93 -25.23
CA GLY E 207 -31.03 2.30 -26.62
C GLY E 207 -29.93 3.32 -26.90
N PRO E 208 -30.01 3.97 -28.05
CA PRO E 208 -29.02 5.00 -28.39
C PRO E 208 -29.27 6.29 -27.64
N CYS E 209 -28.21 7.06 -27.44
CA CYS E 209 -28.29 8.36 -26.78
C CYS E 209 -28.07 9.46 -27.80
N PRO E 210 -29.05 10.36 -28.00
CA PRO E 210 -28.85 11.43 -28.99
C PRO E 210 -27.77 12.42 -28.62
N SER E 211 -27.71 12.84 -27.35
CA SER E 211 -26.78 13.88 -26.92
C SER E 211 -25.60 13.22 -26.21
N VAL E 212 -24.44 13.21 -26.85
CA VAL E 212 -23.26 12.52 -26.36
C VAL E 212 -22.15 13.55 -26.15
N SER E 213 -21.72 13.71 -24.90
CA SER E 213 -20.62 14.59 -24.55
C SER E 213 -19.65 13.84 -23.64
N THR E 214 -18.36 14.10 -23.82
CA THR E 214 -17.31 13.39 -23.09
C THR E 214 -16.74 14.26 -21.98
N VAL E 215 -16.52 13.64 -20.82
CA VAL E 215 -15.87 14.28 -19.68
C VAL E 215 -14.86 13.29 -19.11
N GLN E 216 -13.89 13.82 -18.35
CA GLN E 216 -12.96 12.97 -17.64
C GLN E 216 -13.38 12.67 -16.20
N CYS E 217 -14.45 13.30 -15.71
CA CYS E 217 -14.93 13.06 -14.35
C CYS E 217 -16.43 13.29 -14.31
N THR E 218 -17.10 12.57 -13.41
CA THR E 218 -18.53 12.77 -13.24
C THR E 218 -18.80 14.05 -12.44
N HIS E 219 -20.07 14.35 -12.23
CA HIS E 219 -20.45 15.45 -11.35
C HIS E 219 -20.32 14.99 -9.90
N GLY E 220 -20.66 15.88 -8.97
CA GLY E 220 -20.61 15.53 -7.55
C GLY E 220 -21.63 14.46 -7.25
N ILE E 221 -21.18 13.31 -6.78
CA ILE E 221 -22.06 12.20 -6.44
C ILE E 221 -21.81 11.84 -4.99
N LYS E 222 -22.78 12.12 -4.14
CA LYS E 222 -22.72 11.67 -2.76
C LYS E 222 -23.03 10.18 -2.73
N PRO E 223 -22.10 9.32 -2.32
CA PRO E 223 -22.43 7.90 -2.19
C PRO E 223 -23.40 7.70 -1.05
N VAL E 224 -24.64 8.13 -1.25
CA VAL E 224 -25.64 8.08 -0.20
C VAL E 224 -25.95 6.62 0.07
N VAL E 225 -25.76 6.18 1.31
CA VAL E 225 -26.12 4.83 1.70
C VAL E 225 -27.55 4.92 2.22
N SER E 226 -28.48 4.44 1.42
CA SER E 226 -29.89 4.66 1.71
C SER E 226 -30.73 3.65 0.93
N THR E 227 -31.96 3.45 1.40
CA THR E 227 -32.90 2.53 0.77
C THR E 227 -34.27 3.20 0.65
N GLN E 228 -34.98 2.82 -0.41
CA GLN E 228 -36.37 3.21 -0.68
C GLN E 228 -36.50 4.64 -1.15
N LEU E 229 -35.48 5.47 -0.94
CA LEU E 229 -35.51 6.87 -1.33
C LEU E 229 -34.09 7.32 -1.62
N LEU E 230 -33.96 8.24 -2.58
CA LEU E 230 -32.68 8.82 -2.95
C LEU E 230 -32.66 10.28 -2.55
N LEU E 231 -31.55 10.71 -1.95
CA LEU E 231 -31.43 12.05 -1.42
C LEU E 231 -30.21 12.74 -2.04
N ASN E 232 -30.33 14.06 -2.23
CA ASN E 232 -29.24 14.96 -2.54
C ASN E 232 -28.67 14.80 -3.95
N GLY E 233 -29.17 13.86 -4.75
CA GLY E 233 -28.60 13.55 -6.05
C GLY E 233 -29.01 14.51 -7.15
N SER E 234 -28.93 14.01 -8.38
CA SER E 234 -29.23 14.78 -9.58
C SER E 234 -30.73 14.80 -9.88
N LEU E 235 -31.16 15.89 -10.52
CA LEU E 235 -32.54 16.08 -10.94
C LEU E 235 -32.68 15.90 -12.44
N ALA E 236 -33.85 15.42 -12.87
CA ALA E 236 -34.16 15.24 -14.28
C ALA E 236 -34.58 16.59 -14.89
N GLU E 237 -35.00 16.56 -16.15
CA GLU E 237 -35.38 17.75 -16.88
C GLU E 237 -36.72 17.53 -17.58
N GLU E 238 -37.49 18.61 -17.71
CA GLU E 238 -38.79 18.61 -18.40
C GLU E 238 -39.69 17.61 -17.69
N GLU E 239 -40.28 16.64 -18.39
CA GLU E 239 -41.09 15.61 -17.75
C GLU E 239 -40.24 14.80 -16.79
N VAL E 240 -40.88 14.24 -15.77
CA VAL E 240 -40.17 13.32 -14.89
C VAL E 240 -39.91 12.03 -15.66
N MET E 241 -38.66 11.63 -15.72
CA MET E 241 -38.26 10.56 -16.65
C MET E 241 -38.47 9.19 -16.02
N ILE E 242 -38.92 8.24 -16.85
CA ILE E 242 -39.19 6.88 -16.42
C ILE E 242 -38.14 5.99 -17.08
N ARG E 243 -37.28 5.38 -16.27
CA ARG E 243 -36.19 4.54 -16.76
C ARG E 243 -36.30 3.15 -16.15
N SER E 244 -36.33 2.13 -17.02
CA SER E 244 -36.28 0.75 -16.59
C SER E 244 -35.54 -0.06 -17.65
N GLU E 245 -34.75 -1.04 -17.20
CA GLU E 245 -34.08 -1.94 -18.14
C GLU E 245 -35.11 -2.66 -18.99
N ASN E 246 -36.04 -3.36 -18.35
CA ASN E 246 -37.14 -4.00 -19.04
C ASN E 246 -38.39 -3.83 -18.17
N ILE E 247 -39.42 -3.19 -18.73
CA ILE E 247 -40.62 -2.93 -17.96
C ILE E 247 -41.62 -4.09 -18.01
N THR E 248 -41.49 -5.00 -18.97
CA THR E 248 -42.38 -6.14 -19.01
C THR E 248 -42.10 -7.10 -17.86
N ASN E 249 -40.90 -7.08 -17.30
CA ASN E 249 -40.58 -7.87 -16.12
C ASN E 249 -40.88 -7.04 -14.89
N ASN E 250 -41.81 -7.54 -14.06
CA ASN E 250 -42.08 -6.89 -12.78
C ASN E 250 -40.88 -6.97 -11.85
N ALA E 251 -40.08 -8.03 -11.96
CA ALA E 251 -39.00 -8.24 -11.01
C ALA E 251 -37.89 -7.19 -11.14
N LYS E 252 -37.59 -6.78 -12.36
CA LYS E 252 -36.56 -5.77 -12.56
C LYS E 252 -37.01 -4.43 -11.96
N ASN E 253 -36.13 -3.82 -11.19
CA ASN E 253 -36.45 -2.55 -10.55
C ASN E 253 -36.56 -1.44 -11.58
N ILE E 254 -37.39 -0.44 -11.26
CA ILE E 254 -37.63 0.70 -12.13
C ILE E 254 -37.22 1.97 -11.38
N LEU E 255 -36.45 2.83 -12.03
CA LEU E 255 -35.91 4.03 -11.41
C LEU E 255 -36.53 5.27 -12.04
N VAL E 256 -36.74 6.30 -11.22
CA VAL E 256 -37.33 7.56 -11.65
C VAL E 256 -36.39 8.69 -11.26
N GLN E 257 -36.55 9.83 -11.93
CA GLN E 257 -35.74 11.02 -11.66
C GLN E 257 -36.63 12.24 -11.69
N PHE E 258 -36.55 13.06 -10.63
CA PHE E 258 -37.41 14.23 -10.51
C PHE E 258 -36.84 15.41 -11.29
N ASN E 259 -37.75 16.21 -11.84
CA ASN E 259 -37.39 17.56 -12.22
C ASN E 259 -37.53 18.55 -11.08
N THR E 260 -38.29 18.20 -10.04
CA THR E 260 -38.53 19.06 -8.88
C THR E 260 -38.00 18.38 -7.63
N PRO E 261 -37.03 18.96 -6.92
CA PRO E 261 -36.57 18.37 -5.67
C PRO E 261 -37.63 18.50 -4.58
N VAL E 262 -37.64 17.53 -3.67
CA VAL E 262 -38.62 17.45 -2.61
C VAL E 262 -37.92 17.61 -1.26
N GLN E 263 -38.51 18.41 -0.38
CA GLN E 263 -37.93 18.72 0.93
C GLN E 263 -38.36 17.69 1.96
N ILE E 264 -37.43 17.35 2.86
CA ILE E 264 -37.75 16.51 4.02
C ILE E 264 -36.86 16.94 5.17
N ASN E 265 -37.45 16.99 6.37
CA ASN E 265 -36.75 17.33 7.61
C ASN E 265 -36.75 16.11 8.51
N CYS E 266 -35.60 15.48 8.66
CA CYS E 266 -35.48 14.30 9.52
C CYS E 266 -34.84 14.70 10.85
N THR E 267 -35.43 14.23 11.94
CA THR E 267 -35.00 14.59 13.28
C THR E 267 -34.98 13.36 14.18
N ARG E 268 -34.00 13.31 15.08
CA ARG E 268 -34.11 12.50 16.27
C ARG E 268 -34.35 13.45 17.43
N PRO E 269 -35.59 13.57 17.91
CA PRO E 269 -35.89 14.61 18.91
C PRO E 269 -35.33 14.34 20.28
N ASN E 270 -34.97 13.09 20.58
CA ASN E 270 -34.41 12.77 21.88
C ASN E 270 -33.04 13.42 22.03
N ASN E 271 -32.74 13.85 23.25
CA ASN E 271 -31.47 14.50 23.56
C ASN E 271 -30.62 13.43 24.24
N ASN E 272 -29.69 12.87 23.47
CA ASN E 272 -28.92 11.71 23.89
C ASN E 272 -27.69 12.10 24.71
N THR E 273 -27.25 11.16 25.54
CA THR E 273 -25.96 11.23 26.21
C THR E 273 -25.08 10.10 25.70
N ARG E 274 -23.81 10.38 25.48
CA ARG E 274 -22.84 9.38 25.04
C ARG E 274 -21.93 9.03 26.21
N LYS E 275 -22.05 7.80 26.72
CA LYS E 275 -21.20 7.29 27.79
C LYS E 275 -20.03 6.56 27.14
N SER E 276 -18.83 7.11 27.31
CA SER E 276 -17.61 6.48 26.82
C SER E 276 -17.02 5.68 27.96
N ILE E 277 -17.00 4.37 27.78
CA ILE E 277 -16.54 3.44 28.81
C ILE E 277 -15.26 2.78 28.33
N ARG E 278 -14.31 2.56 29.25
CA ARG E 278 -12.97 2.15 28.87
C ARG E 278 -12.87 0.62 28.86
N ILE E 279 -12.77 0.06 27.65
CA ILE E 279 -12.47 -1.35 27.43
C ILE E 279 -11.00 -1.57 27.06
N GLY E 280 -10.18 -0.54 27.15
CA GLY E 280 -8.84 -0.54 26.57
C GLY E 280 -7.81 -1.43 27.25
N PRO E 281 -6.52 -1.10 27.12
CA PRO E 281 -5.92 0.14 26.62
C PRO E 281 -6.06 0.39 25.12
N GLY E 282 -6.43 1.62 24.78
CA GLY E 282 -6.60 2.06 23.41
C GLY E 282 -7.97 1.77 22.85
N GLN E 283 -8.62 0.73 23.37
CA GLN E 283 -10.03 0.44 23.11
C GLN E 283 -10.92 1.24 24.05
N ALA E 284 -12.17 1.43 23.63
CA ALA E 284 -13.20 2.06 24.45
C ALA E 284 -14.51 1.99 23.68
N PHE E 285 -15.62 2.10 24.40
CA PHE E 285 -16.94 1.92 23.83
C PHE E 285 -17.81 3.10 24.19
N TYR E 286 -18.51 3.64 23.21
CA TYR E 286 -19.34 4.82 23.38
C TYR E 286 -20.79 4.35 23.47
N ALA E 287 -21.35 4.42 24.68
CA ALA E 287 -22.68 3.92 24.95
C ALA E 287 -23.70 5.05 24.85
N THR E 288 -24.96 4.72 25.10
CA THR E 288 -26.03 5.71 25.08
C THR E 288 -26.45 6.01 26.51
N GLY E 289 -26.47 7.30 26.85
CA GLY E 289 -26.93 7.72 28.16
C GLY E 289 -28.43 7.96 28.18
N ASP E 290 -28.91 8.40 29.33
CA ASP E 290 -30.34 8.62 29.51
C ASP E 290 -30.77 9.90 28.81
N ILE E 291 -31.94 9.84 28.18
CA ILE E 291 -32.50 11.00 27.50
C ILE E 291 -32.74 12.11 28.52
N ILE E 292 -32.48 13.34 28.12
CA ILE E 292 -32.62 14.50 28.99
C ILE E 292 -33.94 15.18 28.64
N GLY E 293 -34.91 15.07 29.55
CA GLY E 293 -36.21 15.68 29.30
C GLY E 293 -37.22 14.85 28.54
N ASP E 294 -38.02 15.52 27.72
CA ASP E 294 -39.13 14.89 27.01
C ASP E 294 -38.68 13.66 26.25
N ILE E 295 -39.47 12.60 26.35
CA ILE E 295 -39.27 11.40 25.56
C ILE E 295 -40.11 11.54 24.30
N ARG E 296 -39.44 11.68 23.17
CA ARG E 296 -40.06 11.73 21.86
C ARG E 296 -39.45 10.63 20.99
N GLN E 297 -39.86 10.56 19.73
CA GLN E 297 -39.32 9.55 18.83
C GLN E 297 -39.06 10.17 17.47
N ALA E 298 -38.14 9.54 16.73
CA ALA E 298 -37.68 10.08 15.46
C ALA E 298 -38.84 10.15 14.46
N HIS E 299 -38.68 11.03 13.48
CA HIS E 299 -39.73 11.31 12.51
C HIS E 299 -39.17 12.29 11.47
N CYS E 300 -39.86 12.36 10.34
CA CYS E 300 -39.50 13.25 9.24
C CYS E 300 -40.76 13.78 8.59
N ASN E 301 -40.75 15.06 8.23
CA ASN E 301 -41.90 15.74 7.69
C ASN E 301 -41.75 15.98 6.19
N VAL E 302 -42.87 15.90 5.46
CA VAL E 302 -42.90 16.09 4.02
C VAL E 302 -44.19 16.81 3.66
N SER E 303 -44.08 17.81 2.78
CA SER E 303 -45.25 18.60 2.40
C SER E 303 -46.25 17.75 1.62
N LYS E 304 -47.52 17.81 2.04
CA LYS E 304 -48.57 17.03 1.40
C LYS E 304 -49.02 17.67 0.08
N ALA E 305 -48.86 18.98 -0.06
CA ALA E 305 -49.36 19.67 -1.23
C ALA E 305 -48.52 19.34 -2.46
N THR E 306 -47.23 19.71 -2.44
CA THR E 306 -46.33 19.33 -3.51
C THR E 306 -46.29 17.82 -3.69
N TRP E 307 -46.59 17.06 -2.65
CA TRP E 307 -46.66 15.60 -2.77
C TRP E 307 -47.82 15.19 -3.66
N ASN E 308 -49.03 15.67 -3.36
CA ASN E 308 -50.19 15.35 -4.18
C ASN E 308 -49.98 15.78 -5.63
N GLU E 309 -49.40 16.96 -5.84
CA GLU E 309 -49.12 17.41 -7.20
C GLU E 309 -48.04 16.57 -7.86
N THR E 310 -47.06 16.10 -7.08
CA THR E 310 -46.04 15.21 -7.63
C THR E 310 -46.66 13.94 -8.19
N LEU E 311 -47.62 13.36 -7.46
CA LEU E 311 -48.26 12.13 -7.93
C LEU E 311 -49.15 12.40 -9.14
N GLY E 312 -49.68 13.62 -9.25
CA GLY E 312 -50.45 13.98 -10.43
C GLY E 312 -49.56 14.18 -11.66
N LYS E 313 -48.44 14.89 -11.49
CA LYS E 313 -47.50 15.03 -12.59
C LYS E 313 -46.86 13.69 -12.97
N VAL E 314 -46.72 12.78 -12.01
CA VAL E 314 -46.18 11.46 -12.31
C VAL E 314 -47.20 10.62 -13.06
N VAL E 315 -48.44 10.59 -12.57
CA VAL E 315 -49.47 9.74 -13.18
C VAL E 315 -49.77 10.17 -14.60
N LYS E 316 -49.53 11.43 -14.96
CA LYS E 316 -49.67 11.85 -16.35
C LYS E 316 -48.53 11.31 -17.20
N GLN E 317 -47.36 11.08 -16.59
CA GLN E 317 -46.23 10.52 -17.33
C GLN E 317 -46.33 9.01 -17.50
N LEU E 318 -47.00 8.32 -16.56
CA LEU E 318 -47.20 6.89 -16.71
C LEU E 318 -48.19 6.57 -17.82
N ARG E 319 -49.17 7.45 -18.04
CA ARG E 319 -50.17 7.27 -19.08
C ARG E 319 -49.62 7.51 -20.48
N LYS E 320 -48.35 7.88 -20.63
CA LYS E 320 -47.75 7.76 -21.94
C LYS E 320 -47.28 6.33 -22.20
N HIS E 321 -46.67 5.70 -21.21
CA HIS E 321 -46.19 4.33 -21.35
C HIS E 321 -47.28 3.29 -21.08
N PHE E 322 -48.24 3.59 -20.20
CA PHE E 322 -49.27 2.62 -19.84
C PHE E 322 -50.65 3.25 -19.99
N GLY E 323 -51.36 2.85 -21.03
CA GLY E 323 -52.75 3.25 -21.24
C GLY E 323 -52.83 4.72 -21.60
N ASN E 324 -53.91 5.17 -22.25
CA ASN E 324 -54.16 6.61 -22.21
C ASN E 324 -54.92 6.97 -20.93
N ASN E 325 -55.93 6.18 -20.56
CA ASN E 325 -56.70 6.36 -19.34
C ASN E 325 -56.77 5.01 -18.63
N THR E 326 -56.28 4.94 -17.40
CA THR E 326 -56.29 3.70 -16.64
C THR E 326 -56.37 4.04 -15.15
N ILE E 327 -56.15 3.04 -14.30
CA ILE E 327 -56.19 3.20 -12.85
C ILE E 327 -54.80 2.92 -12.29
N ILE E 328 -54.38 3.72 -11.30
CA ILE E 328 -53.08 3.57 -10.66
C ILE E 328 -53.28 3.62 -9.15
N ARG E 329 -52.79 2.60 -8.46
CA ARG E 329 -52.96 2.47 -7.02
C ARG E 329 -51.59 2.38 -6.34
N PHE E 330 -51.48 2.99 -5.18
CA PHE E 330 -50.28 2.93 -4.37
C PHE E 330 -50.62 2.17 -3.09
N ALA E 331 -49.72 1.30 -2.66
CA ALA E 331 -49.90 0.53 -1.43
C ALA E 331 -48.55 0.35 -0.76
N ASN E 332 -48.56 0.02 0.54
CA ASN E 332 -47.30 -0.10 1.27
C ASN E 332 -46.60 -1.40 0.87
N SER E 333 -45.41 -1.62 1.44
CA SER E 333 -44.50 -2.63 0.92
C SER E 333 -45.00 -4.04 1.24
N SER E 334 -44.22 -5.04 0.84
CA SER E 334 -44.61 -6.44 1.01
C SER E 334 -43.91 -7.07 2.21
N GLY E 335 -42.63 -7.36 2.08
CA GLY E 335 -41.90 -7.98 3.17
C GLY E 335 -40.44 -8.17 2.80
N GLY E 336 -39.64 -8.38 3.84
CA GLY E 336 -38.20 -8.58 3.69
C GLY E 336 -37.48 -8.10 4.94
N ASP E 337 -36.18 -7.86 4.79
CA ASP E 337 -35.42 -7.32 5.90
C ASP E 337 -35.89 -5.91 6.22
N LEU E 338 -35.58 -5.47 7.44
CA LEU E 338 -35.93 -4.12 7.85
C LEU E 338 -35.23 -3.08 6.99
N GLU E 339 -34.05 -3.42 6.45
CA GLU E 339 -33.34 -2.51 5.57
C GLU E 339 -34.05 -2.29 4.23
N VAL E 340 -35.00 -3.15 3.90
CA VAL E 340 -35.81 -3.02 2.68
C VAL E 340 -37.18 -2.47 3.04
N THR E 341 -37.91 -3.21 3.89
CA THR E 341 -39.27 -2.84 4.26
C THR E 341 -39.37 -1.42 4.81
N THR E 342 -38.28 -0.87 5.33
CA THR E 342 -38.24 0.49 5.83
C THR E 342 -37.15 1.28 5.09
N HIS E 343 -37.06 2.56 5.42
CA HIS E 343 -36.14 3.49 4.76
C HIS E 343 -34.89 3.64 5.62
N SER E 344 -33.75 3.17 5.10
CA SER E 344 -32.49 3.25 5.80
C SER E 344 -31.66 4.41 5.25
N PHE E 345 -30.88 5.03 6.13
CA PHE E 345 -29.94 6.10 5.79
C PHE E 345 -29.27 6.55 7.09
N ASN E 346 -28.12 7.20 6.94
CA ASN E 346 -27.41 7.79 8.06
C ASN E 346 -27.81 9.26 8.18
N CYS E 347 -28.39 9.64 9.32
CA CYS E 347 -28.64 11.05 9.60
C CYS E 347 -27.61 11.47 10.65
N GLY E 348 -26.49 11.96 10.16
CA GLY E 348 -25.38 12.68 10.78
C GLY E 348 -24.39 11.93 11.62
N GLY E 349 -24.86 11.08 12.53
CA GLY E 349 -24.12 9.91 12.97
C GLY E 349 -24.90 8.61 12.91
N GLU E 350 -26.22 8.71 12.78
CA GLU E 350 -27.12 7.64 13.17
C GLU E 350 -27.93 7.16 11.97
N PHE E 351 -28.31 5.89 12.02
CA PHE E 351 -28.99 5.24 10.91
C PHE E 351 -30.46 5.10 11.25
N PHE E 352 -31.31 5.81 10.51
CA PHE E 352 -32.73 5.86 10.76
C PHE E 352 -33.46 4.83 9.90
N TYR E 353 -34.52 4.24 10.46
CA TYR E 353 -35.38 3.31 9.75
C TYR E 353 -36.82 3.75 9.97
N CYS E 354 -37.49 4.15 8.89
CA CYS E 354 -38.76 4.85 8.96
C CYS E 354 -39.90 4.04 8.36
N ASN E 355 -41.09 4.21 8.94
CA ASN E 355 -42.31 3.59 8.43
C ASN E 355 -42.85 4.44 7.29
N THR E 356 -42.93 3.86 6.09
CA THR E 356 -43.52 4.54 4.94
C THR E 356 -44.81 3.81 4.59
N SER E 357 -45.94 4.43 4.92
CA SER E 357 -47.24 3.84 4.65
C SER E 357 -48.18 4.87 4.03
N GLY E 358 -48.48 5.92 4.78
CA GLY E 358 -49.44 6.92 4.35
C GLY E 358 -49.04 7.69 3.11
N LEU E 359 -47.76 7.73 2.78
CA LEU E 359 -47.36 8.27 1.49
C LEU E 359 -48.07 7.56 0.35
N PHE E 360 -48.12 6.24 0.42
CA PHE E 360 -48.60 5.36 -0.63
C PHE E 360 -50.05 4.92 -0.42
N ASN E 361 -50.82 5.63 0.40
CA ASN E 361 -52.23 5.30 0.54
C ASN E 361 -53.00 6.15 -0.48
N SER E 362 -53.28 5.55 -1.64
CA SER E 362 -53.92 6.28 -2.73
C SER E 362 -54.48 5.32 -3.77
N THR E 363 -55.47 5.81 -4.52
CA THR E 363 -55.94 5.17 -5.76
C THR E 363 -56.27 6.27 -6.75
N TRP E 364 -55.62 6.25 -7.91
CA TRP E 364 -55.75 7.27 -8.93
C TRP E 364 -56.37 6.68 -10.18
N ILE E 365 -57.20 7.47 -10.88
CA ILE E 365 -57.77 6.96 -12.12
C ILE E 365 -57.32 7.78 -13.33
N SER E 366 -58.05 8.84 -13.67
CA SER E 366 -57.64 9.58 -14.86
C SER E 366 -57.68 11.08 -14.67
N ASN E 367 -58.88 11.64 -14.62
CA ASN E 367 -59.06 13.08 -14.50
C ASN E 367 -59.62 13.43 -13.13
N ASN E 379 -54.56 23.11 3.89
CA ASN E 379 -53.12 23.18 3.61
C ASN E 379 -52.30 22.69 4.79
N ASP E 380 -51.68 21.51 4.64
CA ASP E 380 -50.85 20.94 5.68
C ASP E 380 -49.85 19.98 5.03
N SER E 381 -49.12 19.24 5.87
CA SER E 381 -48.07 18.34 5.39
C SER E 381 -48.21 16.96 6.01
N ILE E 382 -47.24 16.08 5.77
CA ILE E 382 -47.31 14.71 6.29
C ILE E 382 -46.21 14.50 7.32
N THR E 383 -46.20 13.32 7.95
CA THR E 383 -45.21 12.95 8.94
C THR E 383 -45.06 11.44 8.92
N LEU E 384 -43.84 10.97 9.20
CA LEU E 384 -43.57 9.54 9.19
C LEU E 384 -42.87 9.11 10.47
N PRO E 385 -43.23 7.95 11.02
CA PRO E 385 -42.48 7.42 12.16
C PRO E 385 -41.15 6.84 11.73
N CYS E 386 -40.19 6.84 12.66
CA CYS E 386 -38.84 6.38 12.36
C CYS E 386 -38.25 5.68 13.57
N ARG E 387 -37.27 4.81 13.29
CA ARG E 387 -36.53 4.07 14.31
C ARG E 387 -35.04 4.19 14.03
N ILE E 388 -34.23 4.06 15.08
CA ILE E 388 -32.78 4.11 14.97
C ILE E 388 -32.21 2.76 15.37
N LYS E 389 -31.24 2.28 14.60
CA LYS E 389 -30.55 1.02 14.88
C LYS E 389 -29.04 1.27 14.75
N GLN E 390 -28.29 0.83 15.77
CA GLN E 390 -26.86 1.07 15.83
C GLN E 390 -26.06 -0.06 15.20
N ILE E 391 -26.19 -1.28 15.74
CA ILE E 391 -25.62 -2.46 15.09
C ILE E 391 -26.18 -2.56 13.68
N ILE E 392 -25.30 -2.59 12.69
CA ILE E 392 -25.71 -2.68 11.29
C ILE E 392 -24.78 -3.59 10.53
N ASN E 393 -25.35 -4.57 9.83
CA ASN E 393 -24.64 -5.50 8.98
C ASN E 393 -24.60 -5.07 7.52
N MET E 394 -24.95 -3.82 7.22
CA MET E 394 -25.40 -3.44 5.88
C MET E 394 -24.48 -3.96 4.79
N TRP E 395 -25.11 -4.28 3.65
CA TRP E 395 -24.60 -5.18 2.61
C TRP E 395 -24.47 -6.61 3.12
N GLN E 396 -25.15 -6.93 4.22
CA GLN E 396 -25.51 -8.30 4.59
C GLN E 396 -24.32 -9.22 4.84
N ARG E 397 -23.10 -8.78 4.56
CA ARG E 397 -21.95 -9.66 4.65
C ARG E 397 -21.80 -10.16 6.08
N ILE E 398 -21.82 -11.48 6.25
CA ILE E 398 -21.80 -12.06 7.59
C ILE E 398 -20.34 -12.23 8.01
N GLY E 399 -20.12 -12.63 9.26
CA GLY E 399 -18.79 -12.69 9.84
C GLY E 399 -18.24 -11.36 10.30
N GLN E 400 -18.78 -10.24 9.81
CA GLN E 400 -18.38 -8.92 10.25
C GLN E 400 -19.62 -8.03 10.34
N ALA E 401 -19.92 -7.52 11.53
CA ALA E 401 -20.96 -6.53 11.73
C ALA E 401 -20.31 -5.17 12.02
N MET E 402 -21.16 -4.16 12.25
CA MET E 402 -20.67 -2.86 12.68
C MET E 402 -21.66 -2.23 13.63
N TYR E 403 -21.14 -1.43 14.56
CA TYR E 403 -21.95 -0.69 15.52
C TYR E 403 -21.74 0.81 15.28
N ALA E 404 -22.84 1.55 15.21
CA ALA E 404 -22.78 2.99 15.01
C ALA E 404 -22.90 3.67 16.37
N PRO E 405 -21.86 4.36 16.84
CA PRO E 405 -21.95 5.00 18.14
C PRO E 405 -23.07 6.03 18.15
N PRO E 406 -23.69 6.24 19.31
CA PRO E 406 -24.77 7.23 19.38
C PRO E 406 -24.22 8.64 19.34
N ILE E 407 -25.03 9.55 18.81
CA ILE E 407 -24.65 10.95 18.70
C ILE E 407 -25.36 11.74 19.78
N GLN E 408 -24.64 12.65 20.41
CA GLN E 408 -25.17 13.38 21.56
C GLN E 408 -26.27 14.33 21.11
N GLY E 409 -27.44 14.17 21.71
CA GLY E 409 -28.49 15.16 21.58
C GLY E 409 -29.43 14.96 20.40
N VAL E 410 -30.18 16.02 20.15
CA VAL E 410 -31.15 16.03 19.06
C VAL E 410 -30.41 16.04 17.74
N ILE E 411 -30.71 15.06 16.89
CA ILE E 411 -30.13 14.97 15.56
C ILE E 411 -31.12 15.57 14.57
N ARG E 412 -30.61 16.39 13.64
CA ARG E 412 -31.45 16.92 12.57
C ARG E 412 -30.64 16.93 11.27
N CYS E 413 -31.27 16.43 10.21
CA CYS E 413 -30.70 16.46 8.88
C CYS E 413 -31.81 16.76 7.88
N VAL E 414 -31.52 17.66 6.94
CA VAL E 414 -32.46 18.05 5.90
C VAL E 414 -31.97 17.44 4.59
N SER E 415 -32.87 16.77 3.88
CA SER E 415 -32.51 16.05 2.66
C SER E 415 -33.42 16.49 1.52
N ASN E 416 -32.90 16.36 0.29
CA ASN E 416 -33.61 16.73 -0.92
C ASN E 416 -33.74 15.49 -1.80
N ILE E 417 -34.97 15.12 -2.12
CA ILE E 417 -35.26 13.80 -2.70
C ILE E 417 -35.21 13.91 -4.21
N THR E 418 -34.18 13.31 -4.81
CA THR E 418 -33.98 13.36 -6.26
C THR E 418 -34.36 12.09 -7.02
N GLY E 419 -34.76 11.02 -6.35
CA GLY E 419 -34.94 9.78 -7.08
C GLY E 419 -35.75 8.74 -6.33
N LEU E 420 -36.09 7.67 -7.06
CA LEU E 420 -36.97 6.63 -6.55
C LEU E 420 -36.65 5.29 -7.19
N ILE E 421 -37.07 4.22 -6.51
CA ILE E 421 -36.96 2.84 -6.97
C ILE E 421 -38.26 2.12 -6.64
N LEU E 422 -38.82 1.40 -7.63
CA LEU E 422 -40.12 0.75 -7.46
C LEU E 422 -40.14 -0.60 -8.17
N THR E 423 -41.13 -1.41 -7.80
CA THR E 423 -41.41 -2.70 -8.40
C THR E 423 -42.91 -2.77 -8.71
N ARG E 424 -43.28 -3.74 -9.52
CA ARG E 424 -44.65 -3.93 -9.95
C ARG E 424 -45.18 -5.23 -9.35
N ASP E 425 -46.50 -5.36 -9.48
CA ASP E 425 -47.29 -6.48 -8.95
C ASP E 425 -47.32 -7.69 -9.84
N GLY E 426 -48.50 -8.19 -10.20
CA GLY E 426 -48.45 -9.36 -11.04
C GLY E 426 -49.63 -9.56 -11.98
N GLY E 427 -50.07 -10.70 -12.53
CA GLY E 427 -51.13 -10.71 -13.50
C GLY E 427 -52.44 -10.19 -12.93
N SER E 428 -52.85 -10.71 -11.78
CA SER E 428 -54.07 -10.29 -11.12
C SER E 428 -55.24 -10.43 -12.08
N THR E 429 -55.83 -9.30 -12.47
CA THR E 429 -56.97 -9.26 -13.38
C THR E 429 -56.59 -8.50 -14.64
N ASN E 430 -57.07 -8.99 -15.78
CA ASN E 430 -56.64 -8.54 -17.09
C ASN E 430 -56.96 -7.06 -17.30
N SER E 431 -55.93 -6.26 -17.61
CA SER E 431 -56.09 -4.84 -17.90
C SER E 431 -56.99 -4.13 -16.88
N THR E 432 -56.73 -4.38 -15.60
CA THR E 432 -57.56 -3.77 -14.57
C THR E 432 -56.82 -2.67 -13.81
N THR E 433 -55.93 -3.04 -12.90
CA THR E 433 -55.22 -2.03 -12.12
C THR E 433 -53.83 -2.52 -11.76
N GLU E 434 -52.87 -1.61 -11.83
CA GLU E 434 -51.49 -1.89 -11.45
C GLU E 434 -51.17 -1.21 -10.12
N THR E 435 -50.47 -1.95 -9.27
CA THR E 435 -50.12 -1.51 -7.94
C THR E 435 -48.60 -1.37 -7.83
N PHE E 436 -48.17 -0.41 -7.01
CA PHE E 436 -46.76 -0.10 -6.86
C PHE E 436 -46.43 0.09 -5.40
N ARG E 437 -45.22 -0.33 -5.02
CA ARG E 437 -44.76 -0.28 -3.64
C ARG E 437 -43.28 0.05 -3.66
N PRO E 438 -42.65 0.24 -2.48
CA PRO E 438 -41.19 0.45 -2.45
C PRO E 438 -40.43 -0.77 -2.94
N GLY E 439 -39.11 -0.68 -3.00
CA GLY E 439 -38.35 -1.80 -3.49
C GLY E 439 -36.87 -1.50 -3.43
N GLY E 440 -36.09 -2.38 -4.06
CA GLY E 440 -34.65 -2.26 -4.05
C GLY E 440 -34.01 -2.88 -2.83
N GLY E 441 -32.96 -2.24 -2.32
CA GLY E 441 -32.14 -2.78 -1.26
C GLY E 441 -30.78 -3.23 -1.72
N ASP E 442 -30.62 -3.47 -3.02
CA ASP E 442 -29.30 -3.64 -3.61
C ASP E 442 -28.75 -2.26 -3.95
N MET E 443 -27.66 -1.88 -3.30
CA MET E 443 -27.14 -0.52 -3.43
C MET E 443 -26.62 -0.22 -4.83
N ARG E 444 -26.50 -1.23 -5.70
CA ARG E 444 -26.16 -0.96 -7.07
C ARG E 444 -27.19 -0.05 -7.74
N ASP E 445 -28.45 -0.15 -7.31
CA ASP E 445 -29.47 0.76 -7.83
C ASP E 445 -29.25 2.18 -7.33
N ASN E 446 -28.66 2.34 -6.13
CA ASN E 446 -28.37 3.68 -5.63
C ASN E 446 -27.37 4.40 -6.53
N TRP E 447 -26.38 3.69 -7.04
CA TRP E 447 -25.36 4.31 -7.87
C TRP E 447 -25.84 4.51 -9.31
N ARG E 448 -26.82 3.73 -9.76
CA ARG E 448 -27.40 3.95 -11.08
C ARG E 448 -28.11 5.30 -11.17
N SER E 449 -28.45 5.90 -10.03
CA SER E 449 -29.17 7.17 -10.05
C SER E 449 -28.36 8.27 -10.70
N GLU E 450 -27.07 8.37 -10.35
CA GLU E 450 -26.19 9.36 -10.95
C GLU E 450 -25.39 8.85 -12.15
N LEU E 451 -25.36 7.54 -12.37
CA LEU E 451 -24.56 6.94 -13.43
C LEU E 451 -25.35 6.62 -14.69
N TYR E 452 -26.64 6.93 -14.73
CA TYR E 452 -27.46 6.58 -15.89
C TYR E 452 -26.92 7.18 -17.18
N LYS E 453 -26.32 8.37 -17.09
CA LYS E 453 -25.82 9.07 -18.26
C LYS E 453 -24.36 8.76 -18.58
N TYR E 454 -23.74 7.82 -17.87
CA TYR E 454 -22.31 7.58 -17.97
C TYR E 454 -22.03 6.18 -18.52
N LYS E 455 -20.83 6.02 -19.09
CA LYS E 455 -20.29 4.77 -19.61
C LYS E 455 -18.86 5.05 -20.08
N VAL E 456 -18.10 3.97 -20.28
CA VAL E 456 -16.67 4.07 -20.56
C VAL E 456 -16.36 3.44 -21.91
N VAL E 457 -15.35 3.99 -22.58
CA VAL E 457 -14.83 3.47 -23.85
C VAL E 457 -13.32 3.52 -23.82
N LYS E 458 -12.69 3.03 -24.89
CA LYS E 458 -11.24 3.05 -25.02
C LYS E 458 -10.87 3.49 -26.43
N ILE E 459 -9.71 4.13 -26.57
CA ILE E 459 -9.31 4.75 -27.81
C ILE E 459 -8.51 3.77 -28.66
N GLU E 460 -8.75 3.78 -29.96
CA GLU E 460 -7.94 3.06 -30.95
C GLU E 460 -7.32 4.10 -31.86
N PRO E 461 -6.27 4.79 -31.42
CA PRO E 461 -5.71 5.89 -32.21
C PRO E 461 -5.06 5.43 -33.51
N LEU E 462 -4.75 4.14 -33.64
CA LEU E 462 -4.23 3.60 -34.89
C LEU E 462 -5.39 3.24 -35.81
N GLY E 463 -5.21 3.53 -37.10
CA GLY E 463 -6.20 3.16 -38.09
C GLY E 463 -5.54 3.01 -39.45
N VAL E 464 -6.16 2.21 -40.30
CA VAL E 464 -5.65 1.93 -41.63
C VAL E 464 -6.78 2.14 -42.63
N ALA E 465 -6.58 3.08 -43.54
CA ALA E 465 -7.55 3.41 -44.58
C ALA E 465 -6.82 3.62 -45.89
N PRO E 466 -7.43 3.24 -47.01
CA PRO E 466 -6.73 3.33 -48.29
C PRO E 466 -6.72 4.73 -48.86
N THR E 467 -5.69 4.99 -49.65
CA THR E 467 -5.58 6.18 -50.48
C THR E 467 -4.52 5.91 -51.52
N ARG E 468 -4.28 6.90 -52.38
CA ARG E 468 -3.27 6.76 -53.42
C ARG E 468 -1.85 6.83 -52.86
N CYS E 469 -1.68 7.12 -51.57
CA CYS E 469 -0.35 7.28 -51.00
C CYS E 469 0.38 5.95 -50.89
N LYS E 470 1.71 6.01 -50.99
CA LYS E 470 2.58 4.88 -50.78
C LYS E 470 3.92 5.40 -50.27
N ARG E 471 4.58 4.61 -49.42
CA ARG E 471 5.86 5.01 -48.88
C ARG E 471 6.96 4.79 -49.93
N ARG E 472 8.20 4.98 -49.52
CA ARG E 472 9.34 4.98 -50.43
C ARG E 472 9.88 3.57 -50.61
N VAL E 473 11.01 3.46 -51.31
CA VAL E 473 11.63 2.16 -51.57
C VAL E 473 12.88 2.00 -50.72
N ASN F 3 16.47 37.37 -37.90
CA ASN F 3 15.22 37.12 -37.20
C ASN F 3 15.26 35.80 -36.45
N LEU F 4 14.98 35.85 -35.16
CA LEU F 4 15.08 34.67 -34.31
C LEU F 4 13.85 33.79 -34.45
N TRP F 5 14.04 32.50 -34.16
CA TRP F 5 12.96 31.52 -34.15
C TRP F 5 12.98 30.83 -32.80
N VAL F 6 12.19 29.77 -32.62
CA VAL F 6 12.26 28.95 -31.42
C VAL F 6 12.95 27.64 -31.78
N THR F 7 13.78 27.14 -30.87
CA THR F 7 14.54 25.92 -31.10
C THR F 7 14.53 25.09 -29.83
N VAL F 8 14.14 23.82 -29.96
CA VAL F 8 14.01 22.93 -28.82
C VAL F 8 15.32 22.18 -28.62
N TYR F 9 15.73 22.05 -27.35
CA TYR F 9 16.94 21.31 -26.99
C TYR F 9 16.59 20.37 -25.86
N TYR F 10 16.83 19.08 -26.08
CA TYR F 10 16.52 18.05 -25.10
C TYR F 10 17.75 17.73 -24.27
N GLY F 11 17.56 17.59 -22.96
CA GLY F 11 18.67 17.36 -22.05
C GLY F 11 19.49 18.60 -21.81
N VAL F 12 18.82 19.72 -21.56
CA VAL F 12 19.49 20.97 -21.20
C VAL F 12 19.69 20.99 -19.69
N PRO F 13 20.74 21.69 -19.21
CA PRO F 13 20.99 21.81 -17.76
C PRO F 13 20.04 22.79 -17.07
N VAL F 14 18.74 22.60 -17.31
CA VAL F 14 17.69 23.35 -16.65
C VAL F 14 17.02 22.44 -15.64
N TRP F 15 17.03 22.84 -14.37
CA TRP F 15 16.31 22.13 -13.34
C TRP F 15 15.38 23.09 -12.61
N LYS F 16 14.35 22.52 -11.99
CA LYS F 16 13.44 23.25 -11.13
C LYS F 16 13.32 22.51 -9.81
N ASP F 17 12.89 23.23 -8.78
CA ASP F 17 12.84 22.68 -7.43
C ASP F 17 11.50 21.98 -7.21
N ALA F 18 11.57 20.71 -6.82
CA ALA F 18 10.39 19.92 -6.49
C ALA F 18 10.80 18.86 -5.48
N GLU F 19 9.83 18.04 -5.08
CA GLU F 19 10.06 17.03 -4.05
C GLU F 19 9.26 15.78 -4.37
N THR F 20 9.80 14.64 -3.96
CA THR F 20 9.18 13.34 -4.19
C THR F 20 9.66 12.38 -3.10
N THR F 21 9.35 11.10 -3.26
CA THR F 21 9.73 10.10 -2.28
C THR F 21 11.16 9.64 -2.53
N LEU F 22 11.96 9.59 -1.46
CA LEU F 22 13.34 9.14 -1.52
C LEU F 22 13.42 7.69 -1.03
N PHE F 23 14.64 7.14 -1.01
CA PHE F 23 14.83 5.77 -0.57
C PHE F 23 16.17 5.62 0.13
N CYS F 24 16.22 4.66 1.05
CA CYS F 24 17.32 4.47 1.99
C CYS F 24 18.51 3.75 1.33
N ALA F 25 19.69 3.96 1.92
CA ALA F 25 20.84 3.09 1.69
C ALA F 25 21.56 2.85 3.01
N SER F 26 21.60 1.59 3.45
CA SER F 26 22.18 1.17 4.73
C SER F 26 23.60 0.61 4.58
N ASP F 27 24.18 0.71 3.40
CA ASP F 27 25.32 -0.03 2.84
C ASP F 27 25.02 -1.54 2.88
N ALA F 28 26.07 -2.37 2.93
CA ALA F 28 25.92 -3.81 3.14
C ALA F 28 26.42 -4.32 4.49
N LYS F 29 27.14 -3.50 5.25
CA LYS F 29 27.82 -4.05 6.42
C LYS F 29 26.88 -4.14 7.62
N ALA F 30 26.09 -3.10 7.86
CA ALA F 30 25.08 -3.15 8.89
C ALA F 30 23.84 -3.93 8.46
N TYR F 31 23.76 -4.27 7.17
CA TYR F 31 22.73 -5.21 6.72
C TYR F 31 23.00 -6.60 7.28
N GLU F 32 24.28 -6.99 7.36
CA GLU F 32 24.66 -8.28 7.91
C GLU F 32 24.38 -8.38 9.41
N THR F 33 24.03 -7.27 10.07
CA THR F 33 23.67 -7.34 11.48
C THR F 33 22.46 -8.24 11.69
N GLU F 34 21.54 -8.27 10.72
CA GLU F 34 20.43 -9.23 10.64
C GLU F 34 19.70 -9.34 11.97
N LYS F 35 19.79 -10.51 12.61
CA LYS F 35 19.14 -10.77 13.90
C LYS F 35 17.63 -10.59 13.79
N HIS F 36 17.07 -10.95 12.64
CA HIS F 36 15.64 -10.78 12.36
C HIS F 36 15.26 -9.30 12.47
N ASN F 37 15.72 -8.54 11.46
CA ASN F 37 15.44 -7.11 11.33
C ASN F 37 16.03 -6.31 12.50
N VAL F 38 17.36 -6.18 12.47
CA VAL F 38 18.00 -5.27 13.41
C VAL F 38 17.60 -3.84 13.03
N TRP F 39 16.93 -3.16 13.96
CA TRP F 39 16.46 -1.79 13.78
C TRP F 39 15.84 -1.60 12.40
N ALA F 40 16.41 -0.69 11.61
CA ALA F 40 15.89 -0.37 10.31
C ALA F 40 16.16 -1.48 9.32
N THR F 41 17.45 -1.70 9.02
CA THR F 41 17.82 -2.37 7.78
C THR F 41 17.13 -3.73 7.66
N HIS F 42 16.28 -3.84 6.65
CA HIS F 42 15.66 -5.09 6.26
C HIS F 42 15.67 -5.20 4.75
N ALA F 43 14.88 -4.33 4.11
CA ALA F 43 14.77 -4.23 2.65
C ALA F 43 15.65 -3.12 2.08
N CYS F 44 16.47 -2.47 2.92
CA CYS F 44 17.15 -1.27 2.49
C CYS F 44 18.11 -1.55 1.33
N VAL F 45 18.15 -0.62 0.38
CA VAL F 45 18.98 -0.70 -0.82
C VAL F 45 20.44 -0.47 -0.41
N PRO F 46 21.40 -1.13 -1.06
CA PRO F 46 22.81 -0.89 -0.73
C PRO F 46 23.27 0.50 -1.16
N THR F 47 24.30 0.98 -0.47
CA THR F 47 24.93 2.26 -0.78
C THR F 47 25.91 2.10 -1.95
N ASP F 48 26.11 3.19 -2.68
CA ASP F 48 27.07 3.22 -3.77
C ASP F 48 28.48 2.94 -3.22
N PRO F 49 29.22 1.98 -3.80
CA PRO F 49 30.61 1.76 -3.35
C PRO F 49 31.50 2.97 -3.55
N ASN F 50 31.25 3.75 -4.60
CA ASN F 50 31.97 5.00 -4.86
C ASN F 50 30.93 6.11 -4.87
N PRO F 51 30.65 6.73 -3.72
CA PRO F 51 29.58 7.74 -3.65
C PRO F 51 29.91 8.96 -4.47
N GLN F 52 29.73 8.85 -5.79
CA GLN F 52 30.15 9.89 -6.72
C GLN F 52 29.56 11.23 -6.34
N GLU F 53 30.43 12.22 -6.19
CA GLU F 53 30.05 13.59 -5.86
C GLU F 53 30.54 14.49 -6.98
N ILE F 54 29.61 15.05 -7.75
CA ILE F 54 29.91 15.87 -8.91
C ILE F 54 29.64 17.32 -8.55
N HIS F 55 30.62 18.19 -8.82
CA HIS F 55 30.50 19.60 -8.51
C HIS F 55 29.98 20.36 -9.74
N LEU F 56 29.11 21.33 -9.49
CA LEU F 56 28.54 22.17 -10.54
C LEU F 56 29.06 23.59 -10.38
N GLU F 57 29.39 24.22 -11.50
CA GLU F 57 30.07 25.50 -11.50
C GLU F 57 29.12 26.60 -11.98
N ASN F 58 29.36 27.82 -11.49
CA ASN F 58 28.56 29.00 -11.80
C ASN F 58 27.10 28.84 -11.38
N VAL F 59 26.82 27.99 -10.41
CA VAL F 59 25.46 27.71 -9.96
C VAL F 59 25.31 28.30 -8.56
N THR F 60 24.44 29.30 -8.43
CA THR F 60 24.10 29.88 -7.14
C THR F 60 22.73 29.34 -6.74
N GLU F 61 22.70 28.49 -5.72
CA GLU F 61 21.50 27.82 -5.27
C GLU F 61 21.20 28.21 -3.84
N GLU F 62 19.94 28.55 -3.57
CA GLU F 62 19.51 28.96 -2.24
C GLU F 62 19.05 27.74 -1.45
N PHE F 63 19.65 27.50 -0.30
CA PHE F 63 19.41 26.32 0.51
C PHE F 63 18.62 26.67 1.76
N ASN F 64 17.66 25.82 2.12
CA ASN F 64 16.93 25.94 3.37
C ASN F 64 16.83 24.55 3.99
N MET F 65 17.44 24.39 5.18
CA MET F 65 17.35 23.14 5.92
C MET F 65 16.08 23.02 6.73
N TRP F 66 15.45 24.14 7.07
CA TRP F 66 14.30 24.14 7.95
C TRP F 66 13.00 23.80 7.22
N LYS F 67 12.88 24.20 5.96
CA LYS F 67 11.77 23.81 5.11
C LYS F 67 12.08 22.57 4.29
N ASN F 68 13.25 21.96 4.49
CA ASN F 68 13.64 20.78 3.71
C ASN F 68 12.69 19.62 3.99
N ASN F 69 12.14 19.05 2.92
CA ASN F 69 11.11 18.03 3.05
C ASN F 69 11.67 16.66 3.41
N MET F 70 12.95 16.41 3.11
CA MET F 70 13.54 15.09 3.39
C MET F 70 13.44 14.72 4.87
N VAL F 71 13.25 15.71 5.75
CA VAL F 71 13.17 15.42 7.18
C VAL F 71 11.86 14.74 7.51
N GLU F 72 10.73 15.29 7.04
CA GLU F 72 9.42 14.76 7.37
C GLU F 72 9.29 13.31 6.93
N GLN F 73 9.84 12.97 5.76
CA GLN F 73 9.91 11.58 5.35
C GLN F 73 10.64 10.73 6.38
N MET F 74 11.92 11.06 6.61
CA MET F 74 12.69 10.36 7.65
C MET F 74 11.96 10.33 8.98
N HIS F 75 11.19 11.38 9.29
CA HIS F 75 10.43 11.38 10.52
C HIS F 75 9.37 10.29 10.54
N THR F 76 8.66 10.11 9.43
CA THR F 76 7.56 9.15 9.39
C THR F 76 8.05 7.71 9.24
N ASP F 77 9.08 7.50 8.40
CA ASP F 77 9.55 6.15 8.14
C ASP F 77 10.00 5.46 9.42
N ILE F 78 10.74 6.19 10.26
CA ILE F 78 11.24 5.60 11.51
C ILE F 78 10.09 5.16 12.39
N ILE F 79 8.97 5.90 12.34
CA ILE F 79 7.81 5.53 13.15
C ILE F 79 7.09 4.33 12.55
N SER F 80 6.89 4.34 11.23
CA SER F 80 6.26 3.19 10.59
C SER F 80 7.12 1.95 10.73
N LEU F 81 8.41 2.05 10.38
CA LEU F 81 9.33 0.93 10.56
C LEU F 81 9.35 0.46 12.01
N TRP F 82 9.14 1.37 12.96
CA TRP F 82 9.04 0.99 14.36
C TRP F 82 7.91 -0.01 14.58
N ASP F 83 6.71 0.36 14.16
CA ASP F 83 5.57 -0.54 14.31
C ASP F 83 5.74 -1.80 13.46
N GLN F 84 6.40 -1.70 12.30
CA GLN F 84 6.62 -2.87 11.48
C GLN F 84 7.41 -3.94 12.22
N SER F 85 8.21 -3.53 13.20
CA SER F 85 8.82 -4.50 14.09
C SER F 85 7.82 -5.00 15.13
N LEU F 86 7.07 -4.09 15.74
CA LEU F 86 6.22 -4.45 16.88
C LEU F 86 5.06 -5.34 16.48
N LYS F 87 4.58 -5.23 15.23
CA LYS F 87 3.40 -5.98 14.83
C LYS F 87 3.63 -7.49 14.85
N PRO F 88 4.69 -8.04 14.23
CA PRO F 88 4.98 -9.46 14.45
C PRO F 88 5.46 -9.77 15.86
N CYS F 89 5.91 -8.76 16.60
CA CYS F 89 6.44 -8.96 17.95
C CYS F 89 5.31 -9.29 18.93
N VAL F 90 5.68 -9.40 20.20
CA VAL F 90 4.77 -9.86 21.26
C VAL F 90 3.97 -8.68 21.80
N LYS F 91 2.65 -8.81 21.77
CA LYS F 91 1.76 -7.81 22.33
C LYS F 91 1.63 -8.03 23.83
N LEU F 92 1.95 -7.00 24.62
CA LEU F 92 1.92 -7.06 26.07
C LEU F 92 0.59 -6.58 26.66
N THR F 93 -0.41 -6.34 25.83
CA THR F 93 -1.73 -5.92 26.34
C THR F 93 -2.24 -6.76 27.51
N PRO F 94 -2.03 -8.09 27.58
CA PRO F 94 -2.44 -8.81 28.80
C PRO F 94 -1.62 -8.45 30.03
N LEU F 95 -0.47 -7.80 29.88
CA LEU F 95 0.38 -7.48 31.03
C LEU F 95 -0.23 -6.44 31.95
N CYS F 96 -1.35 -5.82 31.59
CA CYS F 96 -1.96 -4.84 32.48
C CYS F 96 -2.67 -5.61 33.58
N VAL F 97 -2.16 -5.50 34.81
CA VAL F 97 -2.50 -6.41 35.89
C VAL F 97 -2.19 -5.71 37.19
N THR F 98 -2.90 -6.08 38.26
CA THR F 98 -2.54 -5.59 39.59
C THR F 98 -1.22 -6.22 40.03
N LEU F 99 -0.27 -5.38 40.43
CA LEU F 99 1.07 -5.82 40.77
C LEU F 99 1.32 -5.59 42.26
N GLN F 100 1.68 -6.65 42.97
CA GLN F 100 2.13 -6.53 44.35
C GLN F 100 3.64 -6.41 44.34
N CYS F 101 4.15 -5.24 44.69
CA CYS F 101 5.57 -4.94 44.56
C CYS F 101 6.13 -4.47 45.90
N THR F 102 7.45 -4.53 46.02
CA THR F 102 8.15 -4.13 47.23
C THR F 102 9.32 -3.22 46.86
N ASN F 103 9.65 -2.30 47.77
CA ASN F 103 10.92 -1.59 47.65
C ASN F 103 12.04 -2.62 47.55
N VAL F 104 12.96 -2.41 46.60
CA VAL F 104 13.96 -3.45 46.32
C VAL F 104 14.88 -3.64 47.52
N THR F 105 15.54 -4.79 47.55
CA THR F 105 16.33 -5.17 48.72
C THR F 105 17.66 -4.44 48.70
N ASN F 106 17.87 -3.61 49.72
CA ASN F 106 19.09 -2.86 49.97
C ASN F 106 19.10 -2.52 51.45
N ASN F 107 20.25 -2.09 51.95
CA ASN F 107 20.34 -1.72 53.36
C ASN F 107 20.21 -0.20 53.43
N ILE F 108 18.98 0.25 53.70
CA ILE F 108 18.60 1.63 54.02
C ILE F 108 19.35 2.64 53.14
N THR F 109 19.83 3.72 53.77
CA THR F 109 20.64 4.77 53.11
C THR F 109 20.04 5.20 51.77
N ASP F 110 18.75 5.55 51.80
CA ASP F 110 18.02 5.93 50.58
C ASP F 110 17.81 7.43 50.51
N ASP F 111 16.90 7.99 51.30
CA ASP F 111 16.62 9.42 51.26
C ASP F 111 17.76 10.23 51.86
N GLY F 114 15.24 3.00 46.34
CA GLY F 114 14.32 2.03 45.75
C GLY F 114 14.28 2.12 44.23
N GLU F 115 13.12 2.54 43.72
CA GLU F 115 12.87 2.73 42.28
C GLU F 115 12.84 1.41 41.53
N LEU F 116 13.31 0.34 42.16
CA LEU F 116 13.20 -1.00 41.63
C LEU F 116 12.27 -1.80 42.54
N LYS F 117 11.44 -2.64 41.94
CA LYS F 117 10.38 -3.31 42.67
C LYS F 117 10.45 -4.82 42.43
N ASN F 118 10.26 -5.59 43.49
CA ASN F 118 10.05 -7.02 43.37
C ASN F 118 8.55 -7.22 43.26
N CYS F 119 8.07 -7.55 42.06
CA CYS F 119 6.66 -7.46 41.72
C CYS F 119 6.09 -8.84 41.49
N SER F 120 5.28 -9.31 42.43
CA SER F 120 4.59 -10.58 42.31
C SER F 120 3.17 -10.34 41.81
N PHE F 121 2.79 -11.02 40.74
CA PHE F 121 1.48 -10.85 40.14
C PHE F 121 1.01 -12.15 39.51
N ASN F 122 -0.30 -12.31 39.44
CA ASN F 122 -0.93 -13.50 38.88
C ASN F 122 -1.05 -13.32 37.36
N MET F 123 -0.41 -14.22 36.60
CA MET F 123 -0.32 -14.14 35.14
C MET F 123 -0.89 -15.41 34.52
N THR F 124 -0.81 -15.50 33.19
CA THR F 124 -1.36 -16.62 32.43
C THR F 124 -0.26 -17.32 31.64
N THR F 125 -0.56 -18.55 31.23
CA THR F 125 0.37 -19.42 30.54
C THR F 125 -0.09 -19.66 29.11
N GLU F 126 0.66 -20.53 28.41
CA GLU F 126 0.27 -20.94 27.07
C GLU F 126 -1.01 -21.77 27.09
N LEU F 127 -1.20 -22.57 28.13
CA LEU F 127 -2.44 -23.30 28.31
C LEU F 127 -3.48 -22.34 28.87
N ARG F 128 -4.59 -22.17 28.15
CA ARG F 128 -5.49 -21.07 28.42
C ARG F 128 -6.16 -21.20 29.78
N ASP F 129 -6.30 -22.42 30.29
CA ASP F 129 -6.96 -22.61 31.58
C ASP F 129 -6.03 -22.29 32.74
N LYS F 130 -4.95 -23.05 32.87
CA LYS F 130 -4.02 -22.84 33.97
C LYS F 130 -3.35 -21.47 33.86
N LYS F 131 -2.92 -20.94 35.00
CA LYS F 131 -2.37 -19.59 35.07
C LYS F 131 -0.99 -19.57 35.70
N GLN F 132 -0.45 -18.39 35.94
CA GLN F 132 0.96 -18.25 36.31
C GLN F 132 1.09 -17.27 37.47
N LYS F 133 1.99 -17.60 38.41
CA LYS F 133 2.37 -16.71 39.51
C LYS F 133 3.87 -16.46 39.37
N VAL F 134 4.24 -15.21 39.07
CA VAL F 134 5.61 -14.87 38.74
C VAL F 134 6.02 -13.57 39.43
N TYR F 135 7.33 -13.34 39.47
CA TYR F 135 7.89 -12.11 40.01
C TYR F 135 8.87 -11.51 39.01
N SER F 136 8.91 -10.18 38.95
CA SER F 136 9.84 -9.48 38.08
C SER F 136 10.20 -8.14 38.69
N LEU F 137 11.28 -7.55 38.20
CA LEU F 137 11.83 -6.31 38.75
C LEU F 137 11.62 -5.19 37.73
N PHE F 138 10.93 -4.13 38.14
CA PHE F 138 10.58 -3.07 37.22
C PHE F 138 11.05 -1.72 37.74
N TYR F 139 11.44 -0.86 36.80
CA TYR F 139 11.78 0.51 37.13
C TYR F 139 10.51 1.29 37.45
N ARG F 140 10.64 2.29 38.32
CA ARG F 140 9.47 2.99 38.84
C ARG F 140 8.71 3.75 37.76
N LEU F 141 9.34 4.03 36.62
CA LEU F 141 8.73 4.87 35.60
C LEU F 141 7.74 4.12 34.72
N ASP F 142 7.76 2.78 34.73
CA ASP F 142 6.86 2.00 33.91
C ASP F 142 5.56 1.64 34.62
N VAL F 143 5.44 1.90 35.92
CA VAL F 143 4.28 1.52 36.70
C VAL F 143 3.75 2.72 37.47
N VAL F 144 2.61 2.53 38.13
CA VAL F 144 2.06 3.52 39.05
C VAL F 144 1.15 2.76 40.02
N GLN F 145 1.07 3.25 41.26
CA GLN F 145 0.31 2.54 42.28
C GLN F 145 -1.18 2.83 42.12
N ILE F 146 -1.99 2.19 42.96
CA ILE F 146 -3.44 2.36 42.95
C ILE F 146 -3.92 2.25 44.40
N ASN F 147 -4.83 3.15 44.77
CA ASN F 147 -5.37 3.15 46.12
C ASN F 147 -6.89 2.99 46.10
N SER F 157 -1.92 -4.08 55.20
CA SER F 157 -1.84 -4.48 53.80
C SER F 157 -0.72 -3.72 53.09
N ASN F 158 -0.25 -4.28 51.98
CA ASN F 158 0.85 -3.72 51.21
C ASN F 158 0.34 -3.06 49.94
N LYS F 159 1.06 -2.02 49.51
CA LYS F 159 0.63 -1.23 48.37
C LYS F 159 0.62 -2.04 47.09
N GLU F 160 -0.36 -1.77 46.23
CA GLU F 160 -0.53 -2.43 44.94
C GLU F 160 -0.20 -1.46 43.82
N TYR F 161 0.31 -2.01 42.72
CA TYR F 161 0.78 -1.19 41.60
C TYR F 161 0.24 -1.73 40.28
N ARG F 162 0.28 -0.87 39.27
CA ARG F 162 -0.19 -1.23 37.93
C ARG F 162 0.64 -0.45 36.91
N LEU F 163 0.64 -0.93 35.67
CA LEU F 163 1.45 -0.30 34.64
C LEU F 163 0.92 1.08 34.29
N ILE F 164 1.80 1.90 33.71
CA ILE F 164 1.47 3.30 33.44
C ILE F 164 0.64 3.43 32.16
N ASN F 165 0.81 2.54 31.19
CA ASN F 165 0.14 2.64 29.90
C ASN F 165 -1.26 2.05 29.90
N CYS F 166 -1.68 1.42 31.00
CA CYS F 166 -2.90 0.63 30.98
C CYS F 166 -4.11 1.48 30.67
N ASN F 167 -4.11 2.71 31.12
CA ASN F 167 -5.23 3.59 30.86
C ASN F 167 -5.05 4.44 29.63
N THR F 168 -3.98 4.22 28.87
CA THR F 168 -3.76 5.02 27.67
C THR F 168 -3.79 4.20 26.40
N SER F 169 -2.74 3.41 26.16
CA SER F 169 -2.50 2.83 24.85
C SER F 169 -2.18 1.35 24.96
N ALA F 170 -2.65 0.58 23.97
CA ALA F 170 -2.34 -0.83 23.88
C ALA F 170 -0.83 -1.02 23.77
N ILE F 171 -0.29 -1.84 24.67
CA ILE F 171 1.15 -2.01 24.81
C ILE F 171 1.58 -3.26 24.05
N THR F 172 2.65 -3.13 23.28
CA THR F 172 3.33 -4.27 22.68
C THR F 172 4.75 -4.32 23.21
N GLN F 173 5.51 -5.30 22.74
CA GLN F 173 6.90 -5.45 23.12
C GLN F 173 7.70 -5.76 21.86
N ALA F 174 8.73 -4.97 21.59
CA ALA F 174 9.58 -5.26 20.43
C ALA F 174 10.36 -6.54 20.71
N CYS F 175 10.17 -7.55 19.86
CA CYS F 175 10.74 -8.85 20.14
C CYS F 175 12.26 -8.76 20.17
N PRO F 176 12.92 -9.58 21.01
CA PRO F 176 14.35 -9.36 21.27
C PRO F 176 15.22 -9.57 20.06
N LYS F 177 14.72 -10.27 19.04
CA LYS F 177 15.45 -10.40 17.79
C LYS F 177 15.72 -9.03 17.19
N VAL F 178 14.65 -8.27 16.94
CA VAL F 178 14.82 -6.92 16.41
C VAL F 178 15.55 -6.08 17.45
N SER F 179 16.55 -5.33 16.98
CA SER F 179 17.28 -4.41 17.85
C SER F 179 16.85 -2.98 17.57
N PHE F 180 17.34 -2.08 18.41
CA PHE F 180 17.12 -0.65 18.24
C PHE F 180 18.35 0.09 17.69
N GLU F 181 19.43 -0.62 17.39
CA GLU F 181 20.72 0.01 17.10
C GLU F 181 20.66 0.88 15.86
N PRO F 182 20.95 2.17 15.96
CA PRO F 182 20.93 3.03 14.76
C PRO F 182 21.95 2.59 13.73
N ILE F 183 21.48 2.40 12.51
CA ILE F 183 22.28 1.91 11.39
C ILE F 183 22.40 3.03 10.35
N PRO F 184 23.60 3.42 9.95
CA PRO F 184 23.75 4.52 8.98
C PRO F 184 22.89 4.31 7.75
N ILE F 185 22.15 5.36 7.36
CA ILE F 185 21.21 5.31 6.25
C ILE F 185 21.55 6.42 5.27
N HIS F 186 21.66 6.08 3.99
CA HIS F 186 21.92 7.05 2.93
C HIS F 186 20.64 7.23 2.14
N TYR F 187 20.02 8.39 2.23
CA TYR F 187 18.82 8.68 1.46
C TYR F 187 19.21 9.03 0.03
N CYS F 188 18.48 8.45 -0.93
CA CYS F 188 18.81 8.57 -2.34
C CYS F 188 17.59 9.04 -3.12
N ALA F 189 17.87 9.57 -4.33
CA ALA F 189 16.84 10.12 -5.20
C ALA F 189 16.81 9.38 -6.53
N PRO F 190 15.65 9.35 -7.21
CA PRO F 190 15.56 8.64 -8.48
C PRO F 190 15.99 9.48 -9.67
N ALA F 191 15.85 8.93 -10.87
CA ALA F 191 16.20 9.64 -12.09
C ALA F 191 15.24 10.79 -12.35
N GLY F 192 15.70 11.77 -13.13
CA GLY F 192 15.00 13.02 -13.28
C GLY F 192 15.09 13.94 -12.09
N PHE F 193 15.63 13.47 -10.97
CA PHE F 193 15.87 14.24 -9.76
C PHE F 193 17.32 14.00 -9.34
N ALA F 194 17.72 14.66 -8.25
CA ALA F 194 19.05 14.46 -7.68
C ALA F 194 19.05 15.08 -6.28
N ILE F 195 20.18 14.95 -5.59
CA ILE F 195 20.38 15.53 -4.28
C ILE F 195 21.57 16.48 -4.37
N LEU F 196 21.48 17.61 -3.66
CA LEU F 196 22.52 18.64 -3.69
C LEU F 196 23.14 18.74 -2.30
N LYS F 197 24.46 18.74 -2.24
CA LYS F 197 25.21 18.84 -0.99
C LYS F 197 25.88 20.19 -0.91
N CYS F 198 25.59 20.94 0.15
CA CYS F 198 26.17 22.26 0.36
C CYS F 198 27.41 22.11 1.23
N LYS F 199 28.59 22.27 0.62
CA LYS F 199 29.84 21.93 1.26
C LYS F 199 30.59 23.11 1.87
N ASP F 200 30.10 24.33 1.73
CA ASP F 200 30.88 25.49 2.17
C ASP F 200 31.02 25.48 3.68
N LYS F 201 32.24 25.78 4.14
CA LYS F 201 32.61 25.51 5.53
C LYS F 201 31.75 26.28 6.52
N LYS F 202 31.72 27.61 6.39
CA LYS F 202 30.88 28.41 7.27
C LYS F 202 29.55 28.65 6.55
N PHE F 203 28.52 27.96 7.00
CA PHE F 203 27.21 27.95 6.35
C PHE F 203 26.16 27.92 7.44
N ASN F 204 25.25 28.89 7.43
CA ASN F 204 24.23 28.99 8.45
C ASN F 204 22.95 28.23 8.09
N GLY F 205 22.92 27.56 6.95
CA GLY F 205 21.79 26.75 6.55
C GLY F 205 20.73 27.47 5.76
N THR F 206 20.63 28.79 5.90
CA THR F 206 19.67 29.59 5.16
C THR F 206 20.39 30.38 4.07
N GLY F 207 19.60 31.14 3.31
CA GLY F 207 20.13 31.95 2.23
C GLY F 207 20.74 31.11 1.12
N PRO F 208 21.55 31.74 0.27
CA PRO F 208 22.21 31.00 -0.81
C PRO F 208 23.39 30.20 -0.29
N CYS F 209 23.69 29.13 -1.02
CA CYS F 209 24.83 28.27 -0.69
C CYS F 209 25.94 28.47 -1.71
N PRO F 210 27.13 28.91 -1.30
CA PRO F 210 28.21 29.11 -2.29
C PRO F 210 28.69 27.83 -2.93
N SER F 211 28.87 26.75 -2.15
CA SER F 211 29.45 25.52 -2.65
C SER F 211 28.34 24.50 -2.89
N VAL F 212 28.03 24.24 -4.16
CA VAL F 212 26.90 23.39 -4.53
C VAL F 212 27.45 22.21 -5.31
N SER F 213 27.27 21.00 -4.77
CA SER F 213 27.65 19.76 -5.43
C SER F 213 26.49 18.79 -5.37
N THR F 214 26.31 18.01 -6.44
CA THR F 214 25.19 17.09 -6.56
C THR F 214 25.63 15.66 -6.31
N VAL F 215 24.80 14.91 -5.57
CA VAL F 215 25.01 13.49 -5.33
C VAL F 215 23.65 12.80 -5.48
N GLN F 216 23.70 11.49 -5.72
CA GLN F 216 22.49 10.69 -5.76
C GLN F 216 22.14 10.06 -4.41
N CYS F 217 23.01 10.15 -3.41
CA CYS F 217 22.75 9.59 -2.09
C CYS F 217 23.47 10.42 -1.04
N THR F 218 22.91 10.45 0.17
CA THR F 218 23.55 11.16 1.26
C THR F 218 24.71 10.32 1.81
N HIS F 219 25.40 10.87 2.81
CA HIS F 219 26.41 10.11 3.53
C HIS F 219 25.73 9.17 4.52
N GLY F 220 26.53 8.42 5.27
CA GLY F 220 25.98 7.53 6.26
C GLY F 220 25.29 8.31 7.36
N ILE F 221 23.99 8.10 7.54
CA ILE F 221 23.21 8.79 8.55
C ILE F 221 22.58 7.74 9.45
N LYS F 222 23.05 7.66 10.68
CA LYS F 222 22.39 6.81 11.66
C LYS F 222 21.11 7.49 12.12
N PRO F 223 19.94 6.91 11.88
CA PRO F 223 18.71 7.52 12.41
C PRO F 223 18.69 7.40 13.91
N VAL F 224 19.55 8.17 14.58
CA VAL F 224 19.67 8.07 16.03
C VAL F 224 18.39 8.58 16.64
N VAL F 225 17.74 7.74 17.43
CA VAL F 225 16.55 8.15 18.17
C VAL F 225 17.05 8.65 19.51
N SER F 226 17.04 9.97 19.68
CA SER F 226 17.69 10.57 20.84
C SER F 226 17.15 11.97 21.03
N THR F 227 17.32 12.48 22.25
CA THR F 227 16.89 13.83 22.60
C THR F 227 17.99 14.54 23.38
N GLN F 228 18.04 15.86 23.22
CA GLN F 228 18.92 16.78 23.94
C GLN F 228 20.37 16.71 23.49
N LEU F 229 20.75 15.62 22.79
CA LEU F 229 22.11 15.44 22.34
C LEU F 229 22.09 14.60 21.07
N LEU F 230 23.04 14.88 20.18
CA LEU F 230 23.19 14.14 18.94
C LEU F 230 24.49 13.34 18.98
N LEU F 231 24.41 12.08 18.56
CA LEU F 231 25.54 11.16 18.64
C LEU F 231 25.85 10.60 17.27
N ASN F 232 27.14 10.37 17.02
CA ASN F 232 27.66 9.58 15.90
C ASN F 232 27.52 10.28 14.54
N GLY F 233 26.94 11.48 14.49
CA GLY F 233 26.66 12.14 13.22
C GLY F 233 27.84 12.84 12.60
N SER F 234 27.53 13.81 11.75
CA SER F 234 28.55 14.58 11.02
C SER F 234 29.12 15.72 11.86
N LEU F 235 30.36 16.06 11.56
CA LEU F 235 31.08 17.15 12.20
C LEU F 235 31.19 18.36 11.28
N ALA F 236 31.20 19.55 11.88
CA ALA F 236 31.36 20.79 11.13
C ALA F 236 32.84 21.03 10.80
N GLU F 237 33.15 22.18 10.23
CA GLU F 237 34.50 22.52 9.82
C GLU F 237 34.85 23.93 10.29
N GLU F 238 36.14 24.12 10.58
CA GLU F 238 36.68 25.42 11.02
C GLU F 238 35.96 25.83 12.29
N GLU F 239 35.36 27.02 12.35
CA GLU F 239 34.60 27.42 13.52
C GLU F 239 33.41 26.51 13.72
N VAL F 240 32.96 26.38 14.97
CA VAL F 240 31.73 25.64 15.21
C VAL F 240 30.55 26.46 14.68
N MET F 241 29.76 25.86 13.81
CA MET F 241 28.78 26.63 13.06
C MET F 241 27.48 26.80 13.83
N ILE F 242 26.88 27.97 13.71
CA ILE F 242 25.64 28.32 14.40
C ILE F 242 24.55 28.44 13.34
N ARG F 243 23.58 27.53 13.39
CA ARG F 243 22.50 27.49 12.40
C ARG F 243 21.15 27.62 13.10
N SER F 244 20.35 28.58 12.66
CA SER F 244 18.98 28.73 13.14
C SER F 244 18.14 29.28 12.00
N GLU F 245 16.90 28.81 11.91
CA GLU F 245 15.98 29.36 10.92
C GLU F 245 15.79 30.85 11.14
N ASN F 246 15.36 31.22 12.34
CA ASN F 246 15.25 32.62 12.74
C ASN F 246 15.71 32.73 14.19
N ILE F 247 16.74 33.54 14.42
CA ILE F 247 17.28 33.66 15.78
C ILE F 247 16.55 34.71 16.61
N THR F 248 15.81 35.62 15.97
CA THR F 248 15.05 36.61 16.74
C THR F 248 13.89 35.96 17.49
N ASN F 249 13.43 34.81 17.03
CA ASN F 249 12.41 34.04 17.75
C ASN F 249 13.08 33.08 18.70
N ASN F 250 12.82 33.25 20.00
CA ASN F 250 13.32 32.32 20.98
C ASN F 250 12.70 30.93 20.81
N ALA F 251 11.46 30.87 20.32
CA ALA F 251 10.74 29.61 20.26
C ALA F 251 11.36 28.65 19.24
N LYS F 252 11.82 29.17 18.11
CA LYS F 252 12.44 28.32 17.10
C LYS F 252 13.74 27.72 17.64
N ASN F 253 13.90 26.41 17.47
CA ASN F 253 15.08 25.73 17.96
C ASN F 253 16.30 26.15 17.15
N ILE F 254 17.46 26.09 17.81
CA ILE F 254 18.74 26.46 17.20
C ILE F 254 19.65 25.24 17.26
N LEU F 255 20.29 24.92 16.13
CA LEU F 255 21.13 23.74 16.01
C LEU F 255 22.58 24.14 15.83
N VAL F 256 23.49 23.33 16.39
CA VAL F 256 24.92 23.57 16.32
C VAL F 256 25.59 22.32 15.77
N GLN F 257 26.80 22.50 15.24
CA GLN F 257 27.58 21.40 14.69
C GLN F 257 29.04 21.55 15.12
N PHE F 258 29.61 20.48 15.67
CA PHE F 258 30.96 20.52 16.20
C PHE F 258 31.98 20.32 15.09
N ASN F 259 33.12 20.99 15.22
CA ASN F 259 34.31 20.57 14.49
C ASN F 259 35.11 19.52 15.25
N THR F 260 34.88 19.39 16.56
CA THR F 260 35.59 18.43 17.40
C THR F 260 34.59 17.45 18.00
N PRO F 261 34.69 16.15 17.73
CA PRO F 261 33.79 15.19 18.37
C PRO F 261 34.12 15.04 19.85
N VAL F 262 33.08 14.74 20.64
CA VAL F 262 33.18 14.63 22.08
C VAL F 262 32.88 13.20 22.50
N GLN F 263 33.70 12.68 23.41
CA GLN F 263 33.59 11.30 23.87
C GLN F 263 32.62 11.19 25.04
N ILE F 264 31.86 10.09 25.06
CA ILE F 264 31.02 9.77 26.22
C ILE F 264 30.94 8.26 26.35
N ASN F 265 31.01 7.77 27.58
CA ASN F 265 30.90 6.36 27.90
C ASN F 265 29.63 6.14 28.71
N CYS F 266 28.62 5.52 28.10
CA CYS F 266 27.37 5.26 28.79
C CYS F 266 27.32 3.80 29.21
N THR F 267 26.92 3.56 30.46
CA THR F 267 26.91 2.22 31.03
C THR F 267 25.64 2.00 31.83
N ARG F 268 25.11 0.78 31.77
CA ARG F 268 24.21 0.28 32.80
C ARG F 268 25.01 -0.69 33.63
N PRO F 269 25.48 -0.31 34.82
CA PRO F 269 26.39 -1.18 35.58
C PRO F 269 25.74 -2.39 36.18
N ASN F 270 24.42 -2.40 36.32
CA ASN F 270 23.74 -3.56 36.87
C ASN F 270 23.84 -4.74 35.93
N ASN F 271 23.96 -5.93 36.50
CA ASN F 271 24.07 -7.17 35.74
C ASN F 271 22.69 -7.80 35.76
N ASN F 272 21.97 -7.65 34.66
CA ASN F 272 20.57 -8.03 34.58
C ASN F 272 20.38 -9.50 34.24
N THR F 273 19.24 -10.03 34.64
CA THR F 273 18.76 -11.33 34.20
C THR F 273 17.49 -11.13 33.38
N ARG F 274 17.34 -11.88 32.29
CA ARG F 274 16.14 -11.82 31.46
C ARG F 274 15.33 -13.09 31.69
N LYS F 275 14.16 -12.95 32.31
CA LYS F 275 13.25 -14.05 32.53
C LYS F 275 12.25 -14.09 31.37
N SER F 276 12.33 -15.14 30.57
CA SER F 276 11.41 -15.35 29.45
C SER F 276 10.27 -16.24 29.95
N ILE F 277 9.08 -15.68 30.01
CA ILE F 277 7.91 -16.35 30.54
C ILE F 277 6.94 -16.59 29.40
N ARG F 278 6.27 -17.76 29.42
CA ARG F 278 5.48 -18.19 28.26
C ARG F 278 4.04 -17.72 28.40
N ILE F 279 3.66 -16.74 27.58
CA ILE F 279 2.28 -16.28 27.43
C ILE F 279 1.63 -16.87 26.17
N GLY F 280 2.28 -17.80 25.50
CA GLY F 280 1.93 -18.22 24.16
C GLY F 280 0.65 -19.04 24.04
N PRO F 281 0.52 -19.88 22.99
CA PRO F 281 1.55 -20.32 22.04
C PRO F 281 2.05 -19.27 21.05
N GLY F 282 3.37 -19.22 20.90
CA GLY F 282 4.04 -18.31 20.01
C GLY F 282 4.31 -16.95 20.62
N GLN F 283 3.51 -16.55 21.58
CA GLN F 283 3.76 -15.40 22.43
C GLN F 283 4.65 -15.77 23.61
N ALA F 284 5.33 -14.77 24.16
CA ALA F 284 6.14 -14.91 25.36
C ALA F 284 6.64 -13.53 25.75
N PHE F 285 7.01 -13.38 27.01
CA PHE F 285 7.39 -12.09 27.57
C PHE F 285 8.73 -12.21 28.26
N TYR F 286 9.61 -11.27 27.98
CA TYR F 286 10.97 -11.28 28.52
C TYR F 286 11.01 -10.28 29.67
N ALA F 287 11.10 -10.80 30.89
CA ALA F 287 11.04 -9.98 32.09
C ALA F 287 12.46 -9.67 32.56
N THR F 288 12.54 -8.94 33.67
CA THR F 288 13.83 -8.60 34.26
C THR F 288 14.04 -9.44 35.51
N GLY F 289 15.18 -10.11 35.57
CA GLY F 289 15.54 -10.88 36.75
C GLY F 289 16.28 -10.05 37.78
N ASP F 290 16.68 -10.72 38.85
CA ASP F 290 17.34 -10.02 39.94
C ASP F 290 18.78 -9.70 39.58
N ILE F 291 19.23 -8.51 39.97
CA ILE F 291 20.59 -8.08 39.72
C ILE F 291 21.55 -9.02 40.43
N ILE F 292 22.67 -9.33 39.79
CA ILE F 292 23.66 -10.24 40.33
C ILE F 292 24.78 -9.41 40.91
N GLY F 293 24.89 -9.40 42.24
CA GLY F 293 25.94 -8.63 42.90
C GLY F 293 25.62 -7.18 43.19
N ASP F 294 26.65 -6.34 43.08
CA ASP F 294 26.55 -4.94 43.46
C ASP F 294 25.37 -4.26 42.79
N ILE F 295 24.65 -3.46 43.57
CA ILE F 295 23.57 -2.62 43.06
C ILE F 295 24.18 -1.26 42.74
N ARG F 296 24.26 -0.94 41.47
CA ARG F 296 24.71 0.35 40.97
C ARG F 296 23.60 0.95 40.11
N GLN F 297 23.87 2.11 39.53
CA GLN F 297 22.89 2.77 38.67
C GLN F 297 23.57 3.33 37.45
N ALA F 298 22.79 3.50 36.38
CA ALA F 298 23.33 3.91 35.10
C ALA F 298 23.93 5.32 35.20
N HIS F 299 24.84 5.60 34.27
CA HIS F 299 25.61 6.83 34.29
C HIS F 299 26.47 6.89 33.04
N CYS F 300 26.95 8.09 32.72
CA CYS F 300 27.81 8.32 31.58
C CYS F 300 28.84 9.38 31.93
N ASN F 301 30.07 9.19 31.47
CA ASN F 301 31.18 10.06 31.81
C ASN F 301 31.59 10.93 30.62
N VAL F 302 31.98 12.16 30.91
CA VAL F 302 32.39 13.13 29.90
C VAL F 302 33.56 13.94 30.45
N SER F 303 34.58 14.15 29.61
CA SER F 303 35.77 14.87 30.05
C SER F 303 35.45 16.33 30.33
N LYS F 304 35.86 16.80 31.51
CA LYS F 304 35.60 18.19 31.91
C LYS F 304 36.54 19.17 31.23
N ALA F 305 37.73 18.72 30.82
CA ALA F 305 38.72 19.63 30.25
C ALA F 305 38.31 20.06 28.85
N THR F 306 38.21 19.12 27.91
CA THR F 306 37.70 19.44 26.58
C THR F 306 36.32 20.06 26.65
N TRP F 307 35.56 19.77 27.70
CA TRP F 307 34.25 20.41 27.88
C TRP F 307 34.40 21.90 28.13
N ASN F 308 35.22 22.27 29.12
CA ASN F 308 35.44 23.69 29.41
C ASN F 308 35.98 24.43 28.20
N GLU F 309 36.91 23.81 27.46
CA GLU F 309 37.43 24.43 26.26
C GLU F 309 36.38 24.50 25.15
N THR F 310 35.49 23.51 25.08
CA THR F 310 34.41 23.55 24.11
C THR F 310 33.53 24.78 24.34
N LEU F 311 33.21 25.08 25.61
CA LEU F 311 32.35 26.22 25.90
C LEU F 311 33.08 27.52 25.65
N GLY F 312 34.42 27.52 25.77
CA GLY F 312 35.20 28.70 25.43
C GLY F 312 35.26 28.94 23.94
N LYS F 313 35.51 27.88 23.15
CA LYS F 313 35.47 28.02 21.70
C LYS F 313 34.08 28.34 21.19
N VAL F 314 33.04 27.90 21.89
CA VAL F 314 31.67 28.22 21.50
C VAL F 314 31.36 29.67 21.81
N VAL F 315 31.68 30.12 23.03
CA VAL F 315 31.34 31.47 23.45
C VAL F 315 32.05 32.52 22.60
N LYS F 316 33.19 32.17 22.02
CA LYS F 316 33.84 33.09 21.08
C LYS F 316 33.07 33.17 19.76
N GLN F 317 32.36 32.10 19.40
CA GLN F 317 31.56 32.09 18.18
C GLN F 317 30.23 32.80 18.35
N LEU F 318 29.69 32.80 19.56
CA LEU F 318 28.44 33.51 19.81
C LEU F 318 28.65 35.02 19.79
N ARG F 319 29.83 35.48 20.19
CA ARG F 319 30.17 36.90 20.20
C ARG F 319 30.42 37.46 18.80
N LYS F 320 30.34 36.64 17.76
CA LYS F 320 30.22 37.23 16.43
C LYS F 320 28.78 37.61 16.13
N HIS F 321 27.83 36.75 16.48
CA HIS F 321 26.42 37.03 16.25
C HIS F 321 25.79 37.86 17.35
N PHE F 322 26.27 37.74 18.59
CA PHE F 322 25.66 38.47 19.71
C PHE F 322 26.75 39.22 20.49
N GLY F 323 26.78 40.54 20.32
CA GLY F 323 27.65 41.42 21.10
C GLY F 323 29.10 41.21 20.68
N ASN F 324 29.98 42.18 20.92
CA ASN F 324 31.39 41.81 20.92
C ASN F 324 31.81 41.28 22.28
N ASN F 325 31.35 41.91 23.36
CA ASN F 325 31.60 41.47 24.73
C ASN F 325 30.27 41.49 25.46
N THR F 326 29.85 40.34 25.99
CA THR F 326 28.59 40.24 26.71
C THR F 326 28.72 39.13 27.75
N ILE F 327 27.58 38.74 28.35
CA ILE F 327 27.53 37.68 29.35
C ILE F 327 26.71 36.53 28.81
N ILE F 328 27.15 35.30 29.10
CA ILE F 328 26.48 34.08 28.65
C ILE F 328 26.36 33.13 29.84
N ARG F 329 25.14 32.70 30.12
CA ARG F 329 24.86 31.84 31.27
C ARG F 329 24.22 30.54 30.79
N PHE F 330 24.58 29.44 31.43
CA PHE F 330 23.98 28.14 31.16
C PHE F 330 23.21 27.72 32.40
N ALA F 331 22.01 27.16 32.20
CA ALA F 331 21.19 26.67 33.29
C ALA F 331 20.46 25.43 32.84
N ASN F 332 19.95 24.64 33.80
CA ASN F 332 19.31 23.38 33.44
C ASN F 332 17.93 23.67 32.86
N SER F 333 17.22 22.60 32.46
CA SER F 333 16.05 22.75 31.61
C SER F 333 14.87 23.33 32.39
N SER F 334 13.73 23.45 31.71
CA SER F 334 12.55 24.07 32.31
C SER F 334 11.54 23.00 32.74
N GLY F 335 10.85 22.38 31.79
CA GLY F 335 9.86 21.39 32.13
C GLY F 335 9.24 20.79 30.88
N GLY F 336 8.61 19.64 31.08
CA GLY F 336 7.97 18.92 30.00
C GLY F 336 7.96 17.43 30.29
N ASP F 337 7.77 16.64 29.23
CA ASP F 337 7.84 15.19 29.40
C ASP F 337 9.26 14.78 29.75
N LEU F 338 9.38 13.59 30.32
CA LEU F 338 10.70 13.05 30.64
C LEU F 338 11.55 12.85 29.39
N GLU F 339 10.91 12.62 28.24
CA GLU F 339 11.64 12.47 26.99
C GLU F 339 12.29 13.78 26.54
N VAL F 340 11.87 14.91 27.11
CA VAL F 340 12.45 16.21 26.79
C VAL F 340 13.37 16.62 27.93
N THR F 341 12.81 16.75 29.14
CA THR F 341 13.56 17.21 30.30
C THR F 341 14.83 16.40 30.54
N THR F 342 14.89 15.16 30.06
CA THR F 342 16.07 14.32 30.18
C THR F 342 16.53 13.89 28.79
N HIS F 343 17.64 13.16 28.76
CA HIS F 343 18.28 12.73 27.52
C HIS F 343 17.87 11.29 27.22
N SER F 344 17.12 11.10 26.13
CA SER F 344 16.65 9.80 25.71
C SER F 344 17.53 9.26 24.59
N PHE F 345 17.71 7.95 24.56
CA PHE F 345 18.41 7.23 23.50
C PHE F 345 18.41 5.75 23.87
N ASN F 346 18.66 4.91 22.86
CA ASN F 346 18.79 3.48 23.07
C ASN F 346 20.26 3.14 23.22
N CYS F 347 20.64 2.57 24.35
CA CYS F 347 21.99 2.05 24.52
C CYS F 347 21.87 0.53 24.47
N GLY F 348 22.00 0.00 23.27
CA GLY F 348 22.23 -1.38 22.82
C GLY F 348 21.05 -2.32 22.82
N GLY F 349 20.28 -2.37 23.90
CA GLY F 349 18.89 -2.75 23.87
C GLY F 349 17.95 -1.77 24.56
N GLU F 350 18.53 -0.89 25.38
CA GLU F 350 17.79 -0.23 26.45
C GLU F 350 17.80 1.28 26.25
N PHE F 351 16.73 1.91 26.73
CA PHE F 351 16.54 3.34 26.54
C PHE F 351 16.84 4.08 27.82
N PHE F 352 17.91 4.88 27.79
CA PHE F 352 18.41 5.57 28.97
C PHE F 352 17.83 6.98 29.02
N TYR F 353 17.58 7.45 30.25
CA TYR F 353 17.11 8.81 30.49
C TYR F 353 17.98 9.41 31.59
N CYS F 354 18.74 10.45 31.25
CA CYS F 354 19.82 10.94 32.09
C CYS F 354 19.55 12.36 32.59
N ASN F 355 20.02 12.64 33.80
CA ASN F 355 19.95 13.97 34.39
C ASN F 355 21.09 14.82 33.86
N THR F 356 20.76 15.90 33.16
CA THR F 356 21.75 16.85 32.68
C THR F 356 21.58 18.15 33.44
N SER F 357 22.49 18.41 34.38
CA SER F 357 22.43 19.62 35.19
C SER F 357 23.80 20.29 35.26
N GLY F 358 24.77 19.58 35.84
CA GLY F 358 26.09 20.14 36.07
C GLY F 358 26.85 20.50 34.81
N LEU F 359 26.49 19.91 33.67
CA LEU F 359 27.06 20.38 32.40
C LEU F 359 26.81 21.87 32.22
N PHE F 360 25.58 22.30 32.50
CA PHE F 360 25.10 23.64 32.24
C PHE F 360 25.15 24.55 33.46
N ASN F 361 25.96 24.22 34.46
CA ASN F 361 26.12 25.11 35.62
C ASN F 361 27.31 26.01 35.31
N SER F 362 27.03 27.21 34.79
CA SER F 362 28.09 28.12 34.37
C SER F 362 27.54 29.53 34.18
N THR F 363 28.46 30.51 34.28
CA THR F 363 28.21 31.88 33.84
C THR F 363 29.49 32.41 33.22
N TRP F 364 29.42 32.82 31.96
CA TRP F 364 30.57 33.27 31.18
C TRP F 364 30.41 34.74 30.84
N ILE F 365 31.53 35.47 30.82
CA ILE F 365 31.45 36.88 30.42
C ILE F 365 32.23 37.16 29.15
N SER F 366 33.52 37.49 29.26
CA SER F 366 34.23 37.81 28.03
C SER F 366 35.63 37.19 27.98
N ASN F 367 36.54 37.71 28.78
CA ASN F 367 37.92 37.25 28.77
C ASN F 367 38.24 36.51 30.07
N ASN F 379 42.92 18.08 36.96
CA ASN F 379 42.54 17.37 35.75
C ASN F 379 41.62 16.19 36.06
N ASP F 380 40.35 16.31 35.70
CA ASP F 380 39.37 15.26 35.93
C ASP F 380 38.24 15.42 34.92
N SER F 381 37.17 14.63 35.09
CA SER F 381 36.05 14.63 34.16
C SER F 381 34.73 14.75 34.89
N ILE F 382 33.61 14.62 34.18
CA ILE F 382 32.30 14.77 34.77
C ILE F 382 31.56 13.43 34.77
N THR F 383 30.38 13.40 35.36
CA THR F 383 29.54 12.21 35.41
C THR F 383 28.09 12.64 35.52
N LEU F 384 27.19 11.85 34.92
CA LEU F 384 25.78 12.18 34.93
C LEU F 384 24.95 10.99 35.41
N PRO F 385 23.92 11.22 36.20
CA PRO F 385 23.00 10.14 36.56
C PRO F 385 22.06 9.81 35.40
N CYS F 386 21.60 8.56 35.39
CA CYS F 386 20.75 8.08 34.29
C CYS F 386 19.71 7.12 34.82
N ARG F 387 18.62 6.99 34.07
CA ARG F 387 17.53 6.07 34.37
C ARG F 387 17.16 5.30 33.10
N ILE F 388 16.62 4.11 33.29
CA ILE F 388 16.18 3.26 32.19
C ILE F 388 14.67 3.09 32.27
N LYS F 389 14.01 3.18 31.12
CA LYS F 389 12.57 2.98 31.01
C LYS F 389 12.29 2.06 29.83
N GLN F 390 11.48 1.03 30.08
CA GLN F 390 11.20 0.00 29.08
C GLN F 390 9.96 0.34 28.24
N ILE F 391 8.80 0.46 28.89
CA ILE F 391 7.61 0.96 28.22
C ILE F 391 7.92 2.33 27.64
N ILE F 392 7.74 2.49 26.34
CA ILE F 392 8.02 3.76 25.67
C ILE F 392 6.96 4.02 24.60
N ASN F 393 6.35 5.20 24.66
CA ASN F 393 5.36 5.67 23.71
C ASN F 393 5.97 6.53 22.61
N MET F 394 7.30 6.53 22.45
CA MET F 394 8.01 7.61 21.78
C MET F 394 7.38 7.99 20.45
N TRP F 395 7.46 9.29 20.15
CA TRP F 395 6.60 10.01 19.20
C TRP F 395 5.15 10.06 19.67
N GLN F 396 4.93 9.83 20.96
CA GLN F 396 3.73 10.25 21.67
C GLN F 396 2.43 9.67 21.15
N ARG F 397 2.47 8.94 20.03
CA ARG F 397 1.24 8.46 19.42
C ARG F 397 0.50 7.54 20.38
N ILE F 398 -0.73 7.89 20.70
CA ILE F 398 -1.48 7.14 21.71
C ILE F 398 -2.20 5.99 21.01
N GLY F 399 -2.83 5.11 21.78
CA GLY F 399 -3.42 3.90 21.26
C GLY F 399 -2.46 2.77 21.01
N GLN F 400 -1.16 3.07 20.87
CA GLN F 400 -0.13 2.05 20.70
C GLN F 400 1.10 2.46 21.51
N ALA F 401 1.49 1.63 22.47
CA ALA F 401 2.74 1.80 23.19
C ALA F 401 3.73 0.73 22.75
N MET F 402 4.93 0.75 23.34
CA MET F 402 5.91 -0.30 23.11
C MET F 402 6.69 -0.56 24.38
N TYR F 403 7.11 -1.82 24.55
CA TYR F 403 7.93 -2.25 25.67
C TYR F 403 9.29 -2.72 25.15
N ALA F 404 10.35 -2.24 25.76
CA ALA F 404 11.70 -2.63 25.37
C ALA F 404 12.17 -3.74 26.29
N PRO F 405 12.39 -4.96 25.80
CA PRO F 405 12.82 -6.04 26.68
C PRO F 405 14.15 -5.71 27.31
N PRO F 406 14.40 -6.19 28.53
CA PRO F 406 15.67 -5.91 29.19
C PRO F 406 16.79 -6.71 28.55
N ILE F 407 17.99 -6.15 28.63
CA ILE F 407 19.18 -6.79 28.08
C ILE F 407 19.98 -7.38 29.22
N GLN F 408 20.49 -8.58 29.01
CA GLN F 408 21.18 -9.31 30.08
C GLN F 408 22.50 -8.62 30.40
N GLY F 409 22.67 -8.27 31.66
CA GLY F 409 23.97 -7.86 32.16
C GLY F 409 24.28 -6.39 32.03
N VAL F 410 25.56 -6.10 32.23
CA VAL F 410 26.07 -4.73 32.15
C VAL F 410 26.01 -4.27 30.70
N ILE F 411 25.34 -3.15 30.46
CA ILE F 411 25.25 -2.55 29.15
C ILE F 411 26.30 -1.44 29.06
N ARG F 412 27.02 -1.38 27.94
CA ARG F 412 27.96 -0.31 27.69
C ARG F 412 27.88 0.11 26.24
N CYS F 413 27.80 1.41 26.01
CA CYS F 413 27.83 1.98 24.67
C CYS F 413 28.64 3.26 24.70
N VAL F 414 29.52 3.43 23.73
CA VAL F 414 30.35 4.62 23.59
C VAL F 414 29.81 5.44 22.43
N SER F 415 29.60 6.74 22.66
CA SER F 415 29.01 7.62 21.67
C SER F 415 29.89 8.82 21.44
N ASN F 416 29.78 9.40 20.25
CA ASN F 416 30.55 10.58 19.84
C ASN F 416 29.57 11.69 19.51
N ILE F 417 29.70 12.83 20.19
CA ILE F 417 28.66 13.86 20.19
C ILE F 417 28.98 14.86 19.08
N THR F 418 28.16 14.84 18.03
CA THR F 418 28.35 15.71 16.87
C THR F 418 27.41 16.91 16.80
N GLY F 419 26.45 17.06 17.71
CA GLY F 419 25.48 18.12 17.51
C GLY F 419 24.68 18.46 18.74
N LEU F 420 23.92 19.55 18.63
CA LEU F 420 23.17 20.09 19.76
C LEU F 420 21.92 20.81 19.28
N ILE F 421 20.97 20.96 20.22
CA ILE F 421 19.72 21.69 20.01
C ILE F 421 19.45 22.52 21.26
N LEU F 422 19.12 23.80 21.08
CA LEU F 422 18.94 24.73 22.20
C LEU F 422 17.79 25.69 21.92
N THR F 423 17.33 26.33 22.99
CA THR F 423 16.32 27.38 22.96
C THR F 423 16.82 28.55 23.79
N ARG F 424 16.16 29.68 23.63
CA ARG F 424 16.53 30.91 24.33
C ARG F 424 15.42 31.27 25.31
N ASP F 425 15.76 32.23 26.18
CA ASP F 425 14.92 32.73 27.26
C ASP F 425 13.94 33.79 26.83
N GLY F 426 13.93 34.95 27.49
CA GLY F 426 12.95 35.91 27.05
C GLY F 426 13.31 37.38 27.23
N GLY F 427 12.48 38.43 27.33
CA GLY F 427 12.99 39.77 27.40
C GLY F 427 13.83 40.02 28.64
N SER F 428 13.32 39.64 29.80
CA SER F 428 14.03 39.79 31.05
C SER F 428 14.45 41.25 31.24
N THR F 429 15.76 41.50 31.21
CA THR F 429 16.31 42.84 31.36
C THR F 429 17.09 43.22 30.11
N ASN F 430 16.96 44.49 29.73
CA ASN F 430 17.43 44.98 28.44
C ASN F 430 18.94 44.83 28.30
N SER F 431 19.38 44.12 27.26
CA SER F 431 20.80 43.94 26.95
C SER F 431 21.60 43.54 28.19
N THR F 432 21.09 42.56 28.92
CA THR F 432 21.79 42.15 30.14
C THR F 432 22.44 40.79 29.99
N THR F 433 21.66 39.71 30.06
CA THR F 433 22.24 38.38 29.96
C THR F 433 21.25 37.43 29.30
N GLU F 434 21.78 36.55 28.45
CA GLU F 434 20.99 35.52 27.79
C GLU F 434 21.30 34.17 28.38
N THR F 435 20.26 33.39 28.61
CA THR F 435 20.34 32.07 29.21
C THR F 435 19.94 31.01 28.20
N PHE F 436 20.55 29.83 28.33
CA PHE F 436 20.34 28.74 27.39
C PHE F 436 20.19 27.44 28.17
N ARG F 437 19.33 26.57 27.64
CA ARG F 437 19.00 25.31 28.27
C ARG F 437 18.81 24.27 27.16
N PRO F 438 18.59 22.99 27.52
CA PRO F 438 18.28 21.98 26.49
C PRO F 438 16.97 22.27 25.79
N GLY F 439 16.60 21.45 24.82
CA GLY F 439 15.37 21.71 24.09
C GLY F 439 15.13 20.65 23.06
N GLY F 440 14.14 20.89 22.21
CA GLY F 440 13.76 19.95 21.18
C GLY F 440 12.78 18.91 21.67
N GLY F 441 12.94 17.68 21.20
CA GLY F 441 12.01 16.60 21.44
C GLY F 441 11.19 16.23 20.22
N ASP F 442 11.11 17.12 19.25
CA ASP F 442 10.58 16.78 17.93
C ASP F 442 11.73 16.20 17.12
N MET F 443 11.60 14.92 16.74
CA MET F 443 12.71 14.23 16.09
C MET F 443 13.02 14.78 14.70
N ARG F 444 12.17 15.66 14.16
CA ARG F 444 12.51 16.32 12.92
C ARG F 444 13.80 17.12 13.05
N ASP F 445 14.09 17.64 14.24
CA ASP F 445 15.36 18.32 14.46
C ASP F 445 16.52 17.34 14.44
N ASN F 446 16.29 16.09 14.84
CA ASN F 446 17.35 15.10 14.80
C ASN F 446 17.82 14.85 13.36
N TRP F 447 16.88 14.83 12.41
CA TRP F 447 17.25 14.57 11.03
C TRP F 447 17.81 15.81 10.33
N ARG F 448 17.49 17.01 10.83
CA ARG F 448 18.09 18.21 10.28
C ARG F 448 19.59 18.26 10.51
N SER F 449 20.10 17.46 11.45
CA SER F 449 21.52 17.49 11.76
C SER F 449 22.37 17.06 10.57
N GLU F 450 21.97 15.98 9.90
CA GLU F 450 22.68 15.51 8.73
C GLU F 450 22.11 16.03 7.41
N LEU F 451 20.91 16.61 7.42
CA LEU F 451 20.24 17.06 6.20
C LEU F 451 20.39 18.55 5.93
N TYR F 452 21.15 19.28 6.76
CA TYR F 452 21.28 20.72 6.59
C TYR F 452 21.84 21.07 5.22
N LYS F 453 22.72 20.23 4.67
CA LYS F 453 23.38 20.50 3.41
C LYS F 453 22.64 19.92 2.21
N TYR F 454 21.44 19.35 2.41
CA TYR F 454 20.74 18.62 1.36
C TYR F 454 19.43 19.31 1.00
N LYS F 455 18.96 19.01 -0.22
CA LYS F 455 17.69 19.47 -0.78
C LYS F 455 17.53 18.82 -2.15
N VAL F 456 16.30 18.85 -2.67
CA VAL F 456 15.94 18.12 -3.88
C VAL F 456 15.45 19.10 -4.94
N VAL F 457 15.72 18.74 -6.21
CA VAL F 457 15.25 19.49 -7.37
C VAL F 457 14.77 18.50 -8.42
N LYS F 458 14.26 19.02 -9.53
CA LYS F 458 13.80 18.21 -10.65
C LYS F 458 14.29 18.82 -11.96
N ILE F 459 14.51 17.97 -12.96
CA ILE F 459 15.14 18.37 -14.21
C ILE F 459 14.07 18.80 -15.21
N GLU F 460 14.36 19.87 -15.95
CA GLU F 460 13.56 20.30 -17.10
C GLU F 460 14.46 20.21 -18.32
N PRO F 461 14.66 18.99 -18.85
CA PRO F 461 15.61 18.82 -19.97
C PRO F 461 15.16 19.48 -21.25
N LEU F 462 13.88 19.83 -21.38
CA LEU F 462 13.40 20.57 -22.53
C LEU F 462 13.59 22.06 -22.31
N GLY F 463 13.99 22.75 -23.37
CA GLY F 463 14.14 24.19 -23.31
C GLY F 463 13.97 24.77 -24.70
N VAL F 464 13.58 26.05 -24.73
CA VAL F 464 13.33 26.75 -25.99
C VAL F 464 14.06 28.08 -25.93
N ALA F 465 15.01 28.28 -26.84
CA ALA F 465 15.80 29.49 -26.92
C ALA F 465 15.94 29.88 -28.38
N PRO F 466 15.96 31.18 -28.68
CA PRO F 466 16.01 31.61 -30.07
C PRO F 466 17.38 31.53 -30.68
N THR F 467 17.38 31.35 -32.00
CA THR F 467 18.58 31.45 -32.82
C THR F 467 18.12 31.61 -34.26
N ARG F 468 19.08 31.73 -35.17
CA ARG F 468 18.77 31.86 -36.58
C ARG F 468 18.27 30.56 -37.21
N CYS F 469 18.27 29.46 -36.46
CA CYS F 469 17.89 28.18 -37.03
C CYS F 469 16.38 28.10 -37.26
N LYS F 470 16.01 27.31 -38.27
CA LYS F 470 14.62 27.01 -38.59
C LYS F 470 14.57 25.63 -39.23
N ARG F 471 13.48 24.91 -38.99
CA ARG F 471 13.33 23.58 -39.57
C ARG F 471 12.91 23.71 -41.04
N ARG F 472 12.59 22.58 -41.65
CA ARG F 472 12.35 22.51 -43.08
C ARG F 472 10.88 22.79 -43.39
N VAL F 473 10.49 22.62 -44.65
CA VAL F 473 9.12 22.85 -45.07
C VAL F 473 8.41 21.52 -45.33
N ARG G 2 -11.68 2.88 59.30
CA ARG G 2 -11.81 3.58 60.57
C ARG G 2 -13.10 4.41 60.62
N LEU G 3 -13.98 4.06 61.56
CA LEU G 3 -15.24 4.76 61.73
C LEU G 3 -15.13 5.75 62.89
N VAL G 4 -15.67 6.95 62.68
CA VAL G 4 -15.74 7.96 63.73
C VAL G 4 -17.21 8.14 64.07
N GLU G 5 -17.69 7.39 65.06
CA GLU G 5 -19.06 7.49 65.55
C GLU G 5 -19.15 8.68 66.48
N SER G 6 -19.82 9.74 66.04
CA SER G 6 -19.90 10.97 66.80
C SER G 6 -21.30 11.55 66.69
N GLY G 7 -21.51 12.67 67.40
CA GLY G 7 -22.77 13.39 67.38
C GLY G 7 -23.59 13.25 68.64
N GLY G 8 -23.29 12.27 69.49
CA GLY G 8 -24.08 12.01 70.67
C GLY G 8 -23.85 13.03 71.77
N GLY G 9 -24.60 12.86 72.85
CA GLY G 9 -24.50 13.75 73.98
C GLY G 9 -25.66 13.57 74.93
N VAL G 10 -25.52 14.18 76.11
CA VAL G 10 -26.54 14.11 77.14
C VAL G 10 -27.61 15.15 76.83
N VAL G 11 -28.78 14.68 76.40
CA VAL G 11 -29.88 15.55 76.01
C VAL G 11 -31.12 15.23 76.81
N GLN G 12 -32.22 15.91 76.51
CA GLN G 12 -33.51 15.88 77.18
C GLN G 12 -34.53 15.09 76.38
N PRO G 13 -35.57 14.54 77.01
CA PRO G 13 -36.68 13.97 76.24
C PRO G 13 -37.50 15.07 75.58
N GLY G 14 -37.77 14.90 74.30
CA GLY G 14 -38.40 15.91 73.49
C GLY G 14 -37.46 16.71 72.62
N SER G 15 -36.14 16.51 72.77
CA SER G 15 -35.16 17.26 72.03
C SER G 15 -34.90 16.60 70.67
N SER G 16 -33.84 17.03 70.00
CA SER G 16 -33.41 16.46 68.74
C SER G 16 -31.91 16.60 68.60
N LEU G 17 -31.33 15.80 67.71
CA LEU G 17 -29.88 15.67 67.61
C LEU G 17 -29.53 15.02 66.29
N ARG G 18 -28.32 15.28 65.78
CA ARG G 18 -27.84 14.58 64.61
C ARG G 18 -26.52 13.88 64.90
N LEU G 19 -26.45 12.59 64.57
CA LEU G 19 -25.25 11.80 64.77
C LEU G 19 -24.38 11.83 63.52
N SER G 20 -23.18 11.29 63.65
CA SER G 20 -22.23 11.20 62.55
C SER G 20 -21.38 9.96 62.69
N CYS G 21 -21.38 9.12 61.65
CA CYS G 21 -20.45 8.01 61.52
C CYS G 21 -19.51 8.36 60.37
N ALA G 22 -18.45 9.10 60.68
CA ALA G 22 -17.47 9.48 59.67
C ALA G 22 -16.57 8.30 59.38
N ALA G 23 -16.48 7.93 58.11
CA ALA G 23 -15.85 6.67 57.71
C ALA G 23 -14.56 6.93 56.94
N SER G 24 -13.52 6.19 57.32
CA SER G 24 -12.27 6.18 56.57
C SER G 24 -11.74 4.75 56.57
N GLY G 25 -10.64 4.54 55.85
CA GLY G 25 -10.08 3.22 55.69
C GLY G 25 -10.72 2.36 54.63
N PHE G 26 -11.85 2.80 54.06
CA PHE G 26 -12.51 2.10 52.98
C PHE G 26 -13.25 3.13 52.14
N ASP G 27 -14.04 2.63 51.18
CA ASP G 27 -14.88 3.49 50.36
C ASP G 27 -16.28 3.43 50.94
N PHE G 28 -16.65 4.46 51.70
CA PHE G 28 -18.00 4.54 52.26
C PHE G 28 -19.04 4.77 51.18
N SER G 29 -18.63 5.36 50.06
CA SER G 29 -19.56 5.77 49.01
C SER G 29 -20.24 4.60 48.31
N ARG G 30 -19.73 3.39 48.45
CA ARG G 30 -20.38 2.25 47.83
C ARG G 30 -20.58 1.15 48.88
N GLN G 31 -20.75 1.52 50.15
CA GLN G 31 -20.96 0.53 51.20
C GLN G 31 -22.13 0.91 52.09
N GLY G 32 -23.10 0.00 52.19
CA GLY G 32 -24.25 0.21 53.05
C GLY G 32 -23.92 -0.05 54.51
N MET G 33 -24.49 0.80 55.37
CA MET G 33 -24.13 0.81 56.78
C MET G 33 -25.38 0.74 57.65
N HIS G 34 -25.16 0.52 58.94
CA HIS G 34 -26.22 0.56 59.94
C HIS G 34 -25.94 1.67 60.93
N TRP G 35 -26.99 2.08 61.64
CA TRP G 35 -26.86 2.56 63.01
C TRP G 35 -27.36 1.46 63.94
N VAL G 36 -26.70 1.33 65.09
CA VAL G 36 -26.97 0.27 66.05
C VAL G 36 -26.84 0.85 67.45
N ARG G 37 -27.93 0.91 68.20
CA ARG G 37 -27.79 1.50 69.53
C ARG G 37 -27.74 0.43 70.61
N GLN G 38 -27.39 0.87 71.83
CA GLN G 38 -27.29 -0.04 72.96
C GLN G 38 -27.47 0.80 74.23
N ALA G 39 -28.63 0.64 74.88
CA ALA G 39 -28.85 1.23 76.19
C ALA G 39 -27.85 0.65 77.19
N PRO G 40 -27.37 1.47 78.16
CA PRO G 40 -26.26 1.03 79.03
C PRO G 40 -26.58 -0.17 79.90
N GLY G 41 -25.94 -1.29 79.60
CA GLY G 41 -26.23 -2.55 80.26
C GLY G 41 -27.30 -3.39 79.60
N GLN G 42 -27.72 -3.03 78.39
CA GLN G 42 -28.80 -3.71 77.68
C GLN G 42 -28.27 -4.35 76.40
N GLY G 43 -29.19 -4.96 75.65
CA GLY G 43 -28.84 -5.55 74.39
C GLY G 43 -28.71 -4.52 73.28
N LEU G 44 -28.20 -4.97 72.15
CA LEU G 44 -28.05 -4.11 70.99
C LEU G 44 -29.41 -3.89 70.34
N GLU G 45 -30.06 -2.79 70.71
CA GLU G 45 -31.29 -2.35 70.07
C GLU G 45 -30.90 -1.82 68.70
N TRP G 46 -31.35 -2.51 67.65
CA TRP G 46 -30.99 -2.12 66.31
C TRP G 46 -31.69 -0.81 65.93
N VAL G 47 -31.04 0.01 65.10
CA VAL G 47 -31.64 1.28 64.73
C VAL G 47 -32.10 1.25 63.28
N ALA G 48 -31.17 1.22 62.32
CA ALA G 48 -31.53 1.62 60.97
C ALA G 48 -30.46 1.20 59.98
N PHE G 49 -30.90 0.70 58.81
CA PHE G 49 -30.01 0.35 57.71
C PHE G 49 -30.15 1.38 56.58
N ILE G 50 -29.06 1.58 55.85
CA ILE G 50 -29.07 2.44 54.68
C ILE G 50 -28.41 1.70 53.52
N LYS G 51 -28.77 2.08 52.29
CA LYS G 51 -28.19 1.49 51.10
C LYS G 51 -26.75 2.01 50.94
N TYR G 52 -26.02 1.41 49.98
CA TYR G 52 -24.62 1.79 49.75
C TYR G 52 -24.48 3.20 49.20
N ASP G 53 -25.53 3.73 48.56
CA ASP G 53 -25.55 5.14 48.18
C ASP G 53 -26.50 5.98 49.01
N GLY G 54 -27.57 5.39 49.55
CA GLY G 54 -28.42 6.08 50.49
C GLY G 54 -29.88 6.24 50.12
N SER G 55 -30.39 5.45 49.15
CA SER G 55 -31.81 5.56 48.81
C SER G 55 -32.67 4.74 49.76
N GLU G 56 -32.31 3.47 49.98
CA GLU G 56 -32.96 2.67 51.00
C GLU G 56 -32.63 3.23 52.37
N LYS G 57 -33.67 3.45 53.19
CA LYS G 57 -33.45 3.76 54.59
C LYS G 57 -34.37 2.88 55.42
N TYR G 58 -33.91 1.68 55.70
CA TYR G 58 -34.61 0.78 56.61
C TYR G 58 -34.40 1.26 58.04
N HIS G 59 -35.35 0.91 58.91
CA HIS G 59 -35.32 1.35 60.30
C HIS G 59 -35.97 0.28 61.16
N ALA G 60 -35.47 0.13 62.38
CA ALA G 60 -36.29 -0.53 63.39
C ALA G 60 -37.42 0.41 63.78
N ASP G 61 -38.56 -0.16 64.13
CA ASP G 61 -39.69 0.71 64.46
C ASP G 61 -39.60 1.27 65.87
N SER G 62 -38.60 0.88 66.66
CA SER G 62 -38.33 1.57 67.92
C SER G 62 -37.71 2.93 67.69
N VAL G 63 -37.09 3.15 66.53
CA VAL G 63 -36.42 4.41 66.22
C VAL G 63 -37.12 5.20 65.13
N TRP G 64 -38.18 4.66 64.54
CA TRP G 64 -38.74 5.16 63.29
C TRP G 64 -40.07 5.86 63.57
N GLY G 65 -40.26 7.04 62.98
CA GLY G 65 -39.28 7.73 62.15
C GLY G 65 -38.52 8.78 62.93
N ARG G 66 -38.34 8.51 64.22
CA ARG G 66 -37.67 9.44 65.12
C ARG G 66 -36.19 9.58 64.78
N LEU G 67 -35.50 8.44 64.64
CA LEU G 67 -34.06 8.45 64.45
C LEU G 67 -33.81 8.02 63.00
N SER G 68 -33.77 9.02 62.11
CA SER G 68 -33.76 8.78 60.68
C SER G 68 -32.32 8.68 60.17
N ILE G 69 -32.02 7.60 59.46
CA ILE G 69 -30.67 7.41 58.94
C ILE G 69 -30.50 8.18 57.63
N SER G 70 -29.34 8.80 57.48
CA SER G 70 -28.95 9.49 56.25
C SER G 70 -27.44 9.36 56.09
N ARG G 71 -26.92 9.72 54.92
CA ARG G 71 -25.50 9.59 54.68
C ARG G 71 -25.08 10.59 53.63
N ASP G 72 -23.77 10.76 53.48
CA ASP G 72 -23.18 11.48 52.36
C ASP G 72 -22.08 10.60 51.81
N ASN G 73 -22.24 10.18 50.56
CA ASN G 73 -21.24 9.31 49.92
C ASN G 73 -19.95 10.06 49.68
N SER G 74 -20.05 11.36 49.36
CA SER G 74 -18.87 12.17 49.07
C SER G 74 -18.07 12.47 50.34
N LYS G 75 -18.77 12.77 51.44
CA LYS G 75 -18.10 13.05 52.71
C LYS G 75 -17.50 11.81 53.35
N ASP G 76 -17.89 10.61 52.90
CA ASP G 76 -17.65 9.34 53.57
C ASP G 76 -18.07 9.40 55.04
N THR G 77 -19.35 9.76 55.24
CA THR G 77 -19.88 9.97 56.58
C THR G 77 -21.36 9.60 56.61
N LEU G 78 -21.72 8.71 57.53
CA LEU G 78 -23.11 8.39 57.81
C LEU G 78 -23.68 9.36 58.85
N TYR G 79 -25.00 9.47 58.89
CA TYR G 79 -25.69 10.34 59.84
C TYR G 79 -26.93 9.65 60.37
N LEU G 80 -27.34 10.01 61.58
CA LEU G 80 -28.62 9.56 62.13
C LEU G 80 -29.37 10.79 62.60
N GLN G 81 -30.34 11.24 61.79
CA GLN G 81 -31.15 12.39 62.17
C GLN G 81 -32.13 12.00 63.26
N MET G 82 -31.72 12.23 64.50
CA MET G 82 -32.51 11.83 65.65
C MET G 82 -33.49 12.95 66.02
N ASN G 83 -34.79 12.70 65.82
CA ASN G 83 -35.80 13.71 66.04
C ASN G 83 -36.76 13.23 67.11
N SER G 84 -37.26 14.17 67.92
CA SER G 84 -38.23 13.95 69.00
C SER G 84 -37.74 12.89 69.99
N LEU G 85 -36.67 13.25 70.70
CA LEU G 85 -35.95 12.30 71.53
C LEU G 85 -36.74 11.95 72.78
N ARG G 86 -36.55 10.71 73.25
CA ARG G 86 -37.15 10.22 74.47
C ARG G 86 -36.13 9.36 75.21
N VAL G 87 -36.55 8.80 76.34
CA VAL G 87 -35.63 8.16 77.28
C VAL G 87 -35.05 6.86 76.72
N GLU G 88 -35.74 6.24 75.76
CA GLU G 88 -35.20 5.05 75.10
C GLU G 88 -34.01 5.36 74.18
N ASP G 89 -33.77 6.62 73.86
CA ASP G 89 -32.59 7.01 73.10
C ASP G 89 -31.35 7.15 73.95
N THR G 90 -31.43 6.84 75.26
CA THR G 90 -30.26 6.77 76.11
C THR G 90 -29.50 5.51 75.71
N ALA G 91 -28.54 5.63 74.81
CA ALA G 91 -27.99 4.45 74.14
C ALA G 91 -26.68 4.80 73.46
N THR G 92 -25.99 3.74 73.00
CA THR G 92 -24.65 3.83 72.44
C THR G 92 -24.71 3.42 70.97
N TYR G 93 -24.58 4.40 70.07
CA TYR G 93 -25.00 4.26 68.68
C TYR G 93 -23.83 3.83 67.79
N PHE G 94 -23.80 2.53 67.46
CA PHE G 94 -22.76 1.90 66.66
C PHE G 94 -23.02 2.08 65.17
N CYS G 95 -22.09 1.58 64.36
CA CYS G 95 -22.10 1.77 62.91
C CYS G 95 -21.64 0.45 62.27
N VAL G 96 -22.53 -0.21 61.54
CA VAL G 96 -22.42 -1.65 61.25
C VAL G 96 -22.70 -1.91 59.77
N ARG G 97 -21.86 -2.74 59.13
CA ARG G 97 -22.05 -3.16 57.74
C ARG G 97 -22.35 -4.65 57.66
N GLU G 98 -23.44 -5.00 56.96
CA GLU G 98 -23.88 -6.40 56.97
C GLU G 98 -24.17 -7.03 55.61
N ALA G 99 -24.59 -6.24 54.64
CA ALA G 99 -25.05 -6.77 53.36
C ALA G 99 -23.88 -7.24 52.50
N GLY G 100 -24.17 -7.55 51.24
CA GLY G 100 -23.18 -7.51 50.19
C GLY G 100 -22.10 -8.56 50.16
N GLY G 101 -21.48 -8.72 48.99
CA GLY G 101 -20.24 -9.44 48.88
C GLY G 101 -19.34 -8.79 47.86
N PRO G 102 -18.03 -8.77 48.10
CA PRO G 102 -17.10 -8.38 47.04
C PRO G 102 -17.15 -9.41 45.94
N ASP G 103 -17.68 -9.02 44.77
CA ASP G 103 -18.17 -10.00 43.81
C ASP G 103 -17.03 -10.70 43.09
N TYR G 104 -16.32 -11.56 43.79
CA TYR G 104 -15.25 -12.35 43.20
C TYR G 104 -15.86 -13.59 42.56
N ARG G 105 -16.08 -13.53 41.25
CA ARG G 105 -16.81 -14.58 40.55
C ARG G 105 -16.00 -14.98 39.34
N ASN G 106 -16.01 -16.28 39.03
CA ASN G 106 -15.20 -16.90 37.98
C ASN G 106 -13.71 -16.60 38.14
N GLY G 107 -13.24 -16.49 39.38
CA GLY G 107 -11.85 -16.16 39.63
C GLY G 107 -11.47 -14.74 39.37
N TYR G 108 -12.44 -13.81 39.31
CA TYR G 108 -12.12 -12.42 39.04
C TYR G 108 -13.02 -11.49 39.84
N ASN G 109 -12.46 -10.36 40.23
CA ASN G 109 -13.16 -9.33 40.98
C ASN G 109 -14.13 -8.55 40.11
N ASP G 112 -19.16 -3.17 41.03
CA ASP G 112 -20.33 -2.54 40.46
C ASP G 112 -19.89 -1.39 39.57
N PHE G 113 -20.13 -0.16 40.03
CA PHE G 113 -19.84 1.01 39.21
C PHE G 113 -18.38 1.40 39.38
N TYR G 114 -17.56 0.96 38.41
CA TYR G 114 -16.20 1.47 38.18
C TYR G 114 -15.26 1.19 39.34
N ASP G 115 -15.21 -0.09 39.75
CA ASP G 115 -14.28 -0.61 40.75
C ASP G 115 -14.44 0.08 42.11
N GLY G 116 -15.66 0.04 42.63
CA GLY G 116 -15.88 0.43 44.01
C GLY G 116 -15.55 -0.69 44.98
N TYR G 117 -15.87 -0.45 46.24
CA TYR G 117 -15.82 -1.49 47.25
C TYR G 117 -17.25 -1.88 47.58
N TYR G 118 -17.52 -3.18 47.73
CA TYR G 118 -18.83 -3.61 48.15
C TYR G 118 -18.93 -3.68 49.68
N ASN G 119 -20.13 -3.98 50.16
CA ASN G 119 -20.27 -4.49 51.50
C ASN G 119 -19.63 -5.88 51.56
N TYR G 120 -19.09 -6.23 52.74
CA TYR G 120 -18.21 -7.39 52.83
C TYR G 120 -18.75 -8.47 53.75
N HIS G 121 -20.08 -8.52 53.94
CA HIS G 121 -20.87 -9.38 54.85
C HIS G 121 -20.66 -9.07 56.34
N TYR G 122 -19.66 -8.26 56.65
CA TYR G 122 -19.31 -7.86 58.02
C TYR G 122 -18.41 -6.63 57.89
N MET G 123 -17.77 -6.22 58.98
CA MET G 123 -16.93 -5.03 58.91
C MET G 123 -15.45 -5.35 59.08
N ASP G 124 -14.63 -4.61 58.34
CA ASP G 124 -13.20 -4.55 58.63
C ASP G 124 -12.94 -3.91 59.98
N VAL G 125 -13.73 -2.90 60.35
CA VAL G 125 -13.68 -2.27 61.67
C VAL G 125 -15.10 -1.86 62.05
N TRP G 126 -15.54 -2.28 63.22
CA TRP G 126 -16.94 -2.18 63.59
C TRP G 126 -17.24 -0.82 64.22
N GLY G 127 -18.49 -0.67 64.66
CA GLY G 127 -18.89 0.56 65.31
C GLY G 127 -18.27 0.72 66.67
N LYS G 128 -17.84 1.94 66.96
CA LYS G 128 -17.37 2.28 68.30
C LYS G 128 -18.51 2.64 69.22
N GLY G 129 -19.52 3.33 68.70
CA GLY G 129 -20.70 3.66 69.46
C GLY G 129 -20.66 5.06 70.02
N THR G 130 -21.43 5.97 69.43
CA THR G 130 -21.59 7.31 69.97
C THR G 130 -22.76 7.31 70.94
N THR G 131 -22.58 7.94 72.09
CA THR G 131 -23.51 7.80 73.19
C THR G 131 -24.45 9.00 73.30
N VAL G 132 -25.72 8.78 73.00
CA VAL G 132 -26.79 9.70 73.34
C VAL G 132 -27.30 9.25 74.70
N THR G 133 -27.48 10.18 75.62
CA THR G 133 -27.88 9.85 77.00
C THR G 133 -29.05 10.77 77.37
N VAL G 134 -30.26 10.29 77.15
CA VAL G 134 -31.45 11.10 77.36
C VAL G 134 -31.89 10.89 78.82
N SER G 135 -31.58 11.87 79.66
CA SER G 135 -32.07 11.89 81.04
C SER G 135 -32.99 13.08 81.21
N SER G 136 -33.74 13.08 82.32
CA SER G 136 -34.79 14.06 82.54
C SER G 136 -34.43 15.11 83.59
N ALA G 137 -33.58 14.77 84.56
CA ALA G 137 -33.34 15.67 85.67
C ALA G 137 -32.13 16.57 85.41
N SER G 138 -31.78 17.34 86.44
CA SER G 138 -30.67 18.27 86.42
C SER G 138 -29.92 18.16 87.76
N THR G 139 -29.05 19.14 88.02
CA THR G 139 -28.25 19.15 89.25
C THR G 139 -29.15 19.41 90.45
N LYS G 140 -29.44 18.35 91.21
CA LYS G 140 -30.34 18.42 92.36
C LYS G 140 -29.72 17.67 93.52
N GLY G 141 -29.76 18.29 94.70
CA GLY G 141 -29.22 17.69 95.90
C GLY G 141 -29.98 16.45 96.34
N PRO G 142 -29.27 15.52 96.99
CA PRO G 142 -29.90 14.26 97.38
C PRO G 142 -30.74 14.40 98.63
N SER G 143 -31.78 13.58 98.69
CA SER G 143 -32.62 13.43 99.88
C SER G 143 -32.12 12.17 100.58
N VAL G 144 -31.32 12.35 101.63
CA VAL G 144 -30.63 11.25 102.29
C VAL G 144 -31.37 10.91 103.57
N PHE G 145 -31.63 9.62 103.79
CA PHE G 145 -32.49 9.19 104.88
C PHE G 145 -31.83 8.12 105.73
N PRO G 146 -31.72 8.33 107.04
CA PRO G 146 -30.95 7.43 107.91
C PRO G 146 -31.64 6.13 108.23
N LEU G 147 -31.28 5.02 107.57
CA LEU G 147 -32.10 3.82 107.50
C LEU G 147 -32.20 3.13 108.86
N ALA G 148 -33.41 3.15 109.42
CA ALA G 148 -33.67 2.57 110.73
C ALA G 148 -33.47 1.06 110.71
N PRO G 149 -32.59 0.51 111.54
CA PRO G 149 -32.40 -0.95 111.54
C PRO G 149 -33.55 -1.67 112.22
N SER G 150 -33.98 -2.77 111.63
CA SER G 150 -35.06 -3.57 112.17
C SER G 150 -34.57 -4.47 113.29
N GLY G 157 -26.44 -9.70 116.84
CA GLY G 157 -26.95 -10.00 115.52
C GLY G 157 -26.69 -8.88 114.53
N THR G 158 -27.36 -8.92 113.38
CA THR G 158 -27.20 -7.90 112.35
C THR G 158 -28.58 -7.39 111.97
N ALA G 159 -29.07 -6.40 112.71
CA ALA G 159 -30.08 -5.47 112.23
C ALA G 159 -29.27 -4.34 111.63
N ALA G 160 -29.01 -4.43 110.34
CA ALA G 160 -28.12 -3.47 109.71
C ALA G 160 -28.85 -2.18 109.39
N LEU G 161 -28.10 -1.09 109.27
CA LEU G 161 -28.65 0.25 109.04
C LEU G 161 -27.92 0.92 107.88
N GLY G 162 -28.18 2.21 107.74
CA GLY G 162 -27.40 3.01 106.82
C GLY G 162 -28.10 4.28 106.41
N CYS G 163 -27.74 4.80 105.24
CA CYS G 163 -28.35 5.98 104.66
C CYS G 163 -28.86 5.69 103.26
N LEU G 164 -30.05 6.21 102.97
CA LEU G 164 -30.71 6.07 101.67
C LEU G 164 -30.52 7.37 100.88
N VAL G 165 -29.60 7.34 99.92
CA VAL G 165 -29.31 8.53 99.13
C VAL G 165 -30.30 8.56 97.97
N LYS G 166 -31.37 9.34 98.11
CA LYS G 166 -32.46 9.35 97.16
C LYS G 166 -32.52 10.71 96.47
N ASP G 167 -33.02 10.72 95.23
CA ASP G 167 -33.44 11.90 94.49
C ASP G 167 -32.32 12.89 94.20
N TYR G 168 -31.33 12.48 93.41
CA TYR G 168 -30.22 13.34 93.03
C TYR G 168 -29.81 13.03 91.60
N PHE G 169 -29.20 14.00 90.94
CA PHE G 169 -28.73 13.83 89.57
C PHE G 169 -27.66 14.87 89.30
N PRO G 170 -26.61 14.52 88.54
CA PRO G 170 -26.17 13.18 88.18
C PRO G 170 -25.19 12.54 89.15
N GLU G 171 -24.47 11.56 88.63
CA GLU G 171 -23.51 10.71 89.31
C GLU G 171 -22.24 11.51 89.62
N PRO G 172 -21.57 11.24 90.76
CA PRO G 172 -21.93 10.38 91.89
C PRO G 172 -22.24 11.12 93.19
N VAL G 173 -22.64 10.33 94.17
CA VAL G 173 -22.49 10.69 95.58
C VAL G 173 -21.33 9.88 96.15
N THR G 174 -20.49 10.54 96.95
CA THR G 174 -19.36 9.88 97.58
C THR G 174 -19.65 9.80 99.08
N VAL G 175 -20.30 8.72 99.48
CA VAL G 175 -20.84 8.58 100.83
C VAL G 175 -19.79 7.89 101.68
N SER G 176 -19.04 8.68 102.45
CA SER G 176 -18.23 8.15 103.52
C SER G 176 -19.09 8.09 104.78
N TRP G 177 -18.50 7.68 105.90
CA TRP G 177 -19.24 7.56 107.16
C TRP G 177 -18.44 8.16 108.29
N ASN G 178 -19.07 9.11 109.00
CA ASN G 178 -18.53 9.79 110.18
C ASN G 178 -17.23 10.52 109.85
N SER G 179 -17.26 11.30 108.77
CA SER G 179 -16.10 11.99 108.18
C SER G 179 -14.97 11.01 107.87
N GLY G 180 -15.35 9.83 107.37
CA GLY G 180 -14.40 8.80 107.01
C GLY G 180 -13.88 7.97 108.17
N ALA G 181 -14.33 8.22 109.40
CA ALA G 181 -13.84 7.45 110.54
C ALA G 181 -14.41 6.04 110.55
N LEU G 182 -15.62 5.87 110.02
CA LEU G 182 -16.24 4.54 109.92
C LEU G 182 -16.12 4.05 108.48
N THR G 183 -15.47 2.91 108.30
CA THR G 183 -15.34 2.28 106.99
C THR G 183 -15.70 0.80 106.98
N SER G 184 -15.84 0.15 108.13
CA SER G 184 -16.02 -1.29 108.20
C SER G 184 -17.48 -1.65 107.92
N GLY G 185 -17.73 -2.25 106.77
CA GLY G 185 -19.07 -2.67 106.40
C GLY G 185 -19.78 -1.78 105.42
N VAL G 186 -19.09 -0.83 104.79
CA VAL G 186 -19.72 0.13 103.89
C VAL G 186 -20.02 -0.53 102.56
N HIS G 187 -21.30 -0.81 102.31
CA HIS G 187 -21.75 -1.36 101.02
C HIS G 187 -22.08 -0.21 100.08
N THR G 188 -21.05 0.29 99.40
CA THR G 188 -21.23 1.36 98.41
C THR G 188 -21.84 0.74 97.16
N PHE G 189 -23.17 0.77 97.11
CA PHE G 189 -23.91 0.06 96.06
C PHE G 189 -24.49 1.06 95.05
N PRO G 190 -24.60 0.68 93.77
CA PRO G 190 -24.74 1.68 92.69
C PRO G 190 -26.08 2.39 92.67
N ALA G 191 -26.15 3.37 91.76
CA ALA G 191 -27.27 4.30 91.66
C ALA G 191 -28.20 3.93 90.52
N VAL G 192 -29.49 3.99 90.81
CA VAL G 192 -30.52 3.67 89.83
C VAL G 192 -30.79 4.90 88.99
N LEU G 193 -31.57 4.69 87.92
CA LEU G 193 -32.19 5.79 87.17
C LEU G 193 -33.70 5.68 87.42
N GLN G 194 -34.23 6.57 88.25
CA GLN G 194 -35.64 6.52 88.59
C GLN G 194 -36.45 7.37 87.61
N SER G 195 -37.72 7.63 87.95
CA SER G 195 -38.68 8.15 86.97
C SER G 195 -38.42 9.61 86.62
N SER G 196 -38.06 10.43 87.61
CA SER G 196 -37.84 11.85 87.38
C SER G 196 -36.47 12.17 86.79
N GLY G 197 -35.69 11.17 86.40
CA GLY G 197 -34.34 11.37 85.96
C GLY G 197 -33.30 11.36 87.07
N LEU G 198 -33.73 11.53 88.32
CA LEU G 198 -32.84 11.54 89.46
C LEU G 198 -32.30 10.13 89.73
N TYR G 199 -31.38 10.03 90.69
CA TYR G 199 -30.78 8.74 91.05
C TYR G 199 -31.16 8.42 92.48
N SER G 200 -31.07 7.15 92.85
CA SER G 200 -31.35 6.71 94.21
C SER G 200 -30.48 5.50 94.53
N LEU G 201 -29.40 5.71 95.28
CA LEU G 201 -28.62 4.59 95.81
C LEU G 201 -28.75 4.54 97.32
N SER G 202 -27.97 3.62 97.91
CA SER G 202 -27.73 3.60 99.35
C SER G 202 -26.35 3.01 99.58
N SER G 203 -25.40 3.86 99.94
CA SER G 203 -24.08 3.41 100.38
C SER G 203 -24.14 3.29 101.90
N VAL G 204 -24.84 2.26 102.36
CA VAL G 204 -25.04 2.01 103.78
C VAL G 204 -23.76 1.46 104.39
N VAL G 205 -23.73 1.38 105.71
CA VAL G 205 -22.75 0.59 106.43
C VAL G 205 -23.48 -0.50 107.21
N THR G 206 -23.18 -1.77 106.90
CA THR G 206 -23.78 -2.89 107.60
C THR G 206 -23.04 -3.11 108.92
N VAL G 207 -23.74 -2.93 110.02
CA VAL G 207 -23.14 -2.93 111.35
C VAL G 207 -23.81 -4.02 112.16
N PRO G 208 -23.19 -4.45 113.26
CA PRO G 208 -23.91 -5.31 114.21
C PRO G 208 -25.03 -4.56 114.91
N SER G 209 -25.93 -5.33 115.53
CA SER G 209 -27.12 -4.78 116.16
C SER G 209 -26.85 -4.11 117.51
N SER G 210 -25.59 -4.09 117.96
CA SER G 210 -25.30 -3.52 119.27
C SER G 210 -25.24 -2.00 119.22
N SER G 211 -24.56 -1.45 118.22
CA SER G 211 -24.23 -0.02 118.18
C SER G 211 -25.25 0.80 117.39
N LEU G 212 -26.52 0.39 117.37
CA LEU G 212 -27.53 1.03 116.54
C LEU G 212 -27.89 2.39 117.14
N GLY G 213 -27.29 3.46 116.59
CA GLY G 213 -27.39 4.77 117.19
C GLY G 213 -26.39 5.07 118.28
N THR G 214 -25.83 4.03 118.93
CA THR G 214 -24.78 4.22 119.91
C THR G 214 -23.50 4.71 119.24
N GLN G 215 -22.99 3.95 118.28
CA GLN G 215 -22.05 4.49 117.31
C GLN G 215 -22.75 5.56 116.50
N THR G 216 -22.12 6.72 116.36
CA THR G 216 -22.63 7.73 115.47
C THR G 216 -22.48 7.24 114.03
N TYR G 217 -23.50 7.45 113.21
CA TYR G 217 -23.43 7.08 111.80
C TYR G 217 -23.77 8.30 110.96
N ILE G 218 -22.79 9.16 110.74
CA ILE G 218 -22.97 10.33 109.88
C ILE G 218 -22.52 9.93 108.49
N CYS G 219 -23.48 9.58 107.64
CA CYS G 219 -23.20 9.44 106.23
C CYS G 219 -22.88 10.81 105.63
N ASN G 220 -21.73 10.90 105.00
CA ASN G 220 -21.22 12.17 104.47
C ASN G 220 -21.44 12.10 102.96
N VAL G 221 -22.62 12.47 102.53
CA VAL G 221 -23.08 12.23 101.18
C VAL G 221 -22.72 13.45 100.34
N ASN G 222 -21.53 13.44 99.76
CA ASN G 222 -21.05 14.54 98.93
C ASN G 222 -21.50 14.28 97.50
N HIS G 223 -22.66 14.79 97.14
CA HIS G 223 -23.10 14.80 95.75
C HIS G 223 -22.26 15.83 95.00
N LYS G 224 -21.61 15.40 93.94
CA LYS G 224 -20.63 16.27 93.30
C LYS G 224 -21.22 17.35 92.36
N PRO G 225 -22.19 17.07 91.45
CA PRO G 225 -22.69 18.18 90.63
C PRO G 225 -23.63 19.13 91.36
N SER G 226 -24.22 18.73 92.48
CA SER G 226 -25.10 19.63 93.23
C SER G 226 -24.43 20.24 94.45
N ASN G 227 -23.25 19.72 94.84
CA ASN G 227 -22.45 20.22 95.96
C ASN G 227 -23.22 20.23 97.28
N THR G 228 -24.05 19.20 97.46
CA THR G 228 -24.97 19.12 98.60
C THR G 228 -24.49 18.00 99.51
N LYS G 229 -23.68 18.34 100.52
CA LYS G 229 -23.16 17.38 101.48
C LYS G 229 -24.20 17.19 102.58
N VAL G 230 -24.94 16.09 102.49
CA VAL G 230 -26.04 15.80 103.42
C VAL G 230 -25.50 14.87 104.49
N ASP G 231 -25.63 15.28 105.75
CA ASP G 231 -25.11 14.55 106.91
C ASP G 231 -26.30 14.09 107.76
N LYS G 232 -26.48 12.77 107.85
CA LYS G 232 -27.68 12.18 108.45
C LYS G 232 -27.27 11.09 109.44
N LYS G 233 -27.47 11.36 110.73
CA LYS G 233 -27.15 10.38 111.77
C LYS G 233 -28.22 9.30 111.84
N VAL G 234 -27.79 8.05 111.93
CA VAL G 234 -28.67 6.90 111.73
C VAL G 234 -29.04 6.30 113.09
N GLU G 235 -30.33 6.04 113.27
CA GLU G 235 -30.87 5.50 114.50
C GLU G 235 -32.08 4.63 114.14
N PRO G 236 -32.49 3.71 115.03
CA PRO G 236 -33.75 2.98 114.81
C PRO G 236 -34.98 3.88 114.93
N GLN H 1 -35.46 -16.53 -23.50
CA GLN H 1 -35.11 -16.75 -24.90
C GLN H 1 -36.08 -16.00 -25.80
N ILE H 2 -35.68 -15.77 -27.04
CA ILE H 2 -36.46 -15.00 -28.00
C ILE H 2 -37.36 -15.95 -28.79
N HIS H 3 -38.65 -15.63 -28.83
CA HIS H 3 -39.63 -16.35 -29.65
C HIS H 3 -40.50 -15.33 -30.36
N LEU H 4 -40.56 -15.44 -31.68
CA LEU H 4 -41.39 -14.56 -32.52
C LEU H 4 -42.64 -15.32 -32.94
N VAL H 5 -43.80 -14.84 -32.50
CA VAL H 5 -45.08 -15.49 -32.75
C VAL H 5 -45.88 -14.56 -33.64
N GLN H 6 -46.31 -15.05 -34.77
CA GLN H 6 -46.98 -14.10 -35.61
C GLN H 6 -48.46 -14.51 -35.67
N SER H 7 -49.29 -13.77 -36.45
CA SER H 7 -50.74 -14.00 -36.44
C SER H 7 -51.13 -15.29 -37.16
N GLY H 8 -52.43 -15.60 -37.16
CA GLY H 8 -52.91 -16.80 -37.80
C GLY H 8 -53.07 -16.64 -39.30
N THR H 9 -53.24 -17.77 -39.98
CA THR H 9 -53.37 -17.78 -41.43
C THR H 9 -54.57 -16.96 -41.86
N GLU H 10 -54.45 -16.31 -43.01
CA GLU H 10 -55.53 -15.52 -43.58
C GLU H 10 -55.64 -15.79 -45.07
N VAL H 11 -56.87 -15.95 -45.53
CA VAL H 11 -57.18 -16.05 -46.95
C VAL H 11 -57.94 -14.78 -47.34
N LYS H 12 -57.54 -14.18 -48.45
CA LYS H 12 -58.11 -12.89 -48.84
C LYS H 12 -58.14 -12.77 -50.36
N LYS H 13 -59.01 -11.89 -50.84
CA LYS H 13 -59.26 -11.69 -52.26
C LYS H 13 -58.41 -10.57 -52.81
N PRO H 14 -58.17 -10.55 -54.12
CA PRO H 14 -57.38 -9.46 -54.72
C PRO H 14 -58.04 -8.10 -54.51
N GLY H 15 -57.22 -7.05 -54.61
CA GLY H 15 -57.67 -5.70 -54.35
C GLY H 15 -57.89 -5.37 -52.89
N SER H 16 -57.87 -6.36 -52.00
CA SER H 16 -58.06 -6.15 -50.57
C SER H 16 -56.72 -5.87 -49.90
N SER H 17 -56.77 -5.62 -48.59
CA SER H 17 -55.58 -5.40 -47.79
C SER H 17 -55.56 -6.37 -46.62
N VAL H 18 -54.44 -6.37 -45.89
CA VAL H 18 -54.23 -7.34 -44.82
C VAL H 18 -53.05 -6.92 -43.95
N THR H 19 -53.16 -7.12 -42.64
CA THR H 19 -52.10 -6.82 -41.69
C THR H 19 -51.80 -8.06 -40.87
N VAL H 20 -50.53 -8.44 -40.80
CA VAL H 20 -50.09 -9.61 -40.03
C VAL H 20 -49.35 -9.12 -38.79
N SER H 21 -49.64 -9.76 -37.65
CA SER H 21 -49.04 -9.41 -36.37
C SER H 21 -47.81 -10.27 -36.14
N CYS H 22 -46.89 -9.79 -35.30
CA CYS H 22 -45.63 -10.51 -35.02
C CYS H 22 -45.22 -10.30 -33.57
N LYS H 23 -45.72 -11.16 -32.68
CA LYS H 23 -45.37 -11.10 -31.27
C LYS H 23 -43.89 -11.41 -31.08
N ALA H 24 -43.16 -10.49 -30.45
CA ALA H 24 -41.72 -10.64 -30.24
C ALA H 24 -41.46 -10.81 -28.76
N TYR H 25 -41.61 -12.04 -28.27
CA TYR H 25 -41.28 -12.38 -26.90
C TYR H 25 -39.77 -12.56 -26.76
N GLY H 26 -39.23 -12.13 -25.61
CA GLY H 26 -37.82 -12.23 -25.33
C GLY H 26 -37.00 -11.01 -25.74
N VAL H 27 -37.46 -10.28 -26.76
CA VAL H 27 -36.78 -9.06 -27.17
C VAL H 27 -36.93 -8.01 -26.07
N ASN H 28 -35.82 -7.39 -25.68
CA ASN H 28 -35.89 -6.36 -24.65
C ASN H 28 -36.50 -5.07 -25.20
N THR H 29 -36.17 -4.72 -26.44
CA THR H 29 -36.75 -3.55 -27.09
C THR H 29 -36.36 -3.55 -28.56
N PHE H 30 -37.16 -2.86 -29.37
CA PHE H 30 -36.84 -2.61 -30.76
C PHE H 30 -35.81 -1.50 -30.94
N GLY H 31 -35.34 -0.92 -29.84
CA GLY H 31 -34.22 0.00 -29.93
C GLY H 31 -32.88 -0.70 -29.98
N LEU H 32 -32.81 -1.93 -29.49
CA LEU H 32 -31.62 -2.75 -29.57
C LEU H 32 -31.81 -3.95 -30.51
N TYR H 33 -32.95 -4.02 -31.20
CA TYR H 33 -33.24 -5.05 -32.18
C TYR H 33 -34.00 -4.43 -33.34
N ALA H 34 -33.74 -4.90 -34.55
CA ALA H 34 -34.44 -4.44 -35.74
C ALA H 34 -35.29 -5.56 -36.31
N VAL H 35 -36.40 -5.18 -36.94
CA VAL H 35 -37.38 -6.12 -37.45
C VAL H 35 -37.37 -6.06 -38.97
N ASN H 36 -37.11 -7.19 -39.61
CA ASN H 36 -37.09 -7.28 -41.07
C ASN H 36 -38.18 -8.23 -41.53
N TRP H 37 -38.94 -7.82 -42.54
CA TRP H 37 -39.99 -8.66 -43.11
C TRP H 37 -39.49 -9.24 -44.43
N VAL H 38 -39.55 -10.56 -44.54
CA VAL H 38 -39.07 -11.28 -45.72
C VAL H 38 -40.16 -12.22 -46.18
N ARG H 39 -40.36 -12.26 -47.50
CA ARG H 39 -41.39 -13.06 -48.14
C ARG H 39 -40.77 -14.26 -48.83
N GLN H 40 -41.43 -15.41 -48.75
CA GLN H 40 -41.01 -16.61 -49.47
C GLN H 40 -42.15 -17.11 -50.34
N ALA H 41 -41.99 -16.95 -51.65
CA ALA H 41 -42.97 -17.43 -52.61
C ALA H 41 -43.04 -18.96 -52.57
N PRO H 42 -44.12 -19.54 -53.08
CA PRO H 42 -44.25 -21.00 -53.07
C PRO H 42 -43.10 -21.67 -53.82
N GLY H 43 -42.35 -22.51 -53.10
CA GLY H 43 -41.29 -23.33 -53.68
C GLY H 43 -40.25 -22.54 -54.41
N GLN H 44 -39.93 -21.34 -53.93
CA GLN H 44 -38.91 -20.51 -54.54
C GLN H 44 -38.09 -19.87 -53.43
N SER H 45 -37.31 -18.85 -53.77
CA SER H 45 -36.40 -18.23 -52.82
C SER H 45 -37.15 -17.24 -51.93
N LEU H 46 -36.41 -16.47 -51.15
CA LEU H 46 -36.96 -15.46 -50.26
C LEU H 46 -36.73 -14.07 -50.83
N GLU H 47 -37.52 -13.11 -50.36
CA GLU H 47 -37.42 -11.75 -50.87
C GLU H 47 -37.53 -10.76 -49.71
N TYR H 48 -36.62 -9.79 -49.69
CA TYR H 48 -36.69 -8.73 -48.70
C TYR H 48 -37.81 -7.76 -49.07
N ILE H 49 -38.69 -7.49 -48.11
CA ILE H 49 -39.79 -6.56 -48.29
C ILE H 49 -39.48 -5.20 -47.69
N GLY H 50 -39.12 -5.18 -46.41
CA GLY H 50 -38.84 -3.95 -45.70
C GLY H 50 -38.37 -4.29 -44.31
N GLN H 51 -38.17 -3.25 -43.52
CA GLN H 51 -37.67 -3.43 -42.16
C GLN H 51 -38.08 -2.23 -41.33
N ILE H 52 -37.77 -2.29 -40.04
CA ILE H 52 -37.91 -1.12 -39.17
C ILE H 52 -36.77 -1.11 -38.16
N TRP H 53 -35.80 -0.22 -38.38
CA TRP H 53 -34.64 -0.08 -37.53
C TRP H 53 -34.50 1.37 -37.12
N ARG H 54 -34.13 1.59 -35.86
CA ARG H 54 -34.09 2.92 -35.26
C ARG H 54 -35.44 3.62 -35.45
N TRP H 55 -36.52 2.84 -35.35
CA TRP H 55 -37.89 3.33 -35.56
C TRP H 55 -38.05 4.00 -36.92
N LYS H 56 -37.31 3.53 -37.92
CA LYS H 56 -37.39 4.04 -39.28
C LYS H 56 -37.91 2.93 -40.19
N SER H 57 -39.10 3.14 -40.75
CA SER H 57 -39.69 2.17 -41.65
C SER H 57 -39.01 2.20 -43.01
N SER H 58 -39.17 1.11 -43.76
CA SER H 58 -38.42 0.92 -44.99
C SER H 58 -39.23 0.10 -45.98
N ALA H 59 -38.99 0.36 -47.27
CA ALA H 59 -39.56 -0.43 -48.34
C ALA H 59 -38.47 -0.87 -49.29
N SER H 60 -38.66 -2.06 -49.85
CA SER H 60 -37.99 -2.39 -51.10
C SER H 60 -38.49 -1.44 -52.18
N HIS H 61 -37.59 -1.04 -53.08
CA HIS H 61 -38.02 -0.26 -54.23
C HIS H 61 -39.10 -0.99 -55.01
N HIS H 62 -38.99 -2.33 -55.09
CA HIS H 62 -40.05 -3.13 -55.70
C HIS H 62 -41.37 -2.93 -54.97
N PHE H 63 -41.34 -2.86 -53.64
CA PHE H 63 -42.54 -2.73 -52.82
C PHE H 63 -42.73 -1.31 -52.32
N ARG H 64 -42.07 -0.34 -52.95
CA ARG H 64 -42.13 1.04 -52.52
C ARG H 64 -43.55 1.58 -52.61
N GLY H 65 -44.06 2.07 -51.48
CA GLY H 65 -45.38 2.68 -51.43
C GLY H 65 -46.54 1.72 -51.37
N ARG H 66 -46.33 0.43 -51.60
CA ARG H 66 -47.41 -0.55 -51.55
C ARG H 66 -47.60 -1.12 -50.16
N VAL H 67 -46.59 -1.05 -49.30
CA VAL H 67 -46.58 -1.74 -48.02
C VAL H 67 -46.32 -0.73 -46.91
N LEU H 68 -46.76 -1.08 -45.71
CA LEU H 68 -46.47 -0.30 -44.50
C LEU H 68 -46.07 -1.23 -43.38
N ILE H 69 -44.97 -0.91 -42.70
CA ILE H 69 -44.42 -1.73 -41.62
C ILE H 69 -44.33 -0.88 -40.36
N SER H 70 -45.11 -1.25 -39.34
CA SER H 70 -45.14 -0.53 -38.08
C SER H 70 -44.78 -1.48 -36.94
N ALA H 71 -44.37 -0.90 -35.82
CA ALA H 71 -44.05 -1.66 -34.62
C ALA H 71 -44.16 -0.73 -33.42
N VAL H 72 -44.42 -1.32 -32.25
CA VAL H 72 -44.56 -0.58 -31.00
C VAL H 72 -43.80 -1.32 -29.93
N ASP H 73 -43.19 -0.56 -29.01
CA ASP H 73 -42.53 -1.18 -27.88
C ASP H 73 -43.54 -1.87 -26.97
N LEU H 74 -43.00 -2.70 -26.07
CA LEU H 74 -43.85 -3.57 -25.27
C LEU H 74 -44.85 -2.78 -24.44
N THR H 75 -46.11 -3.20 -24.48
CA THR H 75 -47.03 -2.83 -23.42
C THR H 75 -46.55 -3.48 -22.13
N GLY H 76 -46.92 -2.87 -20.99
CA GLY H 76 -46.77 -3.57 -19.73
C GLY H 76 -47.32 -4.98 -19.78
N SER H 77 -48.40 -5.17 -20.56
CA SER H 77 -48.99 -6.49 -20.70
C SER H 77 -48.15 -7.39 -21.59
N SER H 78 -47.66 -6.87 -22.72
CA SER H 78 -47.19 -7.71 -23.81
C SER H 78 -45.87 -7.19 -24.36
N PRO H 79 -45.05 -8.06 -24.94
CA PRO H 79 -43.74 -7.64 -25.48
C PRO H 79 -43.91 -6.84 -26.77
N PRO H 80 -42.88 -6.12 -27.23
CA PRO H 80 -43.03 -5.29 -28.41
C PRO H 80 -43.22 -6.14 -29.65
N ILE H 81 -44.06 -5.67 -30.57
CA ILE H 81 -44.39 -6.46 -31.76
C ILE H 81 -44.44 -5.54 -32.98
N SER H 82 -44.18 -6.15 -34.14
CA SER H 82 -44.20 -5.47 -35.42
C SER H 82 -45.36 -5.98 -36.26
N SER H 83 -45.83 -5.13 -37.17
CA SER H 83 -46.98 -5.43 -38.01
C SER H 83 -46.67 -5.11 -39.46
N LEU H 84 -47.04 -6.03 -40.36
CA LEU H 84 -46.80 -5.90 -41.78
C LEU H 84 -48.15 -5.82 -42.50
N GLU H 85 -48.40 -4.68 -43.15
CA GLU H 85 -49.67 -4.43 -43.84
C GLU H 85 -49.41 -4.28 -45.33
N ILE H 86 -50.23 -4.96 -46.15
CA ILE H 86 -50.05 -5.02 -47.59
C ILE H 86 -51.36 -4.65 -48.27
N LYS H 87 -51.29 -3.84 -49.32
CA LYS H 87 -52.47 -3.37 -50.03
C LYS H 87 -52.41 -3.77 -51.49
N ASN H 88 -53.59 -3.70 -52.14
CA ASN H 88 -53.75 -3.98 -53.57
C ASN H 88 -53.17 -5.35 -53.92
N LEU H 89 -53.60 -6.36 -53.18
CA LEU H 89 -53.06 -7.70 -53.33
C LEU H 89 -53.29 -8.24 -54.74
N THR H 90 -52.35 -9.04 -55.22
CA THR H 90 -52.47 -9.78 -56.45
C THR H 90 -52.16 -11.24 -56.16
N SER H 91 -52.55 -12.13 -57.07
CA SER H 91 -52.21 -13.54 -56.92
C SER H 91 -50.70 -13.75 -56.84
N ASP H 92 -49.91 -12.79 -57.31
CA ASP H 92 -48.46 -12.84 -57.27
C ASP H 92 -47.89 -12.53 -55.89
N ASP H 93 -48.74 -12.12 -54.94
CA ASP H 93 -48.30 -11.89 -53.57
C ASP H 93 -48.50 -13.11 -52.67
N THR H 94 -49.20 -14.14 -53.15
CA THR H 94 -49.39 -15.38 -52.41
C THR H 94 -48.05 -15.97 -51.99
N ALA H 95 -47.76 -15.97 -50.70
CA ALA H 95 -46.47 -16.44 -50.20
C ALA H 95 -46.55 -16.52 -48.68
N VAL H 96 -45.47 -17.03 -48.08
CA VAL H 96 -45.32 -17.06 -46.64
C VAL H 96 -44.50 -15.85 -46.22
N TYR H 97 -44.90 -15.20 -45.13
CA TYR H 97 -44.32 -13.94 -44.71
C TYR H 97 -43.65 -14.10 -43.36
N PHE H 98 -42.39 -13.69 -43.28
CA PHE H 98 -41.51 -13.99 -42.16
C PHE H 98 -41.16 -12.73 -41.38
N CYS H 99 -41.11 -12.87 -40.07
CA CYS H 99 -40.64 -11.84 -39.16
C CYS H 99 -39.20 -12.11 -38.80
N THR H 100 -38.42 -11.05 -38.67
CA THR H 100 -37.00 -11.15 -38.39
C THR H 100 -36.65 -10.30 -37.18
N THR H 101 -35.84 -10.86 -36.28
CA THR H 101 -35.33 -10.13 -35.14
C THR H 101 -33.81 -10.25 -35.11
N THR H 102 -33.13 -9.11 -35.15
CA THR H 102 -31.67 -9.06 -35.20
C THR H 102 -31.17 -8.02 -34.21
N SER H 103 -30.21 -8.41 -33.37
CA SER H 103 -29.65 -7.50 -32.39
C SER H 103 -28.88 -6.37 -33.08
N THR H 104 -29.20 -5.13 -32.71
CA THR H 104 -28.55 -3.96 -33.29
C THR H 104 -27.60 -3.27 -32.33
N TYR H 105 -27.33 -3.86 -31.16
CA TYR H 105 -26.63 -3.14 -30.10
C TYR H 105 -25.17 -2.84 -30.47
N ASP H 106 -24.47 -3.81 -31.05
CA ASP H 106 -23.05 -3.65 -31.34
C ASP H 106 -22.86 -3.20 -32.78
N ARG H 107 -22.10 -2.11 -32.96
CA ARG H 107 -21.83 -1.62 -34.31
C ARG H 107 -20.94 -2.56 -35.09
N TRP H 108 -20.10 -3.34 -34.41
CA TRP H 108 -19.16 -4.23 -35.07
C TRP H 108 -19.72 -5.63 -35.28
N SER H 109 -20.99 -5.87 -34.93
CA SER H 109 -21.51 -7.23 -34.84
C SER H 109 -21.32 -8.01 -36.13
N GLY H 110 -21.28 -7.35 -37.28
CA GLY H 110 -21.27 -8.03 -38.55
C GLY H 110 -22.60 -8.59 -38.98
N LEU H 111 -23.59 -8.63 -38.08
CA LEU H 111 -24.94 -9.00 -38.47
C LEU H 111 -25.60 -7.91 -39.30
N HIS H 112 -25.23 -6.66 -39.06
CA HIS H 112 -25.86 -5.52 -39.72
C HIS H 112 -24.80 -4.63 -40.36
N HIS H 113 -25.21 -3.92 -41.42
CA HIS H 113 -24.32 -3.07 -42.21
C HIS H 113 -25.10 -1.84 -42.66
N ASP H 114 -25.19 -0.85 -41.78
CA ASP H 114 -25.83 0.44 -42.06
C ASP H 114 -27.26 0.24 -42.56
N GLY H 115 -28.05 -0.49 -41.77
CA GLY H 115 -29.43 -0.76 -42.08
C GLY H 115 -29.66 -2.05 -42.84
N VAL H 116 -28.74 -2.43 -43.72
CA VAL H 116 -28.83 -3.68 -44.46
C VAL H 116 -28.20 -4.77 -43.62
N MET H 117 -29.00 -5.76 -43.22
CA MET H 117 -28.55 -6.70 -42.19
C MET H 117 -29.02 -8.12 -42.50
N ALA H 118 -28.36 -9.07 -41.86
CA ALA H 118 -28.81 -10.45 -41.81
C ALA H 118 -29.90 -10.60 -40.75
N PHE H 119 -30.39 -11.82 -40.59
CA PHE H 119 -31.61 -12.09 -39.84
C PHE H 119 -31.33 -13.18 -38.82
N SER H 120 -31.31 -12.83 -37.53
CA SER H 120 -30.83 -13.74 -36.50
C SER H 120 -31.94 -14.59 -35.88
N SER H 121 -33.14 -14.04 -35.72
CA SER H 121 -34.25 -14.76 -35.12
C SER H 121 -35.48 -14.65 -36.02
N TRP H 122 -36.20 -15.75 -36.16
CA TRP H 122 -37.31 -15.85 -37.10
C TRP H 122 -38.56 -16.37 -36.39
N GLY H 123 -39.70 -16.11 -37.02
CA GLY H 123 -40.99 -16.56 -36.53
C GLY H 123 -41.54 -17.70 -37.37
N GLN H 124 -42.68 -18.23 -36.92
CA GLN H 124 -43.29 -19.37 -37.60
C GLN H 124 -43.69 -19.03 -39.02
N GLY H 125 -44.28 -17.86 -39.23
CA GLY H 125 -44.67 -17.47 -40.56
C GLY H 125 -46.19 -17.38 -40.68
N THR H 126 -46.65 -16.54 -41.60
CA THR H 126 -48.07 -16.36 -41.87
C THR H 126 -48.30 -16.64 -43.35
N LEU H 127 -49.15 -17.62 -43.65
CA LEU H 127 -49.50 -17.94 -45.03
C LEU H 127 -50.60 -17.00 -45.52
N ILE H 128 -50.28 -16.20 -46.53
CA ILE H 128 -51.24 -15.30 -47.16
C ILE H 128 -51.54 -15.84 -48.55
N SER H 129 -52.80 -16.21 -48.78
CA SER H 129 -53.25 -16.79 -50.04
C SER H 129 -54.19 -15.80 -50.73
N VAL H 130 -53.81 -15.37 -51.92
CA VAL H 130 -54.57 -14.40 -52.69
C VAL H 130 -55.16 -15.10 -53.91
N SER H 131 -56.49 -15.16 -53.96
CA SER H 131 -57.20 -15.75 -55.09
C SER H 131 -58.61 -15.22 -55.10
N ALA H 132 -59.17 -15.12 -56.32
CA ALA H 132 -60.54 -14.64 -56.48
C ALA H 132 -61.58 -15.70 -56.16
N ALA H 133 -61.19 -16.97 -56.16
CA ALA H 133 -62.15 -18.05 -55.97
C ALA H 133 -62.63 -18.11 -54.52
N SER H 134 -63.81 -18.69 -54.34
CA SER H 134 -64.40 -18.91 -53.03
C SER H 134 -64.33 -20.39 -52.67
N THR H 135 -64.73 -20.69 -51.44
CA THR H 135 -64.71 -22.06 -50.95
C THR H 135 -65.52 -22.97 -51.88
N LYS H 136 -64.98 -24.16 -52.15
CA LYS H 136 -65.62 -25.10 -53.05
C LYS H 136 -65.15 -26.51 -52.72
N GLY H 137 -66.09 -27.45 -52.72
CA GLY H 137 -65.78 -28.83 -52.49
C GLY H 137 -65.17 -29.50 -53.71
N PRO H 138 -64.38 -30.55 -53.49
CA PRO H 138 -63.64 -31.15 -54.60
C PRO H 138 -64.45 -32.18 -55.37
N SER H 139 -64.28 -32.18 -56.68
CA SER H 139 -64.77 -33.25 -57.53
C SER H 139 -63.71 -34.34 -57.60
N VAL H 140 -64.07 -35.55 -57.19
CA VAL H 140 -63.13 -36.66 -57.08
C VAL H 140 -63.46 -37.69 -58.15
N PHE H 141 -62.46 -38.03 -58.96
CA PHE H 141 -62.56 -38.98 -60.05
C PHE H 141 -61.57 -40.11 -59.85
N PRO H 142 -61.82 -41.28 -60.43
CA PRO H 142 -60.93 -42.43 -60.21
C PRO H 142 -59.86 -42.57 -61.29
N LEU H 143 -58.65 -42.87 -60.85
CA LEU H 143 -57.54 -43.23 -61.74
C LEU H 143 -57.46 -44.76 -61.73
N ALA H 144 -58.20 -45.37 -62.64
CA ALA H 144 -58.37 -46.81 -62.67
C ALA H 144 -57.15 -47.49 -63.30
N PRO H 145 -56.77 -48.67 -62.78
CA PRO H 145 -55.65 -49.47 -63.32
C PRO H 145 -56.03 -50.23 -64.58
N THR H 154 -47.27 -56.08 -60.90
CA THR H 154 -47.59 -55.01 -59.96
C THR H 154 -48.14 -53.81 -60.73
N ALA H 155 -49.34 -53.36 -60.36
CA ALA H 155 -50.02 -52.27 -61.04
C ALA H 155 -50.38 -51.18 -60.03
N ALA H 156 -50.72 -50.00 -60.55
CA ALA H 156 -50.97 -48.82 -59.74
C ALA H 156 -52.28 -48.16 -60.13
N LEU H 157 -52.96 -47.62 -59.13
CA LEU H 157 -54.23 -46.90 -59.29
C LEU H 157 -54.20 -45.69 -58.38
N GLY H 158 -55.18 -44.81 -58.56
CA GLY H 158 -55.20 -43.63 -57.71
C GLY H 158 -56.51 -42.88 -57.78
N CYS H 159 -56.56 -41.78 -57.03
CA CYS H 159 -57.69 -40.86 -57.03
C CYS H 159 -57.21 -39.49 -57.48
N LEU H 160 -58.02 -38.82 -58.29
CA LEU H 160 -57.72 -37.48 -58.79
C LEU H 160 -58.69 -36.50 -58.16
N VAL H 161 -58.18 -35.64 -57.28
CA VAL H 161 -58.96 -34.67 -56.55
C VAL H 161 -58.75 -33.32 -57.23
N LYS H 162 -59.77 -32.84 -57.96
CA LYS H 162 -59.61 -31.67 -58.83
C LYS H 162 -60.63 -30.58 -58.50
N ASP H 163 -60.28 -29.35 -58.86
CA ASP H 163 -61.13 -28.16 -58.70
C ASP H 163 -61.61 -27.77 -57.30
N TYR H 164 -60.69 -27.72 -56.33
CA TYR H 164 -61.06 -27.47 -54.94
C TYR H 164 -60.37 -26.20 -54.44
N PHE H 165 -60.98 -25.58 -53.44
CA PHE H 165 -60.47 -24.34 -52.85
C PHE H 165 -61.20 -24.01 -51.55
N PRO H 166 -60.46 -23.50 -50.53
CA PRO H 166 -59.00 -23.43 -50.52
C PRO H 166 -58.38 -24.71 -49.96
N GLU H 167 -57.06 -24.72 -49.81
CA GLU H 167 -56.34 -25.86 -49.24
C GLU H 167 -56.69 -26.01 -47.76
N PRO H 168 -56.49 -27.21 -47.18
CA PRO H 168 -55.97 -28.46 -47.74
C PRO H 168 -57.01 -29.56 -47.88
N VAL H 169 -56.66 -30.65 -48.55
CA VAL H 169 -57.46 -31.87 -48.59
C VAL H 169 -56.62 -33.02 -48.05
N THR H 170 -57.28 -33.89 -47.29
CA THR H 170 -56.66 -35.10 -46.75
C THR H 170 -57.21 -36.30 -47.49
N VAL H 171 -56.32 -37.18 -47.95
CA VAL H 171 -56.71 -38.36 -48.71
C VAL H 171 -56.27 -39.60 -47.94
N SER H 172 -57.22 -40.48 -47.65
CA SER H 172 -56.95 -41.76 -47.01
C SER H 172 -57.63 -42.86 -47.82
N TRP H 173 -57.05 -44.05 -47.77
CA TRP H 173 -57.49 -45.16 -48.59
C TRP H 173 -58.13 -46.24 -47.73
N ASN H 174 -59.30 -46.73 -48.15
CA ASN H 174 -60.05 -47.77 -47.44
C ASN H 174 -60.22 -47.42 -45.96
N SER H 175 -60.52 -46.14 -45.70
CA SER H 175 -60.72 -45.63 -44.34
C SER H 175 -59.45 -45.82 -43.49
N GLY H 176 -58.30 -45.63 -44.11
CA GLY H 176 -57.02 -45.79 -43.45
C GLY H 176 -56.43 -47.18 -43.51
N ALA H 177 -57.08 -48.13 -44.21
CA ALA H 177 -56.60 -49.51 -44.22
C ALA H 177 -55.35 -49.66 -45.07
N LEU H 178 -55.25 -48.90 -46.15
CA LEU H 178 -54.14 -49.00 -47.10
C LEU H 178 -53.23 -47.79 -46.91
N THR H 179 -52.04 -48.03 -46.35
CA THR H 179 -51.06 -46.96 -46.10
C THR H 179 -49.70 -47.14 -46.78
N SER H 180 -49.31 -48.39 -47.04
CA SER H 180 -48.03 -48.67 -47.68
C SER H 180 -48.13 -48.49 -49.19
N GLY H 181 -47.17 -47.77 -49.77
CA GLY H 181 -47.19 -47.47 -51.19
C GLY H 181 -48.12 -46.34 -51.59
N VAL H 182 -48.56 -45.52 -50.65
CA VAL H 182 -49.51 -44.44 -50.92
C VAL H 182 -48.72 -43.15 -51.11
N HIS H 183 -48.86 -42.56 -52.29
CA HIS H 183 -48.26 -41.26 -52.61
C HIS H 183 -49.39 -40.28 -52.89
N THR H 184 -49.60 -39.35 -51.96
CA THR H 184 -50.56 -38.25 -52.16
C THR H 184 -49.74 -37.04 -52.60
N PHE H 185 -49.80 -36.73 -53.89
CA PHE H 185 -49.01 -35.64 -54.44
C PHE H 185 -49.47 -34.30 -53.87
N PRO H 186 -48.58 -33.33 -53.77
CA PRO H 186 -48.97 -32.00 -53.29
C PRO H 186 -49.82 -31.26 -54.30
N ALA H 187 -50.50 -30.22 -53.80
CA ALA H 187 -51.45 -29.49 -54.63
C ALA H 187 -50.74 -28.59 -55.63
N VAL H 188 -51.26 -28.56 -56.86
CA VAL H 188 -50.86 -27.57 -57.85
C VAL H 188 -52.02 -26.60 -58.03
N LEU H 189 -51.69 -25.35 -58.31
CA LEU H 189 -52.67 -24.28 -58.44
C LEU H 189 -52.99 -24.10 -59.92
N GLN H 190 -54.24 -24.36 -60.30
CA GLN H 190 -54.63 -24.38 -61.69
C GLN H 190 -54.75 -22.97 -62.26
N SER H 191 -54.74 -22.89 -63.60
CA SER H 191 -55.00 -21.64 -64.29
C SER H 191 -56.32 -21.02 -63.83
N SER H 192 -57.32 -21.86 -63.55
CA SER H 192 -58.59 -21.40 -63.01
C SER H 192 -58.47 -20.85 -61.60
N GLY H 193 -57.28 -20.72 -61.02
CA GLY H 193 -57.16 -20.29 -59.64
C GLY H 193 -57.73 -21.30 -58.65
N LEU H 194 -57.77 -22.57 -59.03
CA LEU H 194 -58.29 -23.64 -58.20
C LEU H 194 -57.20 -24.69 -57.97
N TYR H 195 -57.35 -25.43 -56.89
CA TYR H 195 -56.36 -26.43 -56.51
C TYR H 195 -56.77 -27.81 -57.04
N SER H 196 -55.77 -28.68 -57.18
CA SER H 196 -56.00 -30.02 -57.71
C SER H 196 -54.79 -30.89 -57.44
N LEU H 197 -55.03 -32.13 -56.99
CA LEU H 197 -53.96 -33.07 -56.70
C LEU H 197 -54.46 -34.49 -56.94
N SER H 198 -53.51 -35.43 -57.01
CA SER H 198 -53.83 -36.84 -57.17
C SER H 198 -53.06 -37.66 -56.14
N SER H 199 -53.67 -38.76 -55.71
CA SER H 199 -53.07 -39.69 -54.76
C SER H 199 -53.09 -41.08 -55.38
N VAL H 200 -51.93 -41.72 -55.48
CA VAL H 200 -51.79 -43.00 -56.16
C VAL H 200 -51.28 -44.05 -55.19
N VAL H 201 -51.56 -45.32 -55.53
CA VAL H 201 -51.16 -46.46 -54.71
C VAL H 201 -50.64 -47.57 -55.62
N THR H 202 -49.57 -48.24 -55.19
CA THR H 202 -49.05 -49.41 -55.87
C THR H 202 -49.46 -50.66 -55.09
N VAL H 203 -50.13 -51.59 -55.77
CA VAL H 203 -50.58 -52.84 -55.16
C VAL H 203 -50.40 -53.96 -56.17
N PRO H 204 -50.31 -55.21 -55.68
CA PRO H 204 -50.17 -56.34 -56.61
C PRO H 204 -51.43 -56.55 -57.44
N SER H 205 -51.23 -56.75 -58.74
CA SER H 205 -52.34 -56.88 -59.68
C SER H 205 -53.14 -58.17 -59.47
N SER H 206 -52.57 -59.16 -58.76
CA SER H 206 -53.31 -60.37 -58.46
C SER H 206 -54.47 -60.10 -57.50
N SER H 207 -54.42 -59.01 -56.74
CA SER H 207 -55.45 -58.67 -55.77
C SER H 207 -56.38 -57.56 -56.26
N LEU H 208 -56.35 -57.24 -57.56
CA LEU H 208 -57.21 -56.18 -58.07
C LEU H 208 -58.67 -56.61 -58.10
N GLY H 209 -58.94 -57.88 -58.41
CA GLY H 209 -60.30 -58.38 -58.38
C GLY H 209 -60.70 -58.93 -57.03
N THR H 210 -59.70 -59.22 -56.20
CA THR H 210 -59.97 -59.82 -54.89
C THR H 210 -60.46 -58.78 -53.89
N GLN H 211 -59.70 -57.71 -53.69
CA GLN H 211 -60.03 -56.67 -52.73
C GLN H 211 -60.48 -55.41 -53.45
N THR H 212 -61.31 -54.62 -52.76
CA THR H 212 -61.83 -53.36 -53.25
C THR H 212 -61.03 -52.20 -52.66
N TYR H 213 -60.83 -51.17 -53.47
CA TYR H 213 -60.03 -50.00 -53.09
C TYR H 213 -60.91 -48.75 -53.15
N ILE H 214 -60.94 -48.00 -52.05
CA ILE H 214 -61.72 -46.78 -51.93
C ILE H 214 -60.85 -45.72 -51.27
N CYS H 215 -60.79 -44.54 -51.88
CA CYS H 215 -60.08 -43.40 -51.32
C CYS H 215 -61.07 -42.46 -50.64
N ASN H 216 -60.65 -41.87 -49.53
CA ASN H 216 -61.51 -41.01 -48.71
C ASN H 216 -60.94 -39.60 -48.71
N VAL H 217 -61.62 -38.70 -49.41
CA VAL H 217 -61.20 -37.30 -49.52
C VAL H 217 -62.09 -36.45 -48.63
N ASN H 218 -61.49 -35.61 -47.80
CA ASN H 218 -62.22 -34.73 -46.90
C ASN H 218 -61.69 -33.31 -47.04
N HIS H 219 -62.63 -32.36 -47.10
CA HIS H 219 -62.31 -30.94 -47.19
C HIS H 219 -63.09 -30.20 -46.12
N LYS H 220 -62.40 -29.76 -45.07
CA LYS H 220 -63.00 -29.01 -43.96
C LYS H 220 -63.48 -27.62 -44.36
N PRO H 221 -62.77 -26.87 -45.22
CA PRO H 221 -63.28 -25.54 -45.59
C PRO H 221 -64.67 -25.54 -46.18
N SER H 222 -64.97 -26.46 -47.09
CA SER H 222 -66.32 -26.59 -47.64
C SER H 222 -67.17 -27.58 -46.86
N ASN H 223 -66.60 -28.24 -45.85
CA ASN H 223 -67.32 -29.22 -45.03
C ASN H 223 -67.84 -30.37 -45.87
N THR H 224 -67.10 -30.73 -46.92
CA THR H 224 -67.50 -31.76 -47.88
C THR H 224 -66.66 -33.01 -47.68
N LYS H 225 -67.29 -34.17 -47.82
CA LYS H 225 -66.63 -35.47 -47.65
C LYS H 225 -67.19 -36.45 -48.66
N VAL H 226 -66.32 -37.03 -49.48
CA VAL H 226 -66.72 -38.01 -50.50
C VAL H 226 -65.77 -39.20 -50.42
N ASP H 227 -66.32 -40.39 -50.69
CA ASP H 227 -65.56 -41.64 -50.76
C ASP H 227 -65.74 -42.20 -52.17
N LYS H 228 -64.66 -42.24 -52.94
CA LYS H 228 -64.72 -42.64 -54.34
C LYS H 228 -64.10 -44.02 -54.51
N ARG H 229 -64.85 -44.93 -55.14
CA ARG H 229 -64.36 -46.28 -55.38
C ARG H 229 -63.53 -46.30 -56.67
N VAL H 230 -62.33 -46.86 -56.58
CA VAL H 230 -61.50 -46.98 -57.77
C VAL H 230 -61.64 -48.37 -58.40
N GLU H 231 -62.74 -48.59 -59.09
CA GLU H 231 -62.95 -49.84 -59.79
C GLU H 231 -61.99 -49.97 -60.96
N PRO H 232 -61.52 -51.27 -61.23
CA PRO H 232 -60.62 -51.31 -62.40
C PRO H 232 -61.39 -51.12 -63.70
N ASP I 1 -29.54 -3.70 -57.11
CA ASP I 1 -29.66 -4.95 -56.37
C ASP I 1 -28.57 -5.93 -56.76
N ILE I 2 -28.04 -6.64 -55.76
CA ILE I 2 -27.08 -7.72 -56.00
C ILE I 2 -27.84 -8.99 -56.35
N GLN I 3 -27.31 -9.78 -57.28
CA GLN I 3 -27.91 -11.05 -57.67
C GLN I 3 -26.99 -12.18 -57.23
N MET I 4 -27.53 -13.09 -56.42
CA MET I 4 -26.75 -14.22 -55.90
C MET I 4 -27.14 -15.48 -56.66
N THR I 5 -26.16 -16.04 -57.39
CA THR I 5 -26.36 -17.26 -58.15
C THR I 5 -25.73 -18.43 -57.39
N GLN I 6 -26.57 -19.28 -56.81
CA GLN I 6 -26.13 -20.38 -55.98
C GLN I 6 -25.83 -21.60 -56.84
N SER I 7 -24.93 -22.45 -56.37
CA SER I 7 -24.53 -23.65 -57.09
C SER I 7 -23.89 -24.69 -56.17
N PRO I 8 -24.31 -25.97 -56.30
CA PRO I 8 -25.30 -26.47 -57.25
C PRO I 8 -26.74 -26.34 -56.76
N SER I 9 -27.71 -26.44 -57.67
CA SER I 9 -29.12 -26.38 -57.26
C SER I 9 -29.47 -27.56 -56.37
N THR I 10 -28.94 -28.74 -56.69
CA THR I 10 -29.18 -29.95 -55.92
C THR I 10 -27.89 -30.74 -55.82
N LEU I 11 -27.64 -31.29 -54.64
CA LEU I 11 -26.52 -32.20 -54.43
C LEU I 11 -26.98 -33.36 -53.56
N SER I 12 -26.30 -34.48 -53.71
CA SER I 12 -26.58 -35.67 -52.92
C SER I 12 -25.35 -36.01 -52.09
N ALA I 13 -25.58 -36.44 -50.85
CA ALA I 13 -24.50 -36.77 -49.95
C ALA I 13 -25.01 -37.76 -48.91
N SER I 14 -24.09 -38.28 -48.10
CA SER I 14 -24.36 -39.29 -47.09
C SER I 14 -23.65 -38.95 -45.77
N THR I 15 -24.14 -39.50 -44.67
CA THR I 15 -23.65 -39.13 -43.34
C THR I 15 -22.14 -39.18 -43.33
N GLY I 16 -21.53 -38.24 -42.60
CA GLY I 16 -20.08 -38.17 -42.48
C GLY I 16 -19.36 -37.52 -43.63
N ASP I 17 -20.03 -37.28 -44.75
CA ASP I 17 -19.36 -36.73 -45.92
C ASP I 17 -18.97 -35.27 -45.70
N THR I 18 -18.04 -34.81 -46.54
CA THR I 18 -17.66 -33.41 -46.62
C THR I 18 -18.29 -32.84 -47.89
N VAL I 19 -19.14 -31.84 -47.73
CA VAL I 19 -19.94 -31.32 -48.84
C VAL I 19 -19.71 -29.82 -48.97
N ARG I 20 -19.79 -29.33 -50.20
CA ARG I 20 -19.47 -27.94 -50.52
C ARG I 20 -20.56 -27.33 -51.36
N ILE I 21 -21.05 -26.16 -50.93
CA ILE I 21 -22.05 -25.39 -51.66
C ILE I 21 -21.44 -24.03 -52.00
N SER I 22 -21.37 -23.72 -53.28
CA SER I 22 -20.80 -22.47 -53.75
C SER I 22 -21.88 -21.46 -54.08
N CYS I 23 -21.55 -20.18 -53.93
CA CYS I 23 -22.49 -19.08 -54.18
C CYS I 23 -21.69 -17.91 -54.70
N ARG I 24 -21.95 -17.53 -55.95
CA ARG I 24 -21.23 -16.46 -56.64
C ARG I 24 -22.13 -15.23 -56.76
N ALA I 25 -21.53 -14.06 -56.63
CA ALA I 25 -22.25 -12.79 -56.66
C ALA I 25 -21.96 -12.02 -57.94
N SER I 26 -22.89 -11.12 -58.29
CA SER I 26 -22.75 -10.34 -59.52
C SER I 26 -21.63 -9.31 -59.40
N GLN I 27 -21.59 -8.57 -58.30
CA GLN I 27 -20.46 -7.73 -57.95
C GLN I 27 -19.58 -8.46 -56.95
N SER I 28 -18.42 -7.87 -56.67
CA SER I 28 -17.52 -8.37 -55.64
C SER I 28 -17.90 -7.74 -54.30
N ILE I 29 -18.01 -8.56 -53.27
CA ILE I 29 -18.39 -8.10 -51.93
C ILE I 29 -17.13 -8.21 -51.06
N THR I 30 -16.47 -7.08 -50.85
CA THR I 30 -15.21 -7.08 -50.11
C THR I 30 -15.44 -7.21 -48.61
N GLY I 31 -16.44 -6.51 -48.07
CA GLY I 31 -16.75 -6.57 -46.66
C GLY I 31 -17.26 -7.91 -46.16
N ASN I 32 -17.40 -8.89 -47.06
CA ASN I 32 -17.84 -10.24 -46.72
C ASN I 32 -19.22 -10.25 -46.07
N TRP I 33 -20.10 -9.34 -46.49
CA TRP I 33 -21.45 -9.25 -45.93
C TRP I 33 -22.35 -10.27 -46.63
N VAL I 34 -22.11 -11.53 -46.30
CA VAL I 34 -22.88 -12.65 -46.85
C VAL I 34 -23.20 -13.61 -45.73
N ALA I 35 -24.42 -14.13 -45.72
CA ALA I 35 -24.90 -15.05 -44.70
C ALA I 35 -25.34 -16.37 -45.31
N TRP I 36 -25.47 -17.38 -44.45
CA TRP I 36 -25.90 -18.72 -44.84
C TRP I 36 -27.03 -19.21 -43.94
N TYR I 37 -28.05 -19.81 -44.55
CA TYR I 37 -29.25 -20.26 -43.85
C TYR I 37 -29.61 -21.69 -44.26
N GLN I 38 -30.18 -22.44 -43.32
CA GLN I 38 -30.73 -23.76 -43.58
C GLN I 38 -32.23 -23.75 -43.35
N GLN I 39 -32.98 -24.30 -44.31
CA GLN I 39 -34.44 -24.37 -44.21
C GLN I 39 -34.88 -25.80 -44.45
N ARG I 40 -35.29 -26.48 -43.37
CA ARG I 40 -36.03 -27.72 -43.53
C ARG I 40 -37.46 -27.38 -43.97
N PRO I 41 -38.08 -28.25 -44.77
CA PRO I 41 -39.40 -27.91 -45.33
C PRO I 41 -40.43 -27.62 -44.25
N GLY I 42 -41.20 -26.56 -44.47
CA GLY I 42 -42.24 -26.12 -43.56
C GLY I 42 -41.81 -25.23 -42.39
N LYS I 43 -40.69 -25.57 -41.76
CA LYS I 43 -40.20 -24.83 -40.61
C LYS I 43 -39.32 -23.66 -41.03
N ALA I 44 -39.28 -22.65 -40.17
CA ALA I 44 -38.60 -21.41 -40.49
C ALA I 44 -37.09 -21.61 -40.63
N PRO I 45 -36.41 -20.79 -41.43
CA PRO I 45 -34.96 -20.92 -41.56
C PRO I 45 -34.23 -20.61 -40.26
N ARG I 46 -33.01 -21.12 -40.16
CA ARG I 46 -32.11 -20.87 -39.04
C ARG I 46 -30.85 -20.19 -39.55
N LEU I 47 -30.47 -19.08 -38.94
CA LEU I 47 -29.24 -18.40 -39.32
C LEU I 47 -28.04 -19.25 -38.90
N LEU I 48 -27.20 -19.58 -39.87
CA LEU I 48 -26.01 -20.42 -39.62
C LEU I 48 -24.66 -19.71 -39.59
N ILE I 49 -24.40 -18.86 -40.58
CA ILE I 49 -23.12 -18.16 -40.68
C ILE I 49 -23.38 -16.75 -41.19
N TYR I 50 -22.77 -15.76 -40.55
CA TYR I 50 -22.85 -14.38 -40.99
C TYR I 50 -21.45 -13.85 -41.30
N ARG I 51 -21.41 -12.73 -42.02
CA ARG I 51 -20.17 -12.04 -42.36
C ARG I 51 -19.11 -12.98 -42.93
N GLY I 52 -19.53 -14.01 -43.66
CA GLY I 52 -18.60 -14.89 -44.33
C GLY I 52 -18.25 -16.16 -43.58
N ALA I 53 -17.64 -16.03 -42.40
CA ALA I 53 -17.24 -17.18 -41.61
C ALA I 53 -17.56 -17.02 -40.13
N ALA I 54 -18.41 -16.07 -39.77
CA ALA I 54 -18.80 -15.92 -38.38
C ALA I 54 -19.84 -16.96 -38.03
N LEU I 55 -19.62 -17.65 -36.91
CA LEU I 55 -20.51 -18.71 -36.44
C LEU I 55 -21.49 -18.12 -35.44
N LEU I 56 -22.78 -18.33 -35.69
CA LEU I 56 -23.79 -17.85 -34.76
C LEU I 56 -23.75 -18.69 -33.48
N GLY I 57 -24.01 -18.04 -32.35
CA GLY I 57 -23.98 -18.69 -31.06
C GLY I 57 -24.84 -19.95 -31.03
N GLY I 58 -24.19 -21.11 -30.96
CA GLY I 58 -24.88 -22.38 -30.90
C GLY I 58 -24.86 -23.19 -32.18
N VAL I 59 -24.35 -22.64 -33.27
CA VAL I 59 -24.26 -23.38 -34.53
C VAL I 59 -23.06 -24.32 -34.45
N PRO I 60 -23.20 -25.59 -34.84
CA PRO I 60 -22.10 -26.54 -34.70
C PRO I 60 -20.82 -26.08 -35.40
N SER I 61 -19.69 -26.58 -34.90
CA SER I 61 -18.40 -26.29 -35.52
C SER I 61 -18.26 -26.93 -36.90
N ARG I 62 -19.09 -27.93 -37.21
CA ARG I 62 -19.03 -28.58 -38.51
C ARG I 62 -19.35 -27.63 -39.66
N PHE I 63 -20.07 -26.54 -39.39
CA PHE I 63 -20.37 -25.54 -40.40
C PHE I 63 -19.28 -24.49 -40.43
N ARG I 64 -18.76 -24.20 -41.61
CA ARG I 64 -17.70 -23.21 -41.77
C ARG I 64 -17.80 -22.60 -43.16
N GLY I 65 -17.58 -21.29 -43.24
CA GLY I 65 -17.70 -20.56 -44.48
C GLY I 65 -16.38 -19.94 -44.90
N SER I 66 -16.20 -19.80 -46.20
CA SER I 66 -15.02 -19.16 -46.78
C SER I 66 -15.47 -18.17 -47.84
N ALA I 67 -14.91 -16.97 -47.79
CA ALA I 67 -15.27 -15.87 -48.69
C ALA I 67 -14.03 -15.37 -49.40
N ALA I 68 -14.05 -15.39 -50.73
CA ALA I 68 -12.90 -14.96 -51.53
C ALA I 68 -13.41 -14.21 -52.74
N GLY I 69 -13.28 -12.90 -52.74
CA GLY I 69 -13.70 -12.10 -53.88
C GLY I 69 -15.20 -12.21 -54.09
N THR I 70 -15.58 -12.68 -55.28
CA THR I 70 -16.99 -12.85 -55.59
C THR I 70 -17.53 -14.17 -55.07
N ASP I 71 -16.73 -15.23 -55.14
CA ASP I 71 -17.19 -16.57 -54.78
C ASP I 71 -17.26 -16.73 -53.26
N PHE I 72 -18.26 -17.48 -52.82
CA PHE I 72 -18.42 -17.87 -51.43
C PHE I 72 -18.69 -19.37 -51.38
N THR I 73 -18.24 -20.01 -50.30
CA THR I 73 -18.44 -21.45 -50.13
C THR I 73 -18.82 -21.75 -48.70
N LEU I 74 -19.93 -22.46 -48.52
CA LEU I 74 -20.30 -23.03 -47.23
C LEU I 74 -19.89 -24.50 -47.22
N THR I 75 -19.18 -24.91 -46.17
CA THR I 75 -18.61 -26.26 -46.09
C THR I 75 -19.21 -26.99 -44.89
N ILE I 76 -19.67 -28.22 -45.15
CA ILE I 76 -20.19 -29.10 -44.11
C ILE I 76 -19.38 -30.38 -44.16
N GLY I 77 -18.36 -30.47 -43.32
CA GLY I 77 -17.72 -31.75 -43.07
C GLY I 77 -18.52 -32.55 -42.06
N ASN I 78 -18.42 -33.88 -42.17
CA ASN I 78 -19.17 -34.82 -41.33
C ASN I 78 -20.71 -34.73 -41.36
N LEU I 79 -21.28 -34.68 -42.56
CA LEU I 79 -22.70 -34.38 -42.75
C LEU I 79 -23.55 -35.30 -41.88
N GLN I 80 -24.54 -34.73 -41.20
CA GLN I 80 -25.42 -35.48 -40.33
C GLN I 80 -26.81 -35.57 -40.94
N ALA I 81 -27.65 -36.40 -40.31
CA ALA I 81 -29.04 -36.51 -40.75
C ALA I 81 -29.79 -35.21 -40.50
N GLU I 82 -29.64 -34.63 -39.31
CA GLU I 82 -30.29 -33.37 -38.97
C GLU I 82 -29.91 -32.24 -39.92
N ASP I 83 -28.81 -32.40 -40.67
CA ASP I 83 -28.33 -31.33 -41.54
C ASP I 83 -29.05 -31.27 -42.88
N PHE I 84 -29.68 -32.37 -43.31
CA PHE I 84 -30.27 -32.40 -44.65
C PHE I 84 -31.41 -31.40 -44.78
N GLY I 85 -31.51 -30.81 -45.97
CA GLY I 85 -32.50 -29.79 -46.23
C GLY I 85 -32.05 -28.92 -47.40
N THR I 86 -32.60 -27.71 -47.44
CA THR I 86 -32.26 -26.74 -48.47
C THR I 86 -31.48 -25.58 -47.84
N PHE I 87 -30.50 -25.07 -48.59
CA PHE I 87 -29.64 -24.01 -48.11
C PHE I 87 -29.70 -22.82 -49.07
N TYR I 88 -29.58 -21.61 -48.49
CA TYR I 88 -29.64 -20.35 -49.22
C TYR I 88 -28.50 -19.45 -48.76
N CYS I 89 -27.93 -18.68 -49.69
CA CYS I 89 -26.94 -17.66 -49.39
C CYS I 89 -27.55 -16.28 -49.54
N GLN I 90 -27.18 -15.36 -48.64
CA GLN I 90 -27.73 -14.01 -48.61
C GLN I 90 -26.61 -13.00 -48.55
N GLN I 91 -26.71 -11.95 -49.35
CA GLN I 91 -25.83 -10.80 -49.25
C GLN I 91 -26.56 -9.63 -48.60
N TYR I 92 -25.80 -8.79 -47.92
CA TYR I 92 -26.34 -7.54 -47.40
C TYR I 92 -25.30 -6.43 -47.51
N ASP I 93 -24.45 -6.49 -48.54
CA ASP I 93 -23.52 -5.41 -48.83
C ASP I 93 -24.25 -4.18 -49.32
N THR I 94 -25.25 -4.36 -50.19
CA THR I 94 -26.04 -3.24 -50.69
C THR I 94 -27.52 -3.52 -50.46
N TYR I 95 -28.27 -2.43 -50.30
CA TYR I 95 -29.72 -2.48 -50.15
C TYR I 95 -30.36 -2.72 -51.50
N PRO I 96 -31.34 -3.64 -51.57
CA PRO I 96 -31.83 -4.44 -50.45
C PRO I 96 -31.11 -5.78 -50.32
N GLY I 97 -31.19 -6.39 -49.14
CA GLY I 97 -30.63 -7.71 -48.95
C GLY I 97 -31.28 -8.72 -49.87
N THR I 98 -30.46 -9.54 -50.55
CA THR I 98 -30.98 -10.47 -51.55
C THR I 98 -30.49 -11.88 -51.27
N PHE I 99 -31.30 -12.86 -51.65
CA PHE I 99 -31.04 -14.27 -51.41
C PHE I 99 -30.68 -14.98 -52.71
N GLY I 100 -30.27 -16.25 -52.57
CA GLY I 100 -29.93 -17.07 -53.71
C GLY I 100 -31.07 -17.98 -54.15
N GLN I 101 -30.85 -18.66 -55.27
CA GLN I 101 -31.87 -19.55 -55.80
C GLN I 101 -32.11 -20.74 -54.88
N GLY I 102 -31.07 -21.20 -54.20
CA GLY I 102 -31.24 -22.27 -53.24
C GLY I 102 -30.54 -23.54 -53.68
N THR I 103 -30.14 -24.35 -52.70
CA THR I 103 -29.48 -25.63 -52.94
C THR I 103 -30.18 -26.70 -52.12
N LYS I 104 -30.81 -27.65 -52.80
CA LYS I 104 -31.36 -28.81 -52.13
C LYS I 104 -30.23 -29.77 -51.78
N VAL I 105 -30.29 -30.33 -50.57
CA VAL I 105 -29.30 -31.29 -50.09
C VAL I 105 -30.05 -32.57 -49.77
N GLU I 106 -30.00 -33.53 -50.69
CA GLU I 106 -30.73 -34.78 -50.57
C GLU I 106 -29.79 -35.92 -50.19
N VAL I 107 -30.39 -37.02 -49.74
CA VAL I 107 -29.62 -38.22 -49.39
C VAL I 107 -29.28 -39.01 -50.65
N LYS I 108 -28.26 -39.86 -50.53
CA LYS I 108 -27.78 -40.65 -51.65
C LYS I 108 -28.53 -41.97 -51.75
N ARG I 109 -28.67 -42.45 -52.98
CA ARG I 109 -29.29 -43.74 -53.26
C ARG I 109 -28.91 -44.15 -54.67
N THR I 110 -28.91 -45.46 -54.92
CA THR I 110 -28.60 -45.95 -56.24
C THR I 110 -29.64 -45.45 -57.24
N VAL I 111 -29.18 -45.18 -58.47
CA VAL I 111 -30.08 -44.72 -59.52
C VAL I 111 -31.19 -45.75 -59.72
N ALA I 112 -32.42 -45.27 -59.81
CA ALA I 112 -33.59 -46.15 -59.94
C ALA I 112 -34.39 -45.72 -61.16
N ALA I 113 -34.64 -46.66 -62.06
CA ALA I 113 -35.51 -46.39 -63.19
C ALA I 113 -36.93 -46.12 -62.70
N PRO I 114 -37.64 -45.18 -63.30
CA PRO I 114 -38.99 -44.85 -62.81
C PRO I 114 -40.04 -45.81 -63.36
N SER I 115 -40.96 -46.21 -62.48
CA SER I 115 -42.13 -46.98 -62.90
C SER I 115 -43.14 -46.02 -63.52
N VAL I 116 -43.46 -46.25 -64.79
CA VAL I 116 -44.27 -45.32 -65.57
C VAL I 116 -45.65 -45.93 -65.79
N PHE I 117 -46.68 -45.14 -65.49
CA PHE I 117 -48.06 -45.50 -65.77
C PHE I 117 -48.76 -44.32 -66.41
N ILE I 118 -49.76 -44.61 -67.23
CA ILE I 118 -50.58 -43.59 -67.87
C ILE I 118 -52.04 -43.85 -67.50
N PHE I 119 -52.75 -42.79 -67.15
CA PHE I 119 -54.13 -42.88 -66.69
C PHE I 119 -55.03 -42.05 -67.60
N PRO I 120 -55.97 -42.66 -68.31
CA PRO I 120 -56.87 -41.88 -69.19
C PRO I 120 -57.92 -41.16 -68.37
N PRO I 121 -58.66 -40.23 -68.98
CA PRO I 121 -59.68 -39.50 -68.22
C PRO I 121 -60.84 -40.40 -67.85
N SER I 122 -61.35 -40.21 -66.63
CA SER I 122 -62.52 -40.95 -66.18
C SER I 122 -63.75 -40.58 -67.00
N ASP I 123 -64.61 -41.57 -67.25
CA ASP I 123 -65.85 -41.31 -67.99
C ASP I 123 -66.72 -40.29 -67.27
N GLU I 124 -66.61 -40.20 -65.95
CA GLU I 124 -67.32 -39.15 -65.22
C GLU I 124 -66.83 -37.76 -65.61
N GLN I 125 -65.54 -37.64 -65.93
CA GLN I 125 -65.00 -36.33 -66.30
C GLN I 125 -65.54 -35.87 -67.65
N LEU I 126 -65.74 -36.81 -68.58
CA LEU I 126 -66.12 -36.42 -69.94
C LEU I 126 -67.48 -35.72 -69.97
N LYS I 127 -68.42 -36.19 -69.16
CA LYS I 127 -69.71 -35.51 -69.11
C LYS I 127 -69.71 -34.30 -68.17
N SER I 128 -68.58 -34.02 -67.52
CA SER I 128 -68.43 -32.79 -66.74
C SER I 128 -67.97 -31.60 -67.58
N GLY I 129 -67.38 -31.86 -68.75
CA GLY I 129 -66.94 -30.81 -69.64
C GLY I 129 -65.45 -30.60 -69.73
N THR I 130 -64.66 -31.32 -68.93
CA THR I 130 -63.21 -31.22 -68.96
C THR I 130 -62.62 -32.63 -68.94
N ALA I 131 -61.39 -32.75 -69.44
CA ALA I 131 -60.71 -34.03 -69.57
C ALA I 131 -59.28 -33.90 -69.08
N SER I 132 -58.89 -34.80 -68.16
CA SER I 132 -57.57 -34.78 -67.55
C SER I 132 -56.90 -36.13 -67.75
N VAL I 133 -55.68 -36.11 -68.31
CA VAL I 133 -54.86 -37.29 -68.47
C VAL I 133 -53.65 -37.16 -67.55
N VAL I 134 -53.37 -38.22 -66.79
CA VAL I 134 -52.33 -38.20 -65.77
C VAL I 134 -51.24 -39.19 -66.16
N CYS I 135 -49.98 -38.78 -66.01
CA CYS I 135 -48.83 -39.65 -66.17
C CYS I 135 -48.09 -39.74 -64.84
N LEU I 136 -47.87 -40.96 -64.38
CA LEU I 136 -47.29 -41.22 -63.07
C LEU I 136 -45.87 -41.74 -63.24
N LEU I 137 -44.91 -41.06 -62.60
CA LEU I 137 -43.53 -41.51 -62.52
C LEU I 137 -43.21 -41.73 -61.05
N ASN I 138 -42.92 -42.97 -60.69
CA ASN I 138 -42.84 -43.38 -59.29
C ASN I 138 -41.47 -43.95 -58.97
N ASN I 139 -40.95 -43.58 -57.80
CA ASN I 139 -39.71 -44.15 -57.25
C ASN I 139 -38.53 -43.93 -58.19
N PHE I 140 -38.32 -42.67 -58.57
CA PHE I 140 -37.27 -42.30 -59.51
C PHE I 140 -36.13 -41.61 -58.77
N TYR I 141 -34.90 -42.02 -59.08
CA TYR I 141 -33.71 -41.35 -58.58
C TYR I 141 -32.66 -41.26 -59.70
N PRO I 142 -32.09 -40.06 -59.90
CA PRO I 142 -32.41 -38.83 -59.16
C PRO I 142 -33.71 -38.16 -59.62
N ARG I 143 -34.04 -37.02 -59.01
CA ARG I 143 -35.31 -36.34 -59.28
C ARG I 143 -35.35 -35.62 -60.62
N GLU I 144 -34.23 -35.56 -61.35
CA GLU I 144 -34.21 -34.92 -62.66
C GLU I 144 -34.90 -35.84 -63.68
N ALA I 145 -36.08 -35.46 -64.12
CA ALA I 145 -36.83 -36.24 -65.09
C ALA I 145 -37.73 -35.32 -65.88
N LYS I 146 -37.73 -35.47 -67.21
CA LYS I 146 -38.55 -34.66 -68.09
C LYS I 146 -39.62 -35.54 -68.74
N VAL I 147 -40.82 -34.99 -68.86
CA VAL I 147 -41.94 -35.69 -69.47
C VAL I 147 -42.64 -34.76 -70.46
N GLN I 148 -43.07 -35.33 -71.59
CA GLN I 148 -43.77 -34.59 -72.63
C GLN I 148 -44.95 -35.42 -73.11
N TRP I 149 -45.94 -34.74 -73.67
CA TRP I 149 -47.17 -35.36 -74.14
C TRP I 149 -47.21 -35.31 -75.67
N LYS I 150 -47.39 -36.47 -76.29
CA LYS I 150 -47.30 -36.61 -77.75
C LYS I 150 -48.65 -37.11 -78.27
N VAL I 151 -49.33 -36.26 -79.04
CA VAL I 151 -50.59 -36.60 -79.68
C VAL I 151 -50.42 -36.40 -81.18
N ASP I 152 -50.72 -37.44 -81.96
CA ASP I 152 -50.49 -37.45 -83.41
C ASP I 152 -49.01 -37.34 -83.77
N ASN I 153 -48.15 -37.93 -82.94
CA ASN I 153 -46.70 -37.78 -83.06
C ASN I 153 -46.29 -36.30 -83.03
N ALA I 154 -47.06 -35.48 -82.33
CA ALA I 154 -46.86 -34.04 -82.28
C ALA I 154 -46.78 -33.57 -80.83
N LEU I 155 -45.91 -32.58 -80.59
CA LEU I 155 -45.70 -32.08 -79.24
C LEU I 155 -46.90 -31.30 -78.73
N GLN I 156 -47.09 -31.32 -77.42
CA GLN I 156 -48.14 -30.55 -76.76
C GLN I 156 -47.53 -29.92 -75.51
N SER I 157 -47.59 -28.60 -75.41
CA SER I 157 -46.95 -27.88 -74.33
C SER I 157 -47.85 -26.75 -73.86
N GLY I 158 -47.53 -26.23 -72.68
CA GLY I 158 -48.29 -25.16 -72.07
C GLY I 158 -49.54 -25.60 -71.33
N ASN I 159 -49.97 -26.85 -71.49
CA ASN I 159 -51.17 -27.36 -70.86
C ASN I 159 -50.90 -28.56 -69.97
N SER I 160 -49.63 -28.80 -69.62
CA SER I 160 -49.25 -29.88 -68.74
C SER I 160 -48.65 -29.30 -67.46
N GLN I 161 -49.07 -29.85 -66.32
CA GLN I 161 -48.59 -29.41 -65.01
C GLN I 161 -48.00 -30.60 -64.27
N GLU I 162 -46.99 -30.31 -63.44
CA GLU I 162 -46.29 -31.36 -62.71
C GLU I 162 -46.41 -31.14 -61.20
N SER I 163 -46.17 -32.23 -60.48
CA SER I 163 -46.14 -32.23 -59.03
C SER I 163 -45.23 -33.38 -58.59
N VAL I 164 -44.38 -33.11 -57.60
CA VAL I 164 -43.35 -34.05 -57.18
C VAL I 164 -43.47 -34.28 -55.68
N THR I 165 -43.31 -35.54 -55.27
CA THR I 165 -43.31 -35.85 -53.85
C THR I 165 -42.03 -35.35 -53.19
N GLU I 166 -41.97 -35.62 -51.88
CA GLU I 166 -40.87 -35.23 -51.01
C GLU I 166 -40.19 -36.47 -50.42
N GLN I 167 -38.94 -36.32 -50.00
CA GLN I 167 -38.03 -37.43 -49.76
C GLN I 167 -38.63 -38.46 -48.82
N ASP I 168 -38.58 -39.73 -49.22
CA ASP I 168 -39.04 -40.83 -48.39
C ASP I 168 -37.89 -41.32 -47.53
N SER I 169 -38.16 -41.53 -46.24
CA SER I 169 -37.11 -42.00 -45.34
C SER I 169 -36.76 -43.47 -45.59
N LYS I 170 -37.70 -44.24 -46.12
CA LYS I 170 -37.48 -45.68 -46.25
C LYS I 170 -36.72 -46.02 -47.53
N ASP I 171 -37.15 -45.48 -48.68
CA ASP I 171 -36.52 -45.80 -49.95
C ASP I 171 -35.59 -44.71 -50.47
N SER I 172 -35.76 -43.48 -49.99
CA SER I 172 -34.97 -42.32 -50.44
C SER I 172 -35.20 -42.01 -51.92
N THR I 173 -36.40 -42.26 -52.42
CA THR I 173 -36.74 -42.00 -53.81
C THR I 173 -37.90 -41.03 -53.90
N TYR I 174 -38.19 -40.60 -55.13
CA TYR I 174 -39.23 -39.61 -55.41
C TYR I 174 -40.22 -40.17 -56.42
N SER I 175 -41.43 -39.62 -56.39
CA SER I 175 -42.40 -39.85 -57.43
C SER I 175 -42.92 -38.52 -57.95
N LEU I 176 -43.40 -38.53 -59.19
CA LEU I 176 -43.84 -37.32 -59.86
C LEU I 176 -45.16 -37.58 -60.56
N SER I 177 -46.00 -36.54 -60.61
CA SER I 177 -47.29 -36.59 -61.28
C SER I 177 -47.34 -35.50 -62.33
N SER I 178 -47.62 -35.89 -63.57
CA SER I 178 -47.76 -34.95 -64.68
C SER I 178 -49.22 -34.99 -65.14
N THR I 179 -49.93 -33.89 -64.90
CA THR I 179 -51.35 -33.79 -65.22
C THR I 179 -51.52 -32.94 -66.47
N LEU I 180 -51.95 -33.56 -67.57
CA LEU I 180 -52.28 -32.86 -68.80
C LEU I 180 -53.80 -32.66 -68.86
N THR I 181 -54.22 -31.42 -69.10
CA THR I 181 -55.62 -31.04 -69.06
C THR I 181 -56.00 -30.30 -70.33
N LEU I 182 -57.21 -30.56 -70.83
CA LEU I 182 -57.68 -29.90 -72.03
C LEU I 182 -59.21 -30.04 -72.11
N SER I 183 -59.78 -29.31 -73.07
CA SER I 183 -61.23 -29.24 -73.20
C SER I 183 -61.82 -30.57 -73.63
N LYS I 184 -63.10 -30.77 -73.28
CA LYS I 184 -63.82 -31.96 -73.70
C LYS I 184 -63.82 -32.11 -75.22
N ALA I 185 -64.06 -31.01 -75.94
CA ALA I 185 -64.17 -31.09 -77.39
C ALA I 185 -62.84 -31.46 -78.03
N ASP I 186 -61.74 -30.91 -77.52
CA ASP I 186 -60.43 -31.21 -78.09
C ASP I 186 -60.04 -32.66 -77.86
N TYR I 187 -60.61 -33.29 -76.83
CA TYR I 187 -60.14 -34.62 -76.42
C TYR I 187 -60.37 -35.66 -77.52
N GLU I 188 -61.50 -35.59 -78.22
CA GLU I 188 -61.79 -36.56 -79.28
C GLU I 188 -61.41 -36.03 -80.66
N LYS I 189 -60.45 -35.11 -80.73
CA LYS I 189 -59.90 -34.68 -82.01
C LYS I 189 -58.71 -35.53 -82.44
N HIS I 190 -58.40 -36.58 -81.69
CA HIS I 190 -57.36 -37.51 -82.11
C HIS I 190 -57.54 -38.84 -81.38
N LYS I 191 -56.87 -39.86 -81.87
CA LYS I 191 -56.98 -41.21 -81.34
C LYS I 191 -55.92 -41.54 -80.29
N VAL I 192 -54.67 -41.15 -80.52
CA VAL I 192 -53.55 -41.60 -79.70
C VAL I 192 -53.16 -40.51 -78.70
N TYR I 193 -52.83 -40.92 -77.48
CA TYR I 193 -52.34 -40.06 -76.42
C TYR I 193 -51.19 -40.77 -75.74
N ALA I 194 -50.05 -40.09 -75.62
CA ALA I 194 -48.82 -40.74 -75.22
C ALA I 194 -48.06 -39.92 -74.19
N CYS I 195 -47.49 -40.61 -73.21
CA CYS I 195 -46.57 -40.03 -72.24
C CYS I 195 -45.20 -40.65 -72.42
N GLU I 196 -44.19 -39.80 -72.63
CA GLU I 196 -42.82 -40.23 -72.85
C GLU I 196 -41.94 -39.70 -71.72
N VAL I 197 -41.14 -40.59 -71.13
CA VAL I 197 -40.30 -40.26 -69.98
C VAL I 197 -38.84 -40.39 -70.40
N THR I 198 -38.09 -39.30 -70.26
CA THR I 198 -36.65 -39.31 -70.43
C THR I 198 -36.01 -39.28 -69.04
N HIS I 199 -35.27 -40.34 -68.71
CA HIS I 199 -34.62 -40.44 -67.42
C HIS I 199 -33.32 -41.20 -67.55
N GLN I 200 -32.37 -40.87 -66.66
CA GLN I 200 -31.05 -41.48 -66.70
C GLN I 200 -31.13 -42.99 -66.50
N GLY I 201 -31.96 -43.44 -65.55
CA GLY I 201 -32.07 -44.85 -65.25
C GLY I 201 -32.61 -45.70 -66.39
N LEU I 202 -33.10 -45.08 -67.45
CA LEU I 202 -33.65 -45.78 -68.61
C LEU I 202 -32.64 -45.72 -69.76
N SER I 203 -32.40 -46.88 -70.38
CA SER I 203 -31.41 -46.94 -71.46
C SER I 203 -31.81 -46.05 -72.64
N SER I 204 -33.08 -46.07 -73.00
CA SER I 204 -33.63 -45.20 -74.03
C SER I 204 -35.02 -44.77 -73.58
N PRO I 205 -35.51 -43.62 -74.06
CA PRO I 205 -36.79 -43.08 -73.58
C PRO I 205 -37.95 -44.07 -73.64
N VAL I 206 -38.59 -44.30 -72.49
CA VAL I 206 -39.71 -45.24 -72.38
C VAL I 206 -41.00 -44.48 -72.61
N THR I 207 -41.83 -44.98 -73.53
CA THR I 207 -43.09 -44.35 -73.90
C THR I 207 -44.25 -45.28 -73.55
N LYS I 208 -45.21 -44.77 -72.79
CA LYS I 208 -46.41 -45.50 -72.43
C LYS I 208 -47.62 -44.67 -72.81
N SER I 209 -48.51 -45.26 -73.61
CA SER I 209 -49.56 -44.52 -74.28
C SER I 209 -50.86 -45.32 -74.25
N PHE I 210 -51.93 -44.73 -74.81
CA PHE I 210 -53.22 -45.40 -74.89
C PHE I 210 -54.03 -44.81 -76.04
N ASN I 211 -54.72 -45.69 -76.76
CA ASN I 211 -55.77 -45.27 -77.69
C ASN I 211 -57.10 -45.21 -76.98
N ARG I 212 -58.02 -44.39 -77.50
CA ARG I 212 -59.30 -44.19 -76.85
C ARG I 212 -60.10 -45.49 -76.82
N GLY I 213 -60.55 -45.86 -75.62
CA GLY I 213 -61.32 -47.06 -75.41
C GLY I 213 -60.50 -48.26 -74.95
N GLU I 214 -59.24 -48.34 -75.36
CA GLU I 214 -58.39 -49.47 -75.02
C GLU I 214 -58.04 -49.47 -73.52
N GLN J 1 36.77 -28.07 -1.94
CA GLN J 1 37.77 -27.47 -2.82
C GLN J 1 38.28 -28.51 -3.82
N ILE J 2 38.87 -28.04 -4.90
CA ILE J 2 39.35 -28.89 -5.99
C ILE J 2 40.80 -29.30 -5.71
N HIS J 3 41.07 -30.59 -5.76
CA HIS J 3 42.40 -31.15 -5.66
C HIS J 3 42.59 -32.21 -6.74
N LEU J 4 43.61 -32.04 -7.56
CA LEU J 4 43.95 -32.99 -8.62
C LEU J 4 45.12 -33.83 -8.18
N VAL J 5 44.91 -35.14 -8.04
CA VAL J 5 45.92 -36.07 -7.55
C VAL J 5 46.24 -37.01 -8.69
N GLN J 6 47.50 -37.08 -9.05
CA GLN J 6 47.73 -37.90 -10.21
C GLN J 6 48.53 -39.14 -9.73
N SER J 7 48.89 -40.05 -10.64
CA SER J 7 49.51 -41.33 -10.26
C SER J 7 50.96 -41.14 -9.78
N GLY J 8 51.58 -42.25 -9.34
CA GLY J 8 52.94 -42.19 -8.87
C GLY J 8 53.96 -42.19 -9.99
N THR J 9 55.19 -41.85 -9.64
CA THR J 9 56.28 -41.77 -10.60
C THR J 9 56.48 -43.11 -11.30
N GLU J 10 56.85 -43.05 -12.58
CA GLU J 10 57.13 -44.26 -13.35
C GLU J 10 58.40 -44.06 -14.17
N VAL J 11 59.24 -45.08 -14.18
CA VAL J 11 60.41 -45.15 -15.04
C VAL J 11 60.16 -46.22 -16.08
N LYS J 12 60.44 -45.91 -17.34
CA LYS J 12 60.11 -46.82 -18.43
C LYS J 12 61.13 -46.68 -19.55
N LYS J 13 61.22 -47.72 -20.37
CA LYS J 13 62.19 -47.83 -21.45
C LYS J 13 61.60 -47.34 -22.76
N PRO J 14 62.44 -46.94 -23.72
CA PRO J 14 61.92 -46.50 -25.03
C PRO J 14 61.15 -47.62 -25.73
N GLY J 15 60.31 -47.20 -26.67
CA GLY J 15 59.43 -48.12 -27.38
C GLY J 15 58.27 -48.63 -26.57
N SER J 16 58.24 -48.40 -25.26
CA SER J 16 57.16 -48.84 -24.40
C SER J 16 56.06 -47.79 -24.34
N SER J 17 54.99 -48.10 -23.61
CA SER J 17 53.88 -47.19 -23.40
C SER J 17 53.65 -47.00 -21.91
N VAL J 18 52.75 -46.06 -21.58
CA VAL J 18 52.52 -45.68 -20.19
C VAL J 18 51.25 -44.85 -20.08
N THR J 19 50.48 -45.07 -19.02
CA THR J 19 49.27 -44.31 -18.74
C THR J 19 49.35 -43.73 -17.34
N VAL J 20 49.11 -42.43 -17.22
CA VAL J 20 49.12 -41.73 -15.94
C VAL J 20 47.70 -41.38 -15.53
N SER J 21 47.38 -41.59 -14.26
CA SER J 21 46.06 -41.32 -13.72
C SER J 21 46.01 -39.92 -13.14
N CYS J 22 44.81 -39.34 -13.05
CA CYS J 22 44.63 -37.97 -12.55
C CYS J 22 43.33 -37.87 -11.76
N LYS J 23 43.40 -38.16 -10.46
CA LYS J 23 42.24 -38.05 -9.59
C LYS J 23 41.81 -36.59 -9.47
N ALA J 24 40.55 -36.32 -9.80
CA ALA J 24 40.01 -34.96 -9.78
C ALA J 24 38.96 -34.87 -8.67
N TYR J 25 39.44 -34.66 -7.45
CA TYR J 25 38.56 -34.42 -6.31
C TYR J 25 38.07 -32.98 -6.32
N GLY J 26 36.81 -32.79 -5.92
CA GLY J 26 36.19 -31.48 -5.89
C GLY J 26 35.46 -31.08 -7.16
N VAL J 27 35.88 -31.61 -8.30
CA VAL J 27 35.18 -31.34 -9.56
C VAL J 27 33.82 -32.00 -9.52
N ASN J 28 32.77 -31.23 -9.86
CA ASN J 28 31.43 -31.80 -9.87
C ASN J 28 31.24 -32.73 -11.05
N THR J 29 31.79 -32.38 -12.22
CA THR J 29 31.72 -33.22 -13.40
C THR J 29 32.63 -32.66 -14.47
N PHE J 30 33.05 -33.53 -15.39
CA PHE J 30 33.78 -33.12 -16.58
C PHE J 30 32.87 -32.52 -17.65
N GLY J 31 31.56 -32.43 -17.39
CA GLY J 31 30.69 -31.69 -18.27
C GLY J 31 30.71 -30.20 -18.02
N LEU J 32 31.10 -29.78 -16.82
CA LEU J 32 31.28 -28.38 -16.48
C LEU J 32 32.74 -28.02 -16.26
N TYR J 33 33.66 -28.95 -16.51
CA TYR J 33 35.08 -28.73 -16.40
C TYR J 33 35.78 -29.49 -17.52
N ALA J 34 36.85 -28.91 -18.06
CA ALA J 34 37.64 -29.56 -19.10
C ALA J 34 39.02 -29.90 -18.56
N VAL J 35 39.61 -30.96 -19.10
CA VAL J 35 40.89 -31.48 -18.63
C VAL J 35 41.92 -31.28 -19.72
N ASN J 36 42.99 -30.57 -19.41
CA ASN J 36 44.08 -30.31 -20.35
C ASN J 36 45.36 -30.93 -19.82
N TRP J 37 46.08 -31.63 -20.69
CA TRP J 37 47.35 -32.24 -20.32
C TRP J 37 48.48 -31.40 -20.89
N VAL J 38 49.40 -30.98 -20.03
CA VAL J 38 50.51 -30.12 -20.41
C VAL J 38 51.79 -30.75 -19.90
N ARG J 39 52.82 -30.73 -20.75
CA ARG J 39 54.11 -31.34 -20.46
C ARG J 39 55.14 -30.25 -20.19
N GLN J 40 56.02 -30.48 -19.21
CA GLN J 40 57.13 -29.57 -18.92
C GLN J 40 58.44 -30.35 -18.99
N ALA J 41 59.22 -30.06 -20.04
CA ALA J 41 60.52 -30.68 -20.20
C ALA J 41 61.46 -30.22 -19.08
N PRO J 42 62.55 -30.95 -18.85
CA PRO J 42 63.49 -30.56 -17.79
C PRO J 42 64.05 -29.16 -18.02
N GLY J 43 63.81 -28.29 -17.05
CA GLY J 43 64.37 -26.95 -17.03
C GLY J 43 64.05 -26.14 -18.27
N GLN J 44 62.87 -26.32 -18.83
CA GLN J 44 62.44 -25.57 -20.00
C GLN J 44 60.98 -25.19 -19.81
N SER J 45 60.34 -24.77 -20.89
CA SER J 45 58.97 -24.26 -20.82
C SER J 45 57.98 -25.44 -20.79
N LEU J 46 56.70 -25.11 -20.91
CA LEU J 46 55.63 -26.10 -20.92
C LEU J 46 55.09 -26.28 -22.33
N GLU J 47 54.43 -27.41 -22.57
CA GLU J 47 53.91 -27.71 -23.89
C GLU J 47 52.52 -28.31 -23.78
N TYR J 48 51.59 -27.80 -24.59
CA TYR J 48 50.26 -28.37 -24.65
C TYR J 48 50.30 -29.69 -25.41
N ILE J 49 49.74 -30.74 -24.80
CA ILE J 49 49.66 -32.05 -25.41
C ILE J 49 48.29 -32.31 -26.00
N GLY J 50 47.26 -32.16 -25.19
CA GLY J 50 45.90 -32.42 -25.62
C GLY J 50 44.96 -32.07 -24.49
N GLN J 51 43.68 -32.34 -24.71
CA GLN J 51 42.65 -32.01 -23.73
C GLN J 51 41.47 -32.92 -23.94
N ILE J 52 40.48 -32.80 -23.05
CA ILE J 52 39.20 -33.45 -23.26
C ILE J 52 38.09 -32.53 -22.76
N TRP J 53 37.37 -31.92 -23.69
CA TRP J 53 36.29 -30.99 -23.39
C TRP J 53 35.05 -31.42 -24.15
N ARG J 54 33.89 -31.32 -23.50
CA ARG J 54 32.63 -31.84 -24.03
C ARG J 54 32.78 -33.30 -24.44
N TRP J 55 33.55 -34.05 -23.66
CA TRP J 55 33.86 -35.46 -23.93
C TRP J 55 34.47 -35.65 -25.31
N LYS J 56 35.23 -34.66 -25.78
CA LYS J 56 35.91 -34.72 -27.07
C LYS J 56 37.41 -34.70 -26.82
N SER J 57 38.07 -35.79 -27.18
CA SER J 57 39.51 -35.89 -27.03
C SER J 57 40.23 -35.07 -28.09
N SER J 58 41.50 -34.75 -27.82
CA SER J 58 42.24 -33.81 -28.64
C SER J 58 43.72 -34.14 -28.62
N ALA J 59 44.39 -33.83 -29.72
CA ALA J 59 45.83 -33.94 -29.81
C ALA J 59 46.42 -32.64 -30.34
N SER J 60 47.61 -32.32 -29.84
CA SER J 60 48.47 -31.42 -30.57
C SER J 60 48.84 -32.06 -31.91
N HIS J 61 48.92 -31.24 -32.96
CA HIS J 61 49.39 -31.75 -34.24
C HIS J 61 50.77 -32.39 -34.09
N HIS J 62 51.61 -31.82 -33.22
CA HIS J 62 52.89 -32.44 -32.91
C HIS J 62 52.70 -33.84 -32.33
N PHE J 63 51.70 -34.01 -31.46
CA PHE J 63 51.44 -35.28 -30.81
C PHE J 63 50.27 -36.02 -31.44
N ARG J 64 49.90 -35.65 -32.66
CA ARG J 64 48.75 -36.24 -33.34
C ARG J 64 48.96 -37.74 -33.54
N GLY J 65 48.03 -38.54 -33.03
CA GLY J 65 48.06 -39.97 -33.23
C GLY J 65 49.00 -40.74 -32.33
N ARG J 66 49.89 -40.06 -31.61
CA ARG J 66 50.82 -40.74 -30.71
C ARG J 66 50.25 -40.91 -29.31
N VAL J 67 49.25 -40.12 -28.93
CA VAL J 67 48.77 -40.05 -27.56
C VAL J 67 47.27 -40.31 -27.55
N LEU J 68 46.78 -40.77 -26.41
CA LEU J 68 45.34 -40.94 -26.17
C LEU J 68 44.98 -40.41 -24.79
N ILE J 69 43.93 -39.58 -24.73
CA ILE J 69 43.48 -38.95 -23.49
C ILE J 69 42.04 -39.33 -23.24
N SER J 70 41.81 -40.06 -22.15
CA SER J 70 40.48 -40.51 -21.78
C SER J 70 40.13 -40.02 -20.38
N ALA J 71 38.84 -39.99 -20.09
CA ALA J 71 38.34 -39.60 -18.77
C ALA J 71 36.95 -40.19 -18.60
N VAL J 72 36.58 -40.38 -17.33
CA VAL J 72 35.28 -40.94 -16.97
C VAL J 72 34.72 -40.13 -15.82
N ASP J 73 33.39 -39.96 -15.82
CA ASP J 73 32.75 -39.29 -14.71
C ASP J 73 32.87 -40.12 -13.43
N LEU J 74 32.57 -39.47 -12.31
CA LEU J 74 32.81 -40.06 -11.01
C LEU J 74 32.06 -41.38 -10.84
N THR J 75 32.78 -42.39 -10.38
CA THR J 75 32.11 -43.52 -9.76
C THR J 75 31.42 -43.04 -8.48
N GLY J 76 30.38 -43.75 -8.08
CA GLY J 76 29.86 -43.54 -6.73
C GLY J 76 30.95 -43.56 -5.69
N SER J 77 31.97 -44.40 -5.91
CA SER J 77 33.10 -44.47 -4.99
C SER J 77 34.01 -43.26 -5.10
N SER J 78 34.32 -42.82 -6.32
CA SER J 78 35.45 -41.95 -6.55
C SER J 78 35.08 -40.83 -7.51
N PRO J 79 35.77 -39.68 -7.42
CA PRO J 79 35.45 -38.53 -8.30
C PRO J 79 35.93 -38.80 -9.72
N PRO J 80 35.45 -38.01 -10.70
CA PRO J 80 35.83 -38.28 -12.09
C PRO J 80 37.31 -37.99 -12.31
N ILE J 81 37.95 -38.80 -13.15
CA ILE J 81 39.39 -38.67 -13.36
C ILE J 81 39.72 -38.86 -14.83
N SER J 82 40.83 -38.25 -15.25
CA SER J 82 41.32 -38.32 -16.61
C SER J 82 42.62 -39.10 -16.65
N SER J 83 42.91 -39.71 -17.80
CA SER J 83 44.07 -40.56 -17.98
C SER J 83 44.80 -40.17 -19.26
N LEU J 84 46.13 -40.08 -19.17
CA LEU J 84 46.98 -39.70 -20.29
C LEU J 84 47.89 -40.87 -20.62
N GLU J 85 47.74 -41.42 -21.83
CA GLU J 85 48.50 -42.58 -22.29
C GLU J 85 49.37 -42.19 -23.47
N ILE J 86 50.65 -42.60 -23.42
CA ILE J 86 51.66 -42.21 -24.40
C ILE J 86 52.35 -43.46 -24.91
N LYS J 87 52.57 -43.52 -26.22
CA LYS J 87 53.17 -44.67 -26.87
C LYS J 87 54.45 -44.29 -27.60
N ASN J 88 55.25 -45.31 -27.91
CA ASN J 88 56.50 -45.17 -28.67
C ASN J 88 57.41 -44.11 -28.05
N LEU J 89 57.65 -44.26 -26.74
CA LEU J 89 58.40 -43.28 -25.99
C LEU J 89 59.81 -43.12 -26.54
N THR J 90 60.33 -41.90 -26.46
CA THR J 90 61.70 -41.59 -26.76
C THR J 90 62.29 -40.84 -25.57
N SER J 91 63.63 -40.76 -25.52
CA SER J 91 64.28 -39.99 -24.48
C SER J 91 63.85 -38.52 -24.50
N ASP J 92 63.33 -38.05 -25.63
CA ASP J 92 62.84 -36.69 -25.80
C ASP J 92 61.47 -36.48 -25.16
N ASP J 93 60.83 -37.53 -24.65
CA ASP J 93 59.56 -37.39 -23.93
C ASP J 93 59.75 -37.29 -22.42
N THR J 94 60.96 -37.51 -21.93
CA THR J 94 61.27 -37.36 -20.50
C THR J 94 60.88 -35.97 -20.01
N ALA J 95 59.87 -35.89 -19.17
CA ALA J 95 59.38 -34.60 -18.69
C ALA J 95 58.37 -34.85 -17.57
N VAL J 96 57.90 -33.76 -16.97
CA VAL J 96 56.84 -33.81 -15.97
C VAL J 96 55.52 -33.52 -16.68
N TYR J 97 54.48 -34.28 -16.32
CA TYR J 97 53.20 -34.23 -17.01
C TYR J 97 52.12 -33.74 -16.07
N PHE J 98 51.39 -32.71 -16.51
CA PHE J 98 50.47 -31.95 -15.66
C PHE J 98 49.03 -32.17 -16.07
N CYS J 99 48.16 -32.26 -15.07
CA CYS J 99 46.72 -32.32 -15.25
C CYS J 99 46.16 -30.92 -15.04
N THR J 100 45.14 -30.59 -15.82
CA THR J 100 44.53 -29.27 -15.77
C THR J 100 43.03 -29.40 -15.60
N THR J 101 42.47 -28.59 -14.72
CA THR J 101 41.03 -28.52 -14.52
C THR J 101 40.58 -27.07 -14.66
N THR J 102 39.67 -26.83 -15.60
CA THR J 102 39.19 -25.48 -15.90
C THR J 102 37.67 -25.51 -16.02
N SER J 103 37.00 -24.59 -15.32
CA SER J 103 35.54 -24.52 -15.38
C SER J 103 35.08 -24.12 -16.78
N THR J 104 34.16 -24.89 -17.34
CA THR J 104 33.63 -24.60 -18.67
C THR J 104 32.20 -24.08 -18.65
N TYR J 105 31.64 -23.80 -17.47
CA TYR J 105 30.20 -23.55 -17.36
C TYR J 105 29.80 -22.24 -18.06
N ASP J 106 30.58 -21.17 -17.89
CA ASP J 106 30.21 -19.87 -18.42
C ASP J 106 30.89 -19.65 -19.77
N ARG J 107 30.09 -19.28 -20.78
CA ARG J 107 30.64 -19.02 -22.10
C ARG J 107 31.49 -17.76 -22.12
N TRP J 108 31.21 -16.81 -21.22
CA TRP J 108 31.92 -15.54 -21.20
C TRP J 108 33.11 -15.55 -20.26
N SER J 109 33.43 -16.69 -19.64
CA SER J 109 34.39 -16.73 -18.55
C SER J 109 35.74 -16.10 -18.91
N GLY J 110 36.12 -16.12 -20.18
CA GLY J 110 37.44 -15.70 -20.57
C GLY J 110 38.54 -16.68 -20.26
N LEU J 111 38.25 -17.72 -19.47
CA LEU J 111 39.22 -18.80 -19.26
C LEU J 111 39.36 -19.66 -20.49
N HIS J 112 38.28 -19.79 -21.28
CA HIS J 112 38.26 -20.67 -22.44
C HIS J 112 37.82 -19.90 -23.67
N HIS J 113 38.26 -20.38 -24.84
CA HIS J 113 38.00 -19.74 -26.13
C HIS J 113 37.82 -20.82 -27.19
N ASP J 114 36.61 -21.37 -27.27
CA ASP J 114 36.23 -22.36 -28.26
C ASP J 114 37.19 -23.54 -28.25
N GLY J 115 37.34 -24.14 -27.06
CA GLY J 115 38.19 -25.29 -26.86
C GLY J 115 39.60 -24.96 -26.44
N VAL J 116 40.16 -23.84 -26.92
CA VAL J 116 41.49 -23.40 -26.54
C VAL J 116 41.35 -22.56 -25.28
N MET J 117 41.95 -23.01 -24.18
CA MET J 117 41.66 -22.42 -22.88
C MET J 117 42.90 -22.33 -22.01
N ALA J 118 42.82 -21.46 -21.00
CA ALA J 118 43.79 -21.41 -19.93
C ALA J 118 43.49 -22.52 -18.93
N PHE J 119 44.30 -22.59 -17.87
CA PHE J 119 44.33 -23.74 -16.96
C PHE J 119 44.19 -23.24 -15.53
N SER J 120 43.06 -23.52 -14.90
CA SER J 120 42.73 -22.92 -13.62
C SER J 120 43.18 -23.74 -12.41
N SER J 121 43.13 -25.07 -12.51
CA SER J 121 43.53 -25.94 -11.40
C SER J 121 44.50 -26.98 -11.91
N TRP J 122 45.53 -27.25 -11.11
CA TRP J 122 46.63 -28.11 -11.52
C TRP J 122 46.87 -29.20 -10.48
N GLY J 123 47.53 -30.26 -10.90
CA GLY J 123 47.89 -31.37 -10.04
C GLY J 123 49.38 -31.38 -9.74
N GLN J 124 49.77 -32.31 -8.87
CA GLN J 124 51.16 -32.40 -8.43
C GLN J 124 52.10 -32.68 -9.60
N GLY J 125 51.72 -33.60 -10.47
CA GLY J 125 52.55 -33.93 -11.60
C GLY J 125 53.10 -35.34 -11.50
N THR J 126 53.37 -35.93 -12.66
CA THR J 126 53.95 -37.28 -12.75
C THR J 126 55.25 -37.19 -13.55
N LEU J 127 56.35 -37.59 -12.92
CA LEU J 127 57.65 -37.61 -13.59
C LEU J 127 57.78 -38.89 -14.41
N ILE J 128 57.89 -38.73 -15.73
CA ILE J 128 58.10 -39.85 -16.64
C ILE J 128 59.52 -39.74 -17.17
N SER J 129 60.34 -40.76 -16.88
CA SER J 129 61.74 -40.80 -17.27
C SER J 129 61.94 -41.91 -18.29
N VAL J 130 62.39 -41.54 -19.48
CA VAL J 130 62.59 -42.48 -20.58
C VAL J 130 64.09 -42.62 -20.82
N SER J 131 64.61 -43.82 -20.60
CA SER J 131 66.01 -44.11 -20.85
C SER J 131 66.17 -45.61 -21.03
N ALA J 132 67.15 -46.00 -21.84
CA ALA J 132 67.43 -47.41 -22.07
C ALA J 132 68.22 -48.06 -20.94
N ALA J 133 68.87 -47.26 -20.11
CA ALA J 133 69.73 -47.81 -19.06
C ALA J 133 68.89 -48.43 -17.94
N SER J 134 69.52 -49.36 -17.23
CA SER J 134 68.92 -50.01 -16.07
C SER J 134 69.56 -49.48 -14.79
N THR J 135 69.01 -49.93 -13.66
CA THR J 135 69.50 -49.52 -12.35
C THR J 135 70.99 -49.82 -12.22
N LYS J 136 71.74 -48.87 -11.66
CA LYS J 136 73.18 -49.02 -11.51
C LYS J 136 73.65 -48.14 -10.37
N GLY J 137 74.55 -48.69 -9.55
CA GLY J 137 75.14 -47.96 -8.45
C GLY J 137 76.21 -46.99 -8.93
N PRO J 138 76.44 -45.93 -8.16
CA PRO J 138 77.36 -44.88 -8.62
C PRO J 138 78.81 -45.18 -8.28
N SER J 139 79.68 -44.83 -9.22
CA SER J 139 81.12 -44.81 -8.97
C SER J 139 81.47 -43.44 -8.42
N VAL J 140 82.06 -43.41 -7.22
CA VAL J 140 82.34 -42.17 -6.52
C VAL J 140 83.86 -41.97 -6.46
N PHE J 141 84.31 -40.82 -6.94
CA PHE J 141 85.71 -40.44 -7.01
C PHE J 141 85.93 -39.15 -6.23
N PRO J 142 87.16 -38.90 -5.76
CA PRO J 142 87.40 -37.71 -4.94
C PRO J 142 87.90 -36.52 -5.75
N LEU J 143 87.37 -35.35 -5.43
CA LEU J 143 87.85 -34.08 -5.95
C LEU J 143 88.77 -33.49 -4.89
N ALA J 144 90.05 -33.83 -4.97
CA ALA J 144 91.02 -33.49 -3.95
C ALA J 144 91.47 -32.04 -4.08
N PRO J 145 91.70 -31.35 -2.95
CA PRO J 145 92.20 -29.96 -2.94
C PRO J 145 93.69 -29.86 -3.21
N THR J 154 91.76 -20.24 2.09
CA THR J 154 90.54 -21.04 2.02
C THR J 154 90.52 -21.86 0.73
N ALA J 155 90.39 -23.17 0.85
CA ALA J 155 90.42 -24.09 -0.27
C ALA J 155 89.15 -24.94 -0.31
N ALA J 156 88.91 -25.59 -1.43
CA ALA J 156 87.68 -26.33 -1.67
C ALA J 156 87.99 -27.72 -2.20
N LEU J 157 87.17 -28.69 -1.78
CA LEU J 157 87.27 -30.08 -2.20
C LEU J 157 85.86 -30.60 -2.44
N GLY J 158 85.77 -31.79 -3.03
CA GLY J 158 84.45 -32.33 -3.28
C GLY J 158 84.49 -33.79 -3.64
N CYS J 159 83.29 -34.33 -3.89
CA CYS J 159 83.10 -35.69 -4.37
C CYS J 159 82.39 -35.65 -5.72
N LEU J 160 82.83 -36.52 -6.63
CA LEU J 160 82.27 -36.63 -7.97
C LEU J 160 81.53 -37.96 -8.07
N VAL J 161 80.21 -37.89 -8.15
CA VAL J 161 79.34 -39.06 -8.22
C VAL J 161 78.92 -39.24 -9.67
N LYS J 162 79.48 -40.24 -10.35
CA LYS J 162 79.34 -40.38 -11.79
C LYS J 162 78.76 -41.74 -12.18
N ASP J 163 78.14 -41.78 -13.36
CA ASP J 163 77.58 -43.00 -13.96
C ASP J 163 76.50 -43.79 -13.18
N TYR J 164 75.48 -43.09 -12.70
CA TYR J 164 74.45 -43.71 -11.87
C TYR J 164 73.08 -43.56 -12.51
N PHE J 165 72.19 -44.49 -12.18
CA PHE J 165 70.83 -44.51 -12.72
C PHE J 165 69.94 -45.50 -11.95
N PRO J 166 68.67 -45.13 -11.72
CA PRO J 166 68.12 -43.79 -11.98
C PRO J 166 68.31 -42.85 -10.81
N GLU J 167 67.76 -41.64 -10.90
CA GLU J 167 67.83 -40.67 -9.81
C GLU J 167 66.98 -41.15 -8.63
N PRO J 168 67.23 -40.63 -7.42
CA PRO J 168 68.25 -39.64 -7.00
C PRO J 168 69.37 -40.22 -6.15
N VAL J 169 70.40 -39.41 -5.90
CA VAL J 169 71.45 -39.74 -4.94
C VAL J 169 71.50 -38.65 -3.88
N THR J 170 71.72 -39.06 -2.64
CA THR J 170 71.87 -38.14 -1.52
C THR J 170 73.33 -38.14 -1.09
N VAL J 171 73.90 -36.94 -0.92
CA VAL J 171 75.31 -36.79 -0.55
C VAL J 171 75.37 -36.06 0.78
N SER J 172 76.03 -36.68 1.75
CA SER J 172 76.28 -36.10 3.06
C SER J 172 77.75 -36.23 3.39
N TRP J 173 78.27 -35.29 4.17
CA TRP J 173 79.69 -35.20 4.47
C TRP J 173 79.95 -35.55 5.92
N ASN J 174 80.95 -36.40 6.16
CA ASN J 174 81.34 -36.85 7.50
C ASN J 174 80.12 -37.33 8.30
N SER J 175 79.25 -38.09 7.63
CA SER J 175 78.03 -38.63 8.24
C SER J 175 77.12 -37.51 8.75
N GLY J 176 77.06 -36.42 8.00
CA GLY J 176 76.27 -35.26 8.38
C GLY J 176 76.98 -34.23 9.22
N ALA J 177 78.27 -34.42 9.51
CA ALA J 177 78.97 -33.49 10.40
C ALA J 177 79.25 -32.16 9.73
N LEU J 178 79.52 -32.18 8.44
CA LEU J 178 79.87 -30.97 7.68
C LEU J 178 78.69 -30.57 6.81
N THR J 179 78.03 -29.47 7.18
CA THR J 179 76.87 -28.96 6.44
C THR J 179 77.02 -27.54 5.89
N SER J 180 77.83 -26.71 6.52
CA SER J 180 78.03 -25.33 6.07
C SER J 180 79.03 -25.29 4.93
N GLY J 181 78.68 -24.56 3.86
CA GLY J 181 79.50 -24.48 2.68
C GLY J 181 79.40 -25.67 1.75
N VAL J 182 78.38 -26.51 1.89
CA VAL J 182 78.22 -27.71 1.09
C VAL J 182 77.30 -27.40 -0.08
N HIS J 183 77.82 -27.55 -1.30
CA HIS J 183 77.03 -27.41 -2.52
C HIS J 183 77.00 -28.75 -3.23
N THR J 184 75.84 -29.40 -3.21
CA THR J 184 75.62 -30.63 -3.97
C THR J 184 74.90 -30.23 -5.27
N PHE J 185 75.66 -30.21 -6.36
CA PHE J 185 75.11 -29.78 -7.64
C PHE J 185 74.04 -30.75 -8.13
N PRO J 186 73.07 -30.26 -8.89
CA PRO J 186 72.03 -31.15 -9.42
C PRO J 186 72.58 -32.06 -10.51
N ALA J 187 71.81 -33.11 -10.79
CA ALA J 187 72.26 -34.13 -11.74
C ALA J 187 72.18 -33.64 -13.18
N VAL J 188 73.20 -33.96 -13.95
CA VAL J 188 73.17 -33.80 -15.40
C VAL J 188 73.08 -35.19 -16.02
N LEU J 189 72.40 -35.26 -17.16
CA LEU J 189 72.16 -36.53 -17.85
C LEU J 189 73.21 -36.68 -18.96
N GLN J 190 74.05 -37.70 -18.83
CA GLN J 190 75.19 -37.85 -19.72
C GLN J 190 74.76 -38.36 -21.08
N SER J 191 75.66 -38.20 -22.06
CA SER J 191 75.46 -38.78 -23.38
C SER J 191 75.20 -40.27 -23.29
N SER J 192 75.85 -40.95 -22.35
CA SER J 192 75.61 -42.37 -22.10
C SER J 192 74.22 -42.64 -21.54
N GLY J 193 73.33 -41.66 -21.41
CA GLY J 193 72.05 -41.90 -20.78
C GLY J 193 72.16 -42.20 -19.31
N LEU J 194 73.23 -41.75 -18.67
CA LEU J 194 73.48 -41.99 -17.25
C LEU J 194 73.60 -40.66 -16.53
N TYR J 195 73.34 -40.68 -15.22
CA TYR J 195 73.36 -39.48 -14.41
C TYR J 195 74.71 -39.31 -13.74
N SER J 196 75.03 -38.07 -13.38
CA SER J 196 76.30 -37.75 -12.76
C SER J 196 76.24 -36.35 -12.15
N LEU J 197 76.77 -36.21 -10.93
CA LEU J 197 76.78 -34.94 -10.24
C LEU J 197 78.00 -34.88 -9.32
N SER J 198 78.32 -33.68 -8.85
CA SER J 198 79.41 -33.46 -7.92
C SER J 198 78.92 -32.62 -6.75
N SER J 199 79.51 -32.85 -5.58
CA SER J 199 79.21 -32.11 -4.37
C SER J 199 80.51 -31.57 -3.80
N VAL J 200 80.59 -30.25 -3.59
CA VAL J 200 81.82 -29.60 -3.19
C VAL J 200 81.61 -28.90 -1.85
N VAL J 201 82.72 -28.68 -1.14
CA VAL J 201 82.72 -28.02 0.16
C VAL J 201 83.88 -27.04 0.23
N THR J 202 83.63 -25.87 0.83
CA THR J 202 84.66 -24.88 1.12
C THR J 202 85.01 -24.95 2.60
N VAL J 203 86.29 -25.15 2.89
CA VAL J 203 86.79 -25.24 4.26
C VAL J 203 88.14 -24.54 4.34
N PRO J 204 88.53 -24.10 5.54
CA PRO J 204 89.84 -23.44 5.68
C PRO J 204 90.98 -24.43 5.46
N SER J 205 91.97 -24.00 4.67
CA SER J 205 93.09 -24.85 4.29
C SER J 205 94.00 -25.17 5.47
N SER J 206 93.92 -24.41 6.56
CA SER J 206 94.70 -24.72 7.75
C SER J 206 94.25 -26.03 8.41
N SER J 207 93.01 -26.46 8.16
CA SER J 207 92.46 -27.67 8.74
C SER J 207 92.43 -28.84 7.76
N LEU J 208 93.16 -28.75 6.64
CA LEU J 208 93.15 -29.84 5.67
C LEU J 208 93.92 -31.04 6.18
N GLY J 209 95.01 -30.81 6.91
CA GLY J 209 95.76 -31.91 7.50
C GLY J 209 95.27 -32.28 8.87
N THR J 210 94.52 -31.37 9.51
CA THR J 210 94.05 -31.59 10.88
C THR J 210 92.86 -32.54 10.90
N GLN J 211 91.81 -32.22 10.16
CA GLN J 211 90.60 -33.04 10.15
C GLN J 211 90.48 -33.79 8.83
N THR J 212 89.78 -34.92 8.89
CA THR J 212 89.52 -35.77 7.73
C THR J 212 88.12 -35.51 7.18
N TYR J 213 87.99 -35.56 5.87
CA TYR J 213 86.73 -35.27 5.18
C TYR J 213 86.29 -36.51 4.40
N ILE J 214 85.05 -36.94 4.63
CA ILE J 214 84.47 -38.11 3.97
C ILE J 214 83.06 -37.75 3.53
N CYS J 215 82.74 -38.03 2.27
CA CYS J 215 81.40 -37.83 1.74
C CYS J 215 80.68 -39.17 1.70
N ASN J 216 79.38 -39.14 1.99
CA ASN J 216 78.55 -40.35 2.08
C ASN J 216 77.48 -40.30 1.00
N VAL J 217 77.65 -41.14 -0.02
CA VAL J 217 76.73 -41.21 -1.14
C VAL J 217 75.87 -42.46 -0.99
N ASN J 218 74.55 -42.30 -1.11
CA ASN J 218 73.61 -43.41 -1.00
C ASN J 218 72.66 -43.40 -2.18
N HIS J 219 72.43 -44.58 -2.75
CA HIS J 219 71.51 -44.76 -3.88
C HIS J 219 70.55 -45.89 -3.52
N LYS J 220 69.30 -45.54 -3.22
CA LYS J 220 68.26 -46.51 -2.89
C LYS J 220 67.84 -47.38 -4.08
N PRO J 221 67.75 -46.86 -5.32
CA PRO J 221 67.36 -47.73 -6.43
C PRO J 221 68.25 -48.95 -6.61
N SER J 222 69.56 -48.78 -6.55
CA SER J 222 70.48 -49.90 -6.62
C SER J 222 70.82 -50.47 -5.25
N ASN J 223 70.32 -49.85 -4.17
CA ASN J 223 70.59 -50.30 -2.81
C ASN J 223 72.08 -50.27 -2.49
N THR J 224 72.80 -49.32 -3.06
CA THR J 224 74.24 -49.20 -2.95
C THR J 224 74.60 -48.01 -2.06
N LYS J 225 75.63 -48.18 -1.23
CA LYS J 225 76.08 -47.14 -0.31
C LYS J 225 77.60 -47.19 -0.21
N VAL J 226 78.25 -46.07 -0.51
CA VAL J 226 79.71 -45.96 -0.46
C VAL J 226 80.08 -44.68 0.29
N ASP J 227 81.18 -44.74 1.03
CA ASP J 227 81.75 -43.60 1.74
C ASP J 227 83.16 -43.39 1.20
N LYS J 228 83.37 -42.25 0.52
CA LYS J 228 84.64 -41.97 -0.15
C LYS J 228 85.41 -40.90 0.62
N ARG J 229 86.65 -41.20 0.94
CA ARG J 229 87.51 -40.25 1.65
C ARG J 229 88.15 -39.29 0.65
N VAL J 230 88.04 -38.00 0.91
CA VAL J 230 88.68 -37.02 0.05
C VAL J 230 90.03 -36.58 0.62
N GLU J 231 91.03 -37.43 0.48
CA GLU J 231 92.38 -37.10 0.91
C GLU J 231 92.96 -36.01 0.04
N PRO J 232 93.79 -35.08 0.70
CA PRO J 232 94.36 -34.07 -0.22
C PRO J 232 95.41 -34.67 -1.13
N ASP K 1 50.74 -22.29 -35.13
CA ASP K 1 51.02 -22.08 -33.72
C ASP K 1 51.53 -20.66 -33.46
N ILE K 2 51.08 -20.06 -32.36
CA ILE K 2 51.61 -18.77 -31.92
C ILE K 2 52.89 -19.01 -31.13
N GLN K 3 53.86 -18.11 -31.30
CA GLN K 3 55.13 -18.16 -30.59
C GLN K 3 55.21 -16.99 -29.62
N MET K 4 55.37 -17.28 -28.33
CA MET K 4 55.44 -16.26 -27.29
C MET K 4 56.89 -16.06 -26.87
N THR K 5 57.42 -14.87 -27.13
CA THR K 5 58.79 -14.53 -26.76
C THR K 5 58.76 -13.65 -25.51
N GLN K 6 59.15 -14.22 -24.38
CA GLN K 6 59.10 -13.55 -23.10
C GLN K 6 60.38 -12.73 -22.87
N SER K 7 60.24 -11.66 -22.09
CA SER K 7 61.37 -10.79 -21.80
C SER K 7 61.15 -9.96 -20.53
N PRO K 8 62.17 -9.90 -19.65
CA PRO K 8 63.49 -10.52 -19.80
C PRO K 8 63.54 -11.96 -19.33
N SER K 9 64.58 -12.70 -19.73
CA SER K 9 64.72 -14.08 -19.27
C SER K 9 64.94 -14.13 -17.76
N THR K 10 65.71 -13.19 -17.23
CA THR K 10 66.00 -13.11 -15.81
C THR K 10 65.98 -11.65 -15.38
N LEU K 11 65.40 -11.39 -14.22
CA LEU K 11 65.43 -10.08 -13.61
C LEU K 11 65.70 -10.22 -12.12
N SER K 12 66.27 -9.18 -11.54
CA SER K 12 66.53 -9.15 -10.11
C SER K 12 65.74 -8.01 -9.49
N ALA K 13 65.20 -8.24 -8.29
CA ALA K 13 64.39 -7.25 -7.60
C ALA K 13 64.45 -7.54 -6.11
N SER K 14 63.88 -6.61 -5.34
CA SER K 14 63.87 -6.66 -3.87
C SER K 14 62.49 -6.30 -3.32
N THR K 15 62.21 -6.72 -2.09
CA THR K 15 60.89 -6.58 -1.52
C THR K 15 60.39 -5.15 -1.71
N GLY K 16 59.10 -5.01 -1.97
CA GLY K 16 58.48 -3.71 -2.16
C GLY K 16 58.66 -3.10 -3.53
N ASP K 17 59.53 -3.65 -4.37
CA ASP K 17 59.79 -3.05 -5.67
C ASP K 17 58.60 -3.22 -6.62
N THR K 18 58.60 -2.39 -7.66
CA THR K 18 57.67 -2.53 -8.77
C THR K 18 58.43 -3.12 -9.95
N VAL K 19 57.98 -4.28 -10.42
CA VAL K 19 58.72 -5.03 -11.42
C VAL K 19 57.81 -5.32 -12.59
N ARG K 20 58.40 -5.39 -13.79
CA ARG K 20 57.67 -5.52 -15.04
C ARG K 20 58.25 -6.65 -15.89
N ILE K 21 57.38 -7.55 -16.33
CA ILE K 21 57.76 -8.65 -17.22
C ILE K 21 56.96 -8.50 -18.50
N SER K 22 57.65 -8.36 -19.63
CA SER K 22 57.01 -8.19 -20.93
C SER K 22 56.99 -9.50 -21.69
N CYS K 23 55.99 -9.65 -22.55
CA CYS K 23 55.78 -10.86 -23.34
C CYS K 23 55.17 -10.45 -24.67
N ARG K 24 55.92 -10.65 -25.76
CA ARG K 24 55.51 -10.26 -27.10
C ARG K 24 55.12 -11.49 -27.91
N ALA K 25 54.11 -11.35 -28.74
CA ALA K 25 53.59 -12.45 -29.54
C ALA K 25 53.93 -12.27 -31.02
N SER K 26 53.93 -13.39 -31.75
CA SER K 26 54.27 -13.36 -33.17
C SER K 26 53.17 -12.68 -33.99
N GLN K 27 51.92 -13.06 -33.76
CA GLN K 27 50.78 -12.35 -34.29
C GLN K 27 50.21 -11.42 -33.23
N SER K 28 49.26 -10.59 -33.63
CA SER K 28 48.55 -9.72 -32.70
C SER K 28 47.33 -10.48 -32.17
N ILE K 29 47.14 -10.45 -30.86
CA ILE K 29 46.03 -11.14 -30.21
C ILE K 29 45.06 -10.06 -29.73
N THR K 30 43.98 -9.86 -30.49
CA THR K 30 43.04 -8.79 -30.18
C THR K 30 42.12 -9.17 -29.02
N GLY K 31 41.65 -10.41 -28.99
CA GLY K 31 40.78 -10.87 -27.91
C GLY K 31 41.43 -10.96 -26.55
N ASN K 32 42.72 -10.63 -26.44
CA ASN K 32 43.46 -10.62 -25.19
C ASN K 32 43.47 -11.99 -24.51
N TRP K 33 43.50 -13.06 -25.31
CA TRP K 33 43.50 -14.43 -24.78
C TRP K 33 44.93 -14.82 -24.39
N VAL K 34 45.41 -14.20 -23.32
CA VAL K 34 46.73 -14.46 -22.79
C VAL K 34 46.64 -14.58 -21.27
N ALA K 35 47.38 -15.54 -20.71
CA ALA K 35 47.37 -15.81 -19.28
C ALA K 35 48.77 -15.68 -18.70
N TRP K 36 48.83 -15.57 -17.37
CA TRP K 36 50.08 -15.45 -16.62
C TRP K 36 50.11 -16.47 -15.48
N TYR K 37 51.26 -17.13 -15.31
CA TYR K 37 51.45 -18.19 -14.33
C TYR K 37 52.74 -17.97 -13.54
N GLN K 38 52.73 -18.37 -12.28
CA GLN K 38 53.91 -18.39 -11.42
C GLN K 38 54.25 -19.82 -11.05
N GLN K 39 55.52 -20.20 -11.19
CA GLN K 39 55.99 -21.54 -10.85
C GLN K 39 57.19 -21.42 -9.93
N ARG K 40 56.98 -21.72 -8.65
CA ARG K 40 58.11 -21.96 -7.77
C ARG K 40 58.69 -23.35 -8.08
N PRO K 41 60.00 -23.52 -7.92
CA PRO K 41 60.64 -24.77 -8.34
C PRO K 41 60.04 -25.98 -7.64
N GLY K 42 59.78 -27.03 -8.41
CA GLY K 42 59.21 -28.28 -7.93
C GLY K 42 57.70 -28.35 -7.83
N LYS K 43 57.09 -27.27 -7.34
CA LYS K 43 55.64 -27.23 -7.13
C LYS K 43 54.92 -26.77 -8.39
N ALA K 44 53.67 -27.19 -8.52
CA ALA K 44 52.90 -26.94 -9.73
C ALA K 44 52.62 -25.44 -9.90
N PRO K 45 52.45 -24.99 -11.14
CA PRO K 45 52.14 -23.57 -11.38
C PRO K 45 50.78 -23.19 -10.82
N ARG K 46 50.63 -21.88 -10.59
CA ARG K 46 49.36 -21.31 -10.13
C ARG K 46 48.90 -20.28 -11.16
N LEU K 47 47.64 -20.41 -11.58
CA LEU K 47 47.08 -19.45 -12.52
C LEU K 47 46.89 -18.10 -11.82
N LEU K 48 47.51 -17.06 -12.39
CA LEU K 48 47.46 -15.71 -11.81
C LEU K 48 46.54 -14.70 -12.51
N ILE K 49 46.63 -14.61 -13.84
CA ILE K 49 45.85 -13.65 -14.59
C ILE K 49 45.42 -14.30 -15.90
N TYR K 50 44.14 -14.16 -16.25
CA TYR K 50 43.63 -14.65 -17.52
C TYR K 50 43.05 -13.49 -18.32
N ARG K 51 42.87 -13.74 -19.63
CA ARG K 51 42.26 -12.77 -20.54
C ARG K 51 42.89 -11.39 -20.45
N GLY K 52 44.19 -11.33 -20.14
CA GLY K 52 44.91 -10.07 -20.13
C GLY K 52 45.04 -9.41 -18.78
N ALA K 53 43.91 -9.04 -18.14
CA ALA K 53 43.93 -8.39 -16.85
C ALA K 53 42.88 -8.95 -15.90
N ALA K 54 42.33 -10.12 -16.18
CA ALA K 54 41.38 -10.73 -15.27
C ALA K 54 42.12 -11.38 -14.12
N LEU K 55 41.68 -11.09 -12.91
CA LEU K 55 42.30 -11.62 -11.70
C LEU K 55 41.55 -12.87 -11.27
N LEU K 56 42.29 -13.97 -11.09
CA LEU K 56 41.67 -15.20 -10.62
C LEU K 56 41.27 -15.06 -9.15
N GLY K 57 40.14 -15.68 -8.80
CA GLY K 57 39.63 -15.61 -7.45
C GLY K 57 40.66 -15.98 -6.40
N GLY K 58 41.12 -14.99 -5.63
CA GLY K 58 42.09 -15.21 -4.59
C GLY K 58 43.49 -14.72 -4.90
N VAL K 59 43.76 -14.29 -6.12
CA VAL K 59 45.08 -13.77 -6.47
C VAL K 59 45.20 -12.35 -5.95
N PRO K 60 46.32 -11.99 -5.30
CA PRO K 60 46.43 -10.66 -4.70
C PRO K 60 46.22 -9.53 -5.72
N SER K 61 45.78 -8.38 -5.20
CA SER K 61 45.62 -7.20 -6.04
C SER K 61 46.95 -6.65 -6.55
N ARG K 62 48.06 -7.04 -5.93
CA ARG K 62 49.38 -6.58 -6.38
C ARG K 62 49.70 -7.04 -7.79
N PHE K 63 49.08 -8.11 -8.26
CA PHE K 63 49.29 -8.60 -9.62
C PHE K 63 48.28 -7.94 -10.55
N ARG K 64 48.77 -7.38 -11.66
CA ARG K 64 47.93 -6.73 -12.63
C ARG K 64 48.57 -6.85 -14.01
N GLY K 65 47.74 -7.07 -15.02
CA GLY K 65 48.20 -7.26 -16.37
C GLY K 65 47.67 -6.19 -17.31
N SER K 66 48.46 -5.88 -18.33
CA SER K 66 48.08 -4.94 -19.37
C SER K 66 48.37 -5.54 -20.73
N ALA K 67 47.41 -5.44 -21.64
CA ALA K 67 47.50 -6.03 -22.97
C ALA K 67 47.26 -4.95 -24.00
N ALA K 68 48.22 -4.77 -24.90
CA ALA K 68 48.15 -3.75 -25.95
C ALA K 68 48.73 -4.31 -27.24
N GLY K 69 47.86 -4.63 -28.18
CA GLY K 69 48.32 -5.14 -29.46
C GLY K 69 49.04 -6.46 -29.30
N THR K 70 50.30 -6.49 -29.72
CA THR K 70 51.10 -7.70 -29.60
C THR K 70 51.74 -7.82 -28.21
N ASP K 71 52.17 -6.70 -27.64
CA ASP K 71 52.88 -6.73 -26.38
C ASP K 71 51.93 -6.95 -25.20
N PHE K 72 52.42 -7.68 -24.21
CA PHE K 72 51.73 -7.89 -22.94
C PHE K 72 52.71 -7.63 -21.81
N THR K 73 52.19 -7.14 -20.68
CA THR K 73 53.03 -6.86 -19.53
C THR K 73 52.32 -7.30 -18.26
N LEU K 74 53.00 -8.11 -17.46
CA LEU K 74 52.57 -8.43 -16.10
C LEU K 74 53.33 -7.55 -15.13
N THR K 75 52.60 -6.90 -14.22
CA THR K 75 53.18 -5.93 -13.30
C THR K 75 52.99 -6.40 -11.87
N ILE K 76 54.08 -6.37 -11.10
CA ILE K 76 54.07 -6.70 -9.69
C ILE K 76 54.62 -5.49 -8.93
N GLY K 77 53.74 -4.63 -8.46
CA GLY K 77 54.13 -3.64 -7.49
C GLY K 77 54.18 -4.24 -6.10
N ASN K 78 55.05 -3.68 -5.25
CA ASN K 78 55.28 -4.18 -3.89
C ASN K 78 55.76 -5.63 -3.73
N LEU K 79 56.78 -6.01 -4.50
CA LEU K 79 57.20 -7.40 -4.62
C LEU K 79 57.44 -7.99 -3.23
N GLN K 80 56.93 -9.20 -3.01
CA GLN K 80 57.07 -9.89 -1.74
C GLN K 80 58.03 -11.07 -1.88
N ALA K 81 58.37 -11.65 -0.74
CA ALA K 81 59.22 -12.85 -0.74
C ALA K 81 58.48 -14.02 -1.37
N GLU K 82 57.23 -14.24 -0.97
CA GLU K 82 56.44 -15.33 -1.54
C GLU K 82 56.29 -15.23 -3.05
N ASP K 83 56.54 -14.05 -3.63
CA ASP K 83 56.34 -13.85 -5.06
C ASP K 83 57.51 -14.36 -5.90
N PHE K 84 58.70 -14.50 -5.32
CA PHE K 84 59.87 -14.85 -6.13
C PHE K 84 59.72 -16.23 -6.76
N GLY K 85 60.24 -16.36 -7.97
CA GLY K 85 60.11 -17.59 -8.72
C GLY K 85 60.26 -17.32 -10.21
N THR K 86 59.73 -18.24 -11.01
CA THR K 86 59.75 -18.12 -12.46
C THR K 86 58.34 -17.87 -12.96
N PHE K 87 58.21 -17.02 -13.99
CA PHE K 87 56.93 -16.66 -14.55
C PHE K 87 56.89 -16.99 -16.05
N TYR K 88 55.69 -17.38 -16.52
CA TYR K 88 55.44 -17.77 -17.90
C TYR K 88 54.18 -17.08 -18.40
N CYS K 89 54.18 -16.68 -19.68
CA CYS K 89 53.00 -16.15 -20.35
C CYS K 89 52.45 -17.18 -21.33
N GLN K 90 51.12 -17.27 -21.42
CA GLN K 90 50.46 -18.25 -22.26
C GLN K 90 49.41 -17.56 -23.11
N GLN K 91 49.37 -17.91 -24.40
CA GLN K 91 48.29 -17.49 -25.28
C GLN K 91 47.35 -18.66 -25.54
N TYR K 92 46.09 -18.34 -25.79
CA TYR K 92 45.12 -19.34 -26.23
C TYR K 92 44.17 -18.75 -27.26
N ASP K 93 44.66 -17.78 -28.05
CA ASP K 93 43.88 -17.26 -29.16
C ASP K 93 43.72 -18.29 -30.26
N THR K 94 44.78 -19.04 -30.57
CA THR K 94 44.71 -20.08 -31.57
C THR K 94 45.22 -21.40 -30.99
N TYR K 95 44.68 -22.49 -31.53
CA TYR K 95 45.08 -23.84 -31.16
C TYR K 95 46.41 -24.17 -31.83
N PRO K 96 47.35 -24.75 -31.07
CA PRO K 96 47.23 -25.09 -29.66
C PRO K 96 47.71 -23.98 -28.73
N GLY K 97 47.28 -24.01 -27.47
CA GLY K 97 47.78 -23.06 -26.50
C GLY K 97 49.28 -23.18 -26.32
N THR K 98 49.99 -22.06 -26.33
CA THR K 98 51.45 -22.07 -26.29
C THR K 98 51.95 -21.17 -25.17
N PHE K 99 53.10 -21.54 -24.61
CA PHE K 99 53.71 -20.84 -23.49
C PHE K 99 54.96 -20.08 -23.94
N GLY K 100 55.50 -19.29 -23.02
CA GLY K 100 56.70 -18.53 -23.28
C GLY K 100 57.96 -19.22 -22.75
N GLN K 101 59.11 -18.62 -23.08
CA GLN K 101 60.38 -19.19 -22.66
C GLN K 101 60.54 -19.13 -21.15
N GLY K 102 60.00 -18.11 -20.51
CA GLY K 102 60.03 -18.02 -19.07
C GLY K 102 60.90 -16.88 -18.58
N THR K 103 60.58 -16.37 -17.39
CA THR K 103 61.31 -15.28 -16.76
C THR K 103 61.62 -15.68 -15.34
N LYS K 104 62.91 -15.85 -15.03
CA LYS K 104 63.32 -16.04 -13.66
C LYS K 104 63.29 -14.72 -12.91
N VAL K 105 62.80 -14.75 -11.68
CA VAL K 105 62.72 -13.57 -10.83
C VAL K 105 63.54 -13.88 -9.58
N GLU K 106 64.77 -13.37 -9.54
CA GLU K 106 65.71 -13.63 -8.46
C GLU K 106 65.82 -12.42 -7.53
N VAL K 107 66.39 -12.66 -6.35
CA VAL K 107 66.61 -11.60 -5.39
C VAL K 107 67.88 -10.82 -5.76
N LYS K 108 67.98 -9.61 -5.23
CA LYS K 108 69.11 -8.73 -5.53
C LYS K 108 70.24 -8.96 -4.54
N ARG K 109 71.47 -8.75 -5.02
CA ARG K 109 72.67 -8.85 -4.21
C ARG K 109 73.80 -8.16 -4.96
N THR K 110 74.78 -7.67 -4.20
CA THR K 110 75.93 -7.02 -4.82
C THR K 110 76.68 -8.03 -5.69
N VAL K 111 77.23 -7.52 -6.80
CA VAL K 111 77.99 -8.37 -7.70
C VAL K 111 79.14 -9.01 -6.95
N ALA K 112 79.33 -10.31 -7.15
CA ALA K 112 80.34 -11.08 -6.44
C ALA K 112 81.22 -11.80 -7.46
N ALA K 113 82.52 -11.59 -7.37
CA ALA K 113 83.45 -12.32 -8.21
C ALA K 113 83.42 -13.80 -7.83
N PRO K 114 83.50 -14.71 -8.80
CA PRO K 114 83.41 -16.14 -8.48
C PRO K 114 84.73 -16.72 -8.02
N SER K 115 84.67 -17.55 -6.97
CA SER K 115 85.82 -18.31 -6.54
C SER K 115 86.02 -19.49 -7.48
N VAL K 116 87.16 -19.54 -8.15
CA VAL K 116 87.42 -20.49 -9.22
C VAL K 116 88.41 -21.53 -8.73
N PHE K 117 88.06 -22.81 -8.91
CA PHE K 117 88.95 -23.92 -8.63
C PHE K 117 88.90 -24.89 -9.79
N ILE K 118 90.00 -25.60 -9.99
CA ILE K 118 90.10 -26.63 -11.03
C ILE K 118 90.49 -27.94 -10.36
N PHE K 119 89.82 -29.03 -10.75
CA PHE K 119 90.01 -30.35 -10.15
C PHE K 119 90.45 -31.33 -11.23
N PRO K 120 91.65 -31.90 -11.14
CA PRO K 120 92.09 -32.87 -12.15
C PRO K 120 91.41 -34.21 -11.94
N PRO K 121 91.52 -35.14 -12.90
CA PRO K 121 90.87 -36.44 -12.72
C PRO K 121 91.55 -37.27 -11.65
N SER K 122 90.75 -37.97 -10.87
CA SER K 122 91.27 -38.87 -9.84
C SER K 122 92.03 -40.02 -10.48
N ASP K 123 93.11 -40.45 -9.82
CA ASP K 123 93.89 -41.58 -10.31
C ASP K 123 93.05 -42.85 -10.40
N GLU K 124 92.00 -42.95 -9.58
CA GLU K 124 91.08 -44.09 -9.70
C GLU K 124 90.34 -44.04 -11.03
N GLN K 125 90.05 -42.84 -11.54
CA GLN K 125 89.33 -42.73 -12.81
C GLN K 125 90.18 -43.21 -13.98
N LEU K 126 91.49 -42.93 -13.93
CA LEU K 126 92.34 -43.24 -15.08
C LEU K 126 92.39 -44.73 -15.38
N LYS K 127 92.42 -45.57 -14.35
CA LYS K 127 92.39 -47.00 -14.58
C LYS K 127 90.98 -47.55 -14.79
N SER K 128 89.96 -46.68 -14.71
CA SER K 128 88.60 -47.08 -15.07
C SER K 128 88.31 -46.93 -16.56
N GLY K 129 89.11 -46.14 -17.28
CA GLY K 129 88.94 -45.98 -18.71
C GLY K 129 88.38 -44.64 -19.15
N THR K 130 87.99 -43.78 -18.21
CA THR K 130 87.46 -42.45 -18.53
C THR K 130 88.12 -41.42 -17.63
N ALA K 131 88.14 -40.18 -18.08
CA ALA K 131 88.80 -39.09 -17.37
C ALA K 131 87.89 -37.87 -17.34
N SER K 132 87.66 -37.34 -16.14
CA SER K 132 86.77 -36.21 -15.93
C SER K 132 87.52 -35.08 -15.23
N VAL K 133 87.50 -33.88 -15.81
CA VAL K 133 88.07 -32.68 -15.22
C VAL K 133 86.93 -31.74 -14.87
N VAL K 134 86.94 -31.22 -13.65
CA VAL K 134 85.86 -30.39 -13.12
C VAL K 134 86.38 -28.99 -12.85
N CYS K 135 85.60 -27.99 -13.24
CA CYS K 135 85.87 -26.60 -12.93
C CYS K 135 84.73 -26.07 -12.06
N LEU K 136 85.08 -25.51 -10.91
CA LEU K 136 84.12 -25.06 -9.91
C LEU K 136 84.08 -23.54 -9.89
N LEU K 137 82.89 -22.98 -10.08
CA LEU K 137 82.65 -21.55 -9.93
C LEU K 137 81.62 -21.37 -8.82
N ASN K 138 82.04 -20.73 -7.73
CA ASN K 138 81.28 -20.71 -6.49
C ASN K 138 80.94 -19.29 -6.08
N ASN K 139 79.70 -19.10 -5.61
CA ASN K 139 79.25 -17.83 -5.03
C ASN K 139 79.39 -16.67 -6.02
N PHE K 140 78.81 -16.86 -7.20
CA PHE K 140 78.90 -15.88 -8.28
C PHE K 140 77.57 -15.16 -8.43
N TYR K 141 77.63 -13.83 -8.55
CA TYR K 141 76.45 -13.02 -8.87
C TYR K 141 76.84 -11.93 -9.87
N PRO K 142 76.05 -11.78 -10.94
CA PRO K 142 74.88 -12.61 -11.27
C PRO K 142 75.22 -13.98 -11.84
N ARG K 143 74.20 -14.76 -12.18
CA ARG K 143 74.39 -16.13 -12.63
C ARG K 143 74.91 -16.23 -14.07
N GLU K 144 75.01 -15.12 -14.79
CA GLU K 144 75.55 -15.13 -16.15
C GLU K 144 77.07 -15.30 -16.09
N ALA K 145 77.55 -16.48 -16.47
CA ALA K 145 78.97 -16.77 -16.48
C ALA K 145 79.26 -17.82 -17.54
N LYS K 146 80.29 -17.58 -18.34
CA LYS K 146 80.71 -18.49 -19.40
C LYS K 146 82.06 -19.10 -19.05
N VAL K 147 82.22 -20.39 -19.34
CA VAL K 147 83.46 -21.11 -19.09
C VAL K 147 83.82 -21.93 -20.31
N GLN K 148 85.12 -21.97 -20.62
CA GLN K 148 85.63 -22.73 -21.75
C GLN K 148 86.88 -23.47 -21.31
N TRP K 149 87.19 -24.56 -22.02
CA TRP K 149 88.33 -25.41 -21.71
C TRP K 149 89.39 -25.26 -22.80
N LYS K 150 90.61 -24.94 -22.38
CA LYS K 150 91.70 -24.61 -23.29
C LYS K 150 92.83 -25.61 -23.09
N VAL K 151 93.08 -26.43 -24.11
CA VAL K 151 94.18 -27.40 -24.11
C VAL K 151 95.05 -27.10 -25.32
N ASP K 152 96.36 -26.91 -25.08
CA ASP K 152 97.32 -26.48 -26.10
C ASP K 152 97.01 -25.10 -26.66
N ASN K 153 96.49 -24.22 -25.81
CA ASN K 153 96.00 -22.90 -26.23
C ASN K 153 94.92 -23.03 -27.31
N ALA K 154 94.18 -24.14 -27.29
CA ALA K 154 93.19 -24.45 -28.30
C ALA K 154 91.84 -24.74 -27.65
N LEU K 155 90.77 -24.31 -28.32
CA LEU K 155 89.43 -24.46 -27.78
C LEU K 155 88.99 -25.92 -27.80
N GLN K 156 88.13 -26.27 -26.84
CA GLN K 156 87.53 -27.60 -26.77
C GLN K 156 86.06 -27.43 -26.44
N SER K 157 85.19 -27.94 -27.31
CA SER K 157 83.76 -27.76 -27.16
C SER K 157 83.03 -29.05 -27.49
N GLY K 158 81.76 -29.10 -27.11
CA GLY K 158 80.92 -30.26 -27.32
C GLY K 158 81.08 -31.36 -26.29
N ASN K 159 82.12 -31.31 -25.46
CA ASN K 159 82.39 -32.34 -24.47
C ASN K 159 82.40 -31.80 -23.05
N SER K 160 81.89 -30.59 -22.84
CA SER K 160 81.79 -29.98 -21.53
C SER K 160 80.33 -29.81 -21.15
N GLN K 161 79.99 -30.16 -19.91
CA GLN K 161 78.64 -30.05 -19.40
C GLN K 161 78.63 -29.20 -18.14
N GLU K 162 77.53 -28.48 -17.92
CA GLU K 162 77.42 -27.57 -16.80
C GLU K 162 76.27 -27.96 -15.90
N SER K 163 76.34 -27.47 -14.66
CA SER K 163 75.30 -27.64 -13.66
C SER K 163 75.39 -26.46 -12.71
N VAL K 164 74.24 -25.91 -12.34
CA VAL K 164 74.18 -24.68 -11.55
C VAL K 164 73.30 -24.92 -10.33
N THR K 165 73.73 -24.40 -9.18
CA THR K 165 72.91 -24.50 -7.98
C THR K 165 71.71 -23.56 -8.08
N GLU K 166 70.92 -23.59 -7.00
CA GLU K 166 69.69 -22.83 -6.84
C GLU K 166 69.81 -21.86 -5.67
N GLN K 167 69.00 -20.81 -5.68
CA GLN K 167 69.21 -19.61 -4.88
C GLN K 167 69.38 -19.95 -3.41
N ASP K 168 70.43 -19.41 -2.80
CA ASP K 168 70.68 -19.59 -1.38
C ASP K 168 69.99 -18.46 -0.61
N SER K 169 69.29 -18.82 0.47
CA SER K 169 68.59 -17.82 1.26
C SER K 169 69.55 -16.95 2.06
N LYS K 170 70.72 -17.48 2.40
CA LYS K 170 71.63 -16.76 3.29
C LYS K 170 72.49 -15.76 2.52
N ASP K 171 73.12 -16.19 1.42
CA ASP K 171 74.02 -15.31 0.67
C ASP K 171 73.39 -14.76 -0.61
N SER K 172 72.36 -15.40 -1.13
CA SER K 172 71.69 -15.00 -2.37
C SER K 172 72.63 -15.11 -3.57
N THR K 173 73.54 -16.07 -3.55
CA THR K 173 74.49 -16.29 -4.64
C THR K 173 74.34 -17.69 -5.21
N TYR K 174 75.03 -17.93 -6.31
CA TYR K 174 74.98 -19.19 -7.04
C TYR K 174 76.37 -19.78 -7.19
N SER K 175 76.41 -21.09 -7.37
CA SER K 175 77.63 -21.77 -7.76
C SER K 175 77.35 -22.65 -8.98
N LEU K 176 78.40 -22.91 -9.76
CA LEU K 176 78.27 -23.64 -11.01
C LEU K 176 79.37 -24.69 -11.09
N SER K 177 79.05 -25.81 -11.74
CA SER K 177 79.98 -26.89 -11.95
C SER K 177 80.08 -27.18 -13.44
N SER K 178 81.29 -27.12 -13.99
CA SER K 178 81.55 -27.43 -15.38
C SER K 178 82.37 -28.70 -15.44
N THR K 179 81.77 -29.78 -15.94
CA THR K 179 82.42 -31.08 -16.01
C THR K 179 82.84 -31.35 -17.46
N LEU K 180 84.14 -31.39 -17.70
CA LEU K 180 84.70 -31.77 -18.98
C LEU K 180 85.12 -33.23 -18.94
N THR K 181 84.67 -34.01 -19.91
CA THR K 181 84.87 -35.45 -19.92
C THR K 181 85.44 -35.88 -21.26
N LEU K 182 86.37 -36.84 -21.24
CA LEU K 182 86.97 -37.35 -22.47
C LEU K 182 87.62 -38.70 -22.18
N SER K 183 88.05 -39.36 -23.26
CA SER K 183 88.58 -40.71 -23.17
C SER K 183 89.92 -40.74 -22.44
N LYS K 184 90.22 -41.91 -21.86
CA LYS K 184 91.50 -42.11 -21.18
C LYS K 184 92.66 -41.85 -22.13
N ALA K 185 92.57 -42.35 -23.36
CA ALA K 185 93.68 -42.22 -24.29
C ALA K 185 93.93 -40.76 -24.68
N ASP K 186 92.85 -40.00 -24.89
CA ASP K 186 93.01 -38.60 -25.27
C ASP K 186 93.61 -37.78 -24.16
N TYR K 187 93.47 -38.22 -22.90
CA TYR K 187 93.83 -37.40 -21.76
C TYR K 187 95.33 -37.11 -21.74
N GLU K 188 96.17 -38.07 -22.10
CA GLU K 188 97.61 -37.87 -22.11
C GLU K 188 98.15 -37.51 -23.49
N LYS K 189 97.31 -36.92 -24.33
CA LYS K 189 97.76 -36.38 -25.61
C LYS K 189 98.19 -34.92 -25.49
N HIS K 190 98.22 -34.37 -24.28
CA HIS K 190 98.73 -33.03 -24.08
C HIS K 190 99.09 -32.85 -22.61
N LYS K 191 99.86 -31.79 -22.33
CA LYS K 191 100.36 -31.52 -20.99
C LYS K 191 99.45 -30.57 -20.21
N VAL K 192 98.95 -29.50 -20.83
CA VAL K 192 98.27 -28.42 -20.12
C VAL K 192 96.76 -28.58 -20.28
N TYR K 193 96.04 -28.30 -19.19
CA TYR K 193 94.59 -28.29 -19.15
C TYR K 193 94.15 -27.06 -18.36
N ALA K 194 93.26 -26.26 -18.93
CA ALA K 194 92.97 -24.95 -18.40
C ALA K 194 91.47 -24.67 -18.38
N CYS K 195 91.01 -24.04 -17.31
CA CYS K 195 89.65 -23.53 -17.19
C CYS K 195 89.70 -22.01 -17.11
N GLU K 196 88.99 -21.34 -18.00
CA GLU K 196 88.96 -19.88 -18.06
C GLU K 196 87.54 -19.40 -17.80
N VAL K 197 87.40 -18.45 -16.89
CA VAL K 197 86.10 -17.93 -16.46
C VAL K 197 85.98 -16.48 -16.89
N THR K 198 84.96 -16.18 -17.68
CA THR K 198 84.59 -14.80 -18.02
C THR K 198 83.38 -14.41 -17.19
N HIS K 199 83.56 -13.41 -16.33
CA HIS K 199 82.48 -12.96 -15.46
C HIS K 199 82.60 -11.46 -15.23
N GLN K 200 81.46 -10.83 -14.99
CA GLN K 200 81.41 -9.39 -14.80
C GLN K 200 82.23 -8.96 -13.57
N GLY K 201 82.11 -9.71 -12.48
CA GLY K 201 82.81 -9.38 -11.25
C GLY K 201 84.33 -9.43 -11.35
N LEU K 202 84.86 -9.95 -12.46
CA LEU K 202 86.30 -10.05 -12.66
C LEU K 202 86.74 -8.98 -13.66
N SER K 203 87.82 -8.26 -13.32
CA SER K 203 88.30 -7.18 -14.17
C SER K 203 88.72 -7.68 -15.54
N SER K 204 89.42 -8.81 -15.57
CA SER K 204 89.80 -9.48 -16.81
C SER K 204 89.67 -10.97 -16.58
N PRO K 205 89.46 -11.76 -17.66
CA PRO K 205 89.22 -13.21 -17.50
C PRO K 205 90.27 -13.94 -16.66
N VAL K 206 89.80 -14.60 -15.61
CA VAL K 206 90.67 -15.33 -14.69
C VAL K 206 90.81 -16.77 -15.17
N THR K 207 92.04 -17.24 -15.33
CA THR K 207 92.34 -18.57 -15.84
C THR K 207 93.06 -19.38 -14.76
N LYS K 208 92.53 -20.55 -14.45
CA LYS K 208 93.12 -21.47 -13.48
C LYS K 208 93.28 -22.83 -14.13
N SER K 209 94.52 -23.34 -14.14
CA SER K 209 94.89 -24.48 -14.97
C SER K 209 95.80 -25.42 -14.17
N PHE K 210 96.20 -26.52 -14.80
CA PHE K 210 97.09 -27.48 -14.18
C PHE K 210 97.82 -28.28 -15.26
N ASN K 211 99.11 -28.53 -15.03
CA ASN K 211 99.86 -29.50 -15.81
C ASN K 211 99.77 -30.87 -15.14
N ARG K 212 99.93 -31.93 -15.93
CA ARG K 212 99.78 -33.27 -15.42
C ARG K 212 100.82 -33.58 -14.35
N GLY K 213 100.36 -34.04 -13.19
CA GLY K 213 101.21 -34.37 -12.08
C GLY K 213 101.34 -33.26 -11.04
N GLU K 214 101.27 -32.01 -11.48
CA GLU K 214 101.43 -30.87 -10.57
C GLU K 214 100.27 -30.76 -9.60
N GLN L 1 3.81 39.40 10.34
CA GLN L 1 3.70 40.23 9.15
C GLN L 1 4.86 41.22 9.08
N ILE L 2 5.12 41.76 7.89
CA ILE L 2 6.24 42.66 7.66
C ILE L 2 5.79 44.09 7.88
N HIS L 3 6.53 44.82 8.72
CA HIS L 3 6.33 46.23 8.94
C HIS L 3 7.68 46.94 8.89
N LEU L 4 7.80 47.94 8.02
CA LEU L 4 9.01 48.74 7.89
C LEU L 4 8.81 50.08 8.60
N VAL L 5 9.60 50.34 9.63
CA VAL L 5 9.48 51.53 10.45
C VAL L 5 10.74 52.33 10.25
N GLN L 6 10.61 53.56 9.83
CA GLN L 6 11.84 54.24 9.57
C GLN L 6 11.99 55.35 10.62
N SER L 7 13.07 56.15 10.56
CA SER L 7 13.36 57.13 11.61
C SER L 7 12.40 58.33 11.58
N GLY L 8 12.56 59.25 12.54
CA GLY L 8 11.72 60.40 12.60
C GLY L 8 12.15 61.50 11.63
N THR L 9 11.25 62.47 11.45
CA THR L 9 11.51 63.58 10.53
C THR L 9 12.75 64.35 10.95
N GLU L 10 13.48 64.84 9.95
CA GLU L 10 14.67 65.64 10.19
C GLU L 10 14.68 66.85 9.28
N VAL L 11 15.03 68.00 9.84
CA VAL L 11 15.26 69.22 9.09
C VAL L 11 16.75 69.53 9.15
N LYS L 12 17.34 69.86 8.01
CA LYS L 12 18.78 70.03 7.94
C LYS L 12 19.12 71.08 6.88
N LYS L 13 20.31 71.65 7.02
CA LYS L 13 20.80 72.74 6.18
C LYS L 13 21.63 72.19 5.03
N PRO L 14 21.76 72.96 3.94
CA PRO L 14 22.59 72.51 2.81
C PRO L 14 24.04 72.31 3.22
N GLY L 15 24.74 71.51 2.42
CA GLY L 15 26.11 71.13 2.71
C GLY L 15 26.28 70.14 3.84
N SER L 16 25.21 69.84 4.59
CA SER L 16 25.27 68.89 5.68
C SER L 16 24.96 67.49 5.18
N SER L 17 25.02 66.52 6.09
CA SER L 17 24.70 65.12 5.78
C SER L 17 23.61 64.64 6.73
N VAL L 18 23.11 63.43 6.46
CA VAL L 18 21.98 62.88 7.21
C VAL L 18 21.84 61.39 6.92
N THR L 19 21.50 60.61 7.94
CA THR L 19 21.26 59.18 7.82
C THR L 19 19.88 58.85 8.37
N VAL L 20 19.08 58.13 7.59
CA VAL L 20 17.74 57.71 7.99
C VAL L 20 17.75 56.22 8.27
N SER L 21 17.08 55.83 9.36
CA SER L 21 17.02 54.43 9.79
C SER L 21 15.75 53.80 9.22
N CYS L 22 15.75 52.47 9.08
CA CYS L 22 14.61 51.74 8.50
C CYS L 22 14.45 50.39 9.20
N LYS L 23 13.70 50.38 10.30
CA LYS L 23 13.43 49.15 11.03
C LYS L 23 12.60 48.21 10.17
N ALA L 24 13.11 46.99 9.96
CA ALA L 24 12.44 46.00 9.12
C ALA L 24 11.96 44.84 10.01
N TYR L 25 10.80 45.03 10.64
CA TYR L 25 10.17 43.98 11.41
C TYR L 25 9.46 43.00 10.48
N GLY L 26 9.50 41.72 10.84
CA GLY L 26 8.88 40.66 10.07
C GLY L 26 9.78 40.03 9.03
N VAL L 27 10.77 40.77 8.52
CA VAL L 27 11.73 40.21 7.58
C VAL L 27 12.60 39.18 8.29
N ASN L 28 12.72 37.98 7.70
CA ASN L 28 13.55 36.95 8.31
C ASN L 28 15.04 37.27 8.17
N THR L 29 15.43 37.82 7.02
CA THR L 29 16.81 38.23 6.79
C THR L 29 16.90 39.02 5.49
N PHE L 30 17.93 39.85 5.40
CA PHE L 30 18.25 40.54 4.15
C PHE L 30 18.96 39.63 3.14
N GLY L 31 19.18 38.37 3.49
CA GLY L 31 19.65 37.40 2.51
C GLY L 31 18.54 36.85 1.63
N LEU L 32 17.31 36.89 2.12
CA LEU L 32 16.14 36.49 1.34
C LEU L 32 15.25 37.68 1.00
N TYR L 33 15.67 38.89 1.33
CA TYR L 33 14.96 40.12 1.00
C TYR L 33 15.98 41.20 0.63
N ALA L 34 15.62 42.04 -0.33
CA ALA L 34 16.47 43.15 -0.73
C ALA L 34 15.81 44.47 -0.36
N VAL L 35 16.65 45.47 -0.09
CA VAL L 35 16.19 46.78 0.38
C VAL L 35 16.47 47.81 -0.70
N ASN L 36 15.43 48.49 -1.16
CA ASN L 36 15.55 49.53 -2.18
C ASN L 36 15.12 50.86 -1.59
N TRP L 37 15.91 51.90 -1.83
CA TRP L 37 15.57 53.23 -1.37
C TRP L 37 15.07 54.05 -2.55
N VAL L 38 13.87 54.62 -2.39
CA VAL L 38 13.23 55.39 -3.44
C VAL L 38 12.79 56.73 -2.87
N ARG L 39 13.02 57.78 -3.64
CA ARG L 39 12.74 59.16 -3.24
C ARG L 39 11.51 59.66 -3.98
N GLN L 40 10.66 60.42 -3.29
CA GLN L 40 9.51 61.08 -3.91
C GLN L 40 9.57 62.57 -3.64
N ALA L 41 9.86 63.33 -4.70
CA ALA L 41 9.89 64.78 -4.61
C ALA L 41 8.50 65.33 -4.30
N PRO L 42 8.41 66.56 -3.81
CA PRO L 42 7.09 67.14 -3.51
C PRO L 42 6.19 67.18 -4.73
N GLY L 43 5.04 66.50 -4.63
CA GLY L 43 4.01 66.51 -5.64
C GLY L 43 4.48 66.11 -7.02
N GLN L 44 5.42 65.16 -7.07
CA GLN L 44 5.93 64.66 -8.35
C GLN L 44 6.07 63.15 -8.23
N SER L 45 6.79 62.55 -9.17
CA SER L 45 6.92 61.10 -9.24
C SER L 45 7.96 60.60 -8.24
N LEU L 46 8.30 59.32 -8.33
CA LEU L 46 9.29 58.70 -7.47
C LEU L 46 10.59 58.47 -8.24
N GLU L 47 11.67 58.31 -7.51
CA GLU L 47 12.98 58.13 -8.13
C GLU L 47 13.76 57.05 -7.39
N TYR L 48 14.34 56.12 -8.16
CA TYR L 48 15.21 55.12 -7.57
C TYR L 48 16.54 55.74 -7.19
N ILE L 49 16.96 55.52 -5.95
CA ILE L 49 18.23 56.01 -5.44
C ILE L 49 19.29 54.93 -5.44
N GLY L 50 18.99 53.81 -4.80
CA GLY L 50 19.92 52.71 -4.69
C GLY L 50 19.23 51.55 -3.99
N GLN L 51 20.02 50.51 -3.74
CA GLN L 51 19.49 49.31 -3.12
C GLN L 51 20.62 48.57 -2.43
N ILE L 52 20.26 47.50 -1.73
CA ILE L 52 21.26 46.58 -1.19
C ILE L 52 20.72 45.15 -1.29
N TRP L 53 21.25 44.40 -2.25
CA TRP L 53 20.85 43.03 -2.50
C TRP L 53 22.09 42.15 -2.53
N ARG L 54 21.97 40.95 -1.93
CA ARG L 54 23.10 40.05 -1.75
C ARG L 54 24.24 40.79 -1.04
N TRP L 55 23.88 41.66 -0.10
CA TRP L 55 24.85 42.49 0.63
C TRP L 55 25.72 43.32 -0.29
N LYS L 56 25.17 43.72 -1.44
CA LYS L 56 25.87 44.55 -2.41
C LYS L 56 25.16 45.89 -2.52
N SER L 57 25.85 46.95 -2.11
CA SER L 57 25.29 48.29 -2.17
C SER L 57 25.28 48.80 -3.61
N SER L 58 24.45 49.81 -3.85
CA SER L 58 24.19 50.26 -5.21
C SER L 58 23.86 51.74 -5.22
N ALA L 59 24.21 52.41 -6.32
CA ALA L 59 23.84 53.79 -6.55
C ALA L 59 23.19 53.93 -7.92
N SER L 60 22.23 54.84 -7.99
CA SER L 60 21.89 55.40 -9.28
C SER L 60 23.09 56.15 -9.83
N HIS L 61 23.29 56.09 -11.15
CA HIS L 61 24.34 56.89 -11.77
C HIS L 61 24.14 58.37 -11.45
N HIS L 62 22.89 58.81 -11.38
CA HIS L 62 22.59 60.17 -10.95
C HIS L 62 23.13 60.42 -9.55
N PHE L 63 22.98 59.45 -8.65
CA PHE L 63 23.39 59.59 -7.26
C PHE L 63 24.70 58.86 -6.99
N ARG L 64 25.46 58.55 -8.03
CA ARG L 64 26.71 57.81 -7.90
C ARG L 64 27.71 58.57 -7.04
N GLY L 65 28.18 57.94 -5.97
CA GLY L 65 29.19 58.51 -5.11
C GLY L 65 28.69 59.53 -4.10
N ARG L 66 27.46 60.00 -4.22
CA ARG L 66 26.91 60.98 -3.28
C ARG L 66 26.24 60.33 -2.08
N VAL L 67 25.83 59.06 -2.22
CA VAL L 67 24.99 58.41 -1.22
C VAL L 67 25.68 57.12 -0.79
N LEU L 68 25.33 56.66 0.42
CA LEU L 68 25.78 55.38 0.94
C LEU L 68 24.60 54.65 1.59
N ILE L 69 24.42 53.38 1.25
CA ILE L 69 23.30 52.57 1.74
C ILE L 69 23.89 51.34 2.43
N SER L 70 23.65 51.24 3.74
CA SER L 70 24.14 50.12 4.53
C SER L 70 22.97 49.44 5.23
N ALA L 71 23.19 48.19 5.63
CA ALA L 71 22.21 47.41 6.35
C ALA L 71 22.93 46.31 7.13
N VAL L 72 22.29 45.87 8.22
CA VAL L 72 22.85 44.83 9.07
C VAL L 72 21.74 43.85 9.41
N ASP L 73 22.10 42.57 9.51
CA ASP L 73 21.12 41.58 9.94
C ASP L 73 20.70 41.81 11.38
N LEU L 74 19.62 41.14 11.76
CA LEU L 74 18.98 41.40 13.03
C LEU L 74 19.94 41.17 14.20
N THR L 75 19.98 42.14 15.11
CA THR L 75 20.48 41.84 16.44
C THR L 75 19.54 40.86 17.11
N GLY L 76 20.05 40.09 18.06
CA GLY L 76 19.17 39.34 18.95
C GLY L 76 18.06 40.22 19.50
N SER L 77 18.38 41.50 19.75
CA SER L 77 17.38 42.43 20.26
C SER L 77 16.38 42.84 19.18
N SER L 78 16.86 43.14 17.97
CA SER L 78 16.08 43.90 17.02
C SER L 78 16.19 43.29 15.62
N PRO L 79 15.18 43.48 14.77
CA PRO L 79 15.21 42.90 13.42
C PRO L 79 16.20 43.62 12.52
N PRO L 80 16.57 43.04 11.37
CA PRO L 80 17.58 43.68 10.53
C PRO L 80 17.03 44.97 9.92
N ILE L 81 17.89 45.98 9.79
CA ILE L 81 17.46 47.29 9.31
C ILE L 81 18.50 47.85 8.35
N SER L 82 18.02 48.71 7.46
CA SER L 82 18.85 49.38 6.47
C SER L 82 18.90 50.88 6.77
N SER L 83 19.99 51.51 6.34
CA SER L 83 20.23 52.92 6.62
C SER L 83 20.64 53.63 5.33
N LEU L 84 20.05 54.81 5.10
CA LEU L 84 20.30 55.61 3.91
C LEU L 84 20.94 56.93 4.34
N GLU L 85 22.18 57.15 3.90
CA GLU L 85 22.95 58.33 4.27
C GLU L 85 23.23 59.17 3.03
N ILE L 86 22.99 60.48 3.13
CA ILE L 86 23.10 61.41 1.99
C ILE L 86 23.99 62.57 2.39
N LYS L 87 24.87 62.97 1.48
CA LYS L 87 25.82 64.05 1.74
C LYS L 87 25.65 65.18 0.74
N ASN L 88 26.22 66.34 1.10
CA ASN L 88 26.23 67.54 0.26
C ASN L 88 24.82 67.90 -0.19
N LEU L 89 23.91 67.99 0.78
CA LEU L 89 22.50 68.23 0.49
C LEU L 89 22.31 69.55 -0.25
N THR L 90 21.30 69.56 -1.12
CA THR L 90 20.84 70.76 -1.79
C THR L 90 19.34 70.86 -1.58
N SER L 91 18.79 72.06 -1.82
CA SER L 91 17.34 72.23 -1.74
C SER L 91 16.61 71.30 -2.70
N ASP L 92 17.29 70.81 -3.74
CA ASP L 92 16.74 69.88 -4.72
C ASP L 92 16.63 68.45 -4.19
N ASP L 93 17.16 68.18 -2.99
CA ASP L 93 17.01 66.87 -2.37
C ASP L 93 15.83 66.78 -1.42
N THR L 94 15.18 67.91 -1.12
CA THR L 94 13.98 67.94 -0.28
C THR L 94 12.92 67.02 -0.85
N ALA L 95 12.63 65.93 -0.14
CA ALA L 95 11.67 64.95 -0.62
C ALA L 95 11.39 63.95 0.50
N VAL L 96 10.46 63.04 0.24
CA VAL L 96 10.16 61.93 1.15
C VAL L 96 10.94 60.72 0.69
N TYR L 97 11.51 59.99 1.63
CA TYR L 97 12.43 58.89 1.33
C TYR L 97 11.84 57.58 1.83
N PHE L 98 11.77 56.59 0.93
CA PHE L 98 11.03 55.36 1.15
C PHE L 98 11.96 54.16 1.26
N CYS L 99 11.62 53.26 2.17
CA CYS L 99 12.28 51.98 2.32
C CYS L 99 11.47 50.92 1.60
N THR L 100 12.17 49.97 0.99
CA THR L 100 11.53 48.92 0.21
C THR L 100 12.02 47.57 0.69
N THR L 101 11.09 46.63 0.82
CA THR L 101 11.42 45.25 1.16
C THR L 101 10.78 44.33 0.13
N THR L 102 11.61 43.53 -0.55
CA THR L 102 11.16 42.64 -1.60
C THR L 102 11.80 41.27 -1.41
N SER L 103 10.97 40.22 -1.45
CA SER L 103 11.48 38.87 -1.29
C SER L 103 12.37 38.49 -2.47
N THR L 104 13.57 38.00 -2.18
CA THR L 104 14.51 37.59 -3.21
C THR L 104 14.68 36.08 -3.31
N TYR L 105 13.87 35.30 -2.60
CA TYR L 105 14.14 33.87 -2.46
C TYR L 105 13.96 33.12 -3.78
N ASP L 106 12.91 33.42 -4.53
CA ASP L 106 12.61 32.68 -5.75
C ASP L 106 13.19 33.42 -6.96
N ARG L 107 13.95 32.69 -7.78
CA ARG L 107 14.51 33.29 -8.98
C ARG L 107 13.45 33.62 -10.01
N TRP L 108 12.34 32.88 -10.00
CA TRP L 108 11.28 33.07 -10.99
C TRP L 108 10.21 34.04 -10.54
N SER L 109 10.38 34.66 -9.36
CA SER L 109 9.29 35.40 -8.74
C SER L 109 8.68 36.46 -9.64
N GLY L 110 9.45 37.01 -10.58
CA GLY L 110 9.01 38.13 -11.38
C GLY L 110 9.01 39.45 -10.65
N LEU L 111 9.19 39.45 -9.34
CA LEU L 111 9.36 40.70 -8.61
C LEU L 111 10.73 41.31 -8.88
N HIS L 112 11.74 40.49 -9.16
CA HIS L 112 13.10 40.95 -9.36
C HIS L 112 13.65 40.43 -10.67
N HIS L 113 14.61 41.18 -11.24
CA HIS L 113 15.20 40.89 -12.54
C HIS L 113 16.69 41.26 -12.49
N ASP L 114 17.50 40.36 -11.96
CA ASP L 114 18.96 40.51 -11.90
C ASP L 114 19.34 41.82 -11.22
N GLY L 115 18.82 42.01 -10.01
CA GLY L 115 19.09 43.19 -9.22
C GLY L 115 18.09 44.31 -9.39
N VAL L 116 17.54 44.47 -10.60
CA VAL L 116 16.54 45.49 -10.86
C VAL L 116 15.18 44.88 -10.55
N MET L 117 14.48 45.45 -9.57
CA MET L 117 13.30 44.78 -9.02
C MET L 117 12.19 45.77 -8.70
N ALA L 118 10.98 45.24 -8.57
CA ALA L 118 9.85 45.96 -8.03
C ALA L 118 9.94 45.95 -6.50
N PHE L 119 8.96 46.57 -5.86
CA PHE L 119 9.02 46.90 -4.43
C PHE L 119 7.74 46.38 -3.75
N SER L 120 7.88 45.35 -2.93
CA SER L 120 6.71 44.65 -2.41
C SER L 120 6.23 45.20 -1.06
N SER L 121 7.13 45.64 -0.19
CA SER L 121 6.76 46.16 1.11
C SER L 121 7.43 47.53 1.33
N TRP L 122 6.66 48.46 1.89
CA TRP L 122 7.09 49.84 2.03
C TRP L 122 6.94 50.31 3.47
N GLY L 123 7.67 51.37 3.79
CA GLY L 123 7.62 51.99 5.10
C GLY L 123 6.89 53.32 5.07
N GLN L 124 6.72 53.89 6.27
CA GLN L 124 5.98 55.14 6.39
C GLN L 124 6.65 56.28 5.62
N GLY L 125 7.96 56.38 5.71
CA GLY L 125 8.66 57.42 5.00
C GLY L 125 9.28 58.43 5.97
N THR L 126 10.36 59.06 5.53
CA THR L 126 11.06 60.09 6.30
C THR L 126 11.10 61.36 5.47
N LEU L 127 10.52 62.44 6.00
CA LEU L 127 10.55 63.73 5.33
C LEU L 127 11.88 64.43 5.61
N ILE L 128 12.66 64.67 4.57
CA ILE L 128 13.92 65.39 4.67
C ILE L 128 13.73 66.74 3.99
N SER L 129 13.86 67.82 4.76
CA SER L 129 13.67 69.18 4.29
C SER L 129 15.00 69.90 4.31
N VAL L 130 15.46 70.36 3.14
CA VAL L 130 16.74 71.04 3.00
C VAL L 130 16.46 72.50 2.68
N SER L 131 16.87 73.39 3.58
CA SER L 131 16.74 74.82 3.36
C SER L 131 17.73 75.54 4.26
N ALA L 132 18.19 76.70 3.80
CA ALA L 132 19.14 77.49 4.57
C ALA L 132 18.47 78.30 5.67
N ALA L 133 17.16 78.49 5.59
CA ALA L 133 16.45 79.34 6.55
C ALA L 133 16.34 78.64 7.91
N SER L 134 16.20 79.46 8.95
CA SER L 134 16.00 78.98 10.31
C SER L 134 14.56 79.20 10.73
N THR L 135 14.23 78.69 11.92
CA THR L 135 12.88 78.82 12.46
C THR L 135 12.46 80.28 12.50
N LYS L 136 11.21 80.54 12.11
CA LYS L 136 10.69 81.89 12.08
C LYS L 136 9.18 81.86 12.18
N GLY L 137 8.63 82.76 12.99
CA GLY L 137 7.20 82.90 13.14
C GLY L 137 6.56 83.59 11.95
N PRO L 138 5.28 83.31 11.72
CA PRO L 138 4.64 83.83 10.51
C PRO L 138 4.07 85.24 10.70
N SER L 139 4.21 86.05 9.66
CA SER L 139 3.51 87.33 9.56
C SER L 139 2.15 87.08 8.94
N VAL L 140 1.08 87.44 9.66
CA VAL L 140 -0.28 87.15 9.24
C VAL L 140 -0.97 88.46 8.88
N PHE L 141 -1.50 88.53 7.67
CA PHE L 141 -2.18 89.68 7.11
C PHE L 141 -3.61 89.31 6.73
N PRO L 142 -4.52 90.28 6.67
CA PRO L 142 -5.92 89.96 6.38
C PRO L 142 -6.26 90.10 4.90
N LEU L 143 -7.03 89.14 4.40
CA LEU L 143 -7.61 89.20 3.06
C LEU L 143 -9.05 89.67 3.23
N ALA L 144 -9.23 90.99 3.21
CA ALA L 144 -10.51 91.61 3.52
C ALA L 144 -11.47 91.52 2.34
N PRO L 145 -12.77 91.33 2.60
CA PRO L 145 -13.80 91.27 1.57
C PRO L 145 -14.20 92.65 1.05
N THR L 154 -23.20 86.62 -1.62
CA THR L 154 -22.23 85.81 -0.90
C THR L 154 -20.80 86.26 -1.24
N ALA L 155 -20.03 86.60 -0.20
CA ALA L 155 -18.69 87.13 -0.36
C ALA L 155 -17.70 86.27 0.42
N ALA L 156 -16.41 86.45 0.13
CA ALA L 156 -15.36 85.61 0.69
C ALA L 156 -14.23 86.48 1.24
N LEU L 157 -13.64 86.02 2.34
CA LEU L 157 -12.53 86.67 3.00
C LEU L 157 -11.54 85.61 3.44
N GLY L 158 -10.36 86.03 3.87
CA GLY L 158 -9.38 85.05 4.29
C GLY L 158 -8.23 85.66 5.05
N CYS L 159 -7.30 84.79 5.45
CA CYS L 159 -6.06 85.17 6.10
C CYS L 159 -4.89 84.71 5.24
N LEU L 160 -3.86 85.56 5.15
CA LEU L 160 -2.65 85.27 4.38
C LEU L 160 -1.50 85.08 5.37
N VAL L 161 -1.03 83.85 5.48
CA VAL L 161 0.05 83.50 6.40
C VAL L 161 1.33 83.37 5.58
N LYS L 162 2.23 84.35 5.71
CA LYS L 162 3.38 84.47 4.82
C LYS L 162 4.69 84.49 5.60
N ASP L 163 5.77 84.09 4.91
CA ASP L 163 7.14 84.10 5.45
C ASP L 163 7.47 83.28 6.71
N TYR L 164 7.05 82.02 6.73
CA TYR L 164 7.20 81.19 7.91
C TYR L 164 8.06 79.98 7.59
N PHE L 165 8.71 79.43 8.63
CA PHE L 165 9.58 78.28 8.49
C PHE L 165 9.95 77.70 9.87
N PRO L 166 10.01 76.36 9.98
CA PRO L 166 9.57 75.41 8.96
C PRO L 166 8.09 75.07 9.11
N GLU L 167 7.60 74.14 8.29
CA GLU L 167 6.21 73.70 8.36
C GLU L 167 5.98 72.93 9.66
N PRO L 168 4.71 72.80 10.11
CA PRO L 168 3.46 73.31 9.53
C PRO L 168 2.82 74.44 10.34
N VAL L 169 1.78 75.06 9.78
CA VAL L 169 0.94 76.01 10.49
C VAL L 169 -0.49 75.51 10.46
N THR L 170 -1.20 75.69 11.57
CA THR L 170 -2.61 75.34 11.70
C THR L 170 -3.42 76.62 11.75
N VAL L 171 -4.48 76.69 10.94
CA VAL L 171 -5.32 77.87 10.85
C VAL L 171 -6.73 77.49 11.27
N SER L 172 -7.26 78.18 12.27
CA SER L 172 -8.63 78.01 12.72
C SER L 172 -9.30 79.38 12.79
N TRP L 173 -10.62 79.39 12.59
CA TRP L 173 -11.38 80.63 12.51
C TRP L 173 -12.28 80.80 13.72
N ASN L 174 -12.27 81.99 14.30
CA ASN L 174 -13.06 82.32 15.48
C ASN L 174 -12.89 81.27 16.58
N SER L 175 -11.65 80.83 16.79
CA SER L 175 -11.32 79.82 17.80
C SER L 175 -12.05 78.51 17.54
N GLY L 176 -12.18 78.16 16.26
CA GLY L 176 -12.88 76.96 15.86
C GLY L 176 -14.36 77.11 15.61
N ALA L 177 -14.90 78.33 15.71
CA ALA L 177 -16.35 78.51 15.58
C ALA L 177 -16.81 78.38 14.13
N LEU L 178 -15.98 78.81 13.19
CA LEU L 178 -16.31 78.81 11.77
C LEU L 178 -15.54 77.69 11.09
N THR L 179 -16.24 76.64 10.69
CA THR L 179 -15.63 75.49 10.01
C THR L 179 -16.17 75.18 8.60
N SER L 180 -17.42 75.54 8.34
CA SER L 180 -18.03 75.28 7.04
C SER L 180 -17.60 76.35 6.03
N GLY L 181 -17.17 75.90 4.84
CA GLY L 181 -16.68 76.80 3.82
C GLY L 181 -15.26 77.27 4.01
N VAL L 182 -14.48 76.61 4.87
CA VAL L 182 -13.12 77.02 5.18
C VAL L 182 -12.17 76.22 4.30
N HIS L 183 -11.39 76.92 3.48
CA HIS L 183 -10.35 76.33 2.65
C HIS L 183 -9.00 76.88 3.10
N THR L 184 -8.21 76.05 3.76
CA THR L 184 -6.84 76.40 4.13
C THR L 184 -5.93 75.78 3.07
N PHE L 185 -5.43 76.62 2.16
CA PHE L 185 -4.61 76.13 1.06
C PHE L 185 -3.29 75.56 1.58
N PRO L 186 -2.72 74.59 0.87
CA PRO L 186 -1.43 74.04 1.30
C PRO L 186 -0.30 75.03 1.07
N ALA L 187 0.82 74.75 1.73
CA ALA L 187 1.96 75.66 1.71
C ALA L 187 2.69 75.61 0.38
N VAL L 188 3.08 76.77 -0.12
CA VAL L 188 4.00 76.88 -1.23
C VAL L 188 5.34 77.40 -0.69
N LEU L 189 6.42 76.96 -1.30
CA LEU L 189 7.77 77.29 -0.87
C LEU L 189 8.28 78.47 -1.70
N GLN L 190 8.52 79.61 -1.06
CA GLN L 190 8.84 80.83 -1.77
C GLN L 190 10.27 80.81 -2.29
N SER L 191 10.54 81.72 -3.22
CA SER L 191 11.89 81.93 -3.71
C SER L 191 12.85 82.22 -2.57
N SER L 192 12.38 82.94 -1.55
CA SER L 192 13.16 83.20 -0.34
C SER L 192 13.43 81.93 0.47
N GLY L 193 13.04 80.75 0.02
CA GLY L 193 13.20 79.56 0.85
C GLY L 193 12.32 79.57 2.07
N LEU L 194 11.21 80.30 2.03
CA LEU L 194 10.27 80.42 3.13
C LEU L 194 8.89 79.94 2.69
N TYR L 195 8.08 79.53 3.66
CA TYR L 195 6.77 78.99 3.38
C TYR L 195 5.71 80.09 3.50
N SER L 196 4.58 79.88 2.83
CA SER L 196 3.50 80.85 2.83
C SER L 196 2.23 80.19 2.29
N LEU L 197 1.11 80.46 2.96
CA LEU L 197 -0.19 79.91 2.55
C LEU L 197 -1.28 80.89 2.96
N SER L 198 -2.47 80.68 2.37
CA SER L 198 -3.65 81.47 2.70
C SER L 198 -4.82 80.55 3.00
N SER L 199 -5.70 81.01 3.89
CA SER L 199 -6.91 80.29 4.28
C SER L 199 -8.10 81.22 4.07
N VAL L 200 -9.09 80.78 3.29
CA VAL L 200 -10.21 81.62 2.90
C VAL L 200 -11.50 80.98 3.39
N VAL L 201 -12.54 81.83 3.53
CA VAL L 201 -13.85 81.41 3.99
C VAL L 201 -14.92 82.10 3.15
N THR L 202 -15.97 81.37 2.81
CA THR L 202 -17.15 81.91 2.13
C THR L 202 -18.28 82.06 3.16
N VAL L 203 -18.80 83.27 3.29
CA VAL L 203 -19.89 83.56 4.21
C VAL L 203 -20.85 84.54 3.56
N PRO L 204 -22.11 84.58 4.01
CA PRO L 204 -23.07 85.53 3.44
C PRO L 204 -22.69 86.96 3.78
N SER L 205 -22.77 87.83 2.75
CA SER L 205 -22.37 89.22 2.90
C SER L 205 -23.31 90.01 3.80
N SER L 206 -24.53 89.51 4.04
CA SER L 206 -25.44 90.18 4.96
C SER L 206 -24.93 90.15 6.40
N SER L 207 -24.05 89.20 6.73
CA SER L 207 -23.52 89.05 8.08
C SER L 207 -22.10 89.59 8.22
N LEU L 208 -21.63 90.37 7.24
CA LEU L 208 -20.27 90.90 7.32
C LEU L 208 -20.15 91.98 8.40
N GLY L 209 -21.19 92.80 8.56
CA GLY L 209 -21.18 93.81 9.59
C GLY L 209 -21.76 93.30 10.90
N THR L 210 -22.50 92.19 10.83
CA THR L 210 -23.15 91.65 12.02
C THR L 210 -22.17 90.90 12.91
N GLN L 211 -21.47 89.91 12.34
CA GLN L 211 -20.54 89.09 13.10
C GLN L 211 -19.10 89.44 12.74
N THR L 212 -18.20 89.19 13.67
CA THR L 212 -16.78 89.43 13.50
C THR L 212 -16.06 88.12 13.18
N TYR L 213 -15.06 88.20 12.32
CA TYR L 213 -14.30 87.05 11.86
C TYR L 213 -12.83 87.19 12.24
N ILE L 214 -12.30 86.18 12.92
CA ILE L 214 -10.91 86.17 13.37
C ILE L 214 -10.32 84.79 13.05
N CYS L 215 -9.16 84.77 12.42
CA CYS L 215 -8.43 83.54 12.14
C CYS L 215 -7.32 83.36 13.18
N ASN L 216 -7.09 82.12 13.57
CA ASN L 216 -6.12 81.79 14.62
C ASN L 216 -5.01 80.94 14.00
N VAL L 217 -3.83 81.54 13.84
CA VAL L 217 -2.66 80.88 13.27
C VAL L 217 -1.71 80.52 14.39
N ASN L 218 -1.25 79.26 14.42
CA ASN L 218 -0.32 78.79 15.44
C ASN L 218 0.83 78.07 14.76
N HIS L 219 2.05 78.37 15.22
CA HIS L 219 3.27 77.74 14.73
C HIS L 219 4.06 77.23 15.92
N LYS L 220 4.08 75.91 16.09
CA LYS L 220 4.80 75.25 17.18
C LYS L 220 6.33 75.35 17.03
N PRO L 221 6.90 75.25 15.81
CA PRO L 221 8.37 75.36 15.72
C PRO L 221 8.94 76.65 16.29
N SER L 222 8.33 77.79 15.98
CA SER L 222 8.75 79.06 16.56
C SER L 222 8.02 79.38 17.86
N ASN L 223 7.06 78.56 18.27
CA ASN L 223 6.28 78.76 19.49
C ASN L 223 5.51 80.10 19.44
N THR L 224 5.07 80.48 18.24
CA THR L 224 4.41 81.75 17.99
C THR L 224 2.92 81.52 17.74
N LYS L 225 2.09 82.42 18.25
CA LYS L 225 0.64 82.32 18.10
C LYS L 225 0.07 83.72 17.94
N VAL L 226 -0.65 83.97 16.84
CA VAL L 226 -1.26 85.25 16.56
C VAL L 226 -2.71 85.03 16.12
N ASP L 227 -3.58 85.96 16.49
CA ASP L 227 -4.99 85.97 16.10
C ASP L 227 -5.23 87.26 15.33
N LYS L 228 -5.53 87.15 14.04
CA LYS L 228 -5.68 88.30 13.16
C LYS L 228 -7.15 88.51 12.81
N ARG L 229 -7.63 89.73 13.03
CA ARG L 229 -9.01 90.06 12.73
C ARG L 229 -9.15 90.45 11.25
N VAL L 230 -10.08 89.84 10.55
CA VAL L 230 -10.30 90.19 9.17
C VAL L 230 -11.45 91.19 9.03
N GLU L 231 -11.17 92.44 9.35
CA GLU L 231 -12.16 93.50 9.19
C GLU L 231 -12.43 93.76 7.73
N PRO L 232 -13.75 94.09 7.40
CA PRO L 232 -13.94 94.38 5.97
C PRO L 232 -13.30 95.69 5.56
N ASP M 1 18.64 54.80 -19.21
CA ASP M 1 17.42 54.78 -18.41
C ASP M 1 16.17 54.71 -19.31
N ILE M 2 15.19 53.92 -18.88
CA ILE M 2 13.89 53.87 -19.55
C ILE M 2 13.04 55.03 -19.06
N GLN M 3 12.27 55.62 -19.97
CA GLN M 3 11.34 56.71 -19.65
C GLN M 3 9.91 56.21 -19.81
N MET M 4 9.13 56.29 -18.73
CA MET M 4 7.75 55.84 -18.72
C MET M 4 6.83 57.05 -18.81
N THR M 5 6.08 57.14 -19.92
CA THR M 5 5.12 58.22 -20.14
C THR M 5 3.72 57.69 -19.86
N GLN M 6 3.14 58.11 -18.74
CA GLN M 6 1.84 57.63 -18.31
C GLN M 6 0.73 58.48 -18.95
N SER M 7 -0.44 57.87 -19.11
CA SER M 7 -1.58 58.54 -19.72
C SER M 7 -2.91 57.86 -19.37
N PRO M 8 -3.92 58.65 -18.97
CA PRO M 8 -3.90 60.12 -18.87
C PRO M 8 -3.36 60.63 -17.53
N SER M 9 -2.97 61.90 -17.48
CA SER M 9 -2.50 62.47 -16.22
C SER M 9 -3.60 62.48 -15.17
N THR M 10 -4.84 62.77 -15.59
CA THR M 10 -5.98 62.81 -14.70
C THR M 10 -7.18 62.20 -15.42
N LEU M 11 -7.95 61.41 -14.68
CA LEU M 11 -9.20 60.88 -15.19
C LEU M 11 -10.25 60.96 -14.09
N SER M 12 -11.51 61.03 -14.50
CA SER M 12 -12.62 61.06 -13.57
C SER M 12 -13.49 59.82 -13.81
N ALA M 13 -13.99 59.25 -12.72
CA ALA M 13 -14.81 58.05 -12.78
C ALA M 13 -15.69 58.00 -11.55
N SER M 14 -16.62 57.03 -11.57
CA SER M 14 -17.61 56.84 -10.52
C SER M 14 -17.74 55.36 -10.14
N THR M 15 -18.24 55.07 -8.94
CA THR M 15 -18.27 53.73 -8.42
C THR M 15 -18.84 52.78 -9.46
N GLY M 16 -18.29 51.57 -9.51
CA GLY M 16 -18.74 50.55 -10.44
C GLY M 16 -18.23 50.68 -11.86
N ASP M 17 -17.59 51.79 -12.21
CA ASP M 17 -17.16 52.01 -13.58
C ASP M 17 -15.96 51.12 -13.91
N THR M 18 -15.73 50.96 -15.21
CA THR M 18 -14.55 50.30 -15.75
C THR M 18 -13.62 51.38 -16.29
N VAL M 19 -12.42 51.45 -15.73
CA VAL M 19 -11.50 52.54 -16.02
C VAL M 19 -10.17 51.97 -16.49
N ARG M 20 -9.50 52.72 -17.37
CA ARG M 20 -8.29 52.27 -18.03
C ARG M 20 -7.21 53.33 -17.94
N ILE M 21 -6.02 52.93 -17.47
CA ILE M 21 -4.86 53.79 -17.39
C ILE M 21 -3.76 53.18 -18.26
N SER M 22 -3.30 53.93 -19.26
CA SER M 22 -2.28 53.46 -20.17
C SER M 22 -0.91 54.02 -19.79
N CYS M 23 0.13 53.27 -20.11
CA CYS M 23 1.51 53.65 -19.79
C CYS M 23 2.41 53.11 -20.89
N ARG M 24 3.03 54.02 -21.64
CA ARG M 24 3.87 53.69 -22.78
C ARG M 24 5.34 53.90 -22.42
N ALA M 25 6.20 53.03 -22.92
CA ALA M 25 7.63 53.06 -22.63
C ALA M 25 8.44 53.51 -23.85
N SER M 26 9.64 54.02 -23.58
CA SER M 26 10.50 54.52 -24.65
C SER M 26 11.04 53.38 -25.50
N GLN M 27 11.55 52.34 -24.87
CA GLN M 27 11.90 51.10 -25.54
C GLN M 27 10.76 50.09 -25.35
N SER M 28 10.86 48.97 -26.06
CA SER M 28 9.93 47.86 -25.88
C SER M 28 10.46 46.95 -24.78
N ILE M 29 9.58 46.57 -23.86
CA ILE M 29 9.94 45.71 -22.73
C ILE M 29 9.27 44.36 -22.99
N THR M 30 10.06 43.40 -23.46
CA THR M 30 9.51 42.11 -23.83
C THR M 30 9.25 41.23 -22.60
N GLY M 31 10.16 41.25 -21.64
CA GLY M 31 10.00 40.47 -20.43
C GLY M 31 8.87 40.91 -19.52
N ASN M 32 8.13 41.96 -19.90
CA ASN M 32 6.99 42.47 -19.16
C ASN M 32 7.36 42.88 -17.73
N TRP M 33 8.57 43.41 -17.55
CA TRP M 33 9.04 43.83 -16.23
C TRP M 33 8.51 45.23 -15.92
N VAL M 34 7.21 45.30 -15.69
CA VAL M 34 6.53 46.53 -15.37
C VAL M 34 5.57 46.29 -14.21
N ALA M 35 5.51 47.23 -13.27
CA ALA M 35 4.67 47.12 -12.08
C ALA M 35 3.70 48.29 -12.00
N TRP M 36 2.67 48.11 -11.16
CA TRP M 36 1.63 49.12 -10.94
C TRP M 36 1.44 49.36 -9.44
N TYR M 37 1.33 50.64 -9.06
CA TYR M 37 1.23 51.06 -7.67
C TYR M 37 0.09 52.05 -7.50
N GLN M 38 -0.54 52.01 -6.32
CA GLN M 38 -1.55 52.99 -5.92
C GLN M 38 -1.04 53.78 -4.72
N GLN M 39 -1.17 55.09 -4.77
CA GLN M 39 -0.73 55.97 -3.68
C GLN M 39 -1.88 56.90 -3.31
N ARG M 40 -2.52 56.65 -2.18
CA ARG M 40 -3.38 57.65 -1.59
C ARG M 40 -2.52 58.73 -0.94
N PRO M 41 -2.98 59.99 -0.94
CA PRO M 41 -2.13 61.09 -0.46
C PRO M 41 -1.67 60.87 0.98
N GLY M 42 -0.38 61.12 1.20
CA GLY M 42 0.26 60.99 2.50
C GLY M 42 0.75 59.60 2.88
N LYS M 43 -0.04 58.57 2.58
CA LYS M 43 0.29 57.21 2.95
C LYS M 43 1.15 56.55 1.86
N ALA M 44 1.94 55.57 2.27
CA ALA M 44 2.91 54.94 1.39
C ALA M 44 2.20 54.15 0.28
N PRO M 45 2.85 54.01 -0.88
CA PRO M 45 2.25 53.25 -1.98
C PRO M 45 2.10 51.77 -1.62
N ARG M 46 1.18 51.12 -2.34
CA ARG M 46 0.94 49.69 -2.22
C ARG M 46 1.21 49.02 -3.56
N LEU M 47 2.01 47.97 -3.56
CA LEU M 47 2.27 47.24 -4.79
C LEU M 47 1.02 46.48 -5.22
N LEU M 48 0.55 46.75 -6.43
CA LEU M 48 -0.67 46.13 -6.95
C LEU M 48 -0.49 45.01 -7.99
N ILE M 49 0.37 45.24 -8.99
CA ILE M 49 0.59 44.28 -10.06
C ILE M 49 2.05 44.31 -10.45
N TYR M 50 2.67 43.13 -10.57
CA TYR M 50 4.04 43.02 -11.03
C TYR M 50 4.09 42.17 -12.30
N ARG M 51 5.22 42.27 -13.00
CA ARG M 51 5.48 41.49 -14.22
C ARG M 51 4.33 41.55 -15.22
N GLY M 52 3.63 42.69 -15.27
CA GLY M 52 2.59 42.88 -16.26
C GLY M 52 1.18 42.57 -15.79
N ALA M 53 0.92 41.32 -15.42
CA ALA M 53 -0.41 40.92 -14.96
C ALA M 53 -0.37 40.03 -13.74
N ALA M 54 0.76 39.99 -13.03
CA ALA M 54 0.83 39.20 -11.81
C ALA M 54 0.16 39.97 -10.68
N LEU M 55 -0.72 39.28 -9.96
CA LEU M 55 -1.46 39.87 -8.85
C LEU M 55 -0.72 39.57 -7.55
N LEU M 56 -0.43 40.63 -6.78
CA LEU M 56 0.22 40.45 -5.49
C LEU M 56 -0.77 39.82 -4.51
N GLY M 57 -0.23 38.96 -3.64
CA GLY M 57 -1.04 38.27 -2.65
C GLY M 57 -1.92 39.21 -1.83
N GLY M 58 -3.22 39.17 -2.08
CA GLY M 58 -4.16 40.00 -1.36
C GLY M 58 -4.75 41.15 -2.16
N VAL M 59 -4.24 41.41 -3.35
CA VAL M 59 -4.77 42.49 -4.19
C VAL M 59 -6.08 42.01 -4.83
N PRO M 60 -7.14 42.81 -4.82
CA PRO M 60 -8.42 42.35 -5.35
C PRO M 60 -8.35 41.89 -6.80
N SER M 61 -9.26 40.99 -7.16
CA SER M 61 -9.34 40.52 -8.55
C SER M 61 -9.78 41.62 -9.50
N ARG M 62 -10.38 42.70 -8.99
CA ARG M 62 -10.80 43.81 -9.85
C ARG M 62 -9.65 44.47 -10.58
N PHE M 63 -8.44 44.36 -10.04
CA PHE M 63 -7.25 44.92 -10.69
C PHE M 63 -6.64 43.87 -11.62
N ARG M 64 -6.39 44.29 -12.87
CA ARG M 64 -5.81 43.40 -13.87
C ARG M 64 -5.00 44.22 -14.85
N GLY M 65 -3.85 43.68 -15.26
CA GLY M 65 -2.95 44.38 -16.15
C GLY M 65 -2.77 43.63 -17.46
N SER M 66 -2.51 44.38 -18.52
CA SER M 66 -2.24 43.83 -19.84
C SER M 66 -1.01 44.51 -20.41
N ALA M 67 -0.10 43.71 -20.95
CA ALA M 67 1.18 44.20 -21.48
C ALA M 67 1.31 43.73 -22.93
N ALA M 68 1.50 44.68 -23.84
CA ALA M 68 1.63 44.38 -25.26
C ALA M 68 2.67 45.29 -25.87
N GLY M 69 3.85 44.74 -26.15
CA GLY M 69 4.90 45.54 -26.77
C GLY M 69 5.35 46.66 -25.86
N THR M 70 5.22 47.89 -26.35
CA THR M 70 5.61 49.05 -25.56
C THR M 70 4.48 49.48 -24.62
N ASP M 71 3.24 49.40 -25.07
CA ASP M 71 2.10 49.89 -24.30
C ASP M 71 1.75 48.93 -23.16
N PHE M 72 1.33 49.50 -22.04
CA PHE M 72 0.82 48.76 -20.90
C PHE M 72 -0.48 49.42 -20.45
N THR M 73 -1.39 48.60 -19.92
CA THR M 73 -2.68 49.11 -19.45
C THR M 73 -3.05 48.44 -18.14
N LEU M 74 -3.35 49.25 -17.12
CA LEU M 74 -3.95 48.78 -15.88
C LEU M 74 -5.45 49.03 -15.94
N THR M 75 -6.23 47.99 -15.65
CA THR M 75 -7.68 48.04 -15.78
C THR M 75 -8.33 47.84 -14.42
N ILE M 76 -9.27 48.72 -14.09
CA ILE M 76 -10.06 48.63 -12.87
C ILE M 76 -11.52 48.61 -13.28
N GLY M 77 -12.08 47.40 -13.41
CA GLY M 77 -13.52 47.27 -13.48
C GLY M 77 -14.14 47.35 -12.09
N ASN M 78 -15.39 47.82 -12.05
CA ASN M 78 -16.12 48.02 -10.79
C ASN M 78 -15.50 48.97 -9.75
N LEU M 79 -15.08 50.15 -10.19
CA LEU M 79 -14.29 51.06 -9.38
C LEU M 79 -14.97 51.32 -8.04
N GLN M 80 -14.20 51.25 -6.96
CA GLN M 80 -14.72 51.45 -5.62
C GLN M 80 -14.23 52.78 -5.05
N ALA M 81 -14.80 53.16 -3.91
CA ALA M 81 -14.36 54.36 -3.22
C ALA M 81 -12.93 54.21 -2.72
N GLU M 82 -12.63 53.08 -2.08
CA GLU M 82 -11.28 52.81 -1.58
C GLU M 82 -10.23 52.86 -2.67
N ASP M 83 -10.64 52.75 -3.95
CA ASP M 83 -9.69 52.69 -5.05
C ASP M 83 -9.19 54.06 -5.48
N PHE M 84 -9.92 55.13 -5.19
CA PHE M 84 -9.56 56.45 -5.70
C PHE M 84 -8.20 56.90 -5.15
N GLY M 85 -7.45 57.59 -5.99
CA GLY M 85 -6.11 58.03 -5.63
C GLY M 85 -5.30 58.28 -6.88
N THR M 86 -3.98 58.23 -6.72
CA THR M 86 -3.04 58.41 -7.82
C THR M 86 -2.35 57.09 -8.10
N PHE M 87 -2.10 56.81 -9.39
CA PHE M 87 -1.48 55.57 -9.82
C PHE M 87 -0.21 55.86 -10.62
N TYR M 88 0.78 54.97 -10.48
CA TYR M 88 2.08 55.08 -11.14
C TYR M 88 2.45 53.74 -11.75
N CYS M 89 3.11 53.77 -12.91
CA CYS M 89 3.66 52.58 -13.54
C CYS M 89 5.18 52.59 -13.42
N GLN M 90 5.76 51.41 -13.20
CA GLN M 90 7.19 51.28 -12.99
C GLN M 90 7.74 50.18 -13.89
N GLN M 91 8.87 50.45 -14.53
CA GLN M 91 9.61 49.42 -15.26
C GLN M 91 10.84 49.03 -14.46
N TYR M 92 11.27 47.77 -14.64
CA TYR M 92 12.53 47.32 -14.09
C TYR M 92 13.23 46.36 -15.06
N ASP M 93 13.01 46.58 -16.36
CA ASP M 93 13.74 45.82 -17.38
C ASP M 93 15.22 46.20 -17.39
N THR M 94 15.51 47.50 -17.27
CA THR M 94 16.90 47.95 -17.24
C THR M 94 17.13 48.81 -15.99
N TYR M 95 18.36 48.79 -15.52
CA TYR M 95 18.80 49.60 -14.40
C TYR M 95 19.01 51.04 -14.85
N PRO M 96 18.50 52.01 -14.08
CA PRO M 96 17.76 51.82 -12.83
C PRO M 96 16.24 51.74 -13.04
N GLY M 97 15.53 51.17 -12.08
CA GLY M 97 14.08 51.15 -12.14
C GLY M 97 13.51 52.56 -12.17
N THR M 98 12.58 52.80 -13.09
CA THR M 98 12.04 54.14 -13.30
C THR M 98 10.52 54.12 -13.24
N PHE M 99 9.95 55.23 -12.80
CA PHE M 99 8.51 55.39 -12.59
C PHE M 99 7.93 56.33 -13.65
N GLY M 100 6.60 56.40 -13.65
CA GLY M 100 5.88 57.27 -14.56
C GLY M 100 5.51 58.60 -13.92
N GLN M 101 4.96 59.49 -14.77
CA GLN M 101 4.57 60.81 -14.29
C GLN M 101 3.41 60.72 -13.30
N GLY M 102 2.53 59.76 -13.48
CA GLY M 102 1.45 59.56 -12.54
C GLY M 102 0.09 59.87 -13.15
N THR M 103 -0.93 59.23 -12.62
CA THR M 103 -2.31 59.41 -13.06
C THR M 103 -3.18 59.64 -11.84
N LYS M 104 -3.74 60.85 -11.73
CA LYS M 104 -4.73 61.11 -10.71
C LYS M 104 -6.07 60.49 -11.10
N VAL M 105 -6.74 59.89 -10.14
CA VAL M 105 -8.05 59.26 -10.35
C VAL M 105 -9.02 59.95 -9.40
N GLU M 106 -9.79 60.89 -9.93
CA GLU M 106 -10.72 61.70 -9.15
C GLU M 106 -12.16 61.23 -9.38
N VAL M 107 -13.04 61.68 -8.49
CA VAL M 107 -14.46 61.37 -8.60
C VAL M 107 -15.12 62.31 -9.60
N LYS M 108 -16.28 61.89 -10.10
CA LYS M 108 -17.01 62.63 -11.11
C LYS M 108 -17.96 63.63 -10.45
N ARG M 109 -18.18 64.75 -11.15
CA ARG M 109 -19.11 65.78 -10.71
C ARG M 109 -19.41 66.67 -11.90
N THR M 110 -20.59 67.29 -11.88
CA THR M 110 -20.96 68.20 -12.95
C THR M 110 -20.00 69.38 -13.00
N VAL M 111 -19.71 69.85 -14.21
CA VAL M 111 -18.82 70.99 -14.39
C VAL M 111 -19.36 72.18 -13.60
N ALA M 112 -18.47 72.85 -12.86
CA ALA M 112 -18.86 73.97 -12.01
C ALA M 112 -18.00 75.17 -12.37
N ALA M 113 -18.67 76.29 -12.68
CA ALA M 113 -17.93 77.53 -12.91
C ALA M 113 -17.28 77.99 -11.61
N PRO M 114 -16.07 78.53 -11.67
CA PRO M 114 -15.37 78.91 -10.43
C PRO M 114 -15.81 80.28 -9.93
N SER M 115 -16.01 80.38 -8.62
CA SER M 115 -16.24 81.66 -7.97
C SER M 115 -14.92 82.40 -7.85
N VAL M 116 -14.83 83.57 -8.48
CA VAL M 116 -13.57 84.30 -8.61
C VAL M 116 -13.62 85.53 -7.69
N PHE M 117 -12.58 85.69 -6.88
CA PHE M 117 -12.40 86.88 -6.05
C PHE M 117 -10.96 87.35 -6.18
N ILE M 118 -10.76 88.65 -6.02
CA ILE M 118 -9.44 89.26 -6.04
C ILE M 118 -9.23 90.00 -4.73
N PHE M 119 -8.06 89.84 -4.13
CA PHE M 119 -7.73 90.40 -2.83
C PHE M 119 -6.51 91.32 -2.97
N PRO M 120 -6.64 92.62 -2.72
CA PRO M 120 -5.49 93.53 -2.81
C PRO M 120 -4.57 93.36 -1.62
N PRO M 121 -3.36 93.92 -1.66
CA PRO M 121 -2.45 93.78 -0.53
C PRO M 121 -2.94 94.55 0.69
N SER M 122 -2.77 93.96 1.86
CA SER M 122 -3.11 94.63 3.10
C SER M 122 -2.23 95.84 3.34
N ASP M 123 -2.81 96.89 3.92
CA ASP M 123 -2.03 98.09 4.22
C ASP M 123 -0.89 97.79 5.18
N GLU M 124 -1.03 96.76 6.01
CA GLU M 124 0.07 96.34 6.87
C GLU M 124 1.24 95.82 6.03
N GLN M 125 0.97 95.19 4.89
CA GLN M 125 2.04 94.66 4.06
C GLN M 125 2.85 95.78 3.43
N LEU M 126 2.20 96.89 3.06
CA LEU M 126 2.89 97.94 2.31
C LEU M 126 4.00 98.57 3.14
N LYS M 127 3.78 98.75 4.44
CA LYS M 127 4.85 99.29 5.28
C LYS M 127 5.82 98.22 5.75
N SER M 128 5.61 96.95 5.37
CA SER M 128 6.57 95.89 5.64
C SER M 128 7.63 95.79 4.55
N GLY M 129 7.36 96.32 3.35
CA GLY M 129 8.33 96.30 2.27
C GLY M 129 8.01 95.36 1.12
N THR M 130 6.96 94.55 1.25
CA THR M 130 6.54 93.65 0.18
C THR M 130 5.04 93.75 0.00
N ALA M 131 4.58 93.37 -1.20
CA ALA M 131 3.18 93.48 -1.56
C ALA M 131 2.72 92.20 -2.24
N SER M 132 1.62 91.63 -1.74
CA SER M 132 1.10 90.36 -2.24
C SER M 132 -0.37 90.55 -2.65
N VAL M 133 -0.68 90.17 -3.88
CA VAL M 133 -2.04 90.18 -4.41
C VAL M 133 -2.47 88.74 -4.62
N VAL M 134 -3.65 88.39 -4.13
CA VAL M 134 -4.16 87.02 -4.15
C VAL M 134 -5.39 86.95 -5.04
N CYS M 135 -5.46 85.91 -5.88
CA CYS M 135 -6.65 85.62 -6.67
C CYS M 135 -7.19 84.26 -6.25
N LEU M 136 -8.47 84.22 -5.89
CA LEU M 136 -9.10 83.03 -5.35
C LEU M 136 -10.05 82.44 -6.38
N LEU M 137 -9.84 81.16 -6.70
CA LEU M 137 -10.74 80.39 -7.55
C LEU M 137 -11.27 79.24 -6.72
N ASN M 138 -12.58 79.23 -6.48
CA ASN M 138 -13.19 78.35 -5.49
C ASN M 138 -14.24 77.47 -6.15
N ASN M 139 -14.26 76.18 -5.75
CA ASN M 139 -15.29 75.23 -6.14
C ASN M 139 -15.36 75.07 -7.66
N PHE M 140 -14.20 74.77 -8.26
CA PHE M 140 -14.09 74.64 -9.70
C PHE M 140 -13.96 73.17 -10.09
N TYR M 141 -14.72 72.76 -11.10
CA TYR M 141 -14.58 71.44 -11.70
C TYR M 141 -14.69 71.53 -13.22
N PRO M 142 -13.75 70.89 -13.94
CA PRO M 142 -12.60 70.16 -13.38
C PRO M 142 -11.47 71.07 -12.89
N ARG M 143 -10.39 70.45 -12.41
CA ARG M 143 -9.29 71.19 -11.81
C ARG M 143 -8.40 71.91 -12.82
N GLU M 144 -8.62 71.70 -14.12
CA GLU M 144 -7.85 72.39 -15.15
C GLU M 144 -8.32 73.84 -15.25
N ALA M 145 -7.48 74.76 -14.78
CA ALA M 145 -7.81 76.19 -14.82
C ALA M 145 -6.51 76.97 -14.88
N LYS M 146 -6.46 77.96 -15.77
CA LYS M 146 -5.29 78.81 -15.95
C LYS M 146 -5.64 80.23 -15.52
N VAL M 147 -4.70 80.88 -14.84
CA VAL M 147 -4.87 82.26 -14.39
C VAL M 147 -3.63 83.06 -14.73
N GLN M 148 -3.83 84.32 -15.13
CA GLN M 148 -2.75 85.22 -15.47
C GLN M 148 -3.04 86.59 -14.86
N TRP M 149 -1.98 87.36 -14.66
CA TRP M 149 -2.06 88.68 -14.04
C TRP M 149 -1.77 89.75 -15.09
N LYS M 150 -2.69 90.69 -15.22
CA LYS M 150 -2.64 91.71 -16.27
C LYS M 150 -2.56 93.09 -15.63
N VAL M 151 -1.43 93.76 -15.82
CA VAL M 151 -1.21 95.11 -15.32
C VAL M 151 -0.85 95.99 -16.53
N ASP M 152 -1.59 97.08 -16.71
CA ASP M 152 -1.48 97.96 -17.88
C ASP M 152 -1.84 97.25 -19.18
N ASN M 153 -2.79 96.33 -19.11
CA ASN M 153 -3.14 95.45 -20.23
C ASN M 153 -1.92 94.66 -20.72
N ALA M 154 -0.99 94.38 -19.81
CA ALA M 154 0.26 93.72 -20.13
C ALA M 154 0.46 92.49 -19.25
N LEU M 155 1.03 91.44 -19.83
CA LEU M 155 1.23 90.19 -19.12
C LEU M 155 2.29 90.32 -18.03
N GLN M 156 2.13 89.52 -16.98
CA GLN M 156 3.12 89.44 -15.91
C GLN M 156 3.30 87.98 -15.55
N SER M 157 4.53 87.50 -15.65
CA SER M 157 4.82 86.09 -15.44
C SER M 157 6.11 85.93 -14.64
N GLY M 158 6.31 84.72 -14.12
CA GLY M 158 7.47 84.40 -13.32
C GLY M 158 7.38 84.81 -11.87
N ASN M 159 6.39 85.63 -11.50
CA ASN M 159 6.25 86.12 -10.14
C ASN M 159 4.91 85.74 -9.53
N SER M 160 4.20 84.79 -10.14
CA SER M 160 2.92 84.30 -9.62
C SER M 160 3.07 82.83 -9.23
N GLN M 161 2.54 82.49 -8.07
CA GLN M 161 2.59 81.12 -7.56
C GLN M 161 1.18 80.63 -7.27
N GLU M 162 0.97 79.33 -7.43
CA GLU M 162 -0.34 78.73 -7.27
C GLU M 162 -0.34 77.69 -6.16
N SER M 163 -1.54 77.40 -5.66
CA SER M 163 -1.77 76.36 -4.67
C SER M 163 -3.20 75.89 -4.83
N VAL M 164 -3.40 74.57 -4.77
CA VAL M 164 -4.68 73.96 -5.06
C VAL M 164 -5.09 73.07 -3.89
N THR M 165 -6.37 73.11 -3.52
CA THR M 165 -6.87 72.24 -2.48
C THR M 165 -6.95 70.79 -3.00
N GLU M 166 -7.41 69.93 -2.09
CA GLU M 166 -7.57 68.49 -2.31
C GLU M 166 -9.04 68.09 -2.18
N GLN M 167 -9.38 66.96 -2.78
CA GLN M 167 -10.77 66.61 -3.09
C GLN M 167 -11.65 66.69 -1.86
N ASP M 168 -12.78 67.37 -1.99
CA ASP M 168 -13.76 67.46 -0.92
C ASP M 168 -14.75 66.31 -1.05
N SER M 169 -15.04 65.65 0.07
CA SER M 169 -15.97 64.53 0.04
C SER M 169 -17.41 64.99 -0.16
N LYS M 170 -17.73 66.21 0.25
CA LYS M 170 -19.12 66.67 0.21
C LYS M 170 -19.51 67.20 -1.17
N ASP M 171 -18.69 68.08 -1.75
CA ASP M 171 -19.01 68.69 -3.04
C ASP M 171 -18.24 68.09 -4.20
N SER M 172 -17.12 67.44 -3.94
CA SER M 172 -16.25 66.87 -4.98
C SER M 172 -15.68 67.94 -5.90
N THR M 173 -15.40 69.12 -5.36
CA THR M 173 -14.84 70.22 -6.14
C THR M 173 -13.52 70.67 -5.53
N TYR M 174 -12.84 71.56 -6.26
CA TYR M 174 -11.53 72.06 -5.88
C TYR M 174 -11.56 73.59 -5.80
N SER M 175 -10.63 74.13 -5.02
CA SER M 175 -10.36 75.55 -5.03
C SER M 175 -8.87 75.78 -5.22
N LEU M 176 -8.53 76.96 -5.75
CA LEU M 176 -7.15 77.27 -6.10
C LEU M 176 -6.83 78.68 -5.61
N SER M 177 -5.57 78.88 -5.24
CA SER M 177 -5.07 80.17 -4.79
C SER M 177 -3.89 80.56 -5.66
N SER M 178 -3.96 81.74 -6.26
CA SER M 178 -2.89 82.28 -7.08
C SER M 178 -2.35 83.52 -6.37
N THR M 179 -1.12 83.43 -5.87
CA THR M 179 -0.50 84.51 -5.12
C THR M 179 0.54 85.19 -6.00
N LEU M 180 0.27 86.44 -6.37
CA LEU M 180 1.23 87.27 -7.10
C LEU M 180 1.95 88.18 -6.12
N THR M 181 3.27 88.19 -6.17
CA THR M 181 4.10 88.90 -5.21
C THR M 181 5.12 89.77 -5.95
N LEU M 182 5.36 90.96 -5.42
CA LEU M 182 6.32 91.88 -6.02
C LEU M 182 6.72 92.93 -5.00
N SER M 183 7.74 93.72 -5.36
CA SER M 183 8.34 94.68 -4.45
C SER M 183 7.36 95.82 -4.14
N LYS M 184 7.58 96.44 -2.98
CA LYS M 184 6.78 97.60 -2.59
C LYS M 184 6.86 98.71 -3.62
N ALA M 185 8.08 98.98 -4.12
CA ALA M 185 8.27 100.09 -5.05
C ALA M 185 7.55 99.85 -6.37
N ASP M 186 7.60 98.60 -6.87
CA ASP M 186 6.95 98.29 -8.14
C ASP M 186 5.43 98.39 -8.03
N TYR M 187 4.89 98.24 -6.82
CA TYR M 187 3.44 98.12 -6.66
C TYR M 187 2.72 99.38 -7.12
N GLU M 188 3.28 100.56 -6.82
CA GLU M 188 2.65 101.82 -7.21
C GLU M 188 3.20 102.37 -8.52
N LYS M 189 3.74 101.50 -9.38
CA LYS M 189 4.14 101.90 -10.72
C LYS M 189 3.00 101.75 -11.73
N HIS M 190 1.81 101.40 -11.27
CA HIS M 190 0.65 101.36 -12.15
C HIS M 190 -0.62 101.42 -11.31
N LYS M 191 -1.74 101.70 -11.99
CA LYS M 191 -3.02 101.87 -11.33
C LYS M 191 -3.85 100.59 -11.29
N VAL M 192 -3.89 99.82 -12.39
CA VAL M 192 -4.82 98.70 -12.52
C VAL M 192 -4.08 97.39 -12.27
N TYR M 193 -4.76 96.48 -11.58
CA TYR M 193 -4.29 95.12 -11.31
C TYR M 193 -5.45 94.17 -11.54
N ALA M 194 -5.23 93.14 -12.35
CA ALA M 194 -6.32 92.31 -12.84
C ALA M 194 -5.97 90.83 -12.76
N CYS M 195 -6.95 90.03 -12.38
CA CYS M 195 -6.88 88.58 -12.43
C CYS M 195 -7.90 88.06 -13.42
N GLU M 196 -7.43 87.29 -14.40
CA GLU M 196 -8.27 86.73 -15.45
C GLU M 196 -8.25 85.21 -15.36
N VAL M 197 -9.44 84.61 -15.37
CA VAL M 197 -9.60 83.16 -15.21
C VAL M 197 -10.16 82.59 -16.50
N THR M 198 -9.43 81.64 -17.09
CA THR M 198 -9.91 80.86 -18.22
C THR M 198 -10.32 79.49 -17.70
N HIS M 199 -11.60 79.16 -17.83
CA HIS M 199 -12.10 77.88 -17.35
C HIS M 199 -13.24 77.41 -18.25
N GLN M 200 -13.39 76.09 -18.35
CA GLN M 200 -14.42 75.50 -19.20
C GLN M 200 -15.82 75.93 -18.78
N GLY M 201 -16.09 75.95 -17.48
CA GLY M 201 -17.40 76.30 -16.97
C GLY M 201 -17.83 77.72 -17.26
N LEU M 202 -16.93 78.56 -17.76
CA LEU M 202 -17.21 79.95 -18.09
C LEU M 202 -17.34 80.11 -19.60
N SER M 203 -18.40 80.79 -20.04
CA SER M 203 -18.64 80.96 -21.47
C SER M 203 -17.51 81.72 -22.14
N SER M 204 -17.03 82.78 -21.50
CA SER M 204 -15.89 83.54 -21.96
C SER M 204 -15.07 83.94 -20.74
N PRO M 205 -13.76 84.18 -20.91
CA PRO M 205 -12.90 84.46 -19.74
C PRO M 205 -13.40 85.57 -18.84
N VAL M 206 -13.56 85.25 -17.55
CA VAL M 206 -14.05 86.19 -16.56
C VAL M 206 -12.88 86.90 -15.92
N THR M 207 -12.91 88.23 -15.91
CA THR M 207 -11.83 89.06 -15.39
C THR M 207 -12.34 89.86 -14.20
N LYS M 208 -11.65 89.75 -13.07
CA LYS M 208 -11.97 90.51 -11.86
C LYS M 208 -10.73 91.24 -11.39
N SER M 209 -10.84 92.56 -11.24
CA SER M 209 -9.70 93.44 -11.09
C SER M 209 -9.99 94.51 -10.04
N PHE M 210 -9.00 95.35 -9.78
CA PHE M 210 -9.16 96.44 -8.83
C PHE M 210 -8.17 97.56 -9.16
N ASN M 211 -8.63 98.80 -9.04
CA ASN M 211 -7.74 99.96 -9.02
C ASN M 211 -7.33 100.27 -7.59
N ARG M 212 -6.18 100.92 -7.45
CA ARG M 212 -5.65 101.20 -6.11
C ARG M 212 -6.57 102.13 -5.34
N GLY M 213 -6.95 101.70 -4.14
CA GLY M 213 -7.82 102.45 -3.27
C GLY M 213 -9.28 102.03 -3.34
N GLU M 214 -9.73 101.56 -4.51
CA GLU M 214 -11.13 101.18 -4.69
C GLU M 214 -11.46 99.92 -3.90
N SER N 2 -39.28 -6.48 66.43
CA SER N 2 -39.43 -7.48 67.48
C SER N 2 -38.17 -8.35 67.64
N ALA N 3 -37.61 -8.35 68.84
CA ALA N 3 -36.32 -8.99 69.09
C ALA N 3 -36.33 -10.49 68.88
N LEU N 4 -35.17 -11.03 68.50
CA LEU N 4 -34.95 -12.48 68.46
C LEU N 4 -34.68 -12.95 69.88
N THR N 5 -35.34 -14.03 70.28
CA THR N 5 -35.31 -14.44 71.69
C THR N 5 -34.09 -15.30 72.09
N GLN N 6 -33.34 -14.78 73.05
CA GLN N 6 -32.20 -15.50 73.61
C GLN N 6 -32.44 -15.71 75.09
N PRO N 7 -31.77 -16.72 75.68
CA PRO N 7 -31.77 -16.96 77.12
C PRO N 7 -31.00 -15.85 77.82
N ALA N 8 -31.58 -15.28 78.88
CA ALA N 8 -30.96 -14.13 79.54
C ALA N 8 -29.51 -14.41 79.90
N SER N 9 -29.23 -15.60 80.41
CA SER N 9 -27.89 -15.94 80.84
C SER N 9 -27.59 -17.42 80.68
N VAL N 10 -26.31 -17.73 80.41
CA VAL N 10 -25.78 -19.06 80.61
C VAL N 10 -24.64 -18.96 81.60
N SER N 11 -24.07 -20.11 81.95
CA SER N 11 -22.89 -20.15 82.78
C SER N 11 -22.20 -21.49 82.58
N GLY N 12 -20.91 -21.55 82.92
CA GLY N 12 -20.20 -22.80 82.83
C GLY N 12 -18.87 -22.81 83.55
N SER N 13 -18.44 -24.00 83.95
CA SER N 13 -17.14 -24.15 84.53
C SER N 13 -16.14 -24.10 83.39
N PRO N 14 -14.92 -23.64 83.67
CA PRO N 14 -13.89 -23.63 82.64
C PRO N 14 -13.70 -25.03 82.06
N GLY N 15 -13.60 -25.11 80.73
CA GLY N 15 -13.43 -26.38 80.05
C GLY N 15 -14.77 -26.95 79.61
N GLN N 16 -15.84 -26.44 80.19
CA GLN N 16 -17.18 -26.90 79.85
C GLN N 16 -17.59 -26.36 78.49
N SER N 17 -18.38 -27.13 77.75
CA SER N 17 -18.99 -26.66 76.53
C SER N 17 -20.41 -26.20 76.85
N ILE N 18 -20.80 -25.09 76.23
CA ILE N 18 -22.14 -24.52 76.44
C ILE N 18 -22.79 -24.08 75.12
N THR N 19 -24.10 -23.83 75.18
CA THR N 19 -24.85 -23.42 73.99
C THR N 19 -25.82 -22.27 74.26
N ILE N 20 -25.90 -21.34 73.31
CA ILE N 20 -26.84 -20.24 73.38
C ILE N 20 -27.81 -20.33 72.21
N SER N 21 -29.10 -20.17 72.49
CA SER N 21 -30.11 -20.27 71.44
C SER N 21 -30.65 -18.91 71.03
N CYS N 22 -30.89 -18.75 69.73
CA CYS N 22 -31.54 -17.55 69.19
C CYS N 22 -32.75 -17.99 68.38
N GLN N 23 -33.94 -17.69 68.88
CA GLN N 23 -35.16 -18.15 68.22
C GLN N 23 -35.93 -16.99 67.56
N GLY N 24 -35.98 -17.03 66.23
CA GLY N 24 -36.74 -16.06 65.46
C GLY N 24 -37.98 -16.64 64.82
N THR N 25 -38.38 -16.01 63.72
CA THR N 25 -39.49 -16.49 62.92
C THR N 25 -38.94 -16.94 61.58
N SER N 26 -39.84 -17.36 60.69
CA SER N 26 -39.45 -17.82 59.36
C SER N 26 -39.12 -16.64 58.46
N ASN N 27 -39.40 -15.43 58.93
CA ASN N 27 -39.12 -14.23 58.15
C ASN N 27 -37.77 -13.58 58.45
N ASP N 28 -37.06 -14.12 59.43
CA ASP N 28 -35.67 -13.70 59.69
C ASP N 28 -34.68 -14.87 59.86
N VAL N 29 -34.78 -15.58 60.97
CA VAL N 29 -33.82 -16.62 61.31
C VAL N 29 -34.08 -17.89 60.51
N GLY N 30 -35.34 -18.18 60.26
CA GLY N 30 -35.71 -19.39 59.54
C GLY N 30 -35.83 -19.17 58.05
N GLY N 31 -35.69 -17.92 57.64
CA GLY N 31 -35.83 -17.58 56.23
C GLY N 31 -34.53 -17.28 55.52
N TYR N 32 -33.43 -17.18 56.26
CA TYR N 32 -32.16 -16.82 55.66
C TYR N 32 -30.95 -17.45 56.35
N GLU N 33 -29.83 -17.45 55.66
CA GLU N 33 -28.57 -17.99 56.16
C GLU N 33 -27.70 -16.91 56.80
N SER N 34 -28.26 -15.71 56.97
CA SER N 34 -27.48 -14.55 57.37
C SER N 34 -27.26 -14.38 58.87
N VAL N 35 -27.74 -15.33 59.68
CA VAL N 35 -27.54 -15.23 61.12
C VAL N 35 -26.06 -15.09 61.49
N SER N 36 -25.75 -14.07 62.28
CA SER N 36 -24.38 -13.85 62.75
C SER N 36 -24.41 -13.65 64.26
N TRP N 37 -23.26 -13.83 64.90
CA TRP N 37 -23.17 -13.77 66.36
C TRP N 37 -22.06 -12.84 66.86
N TYR N 38 -22.38 -12.08 67.92
CA TYR N 38 -21.48 -11.05 68.42
C TYR N 38 -21.12 -11.23 69.91
N GLN N 39 -19.84 -11.10 70.23
CA GLN N 39 -19.36 -11.15 71.60
C GLN N 39 -19.10 -9.73 72.08
N GLN N 40 -19.47 -9.42 73.32
CA GLN N 40 -19.21 -8.08 73.86
C GLN N 40 -18.69 -8.08 75.29
N HIS N 41 -17.55 -7.42 75.48
CA HIS N 41 -17.00 -7.20 76.82
C HIS N 41 -17.43 -5.86 77.39
N PRO N 42 -17.37 -5.71 78.73
CA PRO N 42 -17.71 -4.44 79.37
C PRO N 42 -16.97 -3.26 78.77
N GLY N 43 -17.69 -2.18 78.49
CA GLY N 43 -17.09 -0.94 78.02
C GLY N 43 -16.45 -1.00 76.65
N LYS N 44 -16.69 -2.09 75.93
CA LYS N 44 -16.09 -2.27 74.61
C LYS N 44 -17.17 -2.48 73.56
N ALA N 45 -16.81 -2.31 72.29
CA ALA N 45 -17.74 -2.55 71.19
C ALA N 45 -17.77 -4.02 70.82
N PRO N 46 -18.93 -4.52 70.36
CA PRO N 46 -19.08 -5.92 69.97
C PRO N 46 -18.07 -6.35 68.92
N LYS N 47 -17.76 -7.65 68.94
CA LYS N 47 -16.93 -8.26 67.92
C LYS N 47 -17.66 -9.48 67.38
N VAL N 48 -17.63 -9.66 66.06
CA VAL N 48 -18.32 -10.79 65.45
C VAL N 48 -17.52 -12.07 65.61
N VAL N 49 -18.09 -13.05 66.30
CA VAL N 49 -17.48 -14.37 66.37
C VAL N 49 -18.03 -15.41 65.37
N ILE N 50 -19.15 -15.10 64.73
CA ILE N 50 -19.78 -16.04 63.79
C ILE N 50 -20.58 -15.32 62.70
N TYR N 51 -20.52 -15.84 61.47
CA TYR N 51 -21.32 -15.26 60.39
C TYR N 51 -21.75 -16.28 59.33
N ASP N 52 -22.86 -15.98 58.66
CA ASP N 52 -23.50 -16.92 57.73
C ASP N 52 -23.80 -18.23 58.46
N VAL N 53 -23.93 -18.08 59.77
CA VAL N 53 -24.43 -19.08 60.71
C VAL N 53 -23.48 -20.21 61.03
N SER N 54 -22.60 -20.57 60.11
CA SER N 54 -21.56 -21.55 60.42
C SER N 54 -20.14 -20.99 60.49
N LYS N 55 -19.96 -19.75 60.07
CA LYS N 55 -18.63 -19.31 59.66
C LYS N 55 -17.89 -18.44 60.67
N ARG N 56 -16.59 -18.71 60.81
CA ARG N 56 -15.73 -17.93 61.69
C ARG N 56 -14.90 -16.91 60.90
N PRO N 57 -14.92 -15.65 61.35
CA PRO N 57 -14.11 -14.57 60.77
C PRO N 57 -12.65 -14.77 61.16
N SER N 58 -11.72 -14.40 60.27
CA SER N 58 -10.31 -14.66 60.51
C SER N 58 -9.88 -14.11 61.87
N GLY N 59 -9.21 -14.96 62.65
CA GLY N 59 -8.73 -14.56 63.97
C GLY N 59 -9.52 -15.15 65.13
N VAL N 60 -10.67 -15.75 64.84
CA VAL N 60 -11.51 -16.31 65.90
C VAL N 60 -11.09 -17.73 66.23
N SER N 61 -11.22 -18.08 67.51
CA SER N 61 -10.85 -19.40 67.99
C SER N 61 -11.72 -20.46 67.34
N ASN N 62 -11.22 -21.69 67.26
CA ASN N 62 -11.95 -22.80 66.66
C ASN N 62 -12.92 -23.39 67.68
N ARG N 63 -12.93 -22.80 68.87
CA ARG N 63 -13.82 -23.24 69.94
C ARG N 63 -15.24 -22.70 69.72
N PHE N 64 -15.39 -21.80 68.76
CA PHE N 64 -16.69 -21.20 68.44
C PHE N 64 -17.28 -21.80 67.18
N SER N 65 -18.48 -22.36 67.32
CA SER N 65 -19.19 -22.91 66.18
C SER N 65 -20.61 -22.36 66.14
N GLY N 66 -21.26 -22.52 65.01
CA GLY N 66 -22.63 -22.07 64.91
C GLY N 66 -23.44 -23.05 64.08
N SER N 67 -24.75 -22.98 64.25
CA SER N 67 -25.65 -23.93 63.65
C SER N 67 -27.04 -23.33 63.54
N LYS N 68 -27.86 -23.91 62.69
CA LYS N 68 -29.25 -23.52 62.60
C LYS N 68 -30.16 -24.72 62.38
N SER N 69 -31.21 -24.80 63.19
CA SER N 69 -32.27 -25.76 63.00
C SER N 69 -33.59 -25.00 63.03
N GLY N 70 -34.30 -25.00 61.90
CA GLY N 70 -35.58 -24.32 61.83
C GLY N 70 -35.45 -22.82 62.02
N ASN N 71 -36.23 -22.29 62.95
CA ASN N 71 -36.20 -20.87 63.28
C ASN N 71 -35.27 -20.57 64.46
N THR N 72 -34.57 -21.58 64.94
CA THR N 72 -33.65 -21.42 66.07
C THR N 72 -32.19 -21.64 65.66
N ALA N 73 -31.38 -20.60 65.71
CA ALA N 73 -29.94 -20.72 65.48
C ALA N 73 -29.19 -20.73 66.80
N SER N 74 -28.13 -21.51 66.88
CA SER N 74 -27.38 -21.66 68.14
C SER N 74 -25.89 -21.40 67.99
N LEU N 75 -25.33 -20.73 68.98
CA LEU N 75 -23.90 -20.53 69.07
C LEU N 75 -23.39 -21.51 70.10
N THR N 76 -22.29 -22.19 69.80
CA THR N 76 -21.73 -23.18 70.73
C THR N 76 -20.25 -22.94 71.01
N ILE N 77 -19.92 -22.79 72.29
CA ILE N 77 -18.55 -22.55 72.69
C ILE N 77 -17.97 -23.78 73.39
N SER N 78 -16.96 -24.37 72.79
CA SER N 78 -16.32 -25.54 73.37
C SER N 78 -15.14 -25.08 74.22
N GLY N 79 -14.93 -25.76 75.34
CA GLY N 79 -13.76 -25.47 76.16
C GLY N 79 -13.70 -24.04 76.65
N LEU N 80 -14.72 -23.63 77.39
CA LEU N 80 -14.77 -22.27 77.94
C LEU N 80 -13.48 -21.90 78.66
N GLN N 81 -12.94 -20.74 78.30
CA GLN N 81 -11.81 -20.14 78.99
C GLN N 81 -12.32 -18.82 79.58
N ALA N 82 -11.63 -18.31 80.60
CA ALA N 82 -12.09 -17.11 81.27
C ALA N 82 -12.45 -15.98 80.28
N GLU N 83 -11.64 -15.82 79.24
CA GLU N 83 -11.80 -14.68 78.34
C GLU N 83 -13.04 -14.77 77.46
N ASP N 84 -13.76 -15.88 77.52
CA ASP N 84 -15.01 -16.01 76.77
C ASP N 84 -16.19 -15.32 77.48
N GLU N 85 -16.05 -15.10 78.78
CA GLU N 85 -17.08 -14.41 79.55
C GLU N 85 -17.40 -13.05 78.92
N GLY N 86 -18.68 -12.79 78.71
CA GLY N 86 -19.13 -11.58 78.05
C GLY N 86 -20.59 -11.73 77.69
N ASP N 87 -21.16 -10.73 77.02
CA ASP N 87 -22.55 -10.80 76.57
C ASP N 87 -22.57 -11.20 75.09
N TYR N 88 -23.52 -12.06 74.72
CA TYR N 88 -23.60 -12.55 73.34
C TYR N 88 -24.92 -12.22 72.65
N TYR N 89 -24.80 -11.56 71.50
CA TYR N 89 -25.95 -11.12 70.74
C TYR N 89 -25.93 -11.74 69.35
N CYS N 90 -27.05 -12.29 68.92
CA CYS N 90 -27.20 -12.74 67.54
C CYS N 90 -27.90 -11.69 66.68
N LYS N 91 -27.48 -11.56 65.44
CA LYS N 91 -28.09 -10.62 64.52
C LYS N 91 -28.65 -11.40 63.35
N SER N 92 -29.84 -11.03 62.90
CA SER N 92 -30.42 -11.66 61.74
C SER N 92 -30.93 -10.63 60.74
N LEU N 93 -31.03 -11.08 59.49
CA LEU N 93 -31.57 -10.28 58.40
C LEU N 93 -33.02 -10.65 58.25
N THR N 94 -33.88 -9.68 57.93
CA THR N 94 -35.32 -9.96 57.83
C THR N 94 -35.85 -9.69 56.42
N SER N 95 -37.01 -10.27 56.11
CA SER N 95 -37.55 -10.27 54.76
C SER N 95 -37.60 -8.87 54.10
N THR N 96 -37.74 -7.83 54.92
CA THR N 96 -37.74 -6.46 54.42
C THR N 96 -36.33 -5.88 54.36
N ARG N 97 -35.35 -6.74 54.58
CA ARG N 97 -33.93 -6.37 54.50
C ARG N 97 -33.49 -5.43 55.63
N ARG N 98 -34.20 -5.45 56.74
CA ARG N 98 -33.74 -4.78 57.94
C ARG N 98 -32.86 -5.73 58.72
N ARG N 99 -32.32 -5.26 59.84
CA ARG N 99 -31.55 -6.13 60.71
C ARG N 99 -32.24 -6.18 62.06
N VAL N 100 -32.07 -7.28 62.78
CA VAL N 100 -32.62 -7.40 64.12
C VAL N 100 -31.66 -8.16 65.04
N PHE N 101 -31.60 -7.76 66.30
CA PHE N 101 -30.65 -8.32 67.26
C PHE N 101 -31.35 -9.22 68.26
N GLY N 102 -30.60 -10.14 68.84
CA GLY N 102 -31.12 -10.93 69.93
C GLY N 102 -31.34 -10.05 71.15
N THR N 103 -32.03 -10.61 72.15
CA THR N 103 -32.24 -9.92 73.41
C THR N 103 -30.95 -9.96 74.24
N GLY N 104 -30.00 -10.77 73.81
CA GLY N 104 -28.71 -10.88 74.48
C GLY N 104 -28.63 -12.02 75.48
N THR N 105 -27.40 -12.49 75.73
CA THR N 105 -27.13 -13.54 76.69
C THR N 105 -25.89 -13.17 77.49
N LYS N 106 -25.98 -13.19 78.81
CA LYS N 106 -24.81 -12.93 79.65
C LYS N 106 -24.17 -14.24 80.03
N LEU N 107 -23.00 -14.50 79.49
CA LEU N 107 -22.31 -15.76 79.73
C LEU N 107 -21.26 -15.58 80.82
N THR N 108 -21.30 -16.46 81.82
CA THR N 108 -20.34 -16.42 82.92
C THR N 108 -19.44 -17.66 82.99
N VAL N 109 -18.17 -17.50 82.66
CA VAL N 109 -17.20 -18.55 82.93
C VAL N 109 -16.95 -18.48 84.44
N LEU N 110 -17.03 -19.61 85.14
CA LEU N 110 -17.19 -19.54 86.59
C LEU N 110 -15.94 -19.61 87.41
N GLY N 111 -15.59 -18.46 87.96
CA GLY N 111 -14.57 -18.34 88.96
C GLY N 111 -14.70 -19.19 90.20
N GLN N 112 -15.78 -19.02 90.96
CA GLN N 112 -15.95 -19.69 92.25
C GLN N 112 -17.23 -20.50 92.17
N PRO N 113 -17.60 -21.19 93.27
CA PRO N 113 -18.89 -21.91 93.24
C PRO N 113 -20.09 -20.96 93.26
N LYS N 114 -21.21 -21.43 92.73
CA LYS N 114 -22.45 -20.64 92.66
C LYS N 114 -22.94 -20.21 94.05
N ALA N 115 -23.59 -19.05 94.12
CA ALA N 115 -24.05 -18.52 95.40
C ALA N 115 -25.41 -17.82 95.31
N ALA N 116 -26.28 -18.10 96.29
CA ALA N 116 -27.64 -17.54 96.30
C ALA N 116 -27.73 -16.18 97.02
N PRO N 117 -28.73 -15.37 96.65
CA PRO N 117 -28.87 -13.98 97.10
C PRO N 117 -29.36 -13.81 98.53
N SER N 118 -28.86 -12.78 99.20
CA SER N 118 -29.40 -12.35 100.49
C SER N 118 -30.38 -11.24 100.20
N VAL N 119 -31.59 -11.35 100.71
CA VAL N 119 -32.65 -10.41 100.37
C VAL N 119 -33.19 -9.63 101.57
N THR N 120 -33.02 -8.32 101.55
CA THR N 120 -33.56 -7.48 102.61
C THR N 120 -34.60 -6.55 102.02
N LEU N 121 -35.73 -6.42 102.71
CA LEU N 121 -36.79 -5.54 102.24
C LEU N 121 -37.10 -4.49 103.29
N PHE N 122 -37.07 -3.22 102.87
CA PHE N 122 -37.33 -2.11 103.77
C PHE N 122 -38.70 -1.49 103.48
N PRO N 123 -39.56 -1.40 104.51
CA PRO N 123 -40.83 -0.68 104.38
C PRO N 123 -40.57 0.81 104.19
N PRO N 124 -41.55 1.55 103.64
CA PRO N 124 -41.34 2.98 103.40
C PRO N 124 -41.05 3.73 104.69
N SER N 125 -40.01 4.56 104.68
CA SER N 125 -39.63 5.36 105.84
C SER N 125 -40.74 6.33 106.22
N SER N 126 -40.89 6.61 107.50
CA SER N 126 -41.93 7.51 107.97
C SER N 126 -41.69 8.94 107.51
N GLU N 127 -40.43 9.31 107.28
CA GLU N 127 -40.10 10.63 106.76
C GLU N 127 -40.68 10.80 105.36
N GLU N 128 -40.71 9.72 104.59
CA GLU N 128 -41.23 9.75 103.23
C GLU N 128 -42.76 9.70 103.18
N LEU N 129 -43.36 8.99 104.13
CA LEU N 129 -44.82 8.88 104.21
C LEU N 129 -45.46 10.24 104.44
N GLN N 130 -44.82 11.06 105.27
CA GLN N 130 -45.30 12.41 105.56
C GLN N 130 -45.03 13.32 104.37
N ALA N 131 -44.19 12.85 103.45
CA ALA N 131 -43.86 13.60 102.24
C ALA N 131 -44.89 13.31 101.15
N ASN N 132 -45.87 12.51 101.50
CA ASN N 132 -46.92 12.09 100.58
C ASN N 132 -46.39 11.22 99.45
N LYS N 133 -45.45 10.34 99.80
CA LYS N 133 -44.90 9.37 98.87
C LYS N 133 -44.65 8.09 99.62
N ALA N 134 -44.48 6.99 98.90
CA ALA N 134 -44.11 5.72 99.51
C ALA N 134 -43.26 4.91 98.56
N THR N 135 -42.23 4.26 99.09
CA THR N 135 -41.37 3.40 98.28
C THR N 135 -40.88 2.19 99.07
N LEU N 136 -40.85 1.04 98.41
CA LEU N 136 -40.34 -0.18 99.01
C LEU N 136 -38.96 -0.50 98.44
N VAL N 137 -38.00 -0.78 99.32
CA VAL N 137 -36.64 -1.06 98.88
C VAL N 137 -36.27 -2.53 99.08
N CYS N 138 -36.14 -3.27 97.97
CA CYS N 138 -35.72 -4.66 98.03
C CYS N 138 -34.24 -4.78 97.65
N LEU N 139 -33.41 -5.04 98.64
CA LEU N 139 -31.97 -5.08 98.44
C LEU N 139 -31.46 -6.51 98.32
N ILE N 140 -30.72 -6.77 97.25
CA ILE N 140 -30.23 -8.11 96.97
C ILE N 140 -28.71 -8.09 97.02
N SER N 141 -28.11 -9.12 97.60
CA SER N 141 -26.65 -9.17 97.74
C SER N 141 -26.08 -10.58 97.76
N ASP N 142 -24.77 -10.67 97.55
CA ASP N 142 -24.01 -11.91 97.73
C ASP N 142 -24.46 -13.08 96.87
N PHE N 143 -24.71 -12.83 95.59
CA PHE N 143 -25.11 -13.90 94.67
C PHE N 143 -24.19 -14.00 93.46
N TYR N 144 -24.30 -15.11 92.72
CA TYR N 144 -23.36 -15.39 91.63
C TYR N 144 -23.79 -16.62 90.84
N PRO N 145 -23.71 -16.54 89.49
CA PRO N 145 -23.27 -15.34 88.75
C PRO N 145 -24.38 -14.33 88.83
N GLY N 146 -24.12 -13.04 88.71
CA GLY N 146 -25.25 -12.13 88.80
C GLY N 146 -26.16 -12.19 87.60
N ALA N 147 -27.35 -12.77 87.80
CA ALA N 147 -28.50 -12.58 86.94
C ALA N 147 -29.70 -12.81 87.84
N VAL N 148 -30.62 -11.88 87.90
CA VAL N 148 -31.75 -12.04 88.81
C VAL N 148 -33.06 -11.53 88.22
N THR N 149 -34.09 -12.35 88.29
CA THR N 149 -35.43 -11.91 88.00
C THR N 149 -35.96 -11.32 89.31
N VAL N 150 -36.39 -10.07 89.27
CA VAL N 150 -37.11 -9.52 90.43
C VAL N 150 -38.59 -9.37 90.14
N ALA N 151 -39.41 -9.73 91.12
CA ALA N 151 -40.85 -9.71 90.95
C ALA N 151 -41.53 -9.23 92.22
N TRP N 152 -42.46 -8.31 92.07
CA TRP N 152 -43.16 -7.74 93.22
C TRP N 152 -44.59 -8.24 93.29
N LYS N 153 -45.08 -8.47 94.50
CA LYS N 153 -46.48 -8.83 94.70
C LYS N 153 -47.13 -8.08 95.86
N ALA N 154 -48.15 -7.30 95.54
CA ALA N 154 -49.02 -6.71 96.55
C ALA N 154 -50.01 -7.79 96.92
N ASP N 155 -50.02 -8.19 98.19
CA ASP N 155 -50.74 -9.38 98.60
C ASP N 155 -50.16 -10.56 97.82
N SER N 156 -51.04 -11.34 97.19
CA SER N 156 -50.62 -12.43 96.32
C SER N 156 -50.64 -12.05 94.83
N SER N 157 -51.02 -10.80 94.55
CA SER N 157 -51.19 -10.33 93.17
C SER N 157 -49.93 -9.69 92.61
N PRO N 158 -49.51 -10.12 91.41
CA PRO N 158 -48.37 -9.54 90.69
C PRO N 158 -48.54 -8.03 90.47
N VAL N 159 -47.46 -7.27 90.61
CA VAL N 159 -47.50 -5.83 90.41
C VAL N 159 -46.42 -5.37 89.43
N LYS N 160 -46.84 -4.95 88.24
CA LYS N 160 -45.91 -4.46 87.22
C LYS N 160 -45.81 -2.94 87.12
N ALA N 161 -46.57 -2.23 87.95
CA ALA N 161 -46.64 -0.77 87.89
C ALA N 161 -45.66 -0.08 88.84
N GLY N 162 -44.80 0.77 88.28
CA GLY N 162 -43.91 1.60 89.09
C GLY N 162 -42.77 0.86 89.77
N VAL N 163 -42.14 -0.06 89.04
CA VAL N 163 -40.98 -0.78 89.56
C VAL N 163 -39.73 -0.54 88.73
N GLU N 164 -38.66 -0.10 89.39
CA GLU N 164 -37.37 0.06 88.73
C GLU N 164 -36.35 -0.85 89.38
N THR N 165 -35.58 -1.56 88.56
CA THR N 165 -34.58 -2.49 89.07
C THR N 165 -33.22 -2.21 88.45
N THR N 166 -32.16 -2.27 89.25
CA THR N 166 -30.81 -2.09 88.74
C THR N 166 -30.30 -3.31 87.97
N THR N 167 -29.28 -3.08 87.14
CA THR N 167 -28.49 -4.16 86.58
C THR N 167 -27.55 -4.62 87.67
N PRO N 168 -27.42 -5.95 87.86
CA PRO N 168 -26.55 -6.45 88.92
C PRO N 168 -25.16 -5.84 88.76
N SER N 169 -24.61 -5.33 89.87
CA SER N 169 -23.27 -4.77 89.88
C SER N 169 -22.34 -5.61 90.77
N LYS N 170 -21.04 -5.54 90.51
CA LYS N 170 -20.08 -6.33 91.26
C LYS N 170 -19.75 -5.71 92.62
N GLN N 171 -19.51 -6.56 93.62
CA GLN N 171 -19.10 -6.13 94.95
C GLN N 171 -17.60 -6.35 95.09
N SER N 172 -17.06 -5.99 96.25
CA SER N 172 -15.64 -6.16 96.50
C SER N 172 -15.34 -7.61 96.83
N ASN N 173 -16.37 -8.33 97.28
CA ASN N 173 -16.21 -9.70 97.78
C ASN N 173 -16.33 -10.82 96.74
N ASN N 174 -16.29 -10.43 95.47
CA ASN N 174 -16.40 -11.34 94.33
C ASN N 174 -17.79 -11.90 94.11
N LYS N 175 -18.80 -11.22 94.66
CA LYS N 175 -20.19 -11.58 94.40
C LYS N 175 -20.95 -10.34 93.94
N TYR N 176 -22.14 -10.53 93.37
CA TYR N 176 -22.89 -9.41 92.82
C TYR N 176 -23.83 -8.76 93.81
N ALA N 177 -24.48 -7.68 93.39
CA ALA N 177 -25.54 -7.05 94.16
C ALA N 177 -26.50 -6.29 93.25
N ALA N 178 -27.75 -6.16 93.67
CA ALA N 178 -28.76 -5.48 92.88
C ALA N 178 -29.87 -4.98 93.78
N SER N 179 -30.66 -4.03 93.28
CA SER N 179 -31.77 -3.49 94.05
C SER N 179 -33.01 -3.34 93.17
N SER N 180 -34.17 -3.32 93.81
CA SER N 180 -35.41 -3.03 93.13
C SER N 180 -36.29 -2.12 93.99
N TYR N 181 -36.71 -0.99 93.42
CA TYR N 181 -37.53 -0.03 94.14
C TYR N 181 -38.97 -0.01 93.62
N LEU N 182 -39.91 0.08 94.54
CA LEU N 182 -41.34 0.05 94.20
C LEU N 182 -42.02 1.35 94.62
N SER N 183 -42.49 2.11 93.62
CA SER N 183 -43.15 3.38 93.89
C SER N 183 -44.64 3.19 94.15
N LEU N 184 -45.11 3.77 95.24
CA LEU N 184 -46.52 3.68 95.61
C LEU N 184 -47.00 4.97 96.23
N THR N 185 -48.31 5.18 96.19
CA THR N 185 -48.91 6.28 96.94
C THR N 185 -49.21 5.78 98.35
N PRO N 186 -49.14 6.68 99.34
CA PRO N 186 -49.38 6.31 100.74
C PRO N 186 -50.68 5.51 100.89
N GLU N 187 -51.70 5.87 100.11
CA GLU N 187 -52.96 5.16 100.15
C GLU N 187 -52.77 3.71 99.71
N GLN N 188 -52.01 3.51 98.65
CA GLN N 188 -51.70 2.17 98.17
C GLN N 188 -51.02 1.35 99.25
N TRP N 189 -50.02 1.94 99.88
CA TRP N 189 -49.26 1.26 100.93
C TRP N 189 -50.15 0.81 102.09
N LYS N 190 -50.99 1.72 102.57
CA LYS N 190 -51.86 1.43 103.71
C LYS N 190 -53.05 0.57 103.33
N SER N 191 -53.52 0.70 102.10
CA SER N 191 -54.68 -0.04 101.64
C SER N 191 -54.42 -1.55 101.58
N HIS N 192 -53.28 -1.94 101.03
CA HIS N 192 -52.97 -3.36 100.87
C HIS N 192 -52.47 -4.05 102.14
N LYS N 193 -52.69 -5.37 102.16
CA LYS N 193 -52.35 -6.22 103.29
C LYS N 193 -50.83 -6.33 103.52
N SER N 194 -50.13 -6.75 102.47
CA SER N 194 -48.68 -6.90 102.55
C SER N 194 -48.06 -6.84 101.14
N TYR N 195 -46.76 -6.60 101.09
CA TYR N 195 -46.05 -6.52 99.81
C TYR N 195 -44.86 -7.47 99.79
N SER N 196 -44.67 -8.18 98.68
CA SER N 196 -43.64 -9.21 98.60
C SER N 196 -42.60 -8.96 97.51
N CYS N 197 -41.37 -9.37 97.80
CA CYS N 197 -40.27 -9.28 96.84
C CYS N 197 -39.74 -10.68 96.55
N GLN N 198 -39.91 -11.14 95.31
CA GLN N 198 -39.49 -12.49 94.95
C GLN N 198 -38.34 -12.48 93.93
N VAL N 199 -37.15 -12.85 94.40
CA VAL N 199 -35.96 -12.85 93.56
C VAL N 199 -35.69 -14.25 92.99
N THR N 200 -35.69 -14.38 91.68
CA THR N 200 -35.44 -15.66 91.03
C THR N 200 -34.01 -15.73 90.50
N HIS N 201 -33.20 -16.56 91.15
CA HIS N 201 -31.79 -16.72 90.79
C HIS N 201 -31.45 -18.18 90.51
N GLU N 202 -31.06 -18.45 89.27
CA GLU N 202 -30.71 -19.81 88.85
C GLU N 202 -31.87 -20.77 89.05
N GLY N 203 -33.07 -20.30 88.73
CA GLY N 203 -34.27 -21.13 88.79
C GLY N 203 -34.89 -21.23 90.17
N SER N 204 -34.28 -20.56 91.15
CA SER N 204 -34.75 -20.63 92.53
C SER N 204 -35.17 -19.26 93.05
N THR N 205 -36.32 -19.22 93.71
CA THR N 205 -36.87 -17.96 94.20
C THR N 205 -36.78 -17.83 95.72
N VAL N 206 -36.23 -16.70 96.17
CA VAL N 206 -36.23 -16.34 97.58
C VAL N 206 -37.21 -15.18 97.74
N GLU N 207 -37.91 -15.14 98.87
CA GLU N 207 -38.94 -14.12 99.06
C GLU N 207 -38.95 -13.50 100.46
N LYS N 208 -39.12 -12.18 100.51
CA LYS N 208 -39.29 -11.47 101.77
C LYS N 208 -40.59 -10.66 101.73
N THR N 209 -41.07 -10.22 102.89
CA THR N 209 -42.36 -9.55 102.96
C THR N 209 -42.43 -8.47 104.05
N VAL N 210 -43.13 -7.38 103.75
CA VAL N 210 -43.34 -6.31 104.72
C VAL N 210 -44.80 -5.83 104.72
N ALA N 211 -45.26 -5.33 105.87
CA ALA N 211 -46.63 -4.87 106.00
C ALA N 211 -46.74 -3.65 106.91
N PRO N 212 -47.71 -2.76 106.62
CA PRO N 212 -47.97 -1.55 107.40
C PRO N 212 -48.01 -1.81 108.90
#